data_2LXT
#
_entry.id   2LXT
#
loop_
_entity.id
_entity.type
_entity.pdbx_description
1 polymer 'CREB-binding protein'
2 polymer 'Histone-lysine N-methyltransferase MLL'
3 polymer 'Cyclic AMP-responsive element-binding protein 1'
#
loop_
_entity_poly.entity_id
_entity_poly.type
_entity_poly.pdbx_seq_one_letter_code
_entity_poly.pdbx_strand_id
1 'polypeptide(L)'
;GVRKGWHEHVTQDLRSHLVHKLVQAIFPTPDPAALKDRRMENLVAYAKKVEGDMYESANSRDEYYHLLAEKIYKIQKELE
EKRRSRL
;
A
2 'polypeptide(L)' DAGNILPSDIMDFVLKNTP B
3 'polypeptide(L)' DSVTDSQKRREILSRRP(SEP)YRKILNDLSSDAPGVP C
#
# COMPACT_ATOMS: atom_id res chain seq x y z
N GLY A 1 -22.26 21.05 13.78
CA GLY A 1 -22.39 19.65 14.08
C GLY A 1 -21.41 18.82 13.26
N VAL A 2 -21.58 18.84 11.94
CA VAL A 2 -20.66 18.17 11.02
C VAL A 2 -20.67 18.88 9.68
N ARG A 3 -19.60 19.60 9.37
CA ARG A 3 -19.53 20.35 8.13
C ARG A 3 -18.46 19.76 7.24
N LYS A 4 -17.20 20.09 7.52
CA LYS A 4 -16.06 19.56 6.79
C LYS A 4 -14.87 19.41 7.71
N GLY A 5 -15.05 18.59 8.72
CA GLY A 5 -13.98 18.32 9.66
C GLY A 5 -13.28 17.02 9.35
N TRP A 6 -13.70 16.38 8.26
CA TRP A 6 -13.16 15.09 7.85
C TRP A 6 -11.64 15.16 7.79
N HIS A 7 -11.12 16.06 6.97
CA HIS A 7 -9.69 16.21 6.78
C HIS A 7 -9.04 17.00 7.92
N GLU A 8 -9.83 17.39 8.93
CA GLU A 8 -9.29 18.13 10.06
C GLU A 8 -8.77 17.18 11.13
N HIS A 9 -9.40 16.02 11.26
CA HIS A 9 -8.99 15.04 12.26
C HIS A 9 -7.92 14.10 11.68
N VAL A 10 -7.66 14.23 10.39
CA VAL A 10 -6.61 13.46 9.74
C VAL A 10 -5.40 14.36 9.51
N THR A 11 -4.28 14.00 10.11
CA THR A 11 -3.09 14.83 10.04
C THR A 11 -2.16 14.38 8.92
N GLN A 12 -1.27 15.27 8.51
CA GLN A 12 -0.21 14.91 7.55
C GLN A 12 0.70 13.87 8.18
N ASP A 13 0.94 14.03 9.49
CA ASP A 13 1.78 13.11 10.25
C ASP A 13 1.26 11.68 10.14
N LEU A 14 -0.05 11.51 10.34
CA LEU A 14 -0.68 10.19 10.21
C LEU A 14 -0.40 9.62 8.82
N ARG A 15 -0.60 10.44 7.80
CA ARG A 15 -0.40 10.01 6.42
C ARG A 15 1.06 9.67 6.17
N SER A 16 1.96 10.48 6.74
CA SER A 16 3.39 10.28 6.58
C SER A 16 3.79 8.88 7.04
N HIS A 17 3.20 8.45 8.14
CA HIS A 17 3.43 7.11 8.67
C HIS A 17 2.92 6.06 7.69
N LEU A 18 1.78 6.37 7.08
CA LEU A 18 1.15 5.47 6.11
C LEU A 18 2.04 5.31 4.87
N VAL A 19 2.54 6.44 4.35
CA VAL A 19 3.42 6.40 3.16
C VAL A 19 4.72 5.66 3.47
N HIS A 20 5.29 5.94 4.62
CA HIS A 20 6.53 5.28 5.03
C HIS A 20 6.35 3.77 5.09
N LYS A 21 5.27 3.33 5.73
CA LYS A 21 4.95 1.91 5.80
C LYS A 21 4.67 1.35 4.40
N LEU A 22 4.05 2.17 3.55
CA LEU A 22 3.76 1.78 2.18
C LEU A 22 5.05 1.41 1.46
N VAL A 23 6.09 2.20 1.66
CA VAL A 23 7.42 1.90 1.13
C VAL A 23 7.98 0.63 1.74
N GLN A 24 7.89 0.53 3.07
CA GLN A 24 8.40 -0.62 3.83
C GLN A 24 7.77 -1.90 3.31
N ALA A 25 6.50 -1.80 2.94
CA ALA A 25 5.74 -2.94 2.45
C ALA A 25 6.41 -3.55 1.22
N ILE A 26 6.96 -2.70 0.37
CA ILE A 26 7.60 -3.16 -0.84
C ILE A 26 9.09 -3.41 -0.59
N PHE A 27 9.74 -2.49 0.12
CA PHE A 27 11.16 -2.63 0.41
C PHE A 27 11.40 -2.47 1.91
N PRO A 28 11.44 -3.59 2.64
CA PRO A 28 11.56 -3.58 4.12
C PRO A 28 12.88 -2.98 4.60
N THR A 29 13.96 -3.33 3.93
CA THR A 29 15.27 -2.83 4.32
C THR A 29 16.19 -2.64 3.10
N PRO A 30 16.24 -1.41 2.58
CA PRO A 30 17.16 -1.04 1.52
C PRO A 30 18.52 -0.65 2.09
N ASP A 31 19.59 -1.02 1.38
CA ASP A 31 20.95 -0.74 1.86
C ASP A 31 21.30 0.72 1.56
N PRO A 32 22.33 1.28 2.23
CA PRO A 32 22.70 2.70 2.08
C PRO A 32 22.80 3.16 0.62
N ALA A 33 23.26 2.28 -0.28
CA ALA A 33 23.44 2.65 -1.67
C ALA A 33 22.12 2.60 -2.43
N ALA A 34 21.22 1.75 -1.95
CA ALA A 34 19.90 1.61 -2.55
C ALA A 34 19.03 2.81 -2.22
N LEU A 35 19.14 3.26 -0.98
CA LEU A 35 18.36 4.40 -0.49
C LEU A 35 18.64 5.66 -1.31
N LYS A 36 19.90 5.85 -1.69
CA LYS A 36 20.32 7.01 -2.45
C LYS A 36 20.25 6.75 -3.96
N ASP A 37 19.58 5.67 -4.32
CA ASP A 37 19.49 5.26 -5.72
C ASP A 37 18.19 5.77 -6.33
N ARG A 38 18.23 6.04 -7.64
CA ARG A 38 17.07 6.53 -8.37
C ARG A 38 15.88 5.58 -8.24
N ARG A 39 16.16 4.28 -8.25
CA ARG A 39 15.10 3.27 -8.18
C ARG A 39 14.30 3.44 -6.89
N MET A 40 15.00 3.78 -5.80
CA MET A 40 14.36 3.99 -4.51
C MET A 40 13.45 5.20 -4.57
N GLU A 41 13.94 6.28 -5.18
CA GLU A 41 13.16 7.50 -5.31
C GLU A 41 11.89 7.24 -6.11
N ASN A 42 12.04 6.44 -7.17
CA ASN A 42 10.90 6.04 -7.99
C ASN A 42 9.93 5.20 -7.14
N LEU A 43 10.48 4.34 -6.29
CA LEU A 43 9.68 3.53 -5.39
C LEU A 43 8.89 4.42 -4.42
N VAL A 44 9.57 5.40 -3.85
CA VAL A 44 8.89 6.40 -2.99
C VAL A 44 7.85 7.17 -3.80
N ALA A 45 8.17 7.45 -5.06
CA ALA A 45 7.28 8.20 -5.92
C ALA A 45 5.96 7.46 -6.09
N TYR A 46 6.07 6.13 -6.21
CA TYR A 46 4.89 5.28 -6.27
C TYR A 46 4.06 5.44 -5.01
N ALA A 47 4.74 5.41 -3.86
CA ALA A 47 4.06 5.50 -2.57
C ALA A 47 3.39 6.86 -2.43
N LYS A 48 4.08 7.90 -2.90
CA LYS A 48 3.58 9.26 -2.85
C LYS A 48 2.33 9.43 -3.73
N LYS A 49 2.41 8.96 -4.96
CA LYS A 49 1.30 9.07 -5.89
C LYS A 49 0.10 8.26 -5.43
N VAL A 50 0.35 7.02 -5.03
CA VAL A 50 -0.72 6.15 -4.53
C VAL A 50 -1.39 6.78 -3.32
N GLU A 51 -0.58 7.37 -2.45
CA GLU A 51 -1.07 8.11 -1.29
C GLU A 51 -2.06 9.19 -1.75
N GLY A 52 -1.73 9.84 -2.85
CA GLY A 52 -2.59 10.89 -3.37
C GLY A 52 -3.95 10.36 -3.80
N ASP A 53 -3.94 9.28 -4.57
CA ASP A 53 -5.17 8.68 -5.07
C ASP A 53 -6.05 8.21 -3.92
N MET A 54 -5.42 7.65 -2.90
CA MET A 54 -6.15 7.12 -1.74
C MET A 54 -6.88 8.23 -1.02
N TYR A 55 -6.18 9.30 -0.72
CA TYR A 55 -6.77 10.40 0.05
C TYR A 55 -7.92 11.04 -0.72
N GLU A 56 -7.72 11.20 -2.02
CA GLU A 56 -8.73 11.80 -2.88
C GLU A 56 -9.98 10.92 -2.99
N SER A 57 -9.78 9.62 -3.10
CA SER A 57 -10.88 8.70 -3.37
C SER A 57 -11.48 8.10 -2.10
N ALA A 58 -10.71 8.09 -1.02
CA ALA A 58 -11.15 7.52 0.25
C ALA A 58 -12.50 8.05 0.71
N ASN A 59 -12.54 9.36 0.97
CA ASN A 59 -13.77 10.03 1.42
C ASN A 59 -14.08 9.73 2.89
N SER A 60 -13.53 8.63 3.41
CA SER A 60 -13.78 8.20 4.77
C SER A 60 -12.51 7.58 5.33
N ARG A 61 -12.30 7.66 6.64
CA ARG A 61 -11.08 7.11 7.26
C ARG A 61 -11.04 5.59 7.11
N ASP A 62 -12.15 4.93 7.36
CA ASP A 62 -12.24 3.48 7.25
C ASP A 62 -11.87 3.01 5.84
N GLU A 63 -12.40 3.70 4.85
CA GLU A 63 -12.09 3.41 3.45
C GLU A 63 -10.61 3.69 3.15
N TYR A 64 -10.09 4.74 3.77
CA TYR A 64 -8.69 5.13 3.58
C TYR A 64 -7.77 3.96 3.93
N TYR A 65 -7.98 3.38 5.10
CA TYR A 65 -7.22 2.19 5.51
C TYR A 65 -7.55 0.99 4.63
N HIS A 66 -8.86 0.80 4.36
CA HIS A 66 -9.34 -0.35 3.59
C HIS A 66 -8.71 -0.41 2.20
N LEU A 67 -8.61 0.72 1.54
CA LEU A 67 -8.06 0.78 0.19
C LEU A 67 -6.59 0.38 0.21
N LEU A 68 -5.86 0.90 1.18
CA LEU A 68 -4.44 0.61 1.33
C LEU A 68 -4.21 -0.85 1.70
N ALA A 69 -5.04 -1.38 2.59
CA ALA A 69 -4.90 -2.75 3.07
C ALA A 69 -5.04 -3.75 1.95
N GLU A 70 -6.05 -3.56 1.11
CA GLU A 70 -6.25 -4.42 -0.05
C GLU A 70 -5.10 -4.26 -1.04
N LYS A 71 -4.65 -3.02 -1.21
CA LYS A 71 -3.62 -2.70 -2.18
C LYS A 71 -2.31 -3.38 -1.78
N ILE A 72 -1.99 -3.33 -0.49
CA ILE A 72 -0.76 -3.97 -0.01
C ILE A 72 -0.81 -5.49 -0.20
N TYR A 73 -1.98 -6.10 0.02
CA TYR A 73 -2.14 -7.54 -0.15
C TYR A 73 -1.94 -7.93 -1.62
N LYS A 74 -2.46 -7.11 -2.53
CA LYS A 74 -2.32 -7.33 -3.96
C LYS A 74 -0.84 -7.41 -4.38
N ILE A 75 -0.04 -6.46 -3.88
CA ILE A 75 1.39 -6.44 -4.16
C ILE A 75 2.07 -7.66 -3.57
N GLN A 76 1.72 -7.92 -2.31
CA GLN A 76 2.27 -9.04 -1.55
C GLN A 76 2.13 -10.36 -2.33
N LYS A 77 0.97 -10.58 -2.93
CA LYS A 77 0.74 -11.79 -3.72
C LYS A 77 1.67 -11.80 -4.93
N GLU A 78 1.81 -10.64 -5.56
CA GLU A 78 2.62 -10.52 -6.76
C GLU A 78 4.08 -10.79 -6.45
N LEU A 79 4.56 -10.27 -5.33
CA LEU A 79 5.93 -10.47 -4.90
C LEU A 79 6.18 -11.95 -4.64
N GLU A 80 5.20 -12.59 -4.01
CA GLU A 80 5.33 -13.99 -3.61
C GLU A 80 5.42 -14.90 -4.83
N GLU A 81 4.56 -14.65 -5.81
CA GLU A 81 4.55 -15.42 -7.05
C GLU A 81 5.88 -15.26 -7.77
N LYS A 82 6.42 -14.05 -7.73
CA LYS A 82 7.72 -13.75 -8.34
C LYS A 82 8.84 -14.53 -7.66
N ARG A 83 8.75 -14.66 -6.33
CA ARG A 83 9.81 -15.30 -5.55
C ARG A 83 9.91 -16.79 -5.88
N ARG A 84 8.82 -17.35 -6.38
CA ARG A 84 8.76 -18.78 -6.74
C ARG A 84 9.93 -19.18 -7.63
N SER A 85 10.25 -18.35 -8.63
CA SER A 85 11.34 -18.66 -9.52
C SER A 85 12.66 -18.24 -8.91
N ARG A 86 12.78 -16.95 -8.57
CA ARG A 86 13.95 -16.41 -7.89
C ARG A 86 14.12 -16.98 -6.49
N LEU A 87 14.54 -18.23 -6.42
CA LEU A 87 14.84 -18.89 -5.16
C LEU A 87 16.33 -18.76 -4.85
N ASP B 1 -11.41 0.15 -8.18
CA ASP B 1 -9.99 -0.13 -8.44
C ASP B 1 -9.36 0.98 -9.28
N ALA B 2 -8.24 1.51 -8.81
CA ALA B 2 -7.53 2.54 -9.54
C ALA B 2 -6.09 2.13 -9.78
N GLY B 3 -5.90 0.86 -10.10
CA GLY B 3 -4.58 0.34 -10.35
C GLY B 3 -3.84 0.02 -9.07
N ASN B 4 -4.22 -1.09 -8.46
CA ASN B 4 -3.63 -1.49 -7.18
C ASN B 4 -2.45 -2.42 -7.39
N ILE B 5 -1.99 -2.53 -8.63
CA ILE B 5 -0.87 -3.39 -8.97
C ILE B 5 0.22 -2.56 -9.64
N LEU B 6 1.48 -2.94 -9.44
CA LEU B 6 2.60 -2.17 -9.96
C LEU B 6 3.01 -2.65 -11.35
N PRO B 7 3.62 -1.77 -12.15
CA PRO B 7 4.24 -2.16 -13.40
C PRO B 7 5.42 -3.11 -13.16
N SER B 8 5.75 -3.92 -14.14
CA SER B 8 6.70 -5.01 -13.94
C SER B 8 8.03 -4.54 -13.35
N ASP B 9 8.53 -3.42 -13.86
CA ASP B 9 9.88 -2.95 -13.52
C ASP B 9 10.09 -2.78 -12.01
N ILE B 10 9.09 -2.25 -11.31
CA ILE B 10 9.22 -2.04 -9.87
C ILE B 10 9.38 -3.38 -9.17
N MET B 11 8.55 -4.33 -9.57
CA MET B 11 8.58 -5.68 -9.00
C MET B 11 9.88 -6.39 -9.34
N ASP B 12 10.34 -6.20 -10.57
CA ASP B 12 11.56 -6.84 -11.04
C ASP B 12 12.74 -6.53 -10.15
N PHE B 13 12.94 -5.26 -9.80
CA PHE B 13 14.05 -4.90 -8.94
C PHE B 13 13.89 -5.49 -7.54
N VAL B 14 12.73 -5.29 -6.92
CA VAL B 14 12.59 -5.60 -5.51
C VAL B 14 12.82 -7.09 -5.23
N LEU B 15 12.31 -7.93 -6.12
CA LEU B 15 12.54 -9.37 -6.03
C LEU B 15 14.02 -9.71 -6.22
N LYS B 16 14.69 -8.97 -7.11
CA LYS B 16 16.13 -9.20 -7.34
C LYS B 16 16.93 -8.94 -6.07
N ASN B 17 16.33 -8.22 -5.13
CA ASN B 17 16.94 -7.99 -3.83
C ASN B 17 16.37 -8.96 -2.81
N THR B 18 17.24 -9.57 -2.02
CA THR B 18 16.79 -10.49 -0.98
C THR B 18 17.72 -10.43 0.22
N PRO B 19 17.36 -9.64 1.25
CA PRO B 19 18.16 -9.49 2.47
C PRO B 19 18.27 -10.79 3.25
N ASP C 1 -17.81 -11.36 -14.76
CA ASP C 1 -17.03 -11.44 -13.53
C ASP C 1 -16.07 -10.27 -13.47
N SER C 2 -15.55 -9.87 -14.62
CA SER C 2 -14.67 -8.71 -14.72
C SER C 2 -15.48 -7.42 -14.53
N VAL C 3 -16.74 -7.46 -14.94
CA VAL C 3 -17.64 -6.32 -14.76
C VAL C 3 -17.87 -6.08 -13.27
N THR C 4 -18.35 -7.12 -12.59
CA THR C 4 -18.56 -7.08 -11.15
C THR C 4 -17.29 -7.49 -10.41
N ASP C 5 -16.16 -7.03 -10.92
CA ASP C 5 -14.87 -7.36 -10.35
C ASP C 5 -14.79 -6.88 -8.91
N SER C 6 -15.18 -5.64 -8.70
CA SER C 6 -15.17 -5.03 -7.37
C SER C 6 -16.04 -5.82 -6.39
N GLN C 7 -17.27 -6.13 -6.79
CA GLN C 7 -18.17 -6.91 -5.93
C GLN C 7 -17.63 -8.31 -5.65
N LYS C 8 -17.18 -9.00 -6.68
CA LYS C 8 -16.66 -10.35 -6.52
C LYS C 8 -15.44 -10.33 -5.59
N ARG C 9 -14.56 -9.36 -5.81
CA ARG C 9 -13.39 -9.16 -4.95
C ARG C 9 -13.80 -8.95 -3.50
N ARG C 10 -14.79 -8.09 -3.29
CA ARG C 10 -15.19 -7.71 -1.94
C ARG C 10 -15.55 -8.95 -1.12
N GLU C 11 -16.25 -9.88 -1.76
CA GLU C 11 -16.60 -11.15 -1.13
C GLU C 11 -15.35 -11.92 -0.66
N ILE C 12 -14.28 -11.92 -1.45
CA ILE C 12 -13.09 -12.71 -1.10
C ILE C 12 -12.47 -12.19 0.19
N LEU C 13 -12.43 -10.87 0.35
CA LEU C 13 -11.82 -10.25 1.54
C LEU C 13 -12.50 -10.75 2.80
N SER C 14 -13.81 -10.92 2.73
CA SER C 14 -14.59 -11.40 3.85
C SER C 14 -14.10 -12.78 4.32
N ARG C 15 -13.34 -13.47 3.48
CA ARG C 15 -12.77 -14.77 3.85
C ARG C 15 -11.28 -14.82 3.45
N ARG C 16 -10.58 -13.74 3.76
CA ARG C 16 -9.13 -13.66 3.53
C ARG C 16 -8.41 -13.65 4.87
N PRO C 17 -7.82 -14.80 5.24
CA PRO C 17 -7.15 -14.99 6.54
C PRO C 17 -6.08 -13.95 6.82
N TYR C 19 -5.46 -11.12 5.04
CA TYR C 19 -6.02 -9.78 4.90
C TYR C 19 -6.69 -9.36 6.19
N ARG C 20 -7.53 -10.23 6.74
CA ARG C 20 -8.21 -9.96 7.99
C ARG C 20 -7.23 -9.78 9.14
N LYS C 21 -6.19 -10.62 9.17
CA LYS C 21 -5.16 -10.51 10.19
C LYS C 21 -4.46 -9.15 10.12
N ILE C 22 -3.93 -8.81 8.95
CA ILE C 22 -3.19 -7.56 8.80
C ILE C 22 -4.13 -6.36 8.93
N LEU C 23 -5.37 -6.50 8.48
CA LEU C 23 -6.35 -5.42 8.57
C LEU C 23 -6.62 -5.06 10.03
N ASN C 24 -6.90 -6.07 10.85
CA ASN C 24 -7.18 -5.84 12.27
C ASN C 24 -5.94 -5.33 13.01
N ASP C 25 -4.83 -6.03 12.84
CA ASP C 25 -3.61 -5.76 13.61
C ASP C 25 -3.02 -4.39 13.30
N LEU C 26 -2.84 -4.11 12.03
CA LEU C 26 -2.19 -2.89 11.59
C LEU C 26 -2.99 -1.64 11.95
N SER C 27 -4.32 -1.70 11.78
CA SER C 27 -5.17 -0.54 12.05
C SER C 27 -5.38 -0.35 13.55
N SER C 28 -4.95 -1.32 14.34
CA SER C 28 -5.15 -1.29 15.78
C SER C 28 -4.34 -0.16 16.43
N ASP C 29 -3.43 0.44 15.66
CA ASP C 29 -2.57 1.47 16.21
C ASP C 29 -1.92 2.28 15.09
N ALA C 30 -2.74 3.04 14.34
CA ALA C 30 -2.23 3.98 13.34
C ALA C 30 -1.33 5.02 14.01
N PRO C 31 -0.04 5.06 13.65
CA PRO C 31 0.91 5.99 14.25
C PRO C 31 0.55 7.43 13.91
N GLY C 32 0.69 8.32 14.87
CA GLY C 32 0.23 9.68 14.66
C GLY C 32 0.27 10.53 15.92
N VAL C 33 1.45 11.08 16.20
CA VAL C 33 1.63 12.00 17.32
C VAL C 33 2.71 13.02 16.97
N PRO C 34 2.34 14.30 16.84
CA PRO C 34 3.29 15.38 16.56
C PRO C 34 4.33 15.52 17.68
N GLY A 1 -22.35 26.10 -0.79
CA GLY A 1 -23.46 25.17 -0.87
C GLY A 1 -22.99 23.73 -1.10
N VAL A 2 -21.67 23.52 -1.08
CA VAL A 2 -21.10 22.20 -1.26
C VAL A 2 -19.92 22.01 -0.31
N ARG A 3 -19.94 20.96 0.47
CA ARG A 3 -18.82 20.63 1.34
C ARG A 3 -18.76 19.14 1.54
N LYS A 4 -17.57 18.58 1.44
CA LYS A 4 -17.37 17.15 1.60
C LYS A 4 -15.90 16.90 1.91
N GLY A 5 -15.58 16.95 3.19
CA GLY A 5 -14.22 16.76 3.61
C GLY A 5 -14.15 16.15 4.98
N TRP A 6 -14.62 14.93 5.10
CA TRP A 6 -14.59 14.25 6.39
C TRP A 6 -13.17 13.77 6.62
N HIS A 7 -12.45 13.56 5.52
CA HIS A 7 -11.03 13.24 5.55
C HIS A 7 -10.19 14.38 6.11
N GLU A 8 -10.80 15.55 6.29
CA GLU A 8 -10.12 16.71 6.86
C GLU A 8 -9.63 16.43 8.30
N HIS A 9 -10.11 15.34 8.88
CA HIS A 9 -9.67 14.93 10.22
C HIS A 9 -8.33 14.18 10.12
N VAL A 10 -7.96 13.81 8.89
CA VAL A 10 -6.69 13.18 8.61
C VAL A 10 -5.66 14.24 8.19
N THR A 11 -4.47 14.19 8.76
CA THR A 11 -3.47 15.22 8.54
C THR A 11 -2.44 14.79 7.50
N GLN A 12 -1.62 15.73 7.05
CA GLN A 12 -0.53 15.42 6.12
C GLN A 12 0.47 14.47 6.79
N ASP A 13 0.74 14.72 8.08
CA ASP A 13 1.67 13.90 8.84
C ASP A 13 1.21 12.45 8.89
N LEU A 14 -0.06 12.24 9.25
CA LEU A 14 -0.60 10.89 9.33
C LEU A 14 -0.48 10.18 7.98
N ARG A 15 -0.81 10.89 6.91
CA ARG A 15 -0.70 10.36 5.56
C ARG A 15 0.73 9.90 5.29
N SER A 16 1.69 10.75 5.67
CA SER A 16 3.10 10.48 5.41
C SER A 16 3.56 9.18 6.09
N HIS A 17 3.13 9.00 7.33
CA HIS A 17 3.47 7.79 8.09
C HIS A 17 2.85 6.56 7.42
N LEU A 18 1.63 6.73 6.93
CA LEU A 18 0.92 5.64 6.26
C LEU A 18 1.63 5.24 4.96
N VAL A 19 2.06 6.25 4.18
CA VAL A 19 2.85 6.00 2.97
C VAL A 19 4.09 5.18 3.29
N HIS A 20 4.72 5.48 4.42
CA HIS A 20 5.91 4.77 4.85
C HIS A 20 5.63 3.27 4.96
N LYS A 21 4.44 2.93 5.45
CA LYS A 21 4.01 1.54 5.54
C LYS A 21 3.91 0.91 4.15
N LEU A 22 3.44 1.68 3.18
CA LEU A 22 3.37 1.19 1.79
C LEU A 22 4.76 0.77 1.33
N VAL A 23 5.75 1.62 1.61
CA VAL A 23 7.14 1.29 1.35
C VAL A 23 7.57 0.05 2.13
N GLN A 24 7.25 0.00 3.42
CA GLN A 24 7.63 -1.13 4.28
C GLN A 24 7.15 -2.45 3.70
N ALA A 25 5.96 -2.42 3.15
CA ALA A 25 5.34 -3.59 2.55
C ALA A 25 6.19 -4.14 1.41
N ILE A 26 6.76 -3.23 0.63
CA ILE A 26 7.49 -3.64 -0.56
C ILE A 26 8.99 -3.77 -0.26
N PHE A 27 9.53 -2.84 0.51
CA PHE A 27 10.95 -2.82 0.79
C PHE A 27 11.18 -2.61 2.28
N PRO A 28 11.18 -3.70 3.06
CA PRO A 28 11.31 -3.65 4.53
C PRO A 28 12.65 -3.07 4.98
N THR A 29 13.71 -3.44 4.27
CA THR A 29 15.05 -3.01 4.65
C THR A 29 15.90 -2.71 3.42
N PRO A 30 15.85 -1.47 2.90
CA PRO A 30 16.71 -1.04 1.80
C PRO A 30 18.11 -0.68 2.30
N ASP A 31 19.12 -0.94 1.49
CA ASP A 31 20.50 -0.67 1.85
C ASP A 31 20.76 0.83 1.90
N PRO A 32 21.77 1.29 2.66
CA PRO A 32 22.13 2.71 2.74
C PRO A 32 22.28 3.34 1.35
N ALA A 33 22.96 2.63 0.47
CA ALA A 33 23.22 3.12 -0.87
C ALA A 33 21.97 2.99 -1.75
N ALA A 34 21.07 2.11 -1.35
CA ALA A 34 19.83 1.89 -2.09
C ALA A 34 18.87 3.05 -1.89
N LEU A 35 18.84 3.55 -0.66
CA LEU A 35 17.94 4.64 -0.28
C LEU A 35 18.16 5.90 -1.11
N LYS A 36 19.41 6.13 -1.49
CA LYS A 36 19.77 7.32 -2.24
C LYS A 36 19.82 7.03 -3.74
N ASP A 37 19.27 5.90 -4.14
CA ASP A 37 19.26 5.48 -5.54
C ASP A 37 17.95 5.88 -6.19
N ARG A 38 18.03 6.29 -7.45
CA ARG A 38 16.87 6.73 -8.23
C ARG A 38 15.79 5.66 -8.28
N ARG A 39 16.20 4.40 -8.34
CA ARG A 39 15.27 3.27 -8.42
C ARG A 39 14.38 3.24 -7.17
N MET A 40 15.01 3.39 -6.01
CA MET A 40 14.30 3.38 -4.74
C MET A 40 13.36 4.58 -4.62
N GLU A 41 13.85 5.74 -5.05
CA GLU A 41 13.07 6.96 -4.98
C GLU A 41 11.77 6.85 -5.76
N ASN A 42 11.83 6.22 -6.93
CA ASN A 42 10.64 5.98 -7.72
C ASN A 42 9.63 5.16 -6.93
N LEU A 43 10.12 4.19 -6.16
CA LEU A 43 9.27 3.35 -5.33
C LEU A 43 8.51 4.21 -4.32
N VAL A 44 9.22 5.13 -3.68
CA VAL A 44 8.57 6.04 -2.71
C VAL A 44 7.59 6.96 -3.42
N ALA A 45 7.95 7.39 -4.62
CA ALA A 45 7.10 8.27 -5.41
C ALA A 45 5.82 7.54 -5.80
N TYR A 46 5.98 6.26 -6.14
CA TYR A 46 4.87 5.41 -6.51
C TYR A 46 3.95 5.23 -5.30
N ALA A 47 4.54 5.06 -4.13
CA ALA A 47 3.77 4.89 -2.91
C ALA A 47 2.93 6.14 -2.64
N LYS A 48 3.53 7.30 -2.88
CA LYS A 48 2.87 8.58 -2.67
C LYS A 48 1.60 8.70 -3.52
N LYS A 49 1.72 8.43 -4.82
CA LYS A 49 0.58 8.57 -5.71
C LYS A 49 -0.53 7.57 -5.37
N VAL A 50 -0.14 6.33 -5.08
CA VAL A 50 -1.10 5.30 -4.70
C VAL A 50 -1.87 5.69 -3.45
N GLU A 51 -1.16 6.19 -2.45
CA GLU A 51 -1.77 6.66 -1.22
C GLU A 51 -2.71 7.82 -1.51
N GLY A 52 -2.27 8.69 -2.40
CA GLY A 52 -3.06 9.85 -2.78
C GLY A 52 -4.41 9.44 -3.33
N ASP A 53 -4.38 8.37 -4.12
CA ASP A 53 -5.60 7.82 -4.70
C ASP A 53 -6.57 7.43 -3.60
N MET A 54 -6.04 6.87 -2.52
CA MET A 54 -6.85 6.45 -1.40
C MET A 54 -7.48 7.64 -0.73
N TYR A 55 -6.65 8.64 -0.43
CA TYR A 55 -7.08 9.80 0.37
C TYR A 55 -8.21 10.55 -0.33
N GLU A 56 -8.10 10.70 -1.65
CA GLU A 56 -9.09 11.44 -2.42
C GLU A 56 -10.44 10.73 -2.41
N SER A 57 -10.43 9.42 -2.49
CA SER A 57 -11.67 8.65 -2.62
C SER A 57 -12.19 8.18 -1.25
N ALA A 58 -11.27 8.08 -0.29
CA ALA A 58 -11.59 7.62 1.07
C ALA A 58 -12.66 8.48 1.72
N ASN A 59 -12.30 9.73 2.01
CA ASN A 59 -13.19 10.66 2.71
C ASN A 59 -13.65 10.10 4.07
N SER A 60 -12.96 9.09 4.58
CA SER A 60 -13.23 8.54 5.90
C SER A 60 -11.96 7.90 6.45
N ARG A 61 -11.79 7.91 7.76
CA ARG A 61 -10.58 7.36 8.39
C ARG A 61 -10.51 5.85 8.16
N ASP A 62 -11.61 5.16 8.44
CA ASP A 62 -11.66 3.70 8.34
C ASP A 62 -11.48 3.26 6.89
N GLU A 63 -12.15 3.95 5.99
CA GLU A 63 -12.07 3.65 4.55
C GLU A 63 -10.63 3.84 4.06
N TYR A 64 -9.97 4.86 4.58
CA TYR A 64 -8.59 5.18 4.21
C TYR A 64 -7.67 4.00 4.51
N TYR A 65 -7.81 3.46 5.72
CA TYR A 65 -7.00 2.29 6.13
C TYR A 65 -7.36 1.07 5.28
N HIS A 66 -8.65 0.90 5.01
CA HIS A 66 -9.14 -0.25 4.24
C HIS A 66 -8.60 -0.23 2.81
N LEU A 67 -8.55 0.95 2.22
CA LEU A 67 -8.02 1.11 0.87
C LEU A 67 -6.54 0.74 0.82
N LEU A 68 -5.80 1.11 1.87
CA LEU A 68 -4.40 0.72 2.00
C LEU A 68 -4.27 -0.80 1.91
N ALA A 69 -5.17 -1.51 2.61
CA ALA A 69 -5.13 -2.96 2.68
C ALA A 69 -5.35 -3.59 1.30
N GLU A 70 -6.26 -2.99 0.55
CA GLU A 70 -6.58 -3.48 -0.79
C GLU A 70 -5.36 -3.40 -1.71
N LYS A 71 -4.72 -2.24 -1.73
CA LYS A 71 -3.58 -2.01 -2.60
C LYS A 71 -2.38 -2.87 -2.17
N ILE A 72 -2.10 -2.87 -0.87
CA ILE A 72 -0.93 -3.59 -0.35
C ILE A 72 -1.02 -5.11 -0.59
N TYR A 73 -2.22 -5.67 -0.46
CA TYR A 73 -2.41 -7.11 -0.66
C TYR A 73 -2.04 -7.51 -2.08
N LYS A 74 -2.46 -6.69 -3.04
CA LYS A 74 -2.20 -6.94 -4.46
C LYS A 74 -0.70 -7.09 -4.71
N ILE A 75 0.07 -6.13 -4.22
CA ILE A 75 1.52 -6.11 -4.45
C ILE A 75 2.19 -7.26 -3.73
N GLN A 76 1.89 -7.38 -2.44
CA GLN A 76 2.47 -8.43 -1.60
C GLN A 76 2.19 -9.81 -2.16
N LYS A 77 0.96 -10.05 -2.59
CA LYS A 77 0.57 -11.34 -3.16
C LYS A 77 1.36 -11.62 -4.43
N GLU A 78 1.46 -10.62 -5.28
CA GLU A 78 2.19 -10.77 -6.55
C GLU A 78 3.67 -11.02 -6.31
N LEU A 79 4.24 -10.32 -5.33
CA LEU A 79 5.65 -10.52 -4.98
C LEU A 79 5.89 -11.95 -4.51
N GLU A 80 4.94 -12.46 -3.72
CA GLU A 80 5.02 -13.82 -3.23
C GLU A 80 4.95 -14.80 -4.41
N GLU A 81 3.98 -14.59 -5.27
CA GLU A 81 3.78 -15.45 -6.44
C GLU A 81 4.99 -15.38 -7.38
N LYS A 82 5.56 -14.18 -7.53
CA LYS A 82 6.72 -13.97 -8.37
C LYS A 82 7.92 -14.79 -7.89
N ARG A 83 8.15 -14.79 -6.58
CA ARG A 83 9.27 -15.56 -6.01
C ARG A 83 8.91 -17.04 -5.96
N ARG A 84 7.62 -17.33 -5.86
CA ARG A 84 7.15 -18.71 -5.86
C ARG A 84 7.45 -19.37 -7.21
N SER A 85 7.27 -18.62 -8.28
CA SER A 85 7.45 -19.14 -9.63
C SER A 85 8.87 -18.85 -10.13
N ARG A 86 9.68 -18.25 -9.25
CA ARG A 86 11.08 -17.86 -9.55
C ARG A 86 11.78 -18.87 -10.46
N LEU A 87 11.89 -18.51 -11.73
CA LEU A 87 12.56 -19.34 -12.69
C LEU A 87 13.89 -18.70 -13.09
N ASP B 1 -5.50 6.59 -13.72
CA ASP B 1 -5.36 5.28 -13.09
C ASP B 1 -4.73 4.27 -14.04
N ALA B 2 -3.89 4.76 -14.94
CA ALA B 2 -3.16 3.89 -15.86
C ALA B 2 -2.06 3.15 -15.11
N GLY B 3 -2.37 1.96 -14.65
CA GLY B 3 -1.41 1.20 -13.88
C GLY B 3 -1.60 1.40 -12.40
N ASN B 4 -2.54 0.66 -11.84
CA ASN B 4 -2.84 0.74 -10.41
C ASN B 4 -1.70 0.14 -9.59
N ILE B 5 -1.00 -0.82 -10.17
CA ILE B 5 0.00 -1.58 -9.45
C ILE B 5 1.28 -1.73 -10.27
N LEU B 6 2.39 -1.98 -9.59
CA LEU B 6 3.72 -1.83 -10.16
C LEU B 6 4.01 -3.00 -11.11
N PRO B 7 4.61 -2.70 -12.27
CA PRO B 7 4.93 -3.72 -13.28
C PRO B 7 6.16 -4.56 -12.90
N SER B 8 6.54 -5.47 -13.78
CA SER B 8 7.62 -6.41 -13.50
C SER B 8 8.91 -5.69 -13.10
N ASP B 9 9.21 -4.60 -13.79
CA ASP B 9 10.50 -3.90 -13.63
C ASP B 9 10.78 -3.54 -12.17
N ILE B 10 9.81 -2.93 -11.50
CA ILE B 10 9.99 -2.54 -10.10
C ILE B 10 10.14 -3.77 -9.20
N MET B 11 9.29 -4.76 -9.43
CA MET B 11 9.30 -6.00 -8.65
C MET B 11 10.62 -6.74 -8.83
N ASP B 12 11.09 -6.77 -10.07
CA ASP B 12 12.38 -7.39 -10.38
C ASP B 12 13.51 -6.73 -9.59
N PHE B 13 13.43 -5.41 -9.43
CA PHE B 13 14.44 -4.68 -8.65
C PHE B 13 14.47 -5.16 -7.21
N VAL B 14 13.31 -5.20 -6.55
CA VAL B 14 13.26 -5.60 -5.15
C VAL B 14 13.66 -7.06 -4.98
N LEU B 15 13.25 -7.90 -5.91
CA LEU B 15 13.63 -9.32 -5.92
C LEU B 15 15.14 -9.47 -6.07
N LYS B 16 15.75 -8.61 -6.88
CA LYS B 16 17.17 -8.76 -7.26
C LYS B 16 18.07 -8.76 -6.02
N ASN B 17 17.80 -7.86 -5.09
CA ASN B 17 18.58 -7.80 -3.86
C ASN B 17 17.80 -8.47 -2.72
N THR B 18 18.48 -9.29 -1.95
CA THR B 18 17.84 -10.00 -0.86
C THR B 18 18.65 -9.85 0.44
N PRO B 19 18.02 -9.35 1.50
CA PRO B 19 18.67 -9.17 2.79
C PRO B 19 18.82 -10.49 3.55
N ASP C 1 -13.36 -15.25 -13.07
CA ASP C 1 -12.46 -14.67 -12.09
C ASP C 1 -11.86 -13.37 -12.62
N SER C 2 -11.76 -13.27 -13.94
CA SER C 2 -11.18 -12.07 -14.56
C SER C 2 -12.29 -11.14 -15.08
N VAL C 3 -13.38 -11.74 -15.56
CA VAL C 3 -14.52 -10.96 -16.04
C VAL C 3 -15.16 -10.19 -14.88
N THR C 4 -15.59 -10.91 -13.85
CA THR C 4 -16.10 -10.29 -12.64
C THR C 4 -14.99 -10.19 -11.60
N ASP C 5 -13.84 -9.73 -12.05
CA ASP C 5 -12.65 -9.62 -11.20
C ASP C 5 -12.93 -8.72 -10.01
N SER C 6 -13.54 -7.58 -10.29
CA SER C 6 -13.89 -6.61 -9.25
C SER C 6 -14.76 -7.25 -8.17
N GLN C 7 -15.82 -7.94 -8.57
CA GLN C 7 -16.69 -8.63 -7.62
C GLN C 7 -15.93 -9.70 -6.85
N LYS C 8 -15.18 -10.51 -7.57
CA LYS C 8 -14.44 -11.61 -6.96
C LYS C 8 -13.41 -11.09 -5.97
N ARG C 9 -12.63 -10.11 -6.40
CA ARG C 9 -11.64 -9.45 -5.54
C ARG C 9 -12.30 -8.89 -4.29
N ARG C 10 -13.40 -8.18 -4.49
CA ARG C 10 -14.12 -7.57 -3.37
C ARG C 10 -14.53 -8.61 -2.35
N GLU C 11 -15.00 -9.75 -2.85
CA GLU C 11 -15.40 -10.88 -2.02
C GLU C 11 -14.26 -11.35 -1.10
N ILE C 12 -13.03 -11.37 -1.60
CA ILE C 12 -11.91 -11.94 -0.85
C ILE C 12 -11.66 -11.15 0.44
N LEU C 13 -11.72 -9.82 0.36
CA LEU C 13 -11.42 -8.96 1.50
C LEU C 13 -12.33 -9.25 2.69
N SER C 14 -13.61 -9.46 2.39
CA SER C 14 -14.64 -9.59 3.42
C SER C 14 -14.30 -10.71 4.41
N ARG C 15 -13.70 -11.79 3.92
CA ARG C 15 -13.33 -12.91 4.76
C ARG C 15 -12.01 -13.52 4.28
N ARG C 16 -10.94 -12.76 4.44
CA ARG C 16 -9.61 -13.21 4.02
C ARG C 16 -8.72 -13.40 5.24
N PRO C 17 -8.22 -14.63 5.43
CA PRO C 17 -7.34 -14.95 6.56
C PRO C 17 -6.09 -14.07 6.64
N TYR C 19 -5.94 -10.97 5.20
CA TYR C 19 -6.48 -9.63 5.43
C TYR C 19 -6.72 -9.45 6.92
N ARG C 20 -7.25 -10.49 7.55
CA ARG C 20 -7.51 -10.50 8.99
C ARG C 20 -6.23 -10.21 9.77
N LYS C 21 -5.13 -10.82 9.33
CA LYS C 21 -3.85 -10.68 10.03
C LYS C 21 -3.23 -9.31 9.83
N ILE C 22 -3.03 -8.91 8.58
CA ILE C 22 -2.35 -7.65 8.29
C ILE C 22 -3.20 -6.46 8.74
N LEU C 23 -4.52 -6.60 8.65
CA LEU C 23 -5.44 -5.57 9.12
C LEU C 23 -5.26 -5.34 10.63
N ASN C 24 -5.07 -6.41 11.35
CA ASN C 24 -4.79 -6.31 12.79
C ASN C 24 -3.45 -5.60 13.06
N ASP C 25 -2.37 -6.09 12.44
CA ASP C 25 -1.02 -5.57 12.72
C ASP C 25 -0.83 -4.13 12.24
N LEU C 26 -1.20 -3.88 10.99
CA LEU C 26 -0.93 -2.61 10.31
C LEU C 26 -1.59 -1.44 11.04
N SER C 27 -2.78 -1.68 11.58
CA SER C 27 -3.61 -0.64 12.20
C SER C 27 -3.06 -0.16 13.55
N SER C 28 -1.93 -0.73 13.99
CA SER C 28 -1.39 -0.47 15.33
C SER C 28 -1.32 1.02 15.65
N ASP C 29 -0.36 1.71 15.06
CA ASP C 29 -0.12 3.10 15.37
C ASP C 29 0.68 3.82 14.27
N ALA C 30 0.39 3.43 13.01
CA ALA C 30 1.15 3.83 11.81
C ALA C 30 2.47 4.60 12.08
N PRO C 31 3.58 3.89 12.44
CA PRO C 31 4.90 4.50 12.55
C PRO C 31 5.42 4.98 11.20
N GLY C 32 6.36 5.92 11.20
CA GLY C 32 6.85 6.50 9.99
C GLY C 32 7.55 7.78 10.30
N VAL C 33 7.62 8.65 9.31
CA VAL C 33 8.20 10.00 9.42
C VAL C 33 8.86 10.38 8.09
N PRO C 34 9.76 9.53 7.55
CA PRO C 34 10.28 9.71 6.20
C PRO C 34 9.22 9.34 5.17
N GLY A 1 -18.76 21.53 13.22
CA GLY A 1 -18.31 20.17 13.00
C GLY A 1 -19.12 19.46 11.93
N VAL A 2 -20.43 19.36 12.13
CA VAL A 2 -21.32 18.77 11.11
C VAL A 2 -21.34 19.62 9.85
N ARG A 3 -20.61 19.15 8.83
CA ARG A 3 -20.47 19.86 7.57
C ARG A 3 -19.58 19.04 6.63
N LYS A 4 -18.30 18.96 6.96
CA LYS A 4 -17.36 18.16 6.19
C LYS A 4 -16.09 17.93 7.02
N GLY A 5 -16.26 17.26 8.14
CA GLY A 5 -15.15 17.03 9.05
C GLY A 5 -14.42 15.74 8.78
N TRP A 6 -14.73 15.11 7.65
CA TRP A 6 -14.10 13.85 7.27
C TRP A 6 -12.57 13.98 7.27
N HIS A 7 -12.07 14.97 6.53
CA HIS A 7 -10.63 15.18 6.39
C HIS A 7 -10.00 15.64 7.70
N GLU A 8 -10.81 15.95 8.68
CA GLU A 8 -10.30 16.55 9.91
C GLU A 8 -9.82 15.48 10.88
N HIS A 9 -10.37 14.28 10.75
CA HIS A 9 -9.96 13.17 11.62
C HIS A 9 -8.69 12.50 11.08
N VAL A 10 -8.31 12.84 9.86
CA VAL A 10 -7.12 12.29 9.26
C VAL A 10 -6.09 13.38 9.02
N THR A 11 -4.99 13.35 9.75
CA THR A 11 -4.02 14.42 9.73
C THR A 11 -2.89 14.11 8.76
N GLN A 12 -2.08 15.11 8.42
CA GLN A 12 -0.95 14.90 7.51
C GLN A 12 -0.01 13.82 8.05
N ASP A 13 0.21 13.84 9.37
CA ASP A 13 1.12 12.90 10.01
C ASP A 13 0.64 11.46 9.82
N LEU A 14 -0.65 11.23 10.05
CA LEU A 14 -1.24 9.90 9.89
C LEU A 14 -1.02 9.40 8.46
N ARG A 15 -1.24 10.28 7.50
CA ARG A 15 -1.07 9.94 6.08
C ARG A 15 0.39 9.63 5.78
N SER A 16 1.27 10.52 6.22
CA SER A 16 2.70 10.41 5.98
C SER A 16 3.25 9.09 6.52
N HIS A 17 2.75 8.68 7.68
CA HIS A 17 3.13 7.39 8.27
C HIS A 17 2.74 6.25 7.35
N LEU A 18 1.53 6.34 6.81
CA LEU A 18 1.00 5.29 5.93
C LEU A 18 1.80 5.21 4.64
N VAL A 19 2.18 6.35 4.09
CA VAL A 19 3.03 6.37 2.88
C VAL A 19 4.35 5.65 3.16
N HIS A 20 4.92 5.87 4.33
CA HIS A 20 6.14 5.21 4.73
C HIS A 20 5.92 3.70 4.81
N LYS A 21 4.77 3.32 5.35
CA LYS A 21 4.38 1.91 5.41
C LYS A 21 4.20 1.33 4.01
N LEU A 22 3.64 2.13 3.11
CA LEU A 22 3.43 1.70 1.73
C LEU A 22 4.75 1.29 1.10
N VAL A 23 5.80 2.07 1.37
CA VAL A 23 7.14 1.74 0.93
C VAL A 23 7.63 0.46 1.59
N GLN A 24 7.49 0.39 2.92
CA GLN A 24 7.95 -0.76 3.70
C GLN A 24 7.33 -2.06 3.21
N ALA A 25 6.07 -1.97 2.80
CA ALA A 25 5.34 -3.12 2.28
C ALA A 25 6.05 -3.73 1.09
N ILE A 26 6.61 -2.87 0.25
CA ILE A 26 7.28 -3.32 -0.97
C ILE A 26 8.78 -3.52 -0.72
N PHE A 27 9.37 -2.64 0.08
CA PHE A 27 10.79 -2.69 0.38
C PHE A 27 10.98 -2.54 1.89
N PRO A 28 10.92 -3.65 2.64
CA PRO A 28 10.92 -3.62 4.11
C PRO A 28 12.16 -2.96 4.71
N THR A 29 13.32 -3.19 4.11
CA THR A 29 14.55 -2.62 4.63
C THR A 29 15.67 -2.62 3.59
N PRO A 30 15.82 -1.49 2.87
CA PRO A 30 16.88 -1.31 1.89
C PRO A 30 18.19 -0.86 2.53
N ASP A 31 19.28 -0.97 1.78
CA ASP A 31 20.60 -0.56 2.27
C ASP A 31 20.83 0.92 1.98
N PRO A 32 21.71 1.58 2.76
CA PRO A 32 21.95 3.03 2.65
C PRO A 32 22.17 3.50 1.21
N ALA A 33 22.96 2.76 0.44
CA ALA A 33 23.26 3.12 -0.94
C ALA A 33 22.02 3.07 -1.82
N ALA A 34 21.09 2.19 -1.48
CA ALA A 34 19.85 2.07 -2.22
C ALA A 34 18.93 3.25 -1.93
N LEU A 35 18.87 3.63 -0.66
CA LEU A 35 17.99 4.70 -0.23
C LEU A 35 18.34 6.03 -0.89
N LYS A 36 19.61 6.23 -1.19
CA LYS A 36 20.07 7.45 -1.83
C LYS A 36 20.08 7.30 -3.36
N ASP A 37 19.56 6.17 -3.84
CA ASP A 37 19.64 5.84 -5.25
C ASP A 37 18.35 6.21 -5.99
N ARG A 38 18.50 6.51 -7.27
CA ARG A 38 17.40 6.92 -8.12
C ARG A 38 16.37 5.82 -8.28
N ARG A 39 16.84 4.59 -8.41
CA ARG A 39 15.96 3.45 -8.66
C ARG A 39 15.02 3.22 -7.47
N MET A 40 15.56 3.32 -6.26
CA MET A 40 14.74 3.22 -5.05
C MET A 40 13.78 4.40 -4.96
N GLU A 41 14.28 5.57 -5.34
CA GLU A 41 13.51 6.82 -5.27
C GLU A 41 12.19 6.71 -6.03
N ASN A 42 12.21 6.08 -7.20
CA ASN A 42 10.99 5.93 -8.01
C ASN A 42 9.92 5.16 -7.23
N LEU A 43 10.35 4.18 -6.45
CA LEU A 43 9.45 3.39 -5.62
C LEU A 43 8.75 4.28 -4.60
N VAL A 44 9.51 5.19 -3.99
CA VAL A 44 8.93 6.15 -3.05
C VAL A 44 7.98 7.09 -3.76
N ALA A 45 8.33 7.45 -4.99
CA ALA A 45 7.53 8.34 -5.80
C ALA A 45 6.18 7.68 -6.09
N TYR A 46 6.24 6.38 -6.35
CA TYR A 46 5.04 5.58 -6.59
C TYR A 46 4.13 5.62 -5.37
N ALA A 47 4.73 5.48 -4.19
CA ALA A 47 3.97 5.45 -2.95
C ALA A 47 3.24 6.78 -2.73
N LYS A 48 3.94 7.87 -3.06
CA LYS A 48 3.40 9.22 -2.89
C LYS A 48 2.19 9.44 -3.79
N LYS A 49 2.30 9.05 -5.05
CA LYS A 49 1.21 9.24 -6.01
C LYS A 49 -0.02 8.43 -5.60
N VAL A 50 0.21 7.19 -5.22
CA VAL A 50 -0.87 6.33 -4.74
C VAL A 50 -1.56 6.93 -3.52
N GLU A 51 -0.76 7.50 -2.63
CA GLU A 51 -1.28 8.20 -1.46
C GLU A 51 -2.26 9.29 -1.89
N GLY A 52 -1.93 9.95 -2.99
CA GLY A 52 -2.81 10.99 -3.50
C GLY A 52 -4.17 10.44 -3.86
N ASP A 53 -4.19 9.32 -4.57
CA ASP A 53 -5.44 8.72 -5.02
C ASP A 53 -6.28 8.25 -3.84
N MET A 54 -5.59 7.69 -2.85
CA MET A 54 -6.27 7.09 -1.71
C MET A 54 -7.04 8.12 -0.92
N TYR A 55 -6.37 9.20 -0.56
CA TYR A 55 -6.99 10.24 0.26
C TYR A 55 -8.18 10.86 -0.46
N GLU A 56 -8.05 11.03 -1.77
CA GLU A 56 -9.10 11.64 -2.57
C GLU A 56 -10.36 10.78 -2.61
N SER A 57 -10.20 9.48 -2.68
CA SER A 57 -11.33 8.58 -2.84
C SER A 57 -11.79 8.02 -1.48
N ALA A 58 -10.88 7.92 -0.53
CA ALA A 58 -11.17 7.42 0.80
C ALA A 58 -12.34 8.14 1.44
N ASN A 59 -12.13 9.43 1.75
CA ASN A 59 -13.15 10.28 2.34
C ASN A 59 -13.42 9.93 3.82
N SER A 60 -12.86 8.81 4.29
CA SER A 60 -13.05 8.39 5.67
C SER A 60 -11.86 7.55 6.12
N ARG A 61 -11.60 7.51 7.42
CA ARG A 61 -10.43 6.79 7.95
C ARG A 61 -10.54 5.30 7.68
N ASP A 62 -11.71 4.72 7.93
CA ASP A 62 -11.93 3.29 7.76
C ASP A 62 -11.79 2.88 6.30
N GLU A 63 -12.30 3.71 5.40
CA GLU A 63 -12.12 3.50 3.97
C GLU A 63 -10.64 3.62 3.58
N TYR A 64 -9.97 4.59 4.19
CA TYR A 64 -8.56 4.89 3.89
C TYR A 64 -7.69 3.67 4.19
N TYR A 65 -7.87 3.10 5.38
CA TYR A 65 -7.09 1.91 5.78
C TYR A 65 -7.44 0.72 4.89
N HIS A 66 -8.73 0.58 4.58
CA HIS A 66 -9.23 -0.57 3.83
C HIS A 66 -8.63 -0.64 2.43
N LEU A 67 -8.54 0.50 1.77
CA LEU A 67 -8.06 0.54 0.39
C LEU A 67 -6.60 0.10 0.31
N LEU A 68 -5.78 0.62 1.21
CA LEU A 68 -4.36 0.28 1.23
C LEU A 68 -4.15 -1.19 1.59
N ALA A 69 -4.94 -1.69 2.54
CA ALA A 69 -4.84 -3.09 2.96
C ALA A 69 -5.02 -4.02 1.76
N GLU A 70 -5.96 -3.68 0.88
CA GLU A 70 -6.20 -4.46 -0.32
C GLU A 70 -4.98 -4.39 -1.26
N LYS A 71 -4.43 -3.19 -1.41
CA LYS A 71 -3.29 -2.97 -2.30
C LYS A 71 -2.05 -3.71 -1.80
N ILE A 72 -1.77 -3.58 -0.51
CA ILE A 72 -0.56 -4.16 0.07
C ILE A 72 -0.57 -5.68 -0.02
N TYR A 73 -1.74 -6.31 0.15
CA TYR A 73 -1.85 -7.76 0.06
C TYR A 73 -1.52 -8.22 -1.37
N LYS A 74 -2.01 -7.46 -2.36
CA LYS A 74 -1.76 -7.76 -3.76
C LYS A 74 -0.26 -7.85 -4.06
N ILE A 75 0.48 -6.83 -3.63
CA ILE A 75 1.91 -6.76 -3.90
C ILE A 75 2.64 -7.87 -3.18
N GLN A 76 2.34 -7.98 -1.89
CA GLN A 76 2.94 -9.01 -1.04
C GLN A 76 2.74 -10.40 -1.64
N LYS A 77 1.51 -10.70 -2.04
CA LYS A 77 1.18 -12.00 -2.63
C LYS A 77 1.90 -12.18 -3.95
N GLU A 78 1.89 -11.13 -4.78
CA GLU A 78 2.49 -11.18 -6.11
C GLU A 78 3.99 -11.44 -6.02
N LEU A 79 4.68 -10.68 -5.16
CA LEU A 79 6.11 -10.84 -4.99
C LEU A 79 6.44 -12.24 -4.50
N GLU A 80 5.61 -12.74 -3.58
CA GLU A 80 5.82 -14.07 -3.02
C GLU A 80 5.62 -15.14 -4.08
N GLU A 81 4.51 -15.05 -4.81
CA GLU A 81 4.17 -16.03 -5.82
C GLU A 81 5.21 -16.01 -6.94
N LYS A 82 5.68 -14.82 -7.28
CA LYS A 82 6.73 -14.65 -8.29
C LYS A 82 7.97 -15.47 -7.91
N ARG A 83 8.31 -15.46 -6.63
CA ARG A 83 9.42 -16.27 -6.13
C ARG A 83 9.01 -17.74 -6.05
N ARG A 84 7.74 -17.96 -5.73
CA ARG A 84 7.21 -19.30 -5.53
C ARG A 84 7.22 -20.12 -6.82
N SER A 85 6.64 -19.56 -7.88
CA SER A 85 6.51 -20.27 -9.14
C SER A 85 7.64 -19.92 -10.10
N ARG A 86 8.45 -18.95 -9.69
CA ARG A 86 9.59 -18.46 -10.45
C ARG A 86 9.14 -17.66 -11.67
N LEU A 87 9.60 -16.41 -11.74
CA LEU A 87 9.33 -15.54 -12.87
C LEU A 87 9.82 -16.16 -14.18
N ASP B 1 -9.60 2.94 -9.70
CA ASP B 1 -8.45 2.02 -9.64
C ASP B 1 -8.21 1.38 -11.00
N ALA B 2 -7.30 1.99 -11.76
CA ALA B 2 -6.92 1.46 -13.06
C ALA B 2 -5.71 0.53 -12.94
N GLY B 3 -5.83 -0.46 -12.05
CA GLY B 3 -4.73 -1.37 -11.82
C GLY B 3 -3.86 -0.93 -10.67
N ASN B 4 -4.00 -1.61 -9.53
CA ASN B 4 -3.25 -1.25 -8.34
C ASN B 4 -1.94 -2.02 -8.28
N ILE B 5 -1.55 -2.60 -9.41
CA ILE B 5 -0.35 -3.43 -9.49
C ILE B 5 0.80 -2.61 -10.06
N LEU B 6 2.02 -2.97 -9.70
CA LEU B 6 3.19 -2.22 -10.10
C LEU B 6 3.78 -2.80 -11.37
N PRO B 7 4.39 -1.94 -12.21
CA PRO B 7 5.07 -2.38 -13.44
C PRO B 7 6.22 -3.33 -13.14
N SER B 8 6.62 -4.11 -14.13
CA SER B 8 7.61 -5.15 -13.95
C SER B 8 8.90 -4.59 -13.33
N ASP B 9 9.38 -3.49 -13.89
CA ASP B 9 10.66 -2.90 -13.50
C ASP B 9 10.73 -2.64 -12.00
N ILE B 10 9.68 -2.06 -11.45
CA ILE B 10 9.65 -1.72 -10.03
C ILE B 10 9.70 -2.99 -9.19
N MET B 11 8.89 -3.98 -9.58
CA MET B 11 8.82 -5.26 -8.89
C MET B 11 10.14 -6.03 -9.02
N ASP B 12 10.73 -5.97 -10.19
CA ASP B 12 11.99 -6.68 -10.45
C ASP B 12 13.09 -6.18 -9.52
N PHE B 13 13.11 -4.88 -9.26
CA PHE B 13 14.14 -4.28 -8.40
C PHE B 13 14.15 -4.95 -7.01
N VAL B 14 12.98 -5.06 -6.38
CA VAL B 14 12.89 -5.70 -5.06
C VAL B 14 13.27 -7.17 -5.14
N LEU B 15 12.83 -7.84 -6.21
CA LEU B 15 13.21 -9.23 -6.47
C LEU B 15 14.73 -9.38 -6.49
N LYS B 16 15.42 -8.39 -7.04
CA LYS B 16 16.88 -8.47 -7.18
C LYS B 16 17.59 -7.72 -6.05
N ASN B 17 16.88 -7.47 -4.96
CA ASN B 17 17.48 -6.92 -3.75
C ASN B 17 17.10 -7.78 -2.55
N THR B 18 18.10 -8.20 -1.79
CA THR B 18 17.84 -9.08 -0.66
C THR B 18 18.85 -8.83 0.46
N PRO B 19 18.38 -8.34 1.62
CA PRO B 19 19.21 -8.17 2.80
C PRO B 19 19.67 -9.52 3.35
N ASP C 1 -19.43 -14.87 -14.60
CA ASP C 1 -18.50 -15.09 -13.51
C ASP C 1 -17.36 -14.09 -13.59
N SER C 2 -16.87 -13.87 -14.81
CA SER C 2 -15.79 -12.92 -15.04
C SER C 2 -16.33 -11.50 -15.11
N VAL C 3 -17.60 -11.36 -15.49
CA VAL C 3 -18.26 -10.06 -15.45
C VAL C 3 -18.23 -9.50 -14.04
N THR C 4 -18.68 -10.30 -13.08
CA THR C 4 -18.63 -9.91 -11.68
C THR C 4 -17.27 -10.20 -11.05
N ASP C 5 -16.21 -10.04 -11.82
CA ASP C 5 -14.85 -10.28 -11.33
C ASP C 5 -14.54 -9.34 -10.17
N SER C 6 -14.84 -8.06 -10.35
CA SER C 6 -14.59 -7.07 -9.33
C SER C 6 -15.35 -7.40 -8.05
N GLN C 7 -16.64 -7.69 -8.19
CA GLN C 7 -17.47 -8.08 -7.04
C GLN C 7 -16.92 -9.31 -6.36
N LYS C 8 -16.59 -10.35 -7.13
CA LYS C 8 -16.06 -11.58 -6.55
C LYS C 8 -14.71 -11.30 -5.89
N ARG C 9 -13.86 -10.51 -6.56
CA ARG C 9 -12.59 -10.08 -6.01
C ARG C 9 -12.80 -9.35 -4.69
N ARG C 10 -13.81 -8.49 -4.63
CA ARG C 10 -14.14 -7.78 -3.40
C ARG C 10 -14.55 -8.76 -2.29
N GLU C 11 -15.35 -9.75 -2.69
CA GLU C 11 -15.85 -10.78 -1.77
C GLU C 11 -14.71 -11.49 -1.03
N ILE C 12 -13.61 -11.74 -1.74
CA ILE C 12 -12.51 -12.50 -1.16
C ILE C 12 -12.00 -11.83 0.12
N LEU C 13 -11.95 -10.50 0.13
CA LEU C 13 -11.44 -9.75 1.28
C LEU C 13 -12.29 -10.01 2.51
N SER C 14 -13.60 -10.05 2.32
CA SER C 14 -14.54 -10.31 3.41
C SER C 14 -14.26 -11.66 4.08
N ARG C 15 -13.62 -12.57 3.37
CA ARG C 15 -13.26 -13.86 3.93
C ARG C 15 -11.87 -14.27 3.46
N ARG C 16 -10.89 -13.40 3.69
CA ARG C 16 -9.51 -13.68 3.32
C ARG C 16 -8.66 -13.80 4.59
N PRO C 17 -8.15 -15.03 4.85
CA PRO C 17 -7.40 -15.35 6.08
C PRO C 17 -6.16 -14.48 6.30
N TYR C 19 -5.06 -11.77 4.64
CA TYR C 19 -5.41 -10.36 4.59
C TYR C 19 -6.02 -9.90 5.92
N ARG C 20 -6.98 -10.65 6.43
CA ARG C 20 -7.62 -10.32 7.70
C ARG C 20 -6.60 -10.38 8.84
N LYS C 21 -5.75 -11.39 8.81
CA LYS C 21 -4.72 -11.56 9.83
C LYS C 21 -3.82 -10.33 9.92
N ILE C 22 -3.41 -9.79 8.77
CA ILE C 22 -2.57 -8.60 8.76
C ILE C 22 -3.39 -7.36 9.07
N LEU C 23 -4.63 -7.33 8.57
CA LEU C 23 -5.52 -6.17 8.74
C LEU C 23 -5.70 -5.82 10.21
N ASN C 24 -6.01 -6.81 11.04
CA ASN C 24 -6.26 -6.58 12.45
C ASN C 24 -5.02 -6.08 13.19
N ASP C 25 -3.90 -6.80 13.01
CA ASP C 25 -2.65 -6.46 13.68
C ASP C 25 -2.07 -5.13 13.21
N LEU C 26 -2.09 -4.94 11.91
CA LEU C 26 -1.45 -3.81 11.24
C LEU C 26 -2.05 -2.47 11.69
N SER C 27 -3.36 -2.44 11.86
CA SER C 27 -4.11 -1.20 12.11
C SER C 27 -3.89 -0.62 13.52
N SER C 28 -3.09 -1.29 14.33
CA SER C 28 -2.96 -0.92 15.74
C SER C 28 -2.40 0.50 15.96
N ASP C 29 -1.58 1.02 15.04
CA ASP C 29 -0.89 2.30 15.29
C ASP C 29 0.16 2.56 14.19
N ALA C 30 -0.31 3.05 13.02
CA ALA C 30 0.56 3.40 11.85
C ALA C 30 1.93 3.98 12.25
N PRO C 31 2.98 3.12 12.35
CA PRO C 31 4.36 3.54 12.66
C PRO C 31 5.04 4.25 11.48
N GLY C 32 5.63 5.42 11.73
CA GLY C 32 6.53 6.00 10.74
C GLY C 32 7.41 7.09 11.33
N VAL C 33 7.24 8.32 10.84
CA VAL C 33 7.98 9.50 11.31
C VAL C 33 9.33 9.60 10.61
N PRO C 34 9.46 10.56 9.67
CA PRO C 34 10.70 10.77 8.93
C PRO C 34 11.70 11.60 9.72
N GLY A 1 -17.40 22.44 -3.38
CA GLY A 1 -17.17 21.67 -4.57
C GLY A 1 -16.57 20.33 -4.22
N VAL A 2 -15.44 20.34 -3.51
CA VAL A 2 -14.88 19.11 -2.97
C VAL A 2 -14.83 19.19 -1.45
N ARG A 3 -15.96 18.87 -0.84
CA ARG A 3 -16.07 18.90 0.63
C ARG A 3 -15.44 17.65 1.21
N LYS A 4 -14.42 17.84 2.02
CA LYS A 4 -13.68 16.72 2.61
C LYS A 4 -13.03 17.14 3.91
N GLY A 5 -13.80 17.17 4.98
CA GLY A 5 -13.30 17.66 6.25
C GLY A 5 -12.53 16.61 7.01
N TRP A 6 -12.52 15.39 6.47
CA TRP A 6 -11.77 14.30 7.07
C TRP A 6 -10.28 14.64 7.20
N HIS A 7 -9.83 15.64 6.42
CA HIS A 7 -8.45 16.10 6.50
C HIS A 7 -8.16 16.78 7.85
N GLU A 8 -9.22 17.10 8.58
CA GLU A 8 -9.10 17.79 9.85
C GLU A 8 -8.42 16.92 10.91
N HIS A 9 -8.70 15.61 10.88
CA HIS A 9 -8.13 14.72 11.87
C HIS A 9 -6.79 14.15 11.39
N VAL A 10 -6.53 14.23 10.08
CA VAL A 10 -5.32 13.64 9.53
C VAL A 10 -4.23 14.70 9.46
N THR A 11 -3.11 14.43 10.12
CA THR A 11 -2.00 15.36 10.13
C THR A 11 -0.88 14.88 9.23
N GLN A 12 0.12 15.73 9.00
CA GLN A 12 1.27 15.35 8.18
C GLN A 12 1.95 14.12 8.76
N ASP A 13 2.06 14.08 10.09
CA ASP A 13 2.72 12.98 10.78
C ASP A 13 2.03 11.66 10.51
N LEU A 14 0.71 11.65 10.69
CA LEU A 14 -0.10 10.45 10.46
C LEU A 14 -0.02 10.05 8.99
N ARG A 15 -0.15 11.04 8.12
CA ARG A 15 -0.19 10.81 6.68
C ARG A 15 1.14 10.23 6.18
N SER A 16 2.25 10.86 6.54
CA SER A 16 3.57 10.43 6.13
C SER A 16 3.86 9.00 6.58
N HIS A 17 3.40 8.66 7.79
CA HIS A 17 3.61 7.33 8.34
C HIS A 17 2.90 6.28 7.49
N LEU A 18 1.71 6.63 7.03
CA LEU A 18 0.90 5.71 6.21
C LEU A 18 1.60 5.44 4.87
N VAL A 19 2.07 6.51 4.24
CA VAL A 19 2.78 6.37 2.95
C VAL A 19 4.05 5.56 3.15
N HIS A 20 4.74 5.81 4.26
CA HIS A 20 5.94 5.07 4.61
C HIS A 20 5.65 3.58 4.71
N LYS A 21 4.50 3.25 5.30
CA LYS A 21 4.05 1.87 5.42
C LYS A 21 3.87 1.23 4.04
N LEU A 22 3.37 2.01 3.09
CA LEU A 22 3.21 1.51 1.72
C LEU A 22 4.56 1.05 1.18
N VAL A 23 5.59 1.87 1.38
CA VAL A 23 6.96 1.49 1.01
C VAL A 23 7.43 0.25 1.76
N GLN A 24 7.09 0.18 3.05
CA GLN A 24 7.50 -0.95 3.91
C GLN A 24 7.06 -2.27 3.29
N ALA A 25 5.88 -2.24 2.70
CA ALA A 25 5.29 -3.43 2.07
C ALA A 25 6.23 -4.03 1.03
N ILE A 26 6.90 -3.17 0.28
CA ILE A 26 7.79 -3.64 -0.79
C ILE A 26 9.25 -3.68 -0.32
N PHE A 27 9.69 -2.65 0.37
CA PHE A 27 11.09 -2.54 0.78
C PHE A 27 11.19 -2.20 2.26
N PRO A 28 11.20 -3.23 3.13
CA PRO A 28 11.22 -3.04 4.60
C PRO A 28 12.48 -2.35 5.10
N THR A 29 13.60 -2.61 4.44
CA THR A 29 14.88 -2.05 4.85
C THR A 29 15.88 -2.00 3.70
N PRO A 30 15.97 -0.85 3.02
CA PRO A 30 16.95 -0.61 1.95
C PRO A 30 18.32 -0.24 2.53
N ASP A 31 19.36 -0.49 1.75
CA ASP A 31 20.73 -0.21 2.20
C ASP A 31 21.13 1.19 1.75
N PRO A 32 22.21 1.78 2.34
CA PRO A 32 22.67 3.13 2.01
C PRO A 32 22.67 3.45 0.50
N ALA A 33 23.11 2.50 -0.33
CA ALA A 33 23.16 2.71 -1.76
C ALA A 33 21.77 2.71 -2.39
N ALA A 34 20.87 1.93 -1.82
CA ALA A 34 19.53 1.79 -2.36
C ALA A 34 18.72 3.06 -2.10
N LEU A 35 18.85 3.58 -0.88
CA LEU A 35 18.11 4.76 -0.47
C LEU A 35 18.38 5.95 -1.39
N LYS A 36 19.63 6.11 -1.80
CA LYS A 36 20.02 7.22 -2.65
C LYS A 36 19.98 6.83 -4.13
N ASP A 37 19.31 5.73 -4.43
CA ASP A 37 19.26 5.22 -5.80
C ASP A 37 17.98 5.68 -6.49
N ARG A 38 18.09 5.98 -7.77
CA ARG A 38 16.96 6.46 -8.57
C ARG A 38 15.81 5.45 -8.58
N ARG A 39 16.15 4.17 -8.62
CA ARG A 39 15.13 3.11 -8.64
C ARG A 39 14.26 3.19 -7.38
N MET A 40 14.90 3.45 -6.25
CA MET A 40 14.19 3.59 -4.98
C MET A 40 13.25 4.78 -5.05
N GLU A 41 13.71 5.86 -5.66
CA GLU A 41 12.92 7.07 -5.82
C GLU A 41 11.65 6.78 -6.62
N ASN A 42 11.77 5.95 -7.65
CA ASN A 42 10.62 5.53 -8.45
C ASN A 42 9.67 4.72 -7.58
N LEU A 43 10.22 3.90 -6.69
CA LEU A 43 9.41 3.11 -5.76
C LEU A 43 8.62 4.03 -4.84
N VAL A 44 9.31 5.00 -4.24
CA VAL A 44 8.63 5.99 -3.36
C VAL A 44 7.58 6.76 -4.15
N ALA A 45 7.88 7.05 -5.41
CA ALA A 45 6.98 7.82 -6.25
C ALA A 45 5.65 7.10 -6.42
N TYR A 46 5.72 5.77 -6.56
CA TYR A 46 4.52 4.96 -6.68
C TYR A 46 3.69 5.05 -5.41
N ALA A 47 4.37 5.03 -4.27
CA ALA A 47 3.72 5.15 -2.98
C ALA A 47 3.05 6.52 -2.85
N LYS A 48 3.75 7.53 -3.35
CA LYS A 48 3.30 8.91 -3.27
C LYS A 48 1.99 9.12 -4.03
N LYS A 49 1.93 8.65 -5.28
CA LYS A 49 0.73 8.82 -6.08
C LYS A 49 -0.46 8.07 -5.48
N VAL A 50 -0.20 6.86 -4.96
CA VAL A 50 -1.24 6.09 -4.30
C VAL A 50 -1.82 6.87 -3.13
N GLU A 51 -0.95 7.56 -2.39
CA GLU A 51 -1.39 8.42 -1.30
C GLU A 51 -2.42 9.42 -1.80
N GLY A 52 -2.15 10.00 -2.97
CA GLY A 52 -3.03 11.00 -3.53
C GLY A 52 -4.39 10.44 -3.93
N ASP A 53 -4.38 9.34 -4.65
CA ASP A 53 -5.63 8.72 -5.11
C ASP A 53 -6.44 8.22 -3.92
N MET A 54 -5.74 7.66 -2.95
CA MET A 54 -6.38 7.16 -1.73
C MET A 54 -7.02 8.32 -0.98
N TYR A 55 -6.27 9.39 -0.82
CA TYR A 55 -6.74 10.59 -0.11
C TYR A 55 -8.01 11.13 -0.79
N GLU A 56 -8.00 11.12 -2.12
CA GLU A 56 -9.15 11.57 -2.89
C GLU A 56 -10.35 10.63 -2.74
N SER A 57 -10.09 9.33 -2.85
CA SER A 57 -11.16 8.34 -2.94
C SER A 57 -11.72 7.94 -1.57
N ALA A 58 -10.88 7.97 -0.53
CA ALA A 58 -11.28 7.55 0.82
C ALA A 58 -12.54 8.26 1.28
N ASN A 59 -12.41 9.55 1.58
CA ASN A 59 -13.54 10.37 2.04
C ASN A 59 -14.25 9.76 3.27
N SER A 60 -13.57 8.86 3.98
CA SER A 60 -14.05 8.33 5.26
C SER A 60 -12.87 7.76 6.04
N ARG A 61 -13.00 7.62 7.35
CA ARG A 61 -11.90 7.11 8.17
C ARG A 61 -11.61 5.64 7.84
N ASP A 62 -12.66 4.83 7.87
CA ASP A 62 -12.52 3.39 7.66
C ASP A 62 -12.05 3.08 6.25
N GLU A 63 -12.64 3.77 5.27
CA GLU A 63 -12.25 3.65 3.87
C GLU A 63 -10.77 3.97 3.68
N TYR A 64 -10.30 4.96 4.43
CA TYR A 64 -8.92 5.45 4.32
C TYR A 64 -7.94 4.33 4.66
N TYR A 65 -8.16 3.66 5.78
CA TYR A 65 -7.32 2.50 6.16
C TYR A 65 -7.58 1.33 5.20
N HIS A 66 -8.86 1.13 4.86
CA HIS A 66 -9.30 0.00 4.03
C HIS A 66 -8.55 -0.03 2.70
N LEU A 67 -8.36 1.13 2.09
CA LEU A 67 -7.74 1.21 0.78
C LEU A 67 -6.29 0.75 0.83
N LEU A 68 -5.60 1.07 1.92
CA LEU A 68 -4.22 0.62 2.11
C LEU A 68 -4.17 -0.89 2.21
N ALA A 69 -5.13 -1.46 2.93
CA ALA A 69 -5.22 -2.91 3.10
C ALA A 69 -5.35 -3.60 1.75
N GLU A 70 -6.14 -2.99 0.87
CA GLU A 70 -6.32 -3.49 -0.48
C GLU A 70 -5.00 -3.49 -1.24
N LYS A 71 -4.30 -2.36 -1.20
CA LYS A 71 -3.07 -2.20 -1.96
C LYS A 71 -1.99 -3.13 -1.45
N ILE A 72 -1.82 -3.16 -0.14
CA ILE A 72 -0.75 -3.95 0.48
C ILE A 72 -0.95 -5.45 0.25
N TYR A 73 -2.19 -5.92 0.29
CA TYR A 73 -2.46 -7.35 0.12
C TYR A 73 -2.06 -7.80 -1.28
N LYS A 74 -2.52 -7.07 -2.30
CA LYS A 74 -2.23 -7.42 -3.67
C LYS A 74 -0.73 -7.33 -3.99
N ILE A 75 -0.01 -6.35 -3.43
CA ILE A 75 1.43 -6.26 -3.66
C ILE A 75 2.11 -7.51 -3.11
N GLN A 76 1.80 -7.81 -1.86
CA GLN A 76 2.32 -9.00 -1.19
C GLN A 76 1.96 -10.25 -1.98
N LYS A 77 0.69 -10.33 -2.39
CA LYS A 77 0.20 -11.49 -3.13
C LYS A 77 0.95 -11.65 -4.44
N GLU A 78 1.21 -10.53 -5.10
CA GLU A 78 1.92 -10.53 -6.37
C GLU A 78 3.33 -11.07 -6.18
N LEU A 79 3.99 -10.61 -5.10
CA LEU A 79 5.32 -11.08 -4.75
C LEU A 79 5.32 -12.60 -4.54
N GLU A 80 4.28 -13.11 -3.91
CA GLU A 80 4.19 -14.54 -3.64
C GLU A 80 4.11 -15.34 -4.93
N GLU A 81 3.21 -14.92 -5.81
CA GLU A 81 3.00 -15.62 -7.08
C GLU A 81 4.25 -15.50 -7.95
N LYS A 82 4.87 -14.32 -7.94
CA LYS A 82 6.08 -14.07 -8.70
C LYS A 82 7.22 -14.96 -8.21
N ARG A 83 7.30 -15.11 -6.89
CA ARG A 83 8.37 -15.91 -6.27
C ARG A 83 8.12 -17.39 -6.54
N ARG A 84 6.84 -17.79 -6.53
CA ARG A 84 6.47 -19.19 -6.64
C ARG A 84 6.64 -19.70 -8.07
N SER A 85 6.55 -18.79 -9.04
CA SER A 85 6.62 -19.17 -10.44
C SER A 85 8.07 -19.17 -10.95
N ARG A 86 8.99 -18.84 -10.05
CA ARG A 86 10.43 -18.80 -10.33
C ARG A 86 10.87 -19.83 -11.37
N LEU A 87 11.25 -19.32 -12.52
CA LEU A 87 11.74 -20.15 -13.62
C LEU A 87 13.01 -20.90 -13.21
N ASP B 1 -3.84 -1.68 -17.81
CA ASP B 1 -4.40 -2.92 -18.38
C ASP B 1 -3.82 -4.17 -17.70
N ALA B 2 -3.23 -3.97 -16.53
CA ALA B 2 -2.69 -5.06 -15.74
C ALA B 2 -3.13 -4.93 -14.28
N GLY B 3 -4.12 -4.07 -14.07
CA GLY B 3 -4.57 -3.80 -12.72
C GLY B 3 -3.79 -2.67 -12.09
N ASN B 4 -4.29 -2.17 -10.98
CA ASN B 4 -3.62 -1.11 -10.24
C ASN B 4 -2.57 -1.70 -9.31
N ILE B 5 -1.70 -2.53 -9.86
CA ILE B 5 -0.66 -3.18 -9.09
C ILE B 5 0.65 -3.17 -9.88
N LEU B 6 1.77 -3.27 -9.16
CA LEU B 6 3.07 -2.94 -9.73
C LEU B 6 3.55 -4.04 -10.67
N PRO B 7 4.07 -3.64 -11.84
CA PRO B 7 4.56 -4.57 -12.84
C PRO B 7 5.95 -5.13 -12.52
N SER B 8 6.51 -5.90 -13.44
CA SER B 8 7.77 -6.58 -13.21
C SER B 8 8.90 -5.63 -12.81
N ASP B 9 8.95 -4.47 -13.45
CA ASP B 9 10.09 -3.53 -13.28
C ASP B 9 10.36 -3.23 -11.80
N ILE B 10 9.32 -2.82 -11.08
CA ILE B 10 9.45 -2.54 -9.65
C ILE B 10 9.72 -3.82 -8.85
N MET B 11 8.93 -4.86 -9.15
CA MET B 11 8.98 -6.10 -8.39
C MET B 11 10.32 -6.80 -8.54
N ASP B 12 10.87 -6.80 -9.74
CA ASP B 12 12.16 -7.41 -10.00
C ASP B 12 13.26 -6.69 -9.25
N PHE B 13 13.17 -5.36 -9.16
CA PHE B 13 14.16 -4.57 -8.44
C PHE B 13 14.26 -5.02 -6.98
N VAL B 14 13.13 -5.13 -6.30
CA VAL B 14 13.14 -5.55 -4.89
C VAL B 14 13.64 -6.99 -4.75
N LEU B 15 13.25 -7.86 -5.67
CA LEU B 15 13.74 -9.23 -5.68
C LEU B 15 15.27 -9.26 -5.87
N LYS B 16 15.77 -8.34 -6.71
CA LYS B 16 17.20 -8.29 -7.02
C LYS B 16 18.00 -7.78 -5.82
N ASN B 17 17.45 -6.82 -5.10
CA ASN B 17 18.16 -6.25 -3.95
C ASN B 17 17.77 -6.99 -2.69
N THR B 18 18.76 -7.46 -1.95
CA THR B 18 18.52 -8.25 -0.76
C THR B 18 19.56 -7.93 0.30
N PRO B 19 19.13 -7.60 1.53
CA PRO B 19 20.03 -7.37 2.66
C PRO B 19 20.83 -8.63 3.00
N ASP C 1 -17.09 -12.42 -12.01
CA ASP C 1 -16.20 -11.44 -11.38
C ASP C 1 -16.37 -10.06 -12.01
N SER C 2 -16.27 -10.01 -13.33
CA SER C 2 -16.49 -8.76 -14.06
C SER C 2 -17.91 -8.21 -13.88
N VAL C 3 -18.86 -9.10 -13.62
CA VAL C 3 -20.26 -8.69 -13.47
C VAL C 3 -20.48 -8.03 -12.10
N THR C 4 -20.34 -8.80 -11.04
CA THR C 4 -20.55 -8.30 -9.69
C THR C 4 -19.23 -7.90 -9.04
N ASP C 5 -18.42 -7.20 -9.81
CA ASP C 5 -17.07 -6.82 -9.38
C ASP C 5 -17.09 -6.01 -8.10
N SER C 6 -17.96 -5.00 -8.05
CA SER C 6 -17.99 -4.11 -6.91
C SER C 6 -18.34 -4.86 -5.61
N GLN C 7 -19.43 -5.63 -5.64
CA GLN C 7 -19.81 -6.46 -4.49
C GLN C 7 -18.72 -7.48 -4.16
N LYS C 8 -18.24 -8.20 -5.16
CA LYS C 8 -17.27 -9.25 -4.94
C LYS C 8 -15.96 -8.70 -4.38
N ARG C 9 -15.45 -7.64 -5.00
CA ARG C 9 -14.20 -7.02 -4.55
C ARG C 9 -14.30 -6.68 -3.08
N ARG C 10 -15.38 -6.04 -2.69
CA ARG C 10 -15.59 -5.69 -1.29
C ARG C 10 -15.72 -6.96 -0.45
N GLU C 11 -16.47 -7.91 -0.96
CA GLU C 11 -16.71 -9.18 -0.28
C GLU C 11 -15.41 -9.91 0.07
N ILE C 12 -14.45 -9.98 -0.86
CA ILE C 12 -13.24 -10.76 -0.59
C ILE C 12 -12.47 -10.17 0.58
N LEU C 13 -12.40 -8.84 0.65
CA LEU C 13 -11.68 -8.18 1.73
C LEU C 13 -12.38 -8.45 3.05
N SER C 14 -13.70 -8.33 3.04
CA SER C 14 -14.51 -8.58 4.23
C SER C 14 -14.32 -10.00 4.78
N ARG C 15 -14.14 -10.97 3.88
CA ARG C 15 -13.93 -12.36 4.29
C ARG C 15 -12.54 -12.82 3.87
N ARG C 16 -11.54 -12.00 4.16
CA ARG C 16 -10.17 -12.34 3.85
C ARG C 16 -9.38 -12.52 5.14
N PRO C 17 -9.05 -13.77 5.51
CA PRO C 17 -8.27 -14.04 6.73
C PRO C 17 -6.91 -13.35 6.72
N TYR C 19 -6.51 -10.37 5.21
CA TYR C 19 -6.89 -8.97 5.45
C TYR C 19 -6.96 -8.69 6.93
N ARG C 20 -7.59 -9.61 7.65
CA ARG C 20 -7.76 -9.50 9.10
C ARG C 20 -6.41 -9.37 9.79
N LYS C 21 -5.43 -10.18 9.37
CA LYS C 21 -4.10 -10.16 9.97
C LYS C 21 -3.42 -8.80 9.76
N ILE C 22 -3.32 -8.38 8.51
CA ILE C 22 -2.61 -7.15 8.18
C ILE C 22 -3.37 -5.92 8.64
N LEU C 23 -4.68 -6.07 8.85
CA LEU C 23 -5.51 -5.00 9.36
C LEU C 23 -5.05 -4.58 10.75
N ASN C 24 -4.72 -5.56 11.57
CA ASN C 24 -4.05 -5.29 12.85
C ASN C 24 -2.63 -4.75 12.63
N ASP C 25 -1.87 -5.44 11.77
CA ASP C 25 -0.44 -5.19 11.60
C ASP C 25 -0.11 -3.80 11.04
N LEU C 26 -0.78 -3.42 9.96
CA LEU C 26 -0.43 -2.20 9.21
C LEU C 26 -0.56 -0.96 10.07
N SER C 27 -1.60 -0.89 10.87
CA SER C 27 -1.90 0.32 11.61
C SER C 27 -0.89 0.55 12.71
N SER C 28 -0.42 -0.53 13.32
CA SER C 28 0.47 -0.46 14.47
C SER C 28 0.08 0.67 15.43
N ASP C 29 -1.23 0.95 15.50
CA ASP C 29 -1.77 2.07 16.27
C ASP C 29 -1.25 3.38 15.67
N ALA C 30 -1.73 3.67 14.44
CA ALA C 30 -1.22 4.78 13.60
C ALA C 30 -0.96 6.06 14.40
N PRO C 31 0.30 6.31 14.78
CA PRO C 31 0.67 7.51 15.51
C PRO C 31 0.58 8.77 14.65
N GLY C 32 -0.13 9.77 15.14
CA GLY C 32 -0.06 11.08 14.53
C GLY C 32 -1.34 11.89 14.68
N VAL C 33 -1.52 12.52 15.84
CA VAL C 33 -2.72 13.31 16.14
C VAL C 33 -2.41 14.28 17.28
N PRO C 34 -2.74 15.57 17.13
CA PRO C 34 -2.53 16.57 18.19
C PRO C 34 -3.54 16.41 19.31
N GLY A 1 -23.44 26.42 1.48
CA GLY A 1 -23.04 25.23 0.75
C GLY A 1 -21.55 24.93 0.87
N VAL A 2 -21.00 25.00 2.08
CA VAL A 2 -19.58 24.70 2.29
C VAL A 2 -19.38 23.97 3.61
N ARG A 3 -19.50 22.65 3.57
CA ARG A 3 -19.31 21.84 4.76
C ARG A 3 -18.46 20.63 4.43
N LYS A 4 -17.15 20.81 4.49
CA LYS A 4 -16.21 19.72 4.23
C LYS A 4 -14.92 19.98 5.00
N GLY A 5 -15.04 20.05 6.31
CA GLY A 5 -13.90 20.35 7.15
C GLY A 5 -13.39 19.14 7.92
N TRP A 6 -13.93 17.98 7.63
CA TRP A 6 -13.52 16.76 8.32
C TRP A 6 -12.14 16.30 7.88
N HIS A 7 -11.63 16.84 6.77
CA HIS A 7 -10.30 16.47 6.29
C HIS A 7 -9.23 17.25 7.04
N GLU A 8 -9.66 18.06 7.99
CA GLU A 8 -8.75 18.94 8.73
C GLU A 8 -8.17 18.21 9.95
N HIS A 9 -8.77 17.08 10.29
CA HIS A 9 -8.29 16.30 11.43
C HIS A 9 -7.17 15.35 10.99
N VAL A 10 -6.84 15.41 9.70
CA VAL A 10 -5.74 14.64 9.16
C VAL A 10 -4.49 15.52 9.09
N THR A 11 -3.45 15.11 9.78
CA THR A 11 -2.23 15.89 9.87
C THR A 11 -1.17 15.35 8.92
N GLN A 12 -0.07 16.07 8.79
CA GLN A 12 1.07 15.59 8.00
C GLN A 12 1.59 14.28 8.58
N ASP A 13 1.61 14.20 9.92
CA ASP A 13 2.12 13.04 10.63
C ASP A 13 1.39 11.76 10.21
N LEU A 14 0.07 11.82 10.18
CA LEU A 14 -0.75 10.68 9.74
C LEU A 14 -0.38 10.28 8.32
N ARG A 15 -0.16 11.29 7.48
CA ARG A 15 0.22 11.05 6.09
C ARG A 15 1.57 10.36 6.01
N SER A 16 2.54 10.91 6.74
CA SER A 16 3.91 10.41 6.72
C SER A 16 3.93 8.92 7.07
N HIS A 17 3.15 8.55 8.07
CA HIS A 17 3.05 7.16 8.50
C HIS A 17 2.46 6.28 7.40
N LEU A 18 1.44 6.81 6.72
CA LEU A 18 0.76 6.05 5.68
C LEU A 18 1.72 5.77 4.51
N VAL A 19 2.39 6.82 4.04
CA VAL A 19 3.31 6.69 2.91
C VAL A 19 4.50 5.81 3.29
N HIS A 20 5.03 6.03 4.48
CA HIS A 20 6.21 5.30 4.96
C HIS A 20 5.93 3.79 5.02
N LYS A 21 4.81 3.42 5.62
CA LYS A 21 4.43 2.01 5.71
C LYS A 21 4.20 1.42 4.32
N LEU A 22 3.66 2.24 3.42
CA LEU A 22 3.43 1.82 2.03
C LEU A 22 4.76 1.36 1.40
N VAL A 23 5.82 2.13 1.64
CA VAL A 23 7.15 1.77 1.20
C VAL A 23 7.64 0.50 1.90
N GLN A 24 7.48 0.47 3.22
CA GLN A 24 7.93 -0.67 4.05
C GLN A 24 7.34 -1.98 3.55
N ALA A 25 6.10 -1.90 3.09
CA ALA A 25 5.38 -3.05 2.58
C ALA A 25 6.17 -3.74 1.47
N ILE A 26 6.83 -2.95 0.65
CA ILE A 26 7.65 -3.48 -0.44
C ILE A 26 9.11 -3.62 -0.01
N PHE A 27 9.60 -2.65 0.74
CA PHE A 27 10.98 -2.67 1.23
C PHE A 27 10.97 -2.70 2.75
N PRO A 28 10.97 -3.90 3.35
CA PRO A 28 10.89 -4.07 4.81
C PRO A 28 12.06 -3.43 5.54
N THR A 29 13.24 -3.57 4.97
CA THR A 29 14.43 -2.99 5.55
C THR A 29 15.45 -2.64 4.47
N PRO A 30 15.27 -1.49 3.79
CA PRO A 30 16.20 -1.03 2.77
C PRO A 30 17.52 -0.57 3.38
N ASP A 31 18.62 -0.80 2.68
CA ASP A 31 19.93 -0.45 3.20
C ASP A 31 20.22 1.03 2.95
N PRO A 32 21.09 1.67 3.75
CA PRO A 32 21.38 3.10 3.66
C PRO A 32 21.63 3.57 2.22
N ALA A 33 22.39 2.80 1.46
CA ALA A 33 22.78 3.19 0.12
C ALA A 33 21.66 2.92 -0.89
N ALA A 34 20.72 2.07 -0.52
CA ALA A 34 19.58 1.78 -1.38
C ALA A 34 18.63 2.96 -1.42
N LEU A 35 18.51 3.60 -0.26
CA LEU A 35 17.58 4.72 -0.08
C LEU A 35 17.99 5.94 -0.90
N LYS A 36 19.26 5.99 -1.31
CA LYS A 36 19.77 7.11 -2.06
C LYS A 36 19.78 6.81 -3.56
N ASP A 37 19.18 5.69 -3.95
CA ASP A 37 19.20 5.27 -5.34
C ASP A 37 17.91 5.69 -6.02
N ARG A 38 18.01 6.06 -7.30
CA ARG A 38 16.85 6.55 -8.04
C ARG A 38 15.79 5.48 -8.20
N ARG A 39 16.22 4.24 -8.42
CA ARG A 39 15.29 3.12 -8.56
C ARG A 39 14.40 3.01 -7.33
N MET A 40 15.03 3.02 -6.16
CA MET A 40 14.33 2.96 -4.89
C MET A 40 13.51 4.23 -4.67
N GLU A 41 14.10 5.36 -5.03
CA GLU A 41 13.45 6.66 -4.89
C GLU A 41 12.10 6.69 -5.61
N ASN A 42 12.05 6.05 -6.78
CA ASN A 42 10.81 5.93 -7.54
C ASN A 42 9.73 5.28 -6.69
N LEU A 43 10.11 4.30 -5.88
CA LEU A 43 9.16 3.63 -4.98
C LEU A 43 8.54 4.64 -4.03
N VAL A 44 9.36 5.53 -3.48
CA VAL A 44 8.84 6.58 -2.60
C VAL A 44 7.91 7.51 -3.37
N ALA A 45 8.27 7.79 -4.62
CA ALA A 45 7.46 8.65 -5.46
C ALA A 45 6.11 8.00 -5.73
N TYR A 46 6.16 6.71 -6.02
CA TYR A 46 4.96 5.93 -6.28
C TYR A 46 4.10 5.87 -5.02
N ALA A 47 4.74 5.70 -3.86
CA ALA A 47 4.04 5.66 -2.59
C ALA A 47 3.28 6.97 -2.37
N LYS A 48 3.95 8.08 -2.72
CA LYS A 48 3.37 9.42 -2.64
C LYS A 48 2.19 9.57 -3.61
N LYS A 49 2.35 9.04 -4.82
CA LYS A 49 1.28 9.12 -5.81
C LYS A 49 0.06 8.34 -5.33
N VAL A 50 0.29 7.15 -4.80
CA VAL A 50 -0.78 6.36 -4.19
C VAL A 50 -1.48 7.16 -3.11
N GLU A 51 -0.70 7.80 -2.24
CA GLU A 51 -1.26 8.62 -1.18
C GLU A 51 -2.18 9.70 -1.77
N GLY A 52 -1.75 10.30 -2.88
CA GLY A 52 -2.54 11.33 -3.51
C GLY A 52 -3.86 10.83 -4.05
N ASP A 53 -3.80 9.74 -4.82
CA ASP A 53 -5.01 9.14 -5.41
C ASP A 53 -5.91 8.60 -4.31
N MET A 54 -5.30 8.04 -3.28
CA MET A 54 -6.04 7.47 -2.17
C MET A 54 -6.85 8.56 -1.47
N TYR A 55 -6.20 9.69 -1.20
CA TYR A 55 -6.88 10.82 -0.58
C TYR A 55 -8.11 11.26 -1.39
N GLU A 56 -8.03 11.18 -2.73
CA GLU A 56 -9.15 11.54 -3.59
C GLU A 56 -10.31 10.55 -3.40
N SER A 57 -9.97 9.26 -3.35
CA SER A 57 -10.96 8.20 -3.35
C SER A 57 -11.42 7.82 -1.95
N ALA A 58 -10.46 7.55 -1.08
CA ALA A 58 -10.72 7.13 0.30
C ALA A 58 -11.71 8.05 1.00
N ASN A 59 -11.29 9.30 1.20
CA ASN A 59 -12.15 10.35 1.77
C ASN A 59 -12.48 10.13 3.25
N SER A 60 -12.29 8.91 3.75
CA SER A 60 -12.67 8.57 5.11
C SER A 60 -11.55 7.81 5.80
N ARG A 61 -11.53 7.81 7.12
CA ARG A 61 -10.44 7.17 7.87
C ARG A 61 -10.42 5.65 7.68
N ASP A 62 -11.58 5.01 7.85
CA ASP A 62 -11.67 3.56 7.71
C ASP A 62 -11.36 3.15 6.28
N GLU A 63 -11.94 3.86 5.32
CA GLU A 63 -11.66 3.68 3.91
C GLU A 63 -10.16 3.82 3.59
N TYR A 64 -9.43 4.72 4.29
CA TYR A 64 -7.98 4.85 4.06
C TYR A 64 -7.30 3.49 4.24
N TYR A 65 -7.57 2.86 5.37
CA TYR A 65 -6.96 1.57 5.69
C TYR A 65 -7.45 0.50 4.73
N HIS A 66 -8.75 0.50 4.47
CA HIS A 66 -9.39 -0.53 3.64
C HIS A 66 -8.77 -0.58 2.25
N LEU A 67 -8.61 0.60 1.64
CA LEU A 67 -8.01 0.67 0.30
C LEU A 67 -6.55 0.23 0.33
N LEU A 68 -5.84 0.61 1.39
CA LEU A 68 -4.44 0.21 1.55
C LEU A 68 -4.31 -1.29 1.72
N ALA A 69 -5.17 -1.88 2.55
CA ALA A 69 -5.14 -3.31 2.83
C ALA A 69 -5.45 -4.10 1.56
N GLU A 70 -6.41 -3.61 0.81
CA GLU A 70 -6.78 -4.20 -0.48
C GLU A 70 -5.60 -4.12 -1.44
N LYS A 71 -5.00 -2.94 -1.50
CA LYS A 71 -3.91 -2.65 -2.43
C LYS A 71 -2.67 -3.49 -2.11
N ILE A 72 -2.26 -3.46 -0.86
CA ILE A 72 -1.04 -4.15 -0.46
C ILE A 72 -1.13 -5.66 -0.67
N TYR A 73 -2.31 -6.26 -0.42
CA TYR A 73 -2.45 -7.71 -0.51
C TYR A 73 -2.24 -8.21 -1.93
N LYS A 74 -2.88 -7.55 -2.90
CA LYS A 74 -2.80 -7.99 -4.30
C LYS A 74 -1.37 -7.86 -4.83
N ILE A 75 -0.70 -6.77 -4.47
CA ILE A 75 0.68 -6.55 -4.90
C ILE A 75 1.61 -7.54 -4.22
N GLN A 76 1.46 -7.66 -2.90
CA GLN A 76 2.21 -8.64 -2.11
C GLN A 76 2.00 -10.05 -2.65
N LYS A 77 0.76 -10.36 -3.03
CA LYS A 77 0.42 -11.65 -3.63
C LYS A 77 1.25 -11.85 -4.89
N GLU A 78 1.40 -10.78 -5.66
CA GLU A 78 2.21 -10.81 -6.87
C GLU A 78 3.67 -11.14 -6.54
N LEU A 79 4.17 -10.56 -5.45
CA LEU A 79 5.53 -10.83 -5.01
C LEU A 79 5.67 -12.30 -4.66
N GLU A 80 4.66 -12.84 -3.99
CA GLU A 80 4.66 -14.25 -3.61
C GLU A 80 4.59 -15.16 -4.84
N GLU A 81 3.71 -14.82 -5.76
CA GLU A 81 3.54 -15.60 -6.99
C GLU A 81 4.85 -15.62 -7.78
N LYS A 82 5.53 -14.48 -7.80
CA LYS A 82 6.85 -14.38 -8.44
C LYS A 82 7.88 -15.25 -7.72
N ARG A 83 7.82 -15.25 -6.39
CA ARG A 83 8.82 -15.93 -5.58
C ARG A 83 8.60 -17.43 -5.56
N ARG A 84 7.36 -17.84 -5.30
CA ARG A 84 7.03 -19.24 -5.08
C ARG A 84 7.14 -20.06 -6.37
N SER A 85 6.96 -19.41 -7.50
CA SER A 85 7.05 -20.11 -8.78
C SER A 85 8.47 -20.01 -9.33
N ARG A 86 9.39 -19.49 -8.51
CA ARG A 86 10.80 -19.37 -8.86
C ARG A 86 11.00 -18.40 -10.01
N LEU A 87 11.00 -17.12 -9.72
CA LEU A 87 11.35 -16.11 -10.70
C LEU A 87 12.75 -16.36 -11.25
N ASP B 1 1.27 4.76 -16.00
CA ASP B 1 0.10 5.28 -15.30
C ASP B 1 -0.54 4.20 -14.45
N ALA B 2 0.31 3.36 -13.86
CA ALA B 2 -0.15 2.33 -12.95
C ALA B 2 -0.83 2.98 -11.76
N GLY B 3 -2.05 2.53 -11.48
CA GLY B 3 -2.84 3.14 -10.43
C GLY B 3 -2.60 2.52 -9.09
N ASN B 4 -3.58 1.76 -8.62
CA ASN B 4 -3.51 1.18 -7.28
C ASN B 4 -2.85 -0.19 -7.28
N ILE B 5 -2.27 -0.58 -8.40
CA ILE B 5 -1.55 -1.85 -8.50
C ILE B 5 -0.18 -1.61 -9.13
N LEU B 6 0.88 -2.08 -8.48
CA LEU B 6 2.24 -1.83 -8.93
C LEU B 6 2.60 -2.75 -10.09
N PRO B 7 3.30 -2.21 -11.09
CA PRO B 7 3.70 -2.96 -12.29
C PRO B 7 4.91 -3.86 -12.06
N SER B 8 5.24 -4.67 -13.05
CA SER B 8 6.28 -5.68 -12.91
C SER B 8 7.62 -5.08 -12.45
N ASP B 9 8.00 -3.95 -13.05
CA ASP B 9 9.33 -3.36 -12.83
C ASP B 9 9.64 -3.16 -11.35
N ILE B 10 8.72 -2.55 -10.61
CA ILE B 10 8.94 -2.30 -9.18
C ILE B 10 9.05 -3.62 -8.42
N MET B 11 8.21 -4.58 -8.82
CA MET B 11 8.19 -5.91 -8.19
C MET B 11 9.51 -6.63 -8.43
N ASP B 12 10.00 -6.54 -9.66
CA ASP B 12 11.26 -7.15 -10.06
C ASP B 12 12.42 -6.63 -9.22
N PHE B 13 12.41 -5.32 -8.94
CA PHE B 13 13.51 -4.69 -8.24
C PHE B 13 13.69 -5.26 -6.83
N VAL B 14 12.61 -5.33 -6.06
CA VAL B 14 12.72 -5.81 -4.68
C VAL B 14 13.13 -7.27 -4.61
N LEU B 15 12.60 -8.09 -5.52
CA LEU B 15 13.00 -9.49 -5.61
C LEU B 15 14.47 -9.62 -6.02
N LYS B 16 14.92 -8.75 -6.92
CA LYS B 16 16.27 -8.83 -7.47
C LYS B 16 17.31 -8.29 -6.48
N ASN B 17 16.99 -7.19 -5.82
CA ASN B 17 17.95 -6.50 -4.95
C ASN B 17 17.83 -7.01 -3.52
N THR B 18 18.96 -7.39 -2.94
CA THR B 18 19.00 -7.83 -1.56
C THR B 18 19.63 -6.76 -0.68
N PRO B 19 18.87 -6.25 0.32
CA PRO B 19 19.38 -5.24 1.24
C PRO B 19 20.48 -5.79 2.14
N ASP C 1 -15.31 -16.70 -13.97
CA ASP C 1 -14.26 -16.21 -13.08
C ASP C 1 -13.60 -14.96 -13.63
N SER C 2 -13.54 -14.86 -14.96
CA SER C 2 -12.94 -13.70 -15.61
C SER C 2 -13.94 -12.55 -15.67
N VAL C 3 -15.21 -12.91 -15.73
CA VAL C 3 -16.30 -11.93 -15.78
C VAL C 3 -16.48 -11.27 -14.42
N THR C 4 -16.70 -12.08 -13.42
CA THR C 4 -16.92 -11.58 -12.06
C THR C 4 -15.63 -11.58 -11.27
N ASP C 5 -14.53 -11.32 -11.94
CA ASP C 5 -13.21 -11.31 -11.28
C ASP C 5 -13.17 -10.21 -10.22
N SER C 6 -13.65 -9.04 -10.60
CA SER C 6 -13.68 -7.90 -9.68
C SER C 6 -14.55 -8.21 -8.46
N GLN C 7 -15.76 -8.74 -8.69
CA GLN C 7 -16.62 -9.16 -7.60
C GLN C 7 -15.95 -10.26 -6.78
N LYS C 8 -15.34 -11.22 -7.47
CA LYS C 8 -14.63 -12.30 -6.79
C LYS C 8 -13.52 -11.75 -5.90
N ARG C 9 -12.71 -10.84 -6.44
CA ARG C 9 -11.63 -10.22 -5.67
C ARG C 9 -12.19 -9.54 -4.43
N ARG C 10 -13.31 -8.85 -4.60
CA ARG C 10 -13.97 -8.19 -3.46
C ARG C 10 -14.35 -9.22 -2.39
N GLU C 11 -14.93 -10.32 -2.85
CA GLU C 11 -15.33 -11.42 -1.97
C GLU C 11 -14.17 -12.00 -1.16
N ILE C 12 -12.98 -12.12 -1.77
CA ILE C 12 -11.87 -12.84 -1.14
C ILE C 12 -11.52 -12.25 0.23
N LEU C 13 -11.58 -10.91 0.32
CA LEU C 13 -11.24 -10.21 1.56
C LEU C 13 -12.06 -10.73 2.73
N SER C 14 -13.33 -10.99 2.45
CA SER C 14 -14.28 -11.41 3.47
C SER C 14 -13.79 -12.65 4.22
N ARG C 15 -13.08 -13.53 3.53
CA ARG C 15 -12.50 -14.71 4.16
C ARG C 15 -11.10 -14.94 3.60
N ARG C 16 -10.23 -13.96 3.82
CA ARG C 16 -8.88 -14.02 3.27
C ARG C 16 -7.84 -14.12 4.38
N PRO C 17 -7.28 -15.33 4.60
CA PRO C 17 -6.39 -15.64 5.73
C PRO C 17 -5.34 -14.54 6.01
N TYR C 19 -4.77 -11.63 4.61
CA TYR C 19 -5.34 -10.28 4.66
C TYR C 19 -5.93 -10.00 6.02
N ARG C 20 -6.65 -10.98 6.55
CA ARG C 20 -7.26 -10.87 7.87
C ARG C 20 -6.19 -10.66 8.94
N LYS C 21 -5.11 -11.44 8.84
CA LYS C 21 -4.00 -11.36 9.78
C LYS C 21 -3.42 -9.94 9.82
N ILE C 22 -3.07 -9.41 8.67
CA ILE C 22 -2.47 -8.08 8.59
C ILE C 22 -3.50 -7.00 8.89
N LEU C 23 -4.75 -7.25 8.50
CA LEU C 23 -5.83 -6.27 8.71
C LEU C 23 -5.97 -5.95 10.20
N ASN C 24 -5.97 -6.97 11.04
CA ASN C 24 -6.02 -6.76 12.49
C ASN C 24 -4.78 -6.03 13.00
N ASP C 25 -3.60 -6.55 12.65
CA ASP C 25 -2.33 -6.03 13.17
C ASP C 25 -2.02 -4.61 12.70
N LEU C 26 -2.13 -4.39 11.41
CA LEU C 26 -1.72 -3.14 10.78
C LEU C 26 -2.58 -1.97 11.27
N SER C 27 -3.89 -2.21 11.43
CA SER C 27 -4.82 -1.15 11.78
C SER C 27 -4.74 -0.78 13.26
N SER C 28 -3.90 -1.48 13.99
CA SER C 28 -3.81 -1.31 15.43
C SER C 28 -3.08 -0.02 15.79
N ASP C 29 -2.62 0.73 14.79
CA ASP C 29 -1.85 1.93 15.07
C ASP C 29 -1.60 2.74 13.79
N ALA C 30 -2.58 3.51 13.38
CA ALA C 30 -2.37 4.60 12.42
C ALA C 30 -2.10 5.90 13.17
N PRO C 31 -0.82 6.21 13.45
CA PRO C 31 -0.43 7.40 14.22
C PRO C 31 -0.77 8.69 13.49
N GLY C 32 -0.92 9.77 14.24
CA GLY C 32 -1.45 10.99 13.67
C GLY C 32 -2.03 11.94 14.71
N VAL C 33 -1.17 12.77 15.28
CA VAL C 33 -1.57 13.76 16.28
C VAL C 33 -0.60 14.94 16.23
N PRO C 34 -1.11 16.17 16.14
CA PRO C 34 -0.26 17.37 16.14
C PRO C 34 0.45 17.57 17.47
N GLY A 1 -17.25 20.69 -5.81
CA GLY A 1 -15.94 20.06 -5.80
C GLY A 1 -15.62 19.57 -4.41
N VAL A 2 -15.89 20.42 -3.42
CA VAL A 2 -15.85 20.00 -2.04
C VAL A 2 -17.29 19.87 -1.54
N ARG A 3 -17.60 18.76 -0.87
CA ARG A 3 -18.98 18.46 -0.49
C ARG A 3 -19.03 17.28 0.49
N LYS A 4 -17.87 16.71 0.75
CA LYS A 4 -17.73 15.63 1.73
C LYS A 4 -16.27 15.64 2.22
N GLY A 5 -16.08 16.06 3.46
CA GLY A 5 -14.73 16.34 3.91
C GLY A 5 -14.38 15.65 5.22
N TRP A 6 -14.57 14.34 5.26
CA TRP A 6 -14.20 13.57 6.43
C TRP A 6 -12.70 13.29 6.42
N HIS A 7 -12.13 13.21 5.21
CA HIS A 7 -10.68 13.03 5.07
C HIS A 7 -9.91 14.21 5.64
N GLU A 8 -10.61 15.32 5.86
CA GLU A 8 -10.00 16.52 6.40
C GLU A 8 -9.48 16.29 7.83
N HIS A 9 -9.99 15.26 8.49
CA HIS A 9 -9.58 14.96 9.87
C HIS A 9 -8.29 14.14 9.89
N VAL A 10 -7.92 13.58 8.74
CA VAL A 10 -6.64 12.89 8.62
C VAL A 10 -5.53 13.91 8.41
N THR A 11 -4.42 13.73 9.14
CA THR A 11 -3.32 14.68 9.06
C THR A 11 -2.23 14.16 8.12
N GLN A 12 -1.34 15.05 7.69
CA GLN A 12 -0.25 14.66 6.79
C GLN A 12 0.60 13.55 7.40
N ASP A 13 0.84 13.65 8.71
CA ASP A 13 1.69 12.71 9.41
C ASP A 13 1.11 11.31 9.37
N LEU A 14 -0.19 11.19 9.65
CA LEU A 14 -0.87 9.90 9.61
C LEU A 14 -0.69 9.25 8.24
N ARG A 15 -0.84 10.06 7.19
CA ARG A 15 -0.66 9.57 5.84
C ARG A 15 0.78 9.12 5.65
N SER A 16 1.70 9.95 6.11
CA SER A 16 3.14 9.73 5.92
C SER A 16 3.54 8.37 6.48
N HIS A 17 2.96 8.00 7.62
CA HIS A 17 3.23 6.69 8.21
C HIS A 17 2.77 5.59 7.27
N LEU A 18 1.57 5.77 6.72
CA LEU A 18 0.99 4.80 5.80
C LEU A 18 1.80 4.74 4.50
N VAL A 19 2.21 5.90 4.01
CA VAL A 19 3.07 5.97 2.80
C VAL A 19 4.40 5.28 3.07
N HIS A 20 4.94 5.51 4.26
CA HIS A 20 6.18 4.87 4.69
C HIS A 20 5.99 3.35 4.69
N LYS A 21 4.84 2.90 5.17
CA LYS A 21 4.49 1.49 5.15
C LYS A 21 4.46 0.95 3.73
N LEU A 22 3.98 1.77 2.79
CA LEU A 22 3.88 1.37 1.40
C LEU A 22 5.27 1.06 0.84
N VAL A 23 6.23 1.92 1.19
CA VAL A 23 7.63 1.68 0.84
C VAL A 23 8.18 0.45 1.55
N GLN A 24 7.92 0.38 2.86
CA GLN A 24 8.39 -0.73 3.71
C GLN A 24 7.94 -2.07 3.15
N ALA A 25 6.75 -2.07 2.58
CA ALA A 25 6.16 -3.28 2.00
C ALA A 25 7.09 -3.90 0.97
N ILE A 26 7.74 -3.05 0.18
CA ILE A 26 8.67 -3.52 -0.84
C ILE A 26 10.10 -3.54 -0.31
N PHE A 27 10.46 -2.50 0.43
CA PHE A 27 11.81 -2.36 0.95
C PHE A 27 11.80 -2.31 2.47
N PRO A 28 11.98 -3.46 3.14
CA PRO A 28 11.97 -3.53 4.60
C PRO A 28 13.14 -2.79 5.23
N THR A 29 14.31 -2.93 4.62
CA THR A 29 15.50 -2.28 5.11
C THR A 29 16.46 -1.95 3.96
N PRO A 30 16.44 -0.70 3.49
CA PRO A 30 17.35 -0.23 2.45
C PRO A 30 18.72 0.15 3.01
N ASP A 31 19.77 -0.20 2.28
CA ASP A 31 21.13 0.11 2.70
C ASP A 31 21.49 1.55 2.33
N PRO A 32 22.49 2.15 2.98
CA PRO A 32 22.86 3.57 2.77
C PRO A 32 22.93 3.98 1.30
N ALA A 33 23.50 3.12 0.47
CA ALA A 33 23.72 3.44 -0.93
C ALA A 33 22.43 3.29 -1.75
N ALA A 34 21.51 2.48 -1.26
CA ALA A 34 20.23 2.28 -1.92
C ALA A 34 19.36 3.51 -1.76
N LEU A 35 19.45 4.11 -0.59
CA LEU A 35 18.63 5.25 -0.22
C LEU A 35 18.97 6.50 -1.04
N LYS A 36 20.21 6.56 -1.52
CA LYS A 36 20.66 7.71 -2.30
C LYS A 36 20.49 7.46 -3.79
N ASP A 37 19.87 6.34 -4.13
CA ASP A 37 19.74 5.91 -5.52
C ASP A 37 18.41 6.37 -6.11
N ARG A 38 18.45 6.69 -7.40
CA ARG A 38 17.28 7.15 -8.14
C ARG A 38 16.18 6.09 -8.15
N ARG A 39 16.58 4.82 -8.27
CA ARG A 39 15.63 3.71 -8.25
C ARG A 39 14.78 3.77 -6.97
N MET A 40 15.42 4.09 -5.86
CA MET A 40 14.74 4.21 -4.58
C MET A 40 13.76 5.37 -4.59
N GLU A 41 14.18 6.49 -5.19
CA GLU A 41 13.34 7.68 -5.27
C GLU A 41 12.05 7.35 -6.02
N ASN A 42 12.19 6.58 -7.10
CA ASN A 42 11.04 6.14 -7.89
C ASN A 42 10.04 5.39 -7.02
N LEU A 43 10.56 4.55 -6.12
CA LEU A 43 9.72 3.79 -5.20
C LEU A 43 8.96 4.74 -4.26
N VAL A 44 9.69 5.71 -3.69
CA VAL A 44 9.05 6.71 -2.82
C VAL A 44 8.05 7.54 -3.61
N ALA A 45 8.40 7.87 -4.84
CA ALA A 45 7.57 8.71 -5.68
C ALA A 45 6.25 8.03 -5.99
N TYR A 46 6.32 6.73 -6.26
CA TYR A 46 5.12 5.95 -6.51
C TYR A 46 4.25 5.89 -5.26
N ALA A 47 4.90 5.72 -4.10
CA ALA A 47 4.19 5.65 -2.83
C ALA A 47 3.49 6.98 -2.57
N LYS A 48 4.17 8.07 -2.88
CA LYS A 48 3.64 9.41 -2.71
C LYS A 48 2.44 9.65 -3.62
N LYS A 49 2.56 9.22 -4.87
CA LYS A 49 1.49 9.38 -5.85
C LYS A 49 0.25 8.62 -5.39
N VAL A 50 0.45 7.37 -5.00
CA VAL A 50 -0.62 6.53 -4.50
C VAL A 50 -1.31 7.16 -3.29
N GLU A 51 -0.51 7.77 -2.40
CA GLU A 51 -1.05 8.46 -1.23
C GLU A 51 -2.09 9.49 -1.67
N GLY A 52 -1.78 10.19 -2.76
CA GLY A 52 -2.67 11.23 -3.25
C GLY A 52 -4.00 10.67 -3.71
N ASP A 53 -3.97 9.55 -4.43
CA ASP A 53 -5.18 8.96 -4.99
C ASP A 53 -6.11 8.51 -3.88
N MET A 54 -5.52 7.93 -2.84
CA MET A 54 -6.28 7.40 -1.72
C MET A 54 -6.98 8.53 -0.97
N TYR A 55 -6.21 9.57 -0.68
CA TYR A 55 -6.70 10.70 0.11
C TYR A 55 -7.96 11.29 -0.55
N GLU A 56 -7.90 11.41 -1.87
CA GLU A 56 -9.02 11.95 -2.65
C GLU A 56 -10.21 10.99 -2.68
N SER A 57 -9.97 9.72 -2.95
CA SER A 57 -11.05 8.77 -3.26
C SER A 57 -11.61 8.12 -2.01
N ALA A 58 -10.79 7.95 -0.99
CA ALA A 58 -11.22 7.31 0.26
C ALA A 58 -12.23 8.17 0.99
N ASN A 59 -11.80 9.38 1.33
CA ASN A 59 -12.62 10.36 2.04
C ASN A 59 -13.13 9.86 3.40
N SER A 60 -12.66 8.71 3.85
CA SER A 60 -13.03 8.19 5.16
C SER A 60 -11.83 7.49 5.77
N ARG A 61 -11.70 7.50 7.09
CA ARG A 61 -10.53 6.91 7.74
C ARG A 61 -10.48 5.40 7.50
N ASP A 62 -11.59 4.73 7.75
CA ASP A 62 -11.66 3.28 7.63
C ASP A 62 -11.47 2.85 6.18
N GLU A 63 -12.12 3.57 5.27
CA GLU A 63 -11.99 3.30 3.84
C GLU A 63 -10.55 3.55 3.37
N TYR A 64 -9.93 4.57 3.93
CA TYR A 64 -8.52 4.90 3.61
C TYR A 64 -7.63 3.71 3.97
N TYR A 65 -7.89 3.12 5.12
CA TYR A 65 -7.18 1.91 5.54
C TYR A 65 -7.52 0.74 4.61
N HIS A 66 -8.79 0.64 4.24
CA HIS A 66 -9.29 -0.45 3.40
C HIS A 66 -8.59 -0.50 2.05
N LEU A 67 -8.53 0.65 1.39
CA LEU A 67 -8.00 0.72 0.03
C LEU A 67 -6.53 0.34 0.00
N LEU A 68 -5.77 0.85 0.96
CA LEU A 68 -4.36 0.54 1.06
C LEU A 68 -4.13 -0.93 1.41
N ALA A 69 -4.94 -1.46 2.33
CA ALA A 69 -4.85 -2.87 2.71
C ALA A 69 -5.14 -3.76 1.52
N GLU A 70 -6.13 -3.36 0.73
CA GLU A 70 -6.50 -4.08 -0.48
C GLU A 70 -5.35 -4.07 -1.49
N LYS A 71 -4.73 -2.91 -1.67
CA LYS A 71 -3.66 -2.74 -2.63
C LYS A 71 -2.45 -3.58 -2.23
N ILE A 72 -2.04 -3.43 -0.97
CA ILE A 72 -0.84 -4.11 -0.48
C ILE A 72 -1.03 -5.64 -0.47
N TYR A 73 -2.23 -6.10 -0.13
CA TYR A 73 -2.48 -7.55 -0.03
C TYR A 73 -2.32 -8.21 -1.39
N LYS A 74 -3.00 -7.65 -2.40
CA LYS A 74 -3.01 -8.24 -3.73
C LYS A 74 -1.60 -8.41 -4.28
N ILE A 75 -0.82 -7.35 -4.19
CA ILE A 75 0.51 -7.34 -4.80
C ILE A 75 1.42 -8.30 -4.06
N GLN A 76 1.39 -8.22 -2.74
CA GLN A 76 2.16 -9.13 -1.90
C GLN A 76 1.84 -10.59 -2.21
N LYS A 77 0.55 -10.89 -2.38
CA LYS A 77 0.12 -12.25 -2.72
C LYS A 77 0.70 -12.67 -4.08
N GLU A 78 0.73 -11.73 -5.01
CA GLU A 78 1.34 -11.97 -6.32
C GLU A 78 2.82 -12.29 -6.17
N LEU A 79 3.51 -11.53 -5.31
CA LEU A 79 4.91 -11.79 -5.01
C LEU A 79 5.08 -13.18 -4.40
N GLU A 80 4.13 -13.56 -3.55
CA GLU A 80 4.16 -14.87 -2.93
C GLU A 80 4.06 -15.96 -3.99
N GLU A 81 3.06 -15.84 -4.87
CA GLU A 81 2.85 -16.82 -5.93
C GLU A 81 4.04 -16.82 -6.89
N LYS A 82 4.58 -15.65 -7.19
CA LYS A 82 5.72 -15.52 -8.07
C LYS A 82 6.92 -16.31 -7.55
N ARG A 83 7.19 -16.19 -6.26
CA ARG A 83 8.36 -16.82 -5.66
C ARG A 83 8.15 -18.33 -5.54
N ARG A 84 6.91 -18.73 -5.38
CA ARG A 84 6.57 -20.14 -5.29
C ARG A 84 6.63 -20.80 -6.66
N SER A 85 6.57 -19.99 -7.70
CA SER A 85 6.61 -20.49 -9.07
C SER A 85 8.03 -20.46 -9.62
N ARG A 86 8.99 -20.15 -8.74
CA ARG A 86 10.41 -20.20 -9.05
C ARG A 86 10.77 -21.39 -9.94
N LEU A 87 11.70 -21.16 -10.86
CA LEU A 87 12.19 -22.19 -11.77
C LEU A 87 12.60 -23.46 -11.00
N ASP B 1 -9.34 4.35 -8.67
CA ASP B 1 -8.38 3.25 -8.69
C ASP B 1 -7.22 3.62 -9.61
N ALA B 2 -6.48 4.65 -9.25
CA ALA B 2 -5.40 5.15 -10.10
C ALA B 2 -4.07 4.47 -9.75
N GLY B 3 -3.92 3.23 -10.20
CA GLY B 3 -2.73 2.47 -9.90
C GLY B 3 -2.97 1.48 -8.80
N ASN B 4 -3.46 0.31 -9.16
CA ASN B 4 -3.78 -0.73 -8.19
C ASN B 4 -2.56 -1.60 -7.88
N ILE B 5 -1.98 -2.21 -8.90
CA ILE B 5 -0.90 -3.17 -8.69
C ILE B 5 0.44 -2.50 -9.02
N LEU B 6 1.50 -2.92 -8.33
CA LEU B 6 2.83 -2.40 -8.59
C LEU B 6 3.42 -3.05 -9.85
N PRO B 7 3.95 -2.22 -10.76
CA PRO B 7 4.51 -2.70 -12.03
C PRO B 7 5.86 -3.40 -11.85
N SER B 8 6.26 -4.17 -12.86
CA SER B 8 7.43 -5.03 -12.75
C SER B 8 8.68 -4.25 -12.31
N ASP B 9 8.84 -3.05 -12.84
CA ASP B 9 10.05 -2.26 -12.60
C ASP B 9 10.33 -2.06 -11.11
N ILE B 10 9.29 -1.74 -10.34
CA ILE B 10 9.45 -1.54 -8.91
C ILE B 10 9.85 -2.85 -8.22
N MET B 11 9.21 -3.94 -8.67
CA MET B 11 9.53 -5.28 -8.18
C MET B 11 10.99 -5.61 -8.43
N ASP B 12 11.47 -5.19 -9.60
CA ASP B 12 12.85 -5.43 -10.01
C ASP B 12 13.84 -4.96 -8.97
N PHE B 13 13.57 -3.82 -8.33
CA PHE B 13 14.53 -3.25 -7.38
C PHE B 13 14.81 -4.22 -6.23
N VAL B 14 13.75 -4.70 -5.58
CA VAL B 14 13.89 -5.61 -4.45
C VAL B 14 14.40 -6.99 -4.89
N LEU B 15 13.91 -7.47 -6.03
CA LEU B 15 14.36 -8.75 -6.58
C LEU B 15 15.83 -8.69 -6.92
N LYS B 16 16.28 -7.56 -7.48
CA LYS B 16 17.69 -7.39 -7.86
C LYS B 16 18.55 -7.18 -6.62
N ASN B 17 18.12 -6.30 -5.73
CA ASN B 17 18.85 -6.05 -4.49
C ASN B 17 17.98 -6.29 -3.27
N THR B 18 18.50 -7.10 -2.38
CA THR B 18 17.85 -7.39 -1.13
C THR B 18 18.85 -7.21 0.01
N PRO B 19 19.01 -5.96 0.49
CA PRO B 19 20.02 -5.61 1.49
C PRO B 19 19.69 -6.18 2.86
N ASP C 1 -18.12 -15.90 -14.71
CA ASP C 1 -17.24 -15.79 -13.56
C ASP C 1 -16.27 -14.62 -13.69
N SER C 2 -15.59 -14.52 -14.84
CA SER C 2 -14.61 -13.45 -15.06
C SER C 2 -15.26 -12.06 -15.02
N VAL C 3 -16.53 -11.98 -15.41
CA VAL C 3 -17.25 -10.71 -15.34
C VAL C 3 -17.50 -10.33 -13.89
N THR C 4 -18.02 -11.28 -13.13
CA THR C 4 -18.30 -11.07 -11.72
C THR C 4 -17.04 -11.26 -10.87
N ASP C 5 -15.89 -11.29 -11.54
CA ASP C 5 -14.61 -11.45 -10.86
C ASP C 5 -14.42 -10.37 -9.82
N SER C 6 -14.80 -9.14 -10.16
CA SER C 6 -14.74 -8.02 -9.22
C SER C 6 -15.55 -8.32 -7.95
N GLN C 7 -16.79 -8.78 -8.12
CA GLN C 7 -17.64 -9.13 -6.99
C GLN C 7 -17.03 -10.32 -6.23
N LYS C 8 -16.53 -11.28 -7.01
CA LYS C 8 -15.88 -12.44 -6.49
C LYS C 8 -14.68 -12.04 -5.61
N ARG C 9 -13.87 -11.14 -6.13
CA ARG C 9 -12.73 -10.60 -5.40
C ARG C 9 -13.21 -9.85 -4.15
N ARG C 10 -14.27 -9.06 -4.34
CA ARG C 10 -14.84 -8.28 -3.25
C ARG C 10 -15.24 -9.15 -2.07
N GLU C 11 -15.83 -10.31 -2.38
CA GLU C 11 -16.25 -11.25 -1.36
C GLU C 11 -15.07 -11.68 -0.49
N ILE C 12 -13.90 -11.90 -1.10
CA ILE C 12 -12.72 -12.31 -0.35
C ILE C 12 -12.34 -11.20 0.62
N LEU C 13 -12.44 -9.95 0.15
CA LEU C 13 -12.11 -8.80 0.99
C LEU C 13 -13.09 -8.68 2.16
N SER C 14 -14.37 -8.91 1.86
CA SER C 14 -15.43 -8.83 2.86
C SER C 14 -15.17 -9.76 4.05
N ARG C 15 -14.42 -10.83 3.83
CA ARG C 15 -14.07 -11.75 4.90
C ARG C 15 -12.75 -12.46 4.57
N ARG C 16 -11.65 -11.75 4.76
CA ARG C 16 -10.32 -12.29 4.48
C ARG C 16 -9.55 -12.48 5.78
N PRO C 17 -9.12 -13.72 6.05
CA PRO C 17 -8.42 -14.08 7.29
C PRO C 17 -7.17 -13.26 7.55
N TYR C 19 -6.59 -10.27 6.29
CA TYR C 19 -7.04 -8.93 6.63
C TYR C 19 -7.42 -8.87 8.08
N ARG C 20 -8.09 -9.89 8.57
CA ARG C 20 -8.44 -9.96 9.99
C ARG C 20 -7.16 -9.85 10.82
N LYS C 21 -6.10 -10.49 10.34
CA LYS C 21 -4.79 -10.40 10.95
C LYS C 21 -4.21 -8.97 10.86
N ILE C 22 -4.02 -8.47 9.64
CA ILE C 22 -3.32 -7.20 9.46
C ILE C 22 -4.18 -6.00 9.81
N LEU C 23 -5.48 -6.06 9.51
CA LEU C 23 -6.39 -4.93 9.76
C LEU C 23 -6.30 -4.48 11.21
N ASN C 24 -6.36 -5.44 12.13
CA ASN C 24 -6.26 -5.10 13.55
C ASN C 24 -4.87 -4.59 13.93
N ASP C 25 -3.84 -5.36 13.60
CA ASP C 25 -2.45 -5.02 14.00
C ASP C 25 -1.90 -3.78 13.29
N LEU C 26 -2.02 -3.78 11.98
CA LEU C 26 -1.49 -2.71 11.13
C LEU C 26 -2.08 -1.35 11.52
N SER C 27 -3.37 -1.31 11.85
CA SER C 27 -3.99 -0.05 12.27
C SER C 27 -3.79 0.23 13.76
N SER C 28 -3.21 -0.74 14.48
CA SER C 28 -3.13 -0.67 15.93
C SER C 28 -2.25 0.48 16.41
N ASP C 29 -1.41 1.02 15.53
CA ASP C 29 -0.52 2.09 15.92
C ASP C 29 -0.29 3.06 14.77
N ALA C 30 -1.36 3.72 14.36
CA ALA C 30 -1.27 4.85 13.44
C ALA C 30 -1.59 6.15 14.19
N PRO C 31 -0.72 6.61 15.11
CA PRO C 31 -1.02 7.76 15.96
C PRO C 31 -0.99 9.08 15.21
N GLY C 32 -2.06 9.86 15.29
CA GLY C 32 -2.01 11.21 14.83
C GLY C 32 -3.21 11.97 15.32
N VAL C 33 -3.17 13.28 15.14
CA VAL C 33 -4.29 14.15 15.45
C VAL C 33 -4.32 14.48 16.95
N PRO C 34 -3.75 15.63 17.32
CA PRO C 34 -3.74 16.10 18.71
C PRO C 34 -4.98 16.92 19.03
N GLY A 1 -12.72 24.00 8.05
CA GLY A 1 -12.18 24.83 6.99
C GLY A 1 -13.06 24.89 5.75
N VAL A 2 -13.10 23.81 4.97
CA VAL A 2 -13.79 23.87 3.68
C VAL A 2 -14.61 22.62 3.39
N ARG A 3 -15.65 22.45 4.18
CA ARG A 3 -16.72 21.46 3.94
C ARG A 3 -16.24 20.00 4.14
N LYS A 4 -14.93 19.80 4.20
CA LYS A 4 -14.36 18.46 4.28
C LYS A 4 -13.13 18.50 5.18
N GLY A 5 -13.37 18.49 6.49
CA GLY A 5 -12.30 18.74 7.45
C GLY A 5 -11.58 17.50 7.91
N TRP A 6 -11.70 16.42 7.15
CA TRP A 6 -10.96 15.18 7.42
C TRP A 6 -9.47 15.46 7.62
N HIS A 7 -8.95 16.45 6.92
CA HIS A 7 -7.54 16.84 7.01
C HIS A 7 -7.17 17.26 8.44
N GLU A 8 -8.17 17.66 9.21
CA GLU A 8 -7.92 18.23 10.51
C GLU A 8 -7.50 17.18 11.53
N HIS A 9 -8.01 15.96 11.40
CA HIS A 9 -7.59 14.88 12.27
C HIS A 9 -6.78 13.85 11.49
N VAL A 10 -6.60 14.08 10.19
CA VAL A 10 -5.76 13.24 9.35
C VAL A 10 -4.67 14.12 8.77
N THR A 11 -3.50 14.07 9.37
CA THR A 11 -2.48 15.07 9.08
C THR A 11 -1.42 14.55 8.14
N GLN A 12 -0.58 15.45 7.65
CA GLN A 12 0.57 15.05 6.82
C GLN A 12 1.45 14.07 7.59
N ASP A 13 1.61 14.32 8.89
CA ASP A 13 2.41 13.44 9.75
C ASP A 13 1.81 12.04 9.78
N LEU A 14 0.51 11.95 10.04
CA LEU A 14 -0.19 10.66 10.06
C LEU A 14 -0.04 9.94 8.73
N ARG A 15 -0.31 10.66 7.64
CA ARG A 15 -0.22 10.09 6.29
C ARG A 15 1.20 9.59 6.01
N SER A 16 2.20 10.35 6.48
CA SER A 16 3.60 9.99 6.27
C SER A 16 3.88 8.57 6.77
N HIS A 17 3.27 8.21 7.89
CA HIS A 17 3.42 6.87 8.45
C HIS A 17 2.84 5.84 7.50
N LEU A 18 1.68 6.17 6.96
CA LEU A 18 0.95 5.28 6.05
C LEU A 18 1.71 5.10 4.74
N VAL A 19 2.21 6.19 4.19
CA VAL A 19 3.06 6.11 2.98
C VAL A 19 4.29 5.25 3.25
N HIS A 20 4.87 5.41 4.43
CA HIS A 20 6.05 4.65 4.82
C HIS A 20 5.78 3.15 4.81
N LYS A 21 4.62 2.74 5.35
CA LYS A 21 4.27 1.32 5.39
C LYS A 21 4.20 0.75 3.98
N LEU A 22 3.74 1.55 3.02
CA LEU A 22 3.68 1.13 1.62
C LEU A 22 5.07 0.70 1.15
N VAL A 23 6.06 1.56 1.40
CA VAL A 23 7.44 1.22 1.09
C VAL A 23 7.95 0.05 1.93
N GLN A 24 7.72 0.13 3.24
CA GLN A 24 8.23 -0.88 4.19
C GLN A 24 7.79 -2.28 3.81
N ALA A 25 6.56 -2.39 3.32
CA ALA A 25 6.00 -3.67 2.89
C ALA A 25 6.87 -4.33 1.84
N ILE A 26 7.42 -3.52 0.94
CA ILE A 26 8.20 -4.02 -0.18
C ILE A 26 9.69 -4.00 0.14
N PHE A 27 10.13 -2.94 0.82
CA PHE A 27 11.51 -2.82 1.24
C PHE A 27 11.59 -2.80 2.76
N PRO A 28 11.66 -3.98 3.40
CA PRO A 28 11.66 -4.09 4.87
C PRO A 28 12.81 -3.33 5.51
N THR A 29 13.99 -3.42 4.91
CA THR A 29 15.16 -2.74 5.42
C THR A 29 16.07 -2.32 4.27
N PRO A 30 15.88 -1.11 3.73
CA PRO A 30 16.70 -0.57 2.64
C PRO A 30 18.14 -0.35 3.10
N ASP A 31 19.10 -0.76 2.27
CA ASP A 31 20.51 -0.59 2.59
C ASP A 31 20.99 0.78 2.07
N PRO A 32 22.16 1.25 2.53
CA PRO A 32 22.64 2.60 2.17
C PRO A 32 22.64 2.85 0.66
N ALA A 33 23.00 1.84 -0.14
CA ALA A 33 23.08 2.02 -1.59
C ALA A 33 21.69 2.01 -2.22
N ALA A 34 20.72 1.43 -1.52
CA ALA A 34 19.35 1.40 -2.02
C ALA A 34 18.73 2.78 -1.92
N LEU A 35 18.94 3.41 -0.77
CA LEU A 35 18.33 4.70 -0.47
C LEU A 35 18.86 5.82 -1.38
N LYS A 36 19.98 5.57 -2.04
CA LYS A 36 20.56 6.56 -2.93
C LYS A 36 20.22 6.26 -4.39
N ASP A 37 19.44 5.21 -4.64
CA ASP A 37 19.23 4.74 -6.00
C ASP A 37 17.94 5.33 -6.58
N ARG A 38 18.02 5.70 -7.85
CA ARG A 38 16.91 6.32 -8.57
C ARG A 38 15.69 5.40 -8.63
N ARG A 39 15.94 4.10 -8.82
CA ARG A 39 14.86 3.13 -8.93
C ARG A 39 14.12 3.03 -7.60
N MET A 40 14.89 3.05 -6.51
CA MET A 40 14.33 3.01 -5.17
C MET A 40 13.53 4.29 -4.90
N GLU A 41 14.11 5.42 -5.32
CA GLU A 41 13.42 6.71 -5.21
C GLU A 41 12.09 6.67 -5.95
N ASN A 42 12.08 6.03 -7.12
CA ASN A 42 10.87 5.88 -7.91
C ASN A 42 9.79 5.15 -7.10
N LEU A 43 10.22 4.15 -6.32
CA LEU A 43 9.30 3.40 -5.47
C LEU A 43 8.68 4.30 -4.42
N VAL A 44 9.52 5.09 -3.75
CA VAL A 44 9.02 6.03 -2.73
C VAL A 44 8.13 7.08 -3.40
N ALA A 45 8.53 7.50 -4.59
CA ALA A 45 7.77 8.49 -5.34
C ALA A 45 6.41 7.93 -5.69
N TYR A 46 6.41 6.66 -6.03
CA TYR A 46 5.18 5.94 -6.37
C TYR A 46 4.29 5.84 -5.14
N ALA A 47 4.90 5.62 -3.97
CA ALA A 47 4.16 5.44 -2.73
C ALA A 47 3.28 6.66 -2.44
N LYS A 48 3.83 7.86 -2.67
CA LYS A 48 3.09 9.11 -2.50
C LYS A 48 1.89 9.15 -3.43
N LYS A 49 2.16 8.84 -4.69
CA LYS A 49 1.11 8.82 -5.72
C LYS A 49 -0.04 7.89 -5.31
N VAL A 50 0.30 6.69 -4.87
CA VAL A 50 -0.69 5.75 -4.39
C VAL A 50 -1.44 6.30 -3.17
N GLU A 51 -0.69 6.92 -2.27
CA GLU A 51 -1.25 7.59 -1.10
C GLU A 51 -2.30 8.60 -1.54
N GLY A 52 -2.01 9.30 -2.63
CA GLY A 52 -2.94 10.27 -3.17
C GLY A 52 -4.25 9.62 -3.60
N ASP A 53 -4.13 8.46 -4.26
CA ASP A 53 -5.30 7.72 -4.72
C ASP A 53 -6.23 7.40 -3.58
N MET A 54 -5.64 7.05 -2.44
CA MET A 54 -6.40 6.61 -1.28
C MET A 54 -7.26 7.73 -0.75
N TYR A 55 -6.65 8.88 -0.49
CA TYR A 55 -7.36 10.00 0.10
C TYR A 55 -8.42 10.54 -0.85
N GLU A 56 -8.08 10.60 -2.15
CA GLU A 56 -8.97 11.18 -3.15
C GLU A 56 -10.29 10.40 -3.22
N SER A 57 -10.20 9.09 -3.12
CA SER A 57 -11.39 8.25 -3.22
C SER A 57 -11.98 7.90 -1.84
N ALA A 58 -11.15 7.99 -0.80
CA ALA A 58 -11.55 7.66 0.57
C ALA A 58 -12.76 8.45 1.01
N ASN A 59 -12.58 9.77 1.20
CA ASN A 59 -13.62 10.67 1.67
C ASN A 59 -14.06 10.35 3.11
N SER A 60 -13.45 9.34 3.72
CA SER A 60 -13.74 8.96 5.09
C SER A 60 -12.55 8.18 5.66
N ARG A 61 -12.35 8.25 6.97
CA ARG A 61 -11.19 7.63 7.60
C ARG A 61 -11.22 6.10 7.49
N ASP A 62 -12.40 5.51 7.69
CA ASP A 62 -12.52 4.05 7.66
C ASP A 62 -12.21 3.49 6.27
N GLU A 63 -12.72 4.17 5.26
CA GLU A 63 -12.45 3.80 3.86
C GLU A 63 -10.96 3.97 3.56
N TYR A 64 -10.38 5.02 4.13
CA TYR A 64 -8.96 5.35 3.92
C TYR A 64 -8.08 4.16 4.30
N TYR A 65 -8.32 3.60 5.49
CA TYR A 65 -7.57 2.43 5.93
C TYR A 65 -7.88 1.22 5.04
N HIS A 66 -9.17 1.04 4.73
CA HIS A 66 -9.61 -0.08 3.90
C HIS A 66 -8.89 -0.11 2.57
N LEU A 67 -8.85 1.03 1.90
CA LEU A 67 -8.27 1.12 0.57
C LEU A 67 -6.77 0.83 0.61
N LEU A 68 -6.09 1.34 1.62
CA LEU A 68 -4.66 1.10 1.76
C LEU A 68 -4.39 -0.38 1.98
N ALA A 69 -5.09 -0.99 2.93
CA ALA A 69 -4.86 -2.39 3.27
C ALA A 69 -5.19 -3.29 2.09
N GLU A 70 -6.28 -2.96 1.41
CA GLU A 70 -6.75 -3.75 0.29
C GLU A 70 -5.75 -3.73 -0.87
N LYS A 71 -5.35 -2.51 -1.27
CA LYS A 71 -4.47 -2.35 -2.41
C LYS A 71 -3.07 -2.91 -2.14
N ILE A 72 -2.53 -2.61 -0.96
CA ILE A 72 -1.19 -3.08 -0.61
C ILE A 72 -1.11 -4.60 -0.63
N TYR A 73 -2.17 -5.30 -0.16
CA TYR A 73 -2.18 -6.75 -0.15
C TYR A 73 -2.09 -7.29 -1.57
N LYS A 74 -2.81 -6.65 -2.49
CA LYS A 74 -2.84 -7.09 -3.89
C LYS A 74 -1.42 -7.12 -4.47
N ILE A 75 -0.68 -6.04 -4.31
CA ILE A 75 0.67 -5.95 -4.83
C ILE A 75 1.60 -6.88 -4.06
N GLN A 76 1.42 -6.87 -2.74
CA GLN A 76 2.16 -7.77 -1.85
C GLN A 76 1.98 -9.23 -2.28
N LYS A 77 0.76 -9.57 -2.66
CA LYS A 77 0.43 -10.90 -3.16
C LYS A 77 1.21 -11.19 -4.45
N GLU A 78 1.30 -10.18 -5.30
CA GLU A 78 2.05 -10.28 -6.54
C GLU A 78 3.52 -10.59 -6.25
N LEU A 79 4.06 -9.90 -5.25
CA LEU A 79 5.43 -10.12 -4.79
C LEU A 79 5.58 -11.54 -4.24
N GLU A 80 4.57 -12.00 -3.53
CA GLU A 80 4.59 -13.33 -2.93
C GLU A 80 4.63 -14.39 -4.03
N GLU A 81 3.72 -14.25 -4.99
CA GLU A 81 3.65 -15.17 -6.11
C GLU A 81 4.96 -15.15 -6.90
N LYS A 82 5.53 -13.96 -7.06
CA LYS A 82 6.77 -13.82 -7.80
C LYS A 82 7.91 -14.56 -7.11
N ARG A 83 7.98 -14.47 -5.79
CA ARG A 83 9.07 -15.11 -5.03
C ARG A 83 8.83 -16.62 -4.98
N ARG A 84 7.57 -17.01 -5.01
CA ARG A 84 7.19 -18.43 -4.99
C ARG A 84 7.32 -19.04 -6.39
N SER A 85 7.31 -18.18 -7.39
CA SER A 85 7.30 -18.61 -8.79
C SER A 85 8.57 -19.37 -9.16
N ARG A 86 9.65 -19.12 -8.42
CA ARG A 86 10.98 -19.68 -8.69
C ARG A 86 12.04 -18.85 -7.98
N LEU A 87 13.07 -19.51 -7.47
CA LEU A 87 14.20 -18.84 -6.87
C LEU A 87 14.82 -17.84 -7.86
N ASP B 1 0.94 -1.22 -17.44
CA ASP B 1 -0.12 -0.34 -16.94
C ASP B 1 0.11 -0.01 -15.47
N ALA B 2 1.07 0.87 -15.22
CA ALA B 2 1.38 1.30 -13.87
C ALA B 2 0.37 2.35 -13.39
N GLY B 3 -0.88 1.93 -13.26
CA GLY B 3 -1.92 2.83 -12.83
C GLY B 3 -1.90 3.06 -11.34
N ASN B 4 -2.70 2.31 -10.61
CA ASN B 4 -2.77 2.46 -9.16
C ASN B 4 -2.12 1.28 -8.41
N ILE B 5 -1.46 0.39 -9.13
CA ILE B 5 -0.75 -0.72 -8.51
C ILE B 5 0.64 -0.85 -9.12
N LEU B 6 1.56 -1.39 -8.36
CA LEU B 6 2.95 -1.45 -8.76
C LEU B 6 3.17 -2.56 -9.79
N PRO B 7 3.75 -2.21 -10.95
CA PRO B 7 3.92 -3.14 -12.06
C PRO B 7 5.10 -4.09 -11.89
N SER B 8 5.24 -5.03 -12.80
CA SER B 8 6.24 -6.08 -12.69
C SER B 8 7.66 -5.53 -12.48
N ASP B 9 7.98 -4.45 -13.19
CA ASP B 9 9.33 -3.87 -13.16
C ASP B 9 9.79 -3.56 -11.75
N ILE B 10 8.96 -2.86 -10.98
CA ILE B 10 9.31 -2.48 -9.61
C ILE B 10 9.46 -3.71 -8.74
N MET B 11 8.55 -4.66 -8.94
CA MET B 11 8.60 -5.94 -8.22
C MET B 11 9.89 -6.68 -8.53
N ASP B 12 10.27 -6.67 -9.81
CA ASP B 12 11.51 -7.30 -10.25
C ASP B 12 12.73 -6.68 -9.58
N PHE B 13 12.71 -5.35 -9.43
CA PHE B 13 13.84 -4.65 -8.83
C PHE B 13 14.10 -5.12 -7.39
N VAL B 14 13.05 -5.15 -6.56
CA VAL B 14 13.20 -5.58 -5.18
C VAL B 14 13.57 -7.06 -5.10
N LEU B 15 12.98 -7.88 -5.96
CA LEU B 15 13.30 -9.31 -6.04
C LEU B 15 14.76 -9.51 -6.46
N LYS B 16 15.23 -8.69 -7.40
CA LYS B 16 16.59 -8.82 -7.93
C LYS B 16 17.63 -8.47 -6.86
N ASN B 17 17.24 -7.58 -5.97
CA ASN B 17 18.11 -7.20 -4.85
C ASN B 17 17.80 -8.04 -3.62
N THR B 18 18.70 -8.04 -2.67
CA THR B 18 18.50 -8.76 -1.42
C THR B 18 19.32 -8.11 -0.31
N PRO B 19 18.70 -7.18 0.45
CA PRO B 19 19.38 -6.46 1.53
C PRO B 19 19.93 -7.40 2.59
N ASP C 1 -13.38 -17.44 -12.64
CA ASP C 1 -12.52 -16.52 -11.91
C ASP C 1 -12.33 -15.22 -12.66
N SER C 2 -12.14 -15.33 -13.97
CA SER C 2 -11.88 -14.17 -14.81
C SER C 2 -13.18 -13.45 -15.17
N VAL C 3 -14.26 -14.22 -15.34
CA VAL C 3 -15.56 -13.65 -15.64
C VAL C 3 -16.05 -12.77 -14.49
N THR C 4 -16.21 -13.37 -13.31
CA THR C 4 -16.62 -12.62 -12.13
C THR C 4 -15.41 -12.13 -11.35
N ASP C 5 -14.44 -11.61 -12.09
CA ASP C 5 -13.20 -11.15 -11.50
C ASP C 5 -13.45 -10.04 -10.49
N SER C 6 -14.25 -9.08 -10.91
CA SER C 6 -14.59 -7.94 -10.04
C SER C 6 -15.25 -8.41 -8.75
N GLN C 7 -16.27 -9.26 -8.87
CA GLN C 7 -16.94 -9.82 -7.70
C GLN C 7 -15.98 -10.67 -6.86
N LYS C 8 -15.17 -11.48 -7.54
CA LYS C 8 -14.20 -12.30 -6.86
C LYS C 8 -13.20 -11.47 -6.08
N ARG C 9 -12.71 -10.37 -6.67
CA ARG C 9 -11.82 -9.47 -5.96
C ARG C 9 -12.46 -9.00 -4.66
N ARG C 10 -13.74 -8.68 -4.72
CA ARG C 10 -14.49 -8.32 -3.52
C ARG C 10 -14.53 -9.52 -2.55
N GLU C 11 -14.80 -10.69 -3.12
CA GLU C 11 -14.86 -11.95 -2.38
C GLU C 11 -13.58 -12.23 -1.59
N ILE C 12 -12.43 -11.95 -2.19
CA ILE C 12 -11.15 -12.32 -1.58
C ILE C 12 -11.00 -11.66 -0.21
N LEU C 13 -11.39 -10.38 -0.12
CA LEU C 13 -11.25 -9.66 1.14
C LEU C 13 -12.08 -10.30 2.23
N SER C 14 -13.30 -10.70 1.88
CA SER C 14 -14.22 -11.30 2.83
C SER C 14 -13.67 -12.61 3.42
N ARG C 15 -12.74 -13.25 2.70
CA ARG C 15 -12.16 -14.51 3.17
C ARG C 15 -10.67 -14.53 2.86
N ARG C 16 -9.96 -13.51 3.33
CA ARG C 16 -8.54 -13.39 3.06
C ARG C 16 -7.74 -13.49 4.35
N PRO C 17 -7.15 -14.66 4.63
CA PRO C 17 -6.41 -14.91 5.87
C PRO C 17 -5.23 -13.95 6.08
N TYR C 19 -4.56 -10.95 4.40
CA TYR C 19 -5.06 -9.58 4.46
C TYR C 19 -5.77 -9.31 5.78
N ARG C 20 -6.58 -10.25 6.22
CA ARG C 20 -7.30 -10.12 7.47
C ARG C 20 -6.32 -9.95 8.63
N LYS C 21 -5.25 -10.73 8.59
CA LYS C 21 -4.20 -10.66 9.60
C LYS C 21 -3.63 -9.25 9.69
N ILE C 22 -3.14 -8.72 8.56
CA ILE C 22 -2.54 -7.38 8.56
C ILE C 22 -3.61 -6.34 8.87
N LEU C 23 -4.84 -6.59 8.43
CA LEU C 23 -5.94 -5.67 8.65
C LEU C 23 -6.28 -5.54 10.14
N ASN C 24 -6.44 -6.66 10.82
CA ASN C 24 -6.89 -6.66 12.22
C ASN C 24 -5.89 -6.00 13.17
N ASP C 25 -4.63 -6.41 13.08
CA ASP C 25 -3.61 -5.90 14.00
C ASP C 25 -3.36 -4.41 13.80
N LEU C 26 -3.19 -4.03 12.54
CA LEU C 26 -2.80 -2.68 12.18
C LEU C 26 -3.88 -1.65 12.49
N SER C 27 -5.15 -2.04 12.29
CA SER C 27 -6.29 -1.11 12.33
C SER C 27 -6.50 -0.47 13.69
N SER C 28 -5.63 -0.78 14.64
CA SER C 28 -5.70 -0.20 15.98
C SER C 28 -5.44 1.32 15.99
N ASP C 29 -5.58 1.97 14.82
CA ASP C 29 -5.59 3.42 14.69
C ASP C 29 -4.17 3.99 14.66
N ALA C 30 -3.58 4.01 13.47
CA ALA C 30 -2.25 4.62 13.24
C ALA C 30 -2.01 5.85 14.12
N PRO C 31 -1.06 5.76 15.07
CA PRO C 31 -0.67 6.89 15.91
C PRO C 31 0.01 7.99 15.12
N GLY C 32 -0.52 9.20 15.21
CA GLY C 32 0.14 10.35 14.63
C GLY C 32 -0.04 11.59 15.48
N VAL C 33 -0.73 12.58 14.94
CA VAL C 33 -0.98 13.84 15.63
C VAL C 33 0.33 14.61 15.87
N PRO C 34 0.55 15.69 15.12
CA PRO C 34 1.73 16.53 15.26
C PRO C 34 1.54 17.59 16.35
N GLY A 1 -19.44 26.51 2.06
CA GLY A 1 -19.24 25.75 0.83
C GLY A 1 -18.05 24.82 0.95
N VAL A 2 -16.89 25.38 1.31
CA VAL A 2 -15.71 24.57 1.58
C VAL A 2 -15.72 24.08 3.02
N ARG A 3 -16.24 22.88 3.23
CA ARG A 3 -16.31 22.29 4.56
C ARG A 3 -15.76 20.87 4.52
N LYS A 4 -14.45 20.77 4.62
CA LYS A 4 -13.77 19.47 4.54
C LYS A 4 -12.69 19.39 5.61
N GLY A 5 -13.06 18.81 6.75
CA GLY A 5 -12.16 18.76 7.90
C GLY A 5 -11.39 17.45 8.01
N TRP A 6 -11.47 16.62 6.98
CA TRP A 6 -10.65 15.42 6.91
C TRP A 6 -9.19 15.75 7.18
N HIS A 7 -8.67 16.76 6.49
CA HIS A 7 -7.28 17.21 6.64
C HIS A 7 -7.01 17.70 8.06
N GLU A 8 -8.06 18.03 8.78
CA GLU A 8 -7.90 18.60 10.10
C GLU A 8 -7.61 17.52 11.14
N HIS A 9 -8.17 16.33 10.95
CA HIS A 9 -7.89 15.21 11.85
C HIS A 9 -6.96 14.20 11.18
N VAL A 10 -6.69 14.40 9.89
CA VAL A 10 -5.79 13.56 9.13
C VAL A 10 -4.67 14.44 8.60
N THR A 11 -3.50 14.35 9.20
CA THR A 11 -2.46 15.33 8.96
C THR A 11 -1.40 14.79 8.02
N GLN A 12 -0.54 15.69 7.54
CA GLN A 12 0.59 15.29 6.70
C GLN A 12 1.43 14.25 7.44
N ASP A 13 1.60 14.44 8.75
CA ASP A 13 2.40 13.53 9.56
C ASP A 13 1.84 12.12 9.50
N LEU A 14 0.54 11.98 9.71
CA LEU A 14 -0.13 10.69 9.65
C LEU A 14 0.04 10.06 8.26
N ARG A 15 -0.24 10.84 7.23
CA ARG A 15 -0.17 10.34 5.86
C ARG A 15 1.26 9.92 5.52
N SER A 16 2.23 10.72 5.93
CA SER A 16 3.64 10.42 5.71
C SER A 16 4.02 9.09 6.35
N HIS A 17 3.47 8.84 7.53
CA HIS A 17 3.69 7.57 8.23
C HIS A 17 3.09 6.43 7.42
N LEU A 18 1.92 6.68 6.86
CA LEU A 18 1.21 5.67 6.07
C LEU A 18 1.99 5.33 4.80
N VAL A 19 2.46 6.36 4.11
CA VAL A 19 3.31 6.15 2.90
C VAL A 19 4.57 5.38 3.27
N HIS A 20 5.16 5.72 4.40
CA HIS A 20 6.37 5.06 4.88
C HIS A 20 6.12 3.56 5.01
N LYS A 21 4.93 3.21 5.50
CA LYS A 21 4.52 1.82 5.65
C LYS A 21 4.43 1.14 4.28
N LEU A 22 3.93 1.87 3.29
CA LEU A 22 3.83 1.35 1.92
C LEU A 22 5.21 0.90 1.44
N VAL A 23 6.21 1.75 1.66
CA VAL A 23 7.59 1.41 1.33
C VAL A 23 8.09 0.25 2.19
N GLN A 24 7.82 0.31 3.50
CA GLN A 24 8.28 -0.72 4.44
C GLN A 24 7.81 -2.10 4.02
N ALA A 25 6.59 -2.16 3.52
CA ALA A 25 6.01 -3.41 3.04
C ALA A 25 6.88 -4.03 1.96
N ILE A 26 7.43 -3.17 1.12
CA ILE A 26 8.24 -3.61 -0.01
C ILE A 26 9.71 -3.76 0.40
N PHE A 27 10.16 -2.87 1.27
CA PHE A 27 11.54 -2.87 1.75
C PHE A 27 11.58 -2.94 3.27
N PRO A 28 11.50 -4.16 3.84
CA PRO A 28 11.48 -4.33 5.31
C PRO A 28 12.78 -3.88 5.97
N THR A 29 13.90 -4.23 5.35
CA THR A 29 15.20 -3.87 5.88
C THR A 29 16.09 -3.25 4.78
N PRO A 30 15.85 -1.98 4.38
CA PRO A 30 16.70 -1.30 3.41
C PRO A 30 17.97 -0.74 4.07
N ASP A 31 19.09 -0.84 3.37
CA ASP A 31 20.36 -0.38 3.90
C ASP A 31 20.57 1.10 3.51
N PRO A 32 21.56 1.79 4.10
CA PRO A 32 21.80 3.21 3.80
C PRO A 32 21.93 3.49 2.31
N ALA A 33 22.53 2.58 1.54
CA ALA A 33 22.75 2.80 0.12
C ALA A 33 21.47 2.62 -0.66
N ALA A 34 20.54 1.85 -0.12
CA ALA A 34 19.26 1.64 -0.76
C ALA A 34 18.41 2.89 -0.65
N LEU A 35 18.44 3.50 0.52
CA LEU A 35 17.63 4.68 0.80
C LEU A 35 18.05 5.87 -0.04
N LYS A 36 19.33 5.94 -0.40
CA LYS A 36 19.85 7.06 -1.17
C LYS A 36 19.88 6.74 -2.67
N ASP A 37 19.23 5.65 -3.06
CA ASP A 37 19.29 5.18 -4.43
C ASP A 37 18.12 5.78 -5.24
N ARG A 38 18.45 6.29 -6.42
CA ARG A 38 17.47 6.95 -7.29
C ARG A 38 16.33 6.02 -7.67
N ARG A 39 16.66 4.76 -7.92
CA ARG A 39 15.65 3.77 -8.31
C ARG A 39 14.71 3.51 -7.15
N MET A 40 15.28 3.42 -5.95
CA MET A 40 14.51 3.23 -4.73
C MET A 40 13.64 4.46 -4.47
N GLU A 41 14.22 5.63 -4.73
CA GLU A 41 13.50 6.90 -4.59
C GLU A 41 12.23 6.89 -5.45
N ASN A 42 12.35 6.33 -6.66
CA ASN A 42 11.20 6.18 -7.55
C ASN A 42 10.11 5.35 -6.88
N LEU A 43 10.51 4.31 -6.15
CA LEU A 43 9.57 3.47 -5.43
C LEU A 43 8.80 4.29 -4.41
N VAL A 44 9.50 5.18 -3.71
CA VAL A 44 8.85 6.10 -2.76
C VAL A 44 7.89 7.03 -3.50
N ALA A 45 8.29 7.44 -4.69
CA ALA A 45 7.48 8.35 -5.50
C ALA A 45 6.17 7.67 -5.88
N TYR A 46 6.28 6.38 -6.22
CA TYR A 46 5.10 5.59 -6.52
C TYR A 46 4.25 5.41 -5.27
N ALA A 47 4.90 5.22 -4.12
CA ALA A 47 4.19 5.04 -2.86
C ALA A 47 3.34 6.28 -2.56
N LYS A 48 3.92 7.45 -2.85
CA LYS A 48 3.23 8.73 -2.71
C LYS A 48 1.97 8.77 -3.58
N LYS A 49 2.11 8.34 -4.83
CA LYS A 49 1.01 8.35 -5.79
C LYS A 49 -0.11 7.43 -5.32
N VAL A 50 0.24 6.20 -4.94
CA VAL A 50 -0.73 5.24 -4.43
C VAL A 50 -1.47 5.78 -3.21
N GLU A 51 -0.73 6.38 -2.28
CA GLU A 51 -1.32 6.94 -1.08
C GLU A 51 -2.28 8.06 -1.45
N GLY A 52 -1.89 8.84 -2.44
CA GLY A 52 -2.73 9.92 -2.94
C GLY A 52 -4.07 9.40 -3.40
N ASP A 53 -4.05 8.24 -4.04
CA ASP A 53 -5.25 7.61 -4.57
C ASP A 53 -6.24 7.34 -3.46
N MET A 54 -5.70 6.93 -2.32
CA MET A 54 -6.49 6.53 -1.17
C MET A 54 -7.29 7.71 -0.67
N TYR A 55 -6.63 8.84 -0.49
CA TYR A 55 -7.26 10.02 0.06
C TYR A 55 -8.35 10.53 -0.86
N GLU A 56 -8.09 10.49 -2.17
CA GLU A 56 -9.05 10.97 -3.15
C GLU A 56 -10.32 10.14 -3.14
N SER A 57 -10.15 8.83 -3.01
CA SER A 57 -11.26 7.90 -3.09
C SER A 57 -11.95 7.69 -1.73
N ALA A 58 -11.17 7.82 -0.66
CA ALA A 58 -11.65 7.55 0.69
C ALA A 58 -12.84 8.42 1.08
N ASN A 59 -12.59 9.70 1.27
CA ASN A 59 -13.61 10.65 1.74
C ASN A 59 -14.14 10.26 3.13
N SER A 60 -13.50 9.28 3.78
CA SER A 60 -13.89 8.87 5.13
C SER A 60 -12.70 8.21 5.81
N ARG A 61 -12.72 8.18 7.14
CA ARG A 61 -11.60 7.62 7.90
C ARG A 61 -11.44 6.12 7.65
N ASP A 62 -12.54 5.37 7.76
CA ASP A 62 -12.49 3.91 7.70
C ASP A 62 -12.03 3.43 6.32
N GLU A 63 -12.54 4.04 5.27
CA GLU A 63 -12.17 3.70 3.91
C GLU A 63 -10.69 3.98 3.65
N TYR A 64 -10.18 5.07 4.23
CA TYR A 64 -8.78 5.44 4.02
C TYR A 64 -7.86 4.30 4.45
N TYR A 65 -8.08 3.79 5.65
CA TYR A 65 -7.29 2.65 6.16
C TYR A 65 -7.57 1.40 5.32
N HIS A 66 -8.85 1.16 5.04
CA HIS A 66 -9.28 -0.04 4.30
C HIS A 66 -8.68 -0.06 2.90
N LEU A 67 -8.71 1.05 2.21
CA LEU A 67 -8.24 1.12 0.83
C LEU A 67 -6.76 0.82 0.75
N LEU A 68 -6.00 1.33 1.72
CA LEU A 68 -4.59 1.03 1.81
C LEU A 68 -4.36 -0.46 1.95
N ALA A 69 -5.09 -1.09 2.89
CA ALA A 69 -4.95 -2.52 3.14
C ALA A 69 -5.38 -3.31 1.91
N GLU A 70 -6.47 -2.88 1.31
CA GLU A 70 -7.05 -3.55 0.16
C GLU A 70 -6.06 -3.60 -1.00
N LYS A 71 -5.50 -2.45 -1.35
CA LYS A 71 -4.60 -2.34 -2.47
C LYS A 71 -3.28 -3.06 -2.21
N ILE A 72 -2.74 -2.89 -1.00
CA ILE A 72 -1.45 -3.52 -0.65
C ILE A 72 -1.52 -5.04 -0.71
N TYR A 73 -2.64 -5.65 -0.26
CA TYR A 73 -2.77 -7.11 -0.31
C TYR A 73 -2.70 -7.61 -1.75
N LYS A 74 -3.32 -6.87 -2.67
CA LYS A 74 -3.31 -7.25 -4.08
C LYS A 74 -1.88 -7.35 -4.61
N ILE A 75 -1.09 -6.30 -4.38
CA ILE A 75 0.27 -6.27 -4.89
C ILE A 75 1.14 -7.29 -4.18
N GLN A 76 0.98 -7.33 -2.86
CA GLN A 76 1.66 -8.31 -2.03
C GLN A 76 1.38 -9.74 -2.51
N LYS A 77 0.14 -10.01 -2.88
CA LYS A 77 -0.24 -11.31 -3.42
C LYS A 77 0.58 -11.62 -4.66
N GLU A 78 0.74 -10.61 -5.51
CA GLU A 78 1.55 -10.76 -6.72
C GLU A 78 3.01 -10.97 -6.37
N LEU A 79 3.50 -10.28 -5.34
CA LEU A 79 4.86 -10.50 -4.86
C LEU A 79 5.09 -11.96 -4.49
N GLU A 80 4.10 -12.56 -3.84
CA GLU A 80 4.15 -13.97 -3.50
C GLU A 80 4.19 -14.83 -4.75
N GLU A 81 3.32 -14.51 -5.71
CA GLU A 81 3.25 -15.24 -6.97
C GLU A 81 4.56 -15.08 -7.75
N LYS A 82 5.11 -13.87 -7.69
CA LYS A 82 6.37 -13.56 -8.35
C LYS A 82 7.48 -14.48 -7.87
N ARG A 83 7.59 -14.61 -6.55
CA ARG A 83 8.64 -15.45 -5.95
C ARG A 83 8.32 -16.93 -6.14
N ARG A 84 7.04 -17.22 -6.34
CA ARG A 84 6.58 -18.58 -6.58
C ARG A 84 6.94 -19.01 -8.00
N SER A 85 7.16 -18.02 -8.87
CA SER A 85 7.48 -18.29 -10.26
C SER A 85 8.99 -18.25 -10.48
N ARG A 86 9.72 -18.01 -9.39
CA ARG A 86 11.19 -18.02 -9.40
C ARG A 86 11.74 -19.18 -10.20
N LEU A 87 12.75 -18.90 -11.00
CA LEU A 87 13.34 -19.90 -11.87
C LEU A 87 14.75 -20.23 -11.40
N ASP B 1 -6.11 -1.51 -15.21
CA ASP B 1 -6.04 -0.14 -14.74
C ASP B 1 -6.93 0.02 -13.51
N ALA B 2 -6.88 -0.97 -12.63
CA ALA B 2 -7.65 -0.94 -11.40
C ALA B 2 -6.81 -0.35 -10.27
N GLY B 3 -6.40 0.89 -10.46
CA GLY B 3 -5.59 1.56 -9.47
C GLY B 3 -4.12 1.46 -9.77
N ASN B 4 -3.35 2.32 -9.14
CA ASN B 4 -1.89 2.35 -9.31
C ASN B 4 -1.25 1.23 -8.52
N ILE B 5 -1.59 -0.01 -8.86
CA ILE B 5 -0.93 -1.17 -8.27
C ILE B 5 0.48 -1.33 -8.84
N LEU B 6 1.38 -1.88 -8.06
CA LEU B 6 2.78 -1.99 -8.45
C LEU B 6 2.96 -3.17 -9.41
N PRO B 7 3.48 -2.90 -10.61
CA PRO B 7 3.71 -3.95 -11.61
C PRO B 7 5.00 -4.71 -11.39
N SER B 8 5.23 -5.75 -12.18
CA SER B 8 6.38 -6.64 -11.97
C SER B 8 7.70 -5.86 -12.03
N ASP B 9 7.80 -4.92 -12.97
CA ASP B 9 9.06 -4.22 -13.24
C ASP B 9 9.64 -3.55 -12.00
N ILE B 10 8.82 -2.81 -11.25
CA ILE B 10 9.28 -2.17 -10.03
C ILE B 10 9.65 -3.23 -8.97
N MET B 11 8.83 -4.26 -8.88
CA MET B 11 9.03 -5.34 -7.90
C MET B 11 10.30 -6.12 -8.19
N ASP B 12 10.59 -6.33 -9.46
CA ASP B 12 11.79 -7.06 -9.88
C ASP B 12 13.04 -6.44 -9.26
N PHE B 13 13.06 -5.10 -9.17
CA PHE B 13 14.18 -4.40 -8.58
C PHE B 13 14.45 -4.87 -7.15
N VAL B 14 13.42 -4.92 -6.31
CA VAL B 14 13.60 -5.35 -4.93
C VAL B 14 13.99 -6.83 -4.86
N LEU B 15 13.38 -7.65 -5.71
CA LEU B 15 13.72 -9.07 -5.81
C LEU B 15 15.22 -9.24 -6.11
N LYS B 16 15.74 -8.36 -6.95
CA LYS B 16 17.14 -8.48 -7.40
C LYS B 16 18.04 -7.52 -6.62
N ASN B 17 17.55 -7.05 -5.47
CA ASN B 17 18.32 -6.10 -4.66
C ASN B 17 18.79 -6.76 -3.37
N THR B 18 20.01 -6.44 -2.97
CA THR B 18 20.56 -6.92 -1.72
C THR B 18 21.03 -5.75 -0.86
N PRO B 19 20.26 -5.39 0.17
CA PRO B 19 20.59 -4.30 1.09
C PRO B 19 21.53 -4.75 2.19
N ASP C 1 -24.89 -8.41 -11.47
CA ASP C 1 -24.12 -9.22 -10.54
C ASP C 1 -22.78 -8.55 -10.28
N SER C 2 -22.26 -7.86 -11.30
CA SER C 2 -21.02 -7.10 -11.16
C SER C 2 -21.22 -5.96 -10.15
N VAL C 3 -22.45 -5.47 -10.08
CA VAL C 3 -22.81 -4.50 -9.05
C VAL C 3 -22.50 -5.03 -7.66
N THR C 4 -22.90 -6.28 -7.40
CA THR C 4 -22.70 -6.88 -6.09
C THR C 4 -21.30 -7.51 -5.93
N ASP C 5 -20.40 -7.20 -6.86
CA ASP C 5 -19.00 -7.65 -6.77
C ASP C 5 -18.36 -7.20 -5.47
N SER C 6 -18.69 -5.99 -5.04
CA SER C 6 -18.09 -5.42 -3.83
C SER C 6 -18.34 -6.34 -2.63
N GLN C 7 -19.55 -6.87 -2.52
CA GLN C 7 -19.90 -7.77 -1.43
C GLN C 7 -19.06 -9.05 -1.49
N LYS C 8 -18.90 -9.59 -2.71
CA LYS C 8 -18.12 -10.80 -2.90
C LYS C 8 -16.67 -10.55 -2.51
N ARG C 9 -16.18 -9.37 -2.88
CA ARG C 9 -14.82 -8.95 -2.57
C ARG C 9 -14.65 -8.86 -1.05
N ARG C 10 -15.66 -8.25 -0.43
CA ARG C 10 -15.67 -8.00 0.99
C ARG C 10 -15.53 -9.32 1.77
N GLU C 11 -16.22 -10.34 1.27
CA GLU C 11 -16.20 -11.66 1.88
C GLU C 11 -14.77 -12.18 2.02
N ILE C 12 -13.94 -11.95 0.99
CA ILE C 12 -12.55 -12.39 1.06
C ILE C 12 -11.82 -11.63 2.16
N LEU C 13 -12.12 -10.33 2.26
CA LEU C 13 -11.42 -9.45 3.20
C LEU C 13 -11.77 -9.85 4.63
N SER C 14 -13.05 -10.07 4.86
CA SER C 14 -13.57 -10.40 6.18
C SER C 14 -12.94 -11.67 6.75
N ARG C 15 -12.62 -12.62 5.89
CA ARG C 15 -12.02 -13.88 6.33
C ARG C 15 -10.79 -14.20 5.48
N ARG C 16 -9.83 -13.30 5.49
CA ARG C 16 -8.61 -13.48 4.71
C ARG C 16 -7.41 -13.67 5.62
N PRO C 17 -6.73 -14.82 5.54
CA PRO C 17 -5.65 -15.20 6.46
C PRO C 17 -4.62 -14.08 6.69
N TYR C 19 -4.34 -10.98 5.19
CA TYR C 19 -4.88 -9.62 5.25
C TYR C 19 -5.41 -9.29 6.64
N ARG C 20 -6.21 -10.18 7.22
CA ARG C 20 -6.74 -9.95 8.56
C ARG C 20 -5.61 -9.91 9.58
N LYS C 21 -4.66 -10.83 9.42
CA LYS C 21 -3.49 -10.90 10.27
C LYS C 21 -2.68 -9.60 10.23
N ILE C 22 -2.48 -9.04 9.04
CA ILE C 22 -1.75 -7.79 8.93
C ILE C 22 -2.62 -6.62 9.38
N LEU C 23 -3.90 -6.62 9.01
CA LEU C 23 -4.80 -5.50 9.30
C LEU C 23 -4.85 -5.19 10.80
N ASN C 24 -5.01 -6.21 11.63
CA ASN C 24 -5.10 -6.02 13.08
C ASN C 24 -3.81 -5.46 13.66
N ASP C 25 -2.68 -6.07 13.30
CA ASP C 25 -1.36 -5.58 13.78
C ASP C 25 -1.05 -4.21 13.20
N LEU C 26 -1.37 -4.06 11.92
CA LEU C 26 -0.99 -2.89 11.13
C LEU C 26 -1.58 -1.59 11.72
N SER C 27 -2.82 -1.66 12.18
CA SER C 27 -3.52 -0.48 12.71
C SER C 27 -2.89 -0.01 14.01
N SER C 28 -2.29 -0.94 14.72
CA SER C 28 -1.63 -0.65 15.96
C SER C 28 -0.16 -0.39 15.67
N ASP C 29 0.07 0.39 14.64
CA ASP C 29 1.40 0.61 14.09
C ASP C 29 1.37 1.71 13.04
N ALA C 30 1.29 2.95 13.50
CA ALA C 30 1.50 4.10 12.65
C ALA C 30 2.83 4.74 13.06
N PRO C 31 3.96 4.08 12.73
CA PRO C 31 5.26 4.35 13.37
C PRO C 31 5.83 5.73 13.08
N GLY C 32 6.18 6.44 14.13
CA GLY C 32 6.86 7.70 14.00
C GLY C 32 6.68 8.55 15.23
N VAL C 33 6.43 9.83 15.03
CA VAL C 33 6.14 10.77 16.10
C VAL C 33 7.42 11.12 16.87
N PRO C 34 8.01 12.29 16.56
CA PRO C 34 9.25 12.74 17.19
C PRO C 34 9.07 13.08 18.66
N GLY A 1 -23.18 19.47 7.61
CA GLY A 1 -22.59 20.01 8.81
C GLY A 1 -21.07 19.90 8.77
N VAL A 2 -20.58 18.70 8.51
CA VAL A 2 -19.16 18.49 8.29
C VAL A 2 -18.95 17.55 7.10
N ARG A 3 -18.67 18.13 5.94
CA ARG A 3 -18.53 17.34 4.73
C ARG A 3 -17.16 16.69 4.66
N LYS A 4 -16.11 17.49 4.50
CA LYS A 4 -14.76 16.94 4.38
C LYS A 4 -13.92 17.30 5.60
N GLY A 5 -14.31 16.78 6.75
CA GLY A 5 -13.50 16.93 7.94
C GLY A 5 -12.57 15.75 8.15
N TRP A 6 -12.69 14.74 7.28
CA TRP A 6 -11.87 13.53 7.34
C TRP A 6 -10.37 13.87 7.42
N HIS A 7 -9.91 14.70 6.48
CA HIS A 7 -8.48 15.03 6.39
C HIS A 7 -8.02 15.84 7.59
N GLU A 8 -8.96 16.34 8.37
CA GLU A 8 -8.63 17.17 9.54
C GLU A 8 -8.07 16.28 10.66
N HIS A 9 -8.49 15.02 10.69
CA HIS A 9 -7.99 14.08 11.70
C HIS A 9 -6.70 13.41 11.22
N VAL A 10 -6.36 13.59 9.95
CA VAL A 10 -5.16 12.99 9.40
C VAL A 10 -4.07 14.05 9.28
N THR A 11 -3.02 13.89 10.05
CA THR A 11 -1.95 14.88 10.10
C THR A 11 -0.80 14.49 9.20
N GLN A 12 0.21 15.33 9.11
CA GLN A 12 1.40 15.03 8.32
C GLN A 12 2.09 13.79 8.92
N ASP A 13 2.11 13.71 10.24
CA ASP A 13 2.72 12.59 10.94
C ASP A 13 2.02 11.28 10.59
N LEU A 14 0.70 11.30 10.65
CA LEU A 14 -0.09 10.11 10.31
C LEU A 14 0.14 9.73 8.85
N ARG A 15 0.21 10.73 7.98
CA ARG A 15 0.43 10.49 6.56
C ARG A 15 1.79 9.86 6.33
N SER A 16 2.82 10.48 6.91
CA SER A 16 4.20 10.03 6.75
C SER A 16 4.32 8.57 7.16
N HIS A 17 3.67 8.22 8.26
CA HIS A 17 3.71 6.85 8.76
C HIS A 17 3.01 5.92 7.78
N LEU A 18 1.90 6.38 7.23
CA LEU A 18 1.13 5.59 6.27
C LEU A 18 1.92 5.36 4.99
N VAL A 19 2.51 6.42 4.45
CA VAL A 19 3.33 6.29 3.23
C VAL A 19 4.54 5.39 3.49
N HIS A 20 5.15 5.57 4.66
CA HIS A 20 6.23 4.68 5.09
C HIS A 20 5.76 3.23 5.11
N LYS A 21 4.58 3.00 5.69
CA LYS A 21 3.96 1.68 5.71
C LYS A 21 3.81 1.13 4.29
N LEU A 22 3.45 2.00 3.36
CA LEU A 22 3.28 1.61 1.96
C LEU A 22 4.61 1.12 1.39
N VAL A 23 5.67 1.87 1.68
CA VAL A 23 7.02 1.48 1.28
C VAL A 23 7.44 0.19 1.98
N GLN A 24 7.25 0.15 3.30
CA GLN A 24 7.62 -1.01 4.12
C GLN A 24 6.96 -2.27 3.58
N ALA A 25 5.73 -2.11 3.13
CA ALA A 25 4.94 -3.21 2.60
C ALA A 25 5.65 -3.88 1.42
N ILE A 26 6.27 -3.07 0.58
CA ILE A 26 6.98 -3.59 -0.59
C ILE A 26 8.44 -3.88 -0.24
N PHE A 27 9.01 -3.04 0.60
CA PHE A 27 10.41 -3.16 0.98
C PHE A 27 10.50 -3.18 2.51
N PRO A 28 10.70 -4.37 3.10
CA PRO A 28 10.69 -4.54 4.56
C PRO A 28 11.72 -3.67 5.28
N THR A 29 12.91 -3.59 4.71
CA THR A 29 13.96 -2.77 5.29
C THR A 29 15.06 -2.49 4.26
N PRO A 30 14.93 -1.39 3.49
CA PRO A 30 15.93 -0.99 2.50
C PRO A 30 17.22 -0.51 3.15
N ASP A 31 18.35 -0.78 2.51
CA ASP A 31 19.64 -0.39 3.05
C ASP A 31 19.97 1.04 2.63
N PRO A 32 20.92 1.71 3.30
CA PRO A 32 21.23 3.12 3.04
C PRO A 32 21.50 3.41 1.56
N ALA A 33 22.16 2.49 0.85
CA ALA A 33 22.52 2.73 -0.53
C ALA A 33 21.33 2.49 -1.46
N ALA A 34 20.37 1.72 -0.98
CA ALA A 34 19.15 1.48 -1.73
C ALA A 34 18.27 2.72 -1.72
N LEU A 35 18.25 3.38 -0.57
CA LEU A 35 17.40 4.53 -0.35
C LEU A 35 17.77 5.72 -1.23
N LYS A 36 19.01 5.76 -1.70
CA LYS A 36 19.48 6.84 -2.52
C LYS A 36 19.45 6.48 -4.00
N ASP A 37 18.82 5.36 -4.34
CA ASP A 37 18.83 4.87 -5.71
C ASP A 37 17.63 5.41 -6.47
N ARG A 38 17.84 5.72 -7.75
CA ARG A 38 16.79 6.26 -8.61
C ARG A 38 15.64 5.28 -8.76
N ARG A 39 15.97 4.00 -8.89
CA ARG A 39 14.95 2.98 -9.08
C ARG A 39 14.10 2.86 -7.83
N MET A 40 14.75 2.93 -6.69
CA MET A 40 14.09 2.92 -5.40
C MET A 40 13.27 4.20 -5.22
N GLU A 41 13.82 5.30 -5.70
CA GLU A 41 13.15 6.59 -5.65
C GLU A 41 11.78 6.50 -6.34
N ASN A 42 11.72 5.77 -7.44
CA ASN A 42 10.45 5.51 -8.12
C ASN A 42 9.47 4.83 -7.17
N LEU A 43 9.99 3.91 -6.34
CA LEU A 43 9.16 3.18 -5.37
C LEU A 43 8.52 4.12 -4.35
N VAL A 44 9.34 4.98 -3.75
CA VAL A 44 8.83 5.95 -2.76
C VAL A 44 7.89 6.95 -3.41
N ALA A 45 8.27 7.37 -4.59
CA ALA A 45 7.44 8.26 -5.41
C ALA A 45 6.09 7.61 -5.69
N TYR A 46 6.13 6.31 -5.96
CA TYR A 46 4.92 5.53 -6.20
C TYR A 46 4.04 5.53 -4.95
N ALA A 47 4.67 5.36 -3.79
CA ALA A 47 3.94 5.33 -2.52
C ALA A 47 3.23 6.65 -2.29
N LYS A 48 3.91 7.74 -2.63
CA LYS A 48 3.38 9.09 -2.48
C LYS A 48 2.14 9.28 -3.37
N LYS A 49 2.21 8.81 -4.61
CA LYS A 49 1.10 8.95 -5.54
C LYS A 49 -0.12 8.18 -5.06
N VAL A 50 0.10 6.95 -4.58
CA VAL A 50 -0.97 6.13 -4.05
C VAL A 50 -1.67 6.80 -2.89
N GLU A 51 -0.89 7.38 -1.97
CA GLU A 51 -1.46 8.09 -0.84
C GLU A 51 -2.38 9.21 -1.33
N GLY A 52 -1.94 9.90 -2.38
CA GLY A 52 -2.69 11.02 -2.92
C GLY A 52 -4.02 10.60 -3.52
N ASP A 53 -4.01 9.48 -4.25
CA ASP A 53 -5.21 8.99 -4.92
C ASP A 53 -6.32 8.68 -3.94
N MET A 54 -5.93 8.12 -2.79
CA MET A 54 -6.89 7.67 -1.79
C MET A 54 -7.81 8.80 -1.35
N TYR A 55 -7.24 9.97 -1.10
CA TYR A 55 -8.03 11.11 -0.68
C TYR A 55 -9.14 11.41 -1.70
N GLU A 56 -8.79 11.31 -2.97
CA GLU A 56 -9.74 11.55 -4.05
C GLU A 56 -10.83 10.48 -4.07
N SER A 57 -10.44 9.22 -3.99
CA SER A 57 -11.37 8.11 -4.17
C SER A 57 -12.05 7.70 -2.86
N ALA A 58 -11.24 7.43 -1.84
CA ALA A 58 -11.73 6.91 -0.57
C ALA A 58 -12.80 7.79 0.06
N ASN A 59 -12.52 9.08 0.11
CA ASN A 59 -13.48 10.09 0.61
C ASN A 59 -13.66 10.03 2.12
N SER A 60 -13.50 8.84 2.72
CA SER A 60 -13.80 8.69 4.14
C SER A 60 -12.60 8.11 4.89
N ARG A 61 -12.56 8.29 6.21
CA ARG A 61 -11.41 7.88 7.01
C ARG A 61 -11.24 6.36 7.04
N ASP A 62 -12.31 5.63 7.36
CA ASP A 62 -12.24 4.18 7.50
C ASP A 62 -11.94 3.54 6.15
N GLU A 63 -12.57 4.05 5.10
CA GLU A 63 -12.33 3.59 3.75
C GLU A 63 -10.88 3.89 3.34
N TYR A 64 -10.36 5.01 3.81
CA TYR A 64 -8.98 5.43 3.55
C TYR A 64 -8.01 4.33 4.00
N TYR A 65 -8.20 3.81 5.20
CA TYR A 65 -7.36 2.71 5.71
C TYR A 65 -7.60 1.42 4.92
N HIS A 66 -8.88 1.13 4.65
CA HIS A 66 -9.27 -0.12 3.99
C HIS A 66 -8.59 -0.28 2.64
N LEU A 67 -8.58 0.79 1.86
CA LEU A 67 -7.98 0.75 0.54
C LEU A 67 -6.48 0.50 0.63
N LEU A 68 -5.83 1.10 1.63
CA LEU A 68 -4.40 0.94 1.83
C LEU A 68 -4.07 -0.52 2.16
N ALA A 69 -4.87 -1.14 3.01
CA ALA A 69 -4.66 -2.53 3.40
C ALA A 69 -4.82 -3.46 2.21
N GLU A 70 -5.86 -3.22 1.42
CA GLU A 70 -6.14 -4.00 0.22
C GLU A 70 -5.03 -3.80 -0.81
N LYS A 71 -4.58 -2.56 -0.93
CA LYS A 71 -3.56 -2.19 -1.92
C LYS A 71 -2.26 -2.91 -1.61
N ILE A 72 -1.85 -2.83 -0.36
CA ILE A 72 -0.60 -3.47 0.08
C ILE A 72 -0.67 -4.99 -0.06
N TYR A 73 -1.83 -5.60 0.25
CA TYR A 73 -1.99 -7.05 0.12
C TYR A 73 -1.74 -7.51 -1.32
N LYS A 74 -2.30 -6.77 -2.28
CA LYS A 74 -2.19 -7.12 -3.70
C LYS A 74 -0.73 -7.26 -4.12
N ILE A 75 0.08 -6.25 -3.78
CA ILE A 75 1.48 -6.22 -4.18
C ILE A 75 2.24 -7.35 -3.51
N GLN A 76 2.08 -7.44 -2.19
CA GLN A 76 2.74 -8.47 -1.40
C GLN A 76 2.38 -9.87 -1.92
N LYS A 77 1.12 -10.05 -2.26
CA LYS A 77 0.63 -11.33 -2.79
C LYS A 77 1.34 -11.65 -4.11
N GLU A 78 1.36 -10.69 -5.02
CA GLU A 78 1.96 -10.92 -6.33
C GLU A 78 3.46 -11.18 -6.21
N LEU A 79 4.12 -10.44 -5.33
CA LEU A 79 5.55 -10.65 -5.06
C LEU A 79 5.80 -12.08 -4.62
N GLU A 80 4.91 -12.58 -3.77
CA GLU A 80 5.01 -13.95 -3.27
C GLU A 80 4.79 -14.94 -4.40
N GLU A 81 3.75 -14.72 -5.19
CA GLU A 81 3.42 -15.62 -6.30
C GLU A 81 4.53 -15.63 -7.34
N LYS A 82 5.11 -14.45 -7.60
CA LYS A 82 6.21 -14.31 -8.53
C LYS A 82 7.41 -15.15 -8.08
N ARG A 83 7.74 -15.06 -6.80
CA ARG A 83 8.89 -15.79 -6.26
C ARG A 83 8.58 -17.28 -6.17
N ARG A 84 7.31 -17.59 -5.93
CA ARG A 84 6.88 -18.98 -5.80
C ARG A 84 6.95 -19.69 -7.15
N SER A 85 6.70 -18.96 -8.22
CA SER A 85 6.65 -19.55 -9.55
C SER A 85 8.01 -19.46 -10.23
N ARG A 86 8.93 -18.75 -9.58
CA ARG A 86 10.28 -18.52 -10.10
C ARG A 86 10.22 -17.77 -11.42
N LEU A 87 9.53 -16.65 -11.39
CA LEU A 87 9.32 -15.83 -12.57
C LEU A 87 10.25 -14.64 -12.55
N ASP B 1 -7.76 3.67 -13.34
CA ASP B 1 -6.61 2.85 -13.71
C ASP B 1 -5.34 3.71 -13.81
N ALA B 2 -4.91 4.24 -12.68
CA ALA B 2 -3.72 5.06 -12.62
C ALA B 2 -2.54 4.26 -12.08
N GLY B 3 -2.60 2.95 -12.27
CA GLY B 3 -1.56 2.08 -11.79
C GLY B 3 -1.90 1.51 -10.44
N ASN B 4 -2.91 0.66 -10.43
CA ASN B 4 -3.31 -0.05 -9.20
C ASN B 4 -2.25 -1.09 -8.83
N ILE B 5 -1.62 -1.65 -9.84
CA ILE B 5 -0.56 -2.62 -9.63
C ILE B 5 0.73 -2.09 -10.25
N LEU B 6 1.86 -2.50 -9.72
CA LEU B 6 3.14 -2.03 -10.22
C LEU B 6 3.61 -2.95 -11.34
N PRO B 7 4.24 -2.40 -12.38
CA PRO B 7 4.77 -3.21 -13.48
C PRO B 7 5.81 -4.23 -13.02
N SER B 8 6.15 -5.17 -13.89
CA SER B 8 7.08 -6.24 -13.55
C SER B 8 8.38 -5.66 -13.01
N ASP B 9 8.81 -4.55 -13.60
CA ASP B 9 10.10 -3.94 -13.27
C ASP B 9 10.25 -3.67 -11.77
N ILE B 10 9.24 -3.10 -11.14
CA ILE B 10 9.31 -2.78 -9.71
C ILE B 10 9.42 -4.08 -8.90
N MET B 11 8.59 -5.05 -9.27
CA MET B 11 8.57 -6.36 -8.61
C MET B 11 9.90 -7.06 -8.80
N ASP B 12 10.43 -7.00 -10.00
CA ASP B 12 11.71 -7.59 -10.32
C ASP B 12 12.83 -6.90 -9.55
N PHE B 13 12.76 -5.59 -9.44
CA PHE B 13 13.81 -4.81 -8.78
C PHE B 13 13.90 -5.14 -7.29
N VAL B 14 12.76 -5.19 -6.61
CA VAL B 14 12.77 -5.45 -5.16
C VAL B 14 13.33 -6.84 -4.85
N LEU B 15 12.95 -7.84 -5.67
CA LEU B 15 13.53 -9.17 -5.57
C LEU B 15 15.02 -9.13 -5.95
N LYS B 16 15.36 -8.33 -6.96
CA LYS B 16 16.73 -8.26 -7.47
C LYS B 16 17.67 -7.62 -6.45
N ASN B 17 17.12 -6.80 -5.56
CA ASN B 17 17.93 -6.13 -4.55
C ASN B 17 18.00 -6.95 -3.28
N THR B 18 19.19 -7.08 -2.73
CA THR B 18 19.39 -7.88 -1.53
C THR B 18 19.34 -7.01 -0.28
N PRO B 19 18.23 -7.08 0.49
CA PRO B 19 18.09 -6.36 1.74
C PRO B 19 18.85 -7.06 2.87
N ASP C 1 -12.93 -21.38 -5.68
CA ASP C 1 -11.79 -20.62 -6.19
C ASP C 1 -11.90 -20.38 -7.70
N SER C 2 -12.28 -21.40 -8.45
CA SER C 2 -12.28 -21.33 -9.92
C SER C 2 -13.57 -20.72 -10.47
N VAL C 3 -14.70 -21.09 -9.89
CA VAL C 3 -16.00 -20.64 -10.38
C VAL C 3 -16.32 -19.24 -9.88
N THR C 4 -16.35 -19.06 -8.57
CA THR C 4 -16.70 -17.77 -7.98
C THR C 4 -15.45 -16.95 -7.67
N ASP C 5 -14.55 -16.92 -8.63
CA ASP C 5 -13.29 -16.21 -8.50
C ASP C 5 -13.51 -14.72 -8.22
N SER C 6 -14.38 -14.13 -8.99
CA SER C 6 -14.73 -12.72 -8.81
C SER C 6 -15.26 -12.47 -7.40
N GLN C 7 -16.19 -13.29 -6.96
CA GLN C 7 -16.73 -13.18 -5.60
C GLN C 7 -15.66 -13.42 -4.54
N LYS C 8 -14.83 -14.45 -4.74
CA LYS C 8 -13.76 -14.74 -3.77
C LYS C 8 -12.86 -13.53 -3.57
N ARG C 9 -12.50 -12.86 -4.66
CA ARG C 9 -11.68 -11.64 -4.57
C ARG C 9 -12.29 -10.65 -3.62
N ARG C 10 -13.58 -10.42 -3.76
CA ARG C 10 -14.29 -9.54 -2.84
C ARG C 10 -14.32 -10.14 -1.43
N GLU C 11 -14.69 -11.41 -1.37
CA GLU C 11 -14.83 -12.14 -0.11
C GLU C 11 -13.56 -12.17 0.73
N ILE C 12 -12.39 -12.36 0.11
CA ILE C 12 -11.16 -12.51 0.88
C ILE C 12 -10.90 -11.27 1.73
N LEU C 13 -11.16 -10.10 1.16
CA LEU C 13 -10.96 -8.85 1.88
C LEU C 13 -11.90 -8.73 3.07
N SER C 14 -13.15 -9.15 2.88
CA SER C 14 -14.15 -9.10 3.94
C SER C 14 -13.68 -9.86 5.19
N ARG C 15 -12.99 -10.97 4.98
CA ARG C 15 -12.48 -11.77 6.09
C ARG C 15 -11.24 -12.55 5.66
N ARG C 16 -10.09 -11.91 5.81
CA ARG C 16 -8.82 -12.53 5.46
C ARG C 16 -7.99 -12.76 6.71
N PRO C 17 -7.46 -13.99 6.88
CA PRO C 17 -6.60 -14.32 8.02
C PRO C 17 -5.34 -13.44 8.05
N TYR C 19 -5.29 -10.18 6.91
CA TYR C 19 -5.81 -8.92 7.44
C TYR C 19 -6.08 -9.05 8.93
N ARG C 20 -6.57 -10.20 9.34
CA ARG C 20 -6.76 -10.47 10.75
C ARG C 20 -5.46 -10.23 11.50
N LYS C 21 -4.35 -10.65 10.89
CA LYS C 21 -3.03 -10.40 11.44
C LYS C 21 -2.58 -8.94 11.23
N ILE C 22 -2.48 -8.50 9.98
CA ILE C 22 -1.92 -7.17 9.70
C ILE C 22 -2.91 -6.05 9.99
N LEU C 23 -4.12 -6.14 9.46
CA LEU C 23 -5.10 -5.04 9.55
C LEU C 23 -5.36 -4.63 11.00
N ASN C 24 -5.49 -5.62 11.88
CA ASN C 24 -5.75 -5.32 13.30
C ASN C 24 -4.59 -4.57 13.95
N ASP C 25 -3.38 -5.10 13.82
CA ASP C 25 -2.19 -4.46 14.38
C ASP C 25 -1.87 -3.16 13.65
N LEU C 26 -1.89 -3.24 12.32
CA LEU C 26 -1.42 -2.19 11.44
C LEU C 26 -2.21 -0.91 11.63
N SER C 27 -3.52 -1.02 11.84
CA SER C 27 -4.35 0.16 11.97
C SER C 27 -4.01 0.94 13.23
N SER C 28 -3.63 0.19 14.27
CA SER C 28 -3.26 0.74 15.59
C SER C 28 -4.14 1.89 16.06
N ASP C 29 -5.36 1.98 15.52
CA ASP C 29 -6.27 3.09 15.80
C ASP C 29 -5.60 4.38 15.33
N ALA C 30 -5.39 4.45 14.01
CA ALA C 30 -4.58 5.49 13.34
C ALA C 30 -4.64 6.86 14.02
N PRO C 31 -3.63 7.14 14.88
CA PRO C 31 -3.56 8.40 15.63
C PRO C 31 -3.29 9.60 14.73
N GLY C 32 -4.15 10.60 14.82
CA GLY C 32 -3.91 11.85 14.10
C GLY C 32 -4.06 13.05 15.01
N VAL C 33 -3.35 13.03 16.13
CA VAL C 33 -3.44 14.11 17.12
C VAL C 33 -2.08 14.34 17.82
N PRO C 34 -1.43 13.27 18.36
CA PRO C 34 -0.14 13.42 19.05
C PRO C 34 1.01 13.59 18.06
N GLY A 1 -10.71 22.10 1.14
CA GLY A 1 -11.27 22.62 -0.10
C GLY A 1 -12.75 22.96 0.00
N VAL A 2 -13.60 21.96 0.21
CA VAL A 2 -15.04 22.19 0.21
C VAL A 2 -15.77 21.29 1.21
N ARG A 3 -16.00 21.84 2.40
CA ARG A 3 -16.82 21.20 3.44
C ARG A 3 -16.45 19.73 3.63
N LYS A 4 -15.17 19.48 3.89
CA LYS A 4 -14.70 18.12 4.07
C LYS A 4 -13.68 18.08 5.21
N GLY A 5 -14.05 17.46 6.32
CA GLY A 5 -13.23 17.49 7.52
C GLY A 5 -12.31 16.29 7.67
N TRP A 6 -12.48 15.29 6.81
CA TRP A 6 -11.62 14.12 6.81
C TRP A 6 -10.14 14.53 6.78
N HIS A 7 -9.78 15.34 5.80
CA HIS A 7 -8.39 15.78 5.60
C HIS A 7 -7.95 16.74 6.72
N GLU A 8 -8.90 17.17 7.53
CA GLU A 8 -8.61 18.09 8.61
C GLU A 8 -8.17 17.32 9.85
N HIS A 9 -8.58 16.06 9.95
CA HIS A 9 -8.16 15.20 11.04
C HIS A 9 -6.93 14.39 10.65
N VAL A 10 -6.58 14.43 9.37
CA VAL A 10 -5.39 13.75 8.87
C VAL A 10 -4.26 14.74 8.69
N THR A 11 -3.14 14.49 9.36
CA THR A 11 -2.00 15.40 9.32
C THR A 11 -0.87 14.83 8.48
N GLN A 12 0.14 15.65 8.21
CA GLN A 12 1.30 15.20 7.43
C GLN A 12 1.95 13.98 8.08
N ASP A 13 2.05 13.98 9.40
CA ASP A 13 2.68 12.89 10.13
C ASP A 13 1.98 11.56 9.87
N LEU A 14 0.65 11.55 10.00
CA LEU A 14 -0.13 10.34 9.77
C LEU A 14 0.10 9.82 8.36
N ARG A 15 0.16 10.74 7.40
CA ARG A 15 0.41 10.38 6.01
C ARG A 15 1.79 9.74 5.86
N SER A 16 2.78 10.35 6.50
CA SER A 16 4.17 9.90 6.42
C SER A 16 4.30 8.46 6.89
N HIS A 17 3.59 8.12 7.97
CA HIS A 17 3.63 6.76 8.50
C HIS A 17 3.03 5.79 7.50
N LEU A 18 1.95 6.22 6.86
CA LEU A 18 1.24 5.37 5.88
C LEU A 18 2.13 5.11 4.66
N VAL A 19 2.71 6.18 4.10
CA VAL A 19 3.60 6.02 2.95
C VAL A 19 4.80 5.15 3.31
N HIS A 20 5.33 5.34 4.52
CA HIS A 20 6.42 4.51 5.02
C HIS A 20 6.02 3.04 5.05
N LYS A 21 4.76 2.79 5.45
CA LYS A 21 4.23 1.44 5.47
C LYS A 21 4.32 0.79 4.10
N LEU A 22 4.03 1.57 3.06
CA LEU A 22 4.10 1.06 1.68
C LEU A 22 5.53 0.67 1.35
N VAL A 23 6.46 1.58 1.59
CA VAL A 23 7.89 1.30 1.40
C VAL A 23 8.31 0.06 2.18
N GLN A 24 7.95 0.02 3.46
CA GLN A 24 8.32 -1.12 4.33
C GLN A 24 7.77 -2.42 3.75
N ALA A 25 6.56 -2.33 3.21
CA ALA A 25 5.88 -3.48 2.64
C ALA A 25 6.63 -4.02 1.42
N ILE A 26 7.14 -3.11 0.61
CA ILE A 26 7.79 -3.51 -0.64
C ILE A 26 9.27 -3.82 -0.38
N PHE A 27 9.87 -3.07 0.52
CA PHE A 27 11.27 -3.27 0.88
C PHE A 27 11.37 -3.32 2.40
N PRO A 28 11.55 -4.54 2.95
CA PRO A 28 11.47 -4.78 4.41
C PRO A 28 12.42 -3.93 5.23
N THR A 29 13.63 -3.77 4.73
CA THR A 29 14.62 -2.94 5.42
C THR A 29 15.70 -2.47 4.45
N PRO A 30 15.50 -1.29 3.83
CA PRO A 30 16.48 -0.67 2.94
C PRO A 30 17.70 -0.17 3.71
N ASP A 31 18.88 -0.40 3.16
CA ASP A 31 20.13 -0.03 3.82
C ASP A 31 20.45 1.44 3.53
N PRO A 32 21.38 2.06 4.29
CA PRO A 32 21.69 3.49 4.14
C PRO A 32 21.96 3.91 2.70
N ALA A 33 22.60 3.05 1.91
CA ALA A 33 23.01 3.41 0.56
C ALA A 33 21.87 3.21 -0.43
N ALA A 34 20.92 2.36 -0.08
CA ALA A 34 19.79 2.09 -0.95
C ALA A 34 18.85 3.28 -0.97
N LEU A 35 18.72 3.89 0.19
CA LEU A 35 17.77 4.97 0.40
C LEU A 35 18.15 6.23 -0.36
N LYS A 36 19.44 6.40 -0.63
CA LYS A 36 19.94 7.61 -1.27
C LYS A 36 20.05 7.46 -2.78
N ASP A 37 19.69 6.29 -3.30
CA ASP A 37 19.87 6.02 -4.72
C ASP A 37 18.64 6.45 -5.52
N ARG A 38 18.88 6.86 -6.75
CA ARG A 38 17.84 7.33 -7.66
C ARG A 38 16.83 6.23 -7.97
N ARG A 39 17.33 5.00 -8.12
CA ARG A 39 16.47 3.86 -8.42
C ARG A 39 15.44 3.70 -7.32
N MET A 40 15.91 3.80 -6.08
CA MET A 40 15.06 3.71 -4.90
C MET A 40 13.98 4.78 -4.90
N GLU A 41 14.36 5.97 -5.34
CA GLU A 41 13.45 7.11 -5.41
C GLU A 41 12.20 6.76 -6.22
N ASN A 42 12.39 5.99 -7.31
CA ASN A 42 11.26 5.53 -8.13
C ASN A 42 10.28 4.73 -7.27
N LEU A 43 10.83 3.91 -6.38
CA LEU A 43 10.01 3.10 -5.48
C LEU A 43 9.21 3.98 -4.53
N VAL A 44 9.90 4.94 -3.91
CA VAL A 44 9.23 5.88 -2.99
C VAL A 44 8.20 6.71 -3.76
N ALA A 45 8.55 7.07 -4.99
CA ALA A 45 7.71 7.92 -5.81
C ALA A 45 6.37 7.24 -6.06
N TYR A 46 6.44 5.93 -6.28
CA TYR A 46 5.28 5.11 -6.53
C TYR A 46 4.35 5.10 -5.31
N ALA A 47 4.95 4.99 -4.13
CA ALA A 47 4.18 4.87 -2.90
C ALA A 47 3.35 6.12 -2.63
N LYS A 48 3.97 7.30 -2.78
CA LYS A 48 3.28 8.56 -2.53
C LYS A 48 2.15 8.75 -3.54
N LYS A 49 2.46 8.51 -4.80
CA LYS A 49 1.50 8.68 -5.88
C LYS A 49 0.28 7.80 -5.65
N VAL A 50 0.51 6.53 -5.36
CA VAL A 50 -0.56 5.59 -5.06
C VAL A 50 -1.37 6.07 -3.86
N GLU A 51 -0.68 6.48 -2.81
CA GLU A 51 -1.34 6.90 -1.58
C GLU A 51 -2.17 8.14 -1.82
N GLY A 52 -1.65 9.05 -2.62
CA GLY A 52 -2.35 10.28 -2.93
C GLY A 52 -3.71 10.02 -3.53
N ASP A 53 -3.79 8.98 -4.34
CA ASP A 53 -5.01 8.63 -5.07
C ASP A 53 -6.17 8.34 -4.13
N MET A 54 -5.86 7.70 -3.00
CA MET A 54 -6.87 7.15 -2.10
C MET A 54 -7.88 8.20 -1.65
N TYR A 55 -7.40 9.39 -1.35
CA TYR A 55 -8.22 10.44 -0.78
C TYR A 55 -9.45 10.74 -1.63
N GLU A 56 -9.27 10.73 -2.94
CA GLU A 56 -10.36 11.03 -3.86
C GLU A 56 -11.45 9.95 -3.81
N SER A 57 -11.04 8.69 -3.73
CA SER A 57 -11.97 7.58 -3.78
C SER A 57 -12.51 7.21 -2.40
N ALA A 58 -11.65 7.32 -1.39
CA ALA A 58 -12.01 6.99 -0.01
C ALA A 58 -13.24 7.75 0.46
N ASN A 59 -13.15 9.07 0.47
CA ASN A 59 -14.27 9.96 0.82
C ASN A 59 -14.54 9.93 2.33
N SER A 60 -13.89 9.01 3.05
CA SER A 60 -14.03 8.93 4.51
C SER A 60 -12.80 8.26 5.11
N ARG A 61 -12.54 8.50 6.39
CA ARG A 61 -11.36 7.97 7.06
C ARG A 61 -11.41 6.44 7.17
N ASP A 62 -12.56 5.91 7.60
CA ASP A 62 -12.69 4.46 7.79
C ASP A 62 -12.54 3.71 6.46
N GLU A 63 -13.10 4.28 5.40
CA GLU A 63 -12.91 3.73 4.05
C GLU A 63 -11.44 3.85 3.65
N TYR A 64 -10.81 4.94 4.06
CA TYR A 64 -9.41 5.22 3.72
C TYR A 64 -8.51 4.08 4.19
N TYR A 65 -8.64 3.68 5.46
CA TYR A 65 -7.84 2.58 5.99
C TYR A 65 -8.23 1.27 5.30
N HIS A 66 -9.54 1.10 5.11
CA HIS A 66 -10.10 -0.11 4.49
C HIS A 66 -9.49 -0.35 3.11
N LEU A 67 -9.44 0.69 2.30
CA LEU A 67 -8.85 0.60 0.97
C LEU A 67 -7.36 0.29 1.06
N LEU A 68 -6.70 0.89 2.05
CA LEU A 68 -5.27 0.71 2.24
C LEU A 68 -4.96 -0.73 2.64
N ALA A 69 -5.81 -1.30 3.50
CA ALA A 69 -5.67 -2.68 3.92
C ALA A 69 -5.74 -3.60 2.71
N GLU A 70 -6.75 -3.36 1.87
CA GLU A 70 -6.91 -4.13 0.64
C GLU A 70 -5.67 -4.00 -0.25
N LYS A 71 -5.13 -2.78 -0.30
CA LYS A 71 -3.98 -2.49 -1.14
C LYS A 71 -2.76 -3.28 -0.66
N ILE A 72 -2.50 -3.22 0.63
CA ILE A 72 -1.32 -3.87 1.20
C ILE A 72 -1.38 -5.39 1.06
N TYR A 73 -2.57 -5.99 1.21
CA TYR A 73 -2.71 -7.43 0.99
C TYR A 73 -2.40 -7.76 -0.46
N LYS A 74 -2.84 -6.91 -1.38
CA LYS A 74 -2.57 -7.08 -2.80
C LYS A 74 -1.06 -7.04 -3.08
N ILE A 75 -0.36 -6.13 -2.43
CA ILE A 75 1.10 -6.04 -2.58
C ILE A 75 1.73 -7.31 -2.03
N GLN A 76 1.29 -7.67 -0.84
CA GLN A 76 1.74 -8.88 -0.17
C GLN A 76 1.54 -10.10 -1.07
N LYS A 77 0.35 -10.22 -1.67
CA LYS A 77 0.06 -11.30 -2.61
C LYS A 77 0.92 -11.19 -3.87
N GLU A 78 1.12 -9.96 -4.35
CA GLU A 78 1.97 -9.71 -5.50
C GLU A 78 3.39 -10.20 -5.23
N LEU A 79 3.87 -9.92 -4.02
CA LEU A 79 5.16 -10.43 -3.55
C LEU A 79 5.13 -11.94 -3.49
N GLU A 80 4.02 -12.48 -3.00
CA GLU A 80 3.86 -13.92 -2.82
C GLU A 80 3.95 -14.65 -4.16
N GLU A 81 3.19 -14.17 -5.13
CA GLU A 81 3.19 -14.77 -6.47
C GLU A 81 4.57 -14.60 -7.10
N LYS A 82 5.18 -13.44 -6.88
CA LYS A 82 6.48 -13.12 -7.45
C LYS A 82 7.56 -14.07 -6.91
N ARG A 83 7.53 -14.31 -5.61
CA ARG A 83 8.51 -15.19 -4.98
C ARG A 83 8.19 -16.66 -5.28
N ARG A 84 6.92 -16.92 -5.53
CA ARG A 84 6.47 -18.27 -5.86
C ARG A 84 6.85 -18.61 -7.31
N SER A 85 7.14 -17.59 -8.09
CA SER A 85 7.52 -17.77 -9.48
C SER A 85 9.03 -17.58 -9.65
N ARG A 86 9.71 -17.34 -8.52
CA ARG A 86 11.16 -17.24 -8.47
C ARG A 86 11.86 -18.23 -9.39
N LEU A 87 12.60 -17.71 -10.35
CA LEU A 87 13.38 -18.53 -11.25
C LEU A 87 14.52 -19.21 -10.50
N ASP B 1 -1.91 3.60 -14.45
CA ASP B 1 -2.52 3.69 -13.13
C ASP B 1 -3.85 2.94 -13.10
N ALA B 2 -3.99 1.96 -13.99
CA ALA B 2 -5.20 1.16 -14.07
C ALA B 2 -5.14 0.03 -13.05
N GLY B 3 -5.29 0.40 -11.79
CA GLY B 3 -5.07 -0.53 -10.71
C GLY B 3 -3.80 -0.18 -9.97
N ASN B 4 -3.94 0.10 -8.68
CA ASN B 4 -2.84 0.60 -7.87
C ASN B 4 -1.93 -0.54 -7.42
N ILE B 5 -1.57 -1.42 -8.35
CA ILE B 5 -0.79 -2.61 -8.04
C ILE B 5 0.53 -2.61 -8.80
N LEU B 6 1.53 -3.29 -8.24
CA LEU B 6 2.91 -3.12 -8.66
C LEU B 6 3.20 -3.83 -9.98
N PRO B 7 3.71 -3.08 -10.97
CA PRO B 7 4.12 -3.64 -12.26
C PRO B 7 5.50 -4.30 -12.19
N SER B 8 5.93 -4.86 -13.31
CA SER B 8 7.17 -5.65 -13.36
C SER B 8 8.37 -4.83 -12.88
N ASP B 9 8.53 -3.61 -13.40
CA ASP B 9 9.75 -2.82 -13.17
C ASP B 9 10.07 -2.67 -11.68
N ILE B 10 9.07 -2.27 -10.91
CA ILE B 10 9.25 -2.08 -9.47
C ILE B 10 9.55 -3.41 -8.78
N MET B 11 8.83 -4.45 -9.21
CA MET B 11 9.03 -5.79 -8.69
C MET B 11 10.43 -6.31 -9.01
N ASP B 12 10.87 -6.05 -10.23
CA ASP B 12 12.18 -6.49 -10.70
C ASP B 12 13.29 -6.00 -9.79
N PHE B 13 13.18 -4.76 -9.33
CA PHE B 13 14.20 -4.19 -8.46
C PHE B 13 14.32 -4.98 -7.16
N VAL B 14 13.19 -5.23 -6.48
CA VAL B 14 13.21 -5.98 -5.24
C VAL B 14 13.61 -7.45 -5.45
N LEU B 15 13.17 -8.04 -6.54
CA LEU B 15 13.58 -9.41 -6.88
C LEU B 15 15.07 -9.47 -7.18
N LYS B 16 15.60 -8.45 -7.86
CA LYS B 16 17.02 -8.43 -8.25
C LYS B 16 17.90 -8.18 -7.03
N ASN B 17 17.53 -7.22 -6.21
CA ASN B 17 18.33 -6.88 -5.04
C ASN B 17 17.84 -7.65 -3.83
N THR B 18 18.76 -8.34 -3.17
CA THR B 18 18.40 -9.19 -2.04
C THR B 18 18.23 -8.35 -0.76
N PRO B 19 16.99 -8.24 -0.25
CA PRO B 19 16.70 -7.53 0.98
C PRO B 19 16.73 -8.46 2.18
N ASP C 1 -20.73 -12.65 -11.61
CA ASP C 1 -19.74 -12.60 -10.55
C ASP C 1 -18.72 -11.50 -10.80
N SER C 2 -18.25 -11.40 -12.05
CA SER C 2 -17.31 -10.35 -12.43
C SER C 2 -17.96 -8.97 -12.33
N VAL C 3 -19.26 -8.91 -12.62
CA VAL C 3 -20.02 -7.67 -12.46
C VAL C 3 -19.98 -7.21 -11.00
N THR C 4 -20.26 -8.13 -10.09
CA THR C 4 -20.23 -7.84 -8.67
C THR C 4 -18.88 -8.18 -8.07
N ASP C 5 -17.81 -7.92 -8.82
CA ASP C 5 -16.47 -8.25 -8.36
C ASP C 5 -16.15 -7.48 -7.09
N SER C 6 -16.44 -6.18 -7.11
CA SER C 6 -16.18 -5.33 -5.95
C SER C 6 -16.95 -5.84 -4.73
N GLN C 7 -18.24 -6.11 -4.88
CA GLN C 7 -19.05 -6.65 -3.80
C GLN C 7 -18.51 -8.00 -3.33
N LYS C 8 -18.20 -8.88 -4.27
CA LYS C 8 -17.68 -10.20 -3.94
C LYS C 8 -16.34 -10.08 -3.23
N ARG C 9 -15.45 -9.27 -3.78
CA ARG C 9 -14.14 -9.01 -3.17
C ARG C 9 -14.32 -8.52 -1.75
N ARG C 10 -15.24 -7.58 -1.58
CA ARG C 10 -15.50 -6.99 -0.27
C ARG C 10 -15.85 -8.08 0.75
N GLU C 11 -16.63 -9.06 0.32
CA GLU C 11 -16.98 -10.19 1.19
C GLU C 11 -15.73 -10.91 1.72
N ILE C 12 -14.72 -11.11 0.88
CA ILE C 12 -13.49 -11.76 1.33
C ILE C 12 -12.81 -10.86 2.36
N LEU C 13 -12.83 -9.56 2.10
CA LEU C 13 -12.22 -8.59 3.00
C LEU C 13 -12.93 -8.58 4.36
N SER C 14 -14.26 -8.63 4.30
CA SER C 14 -15.08 -8.64 5.50
C SER C 14 -14.79 -9.87 6.37
N ARG C 15 -14.42 -10.97 5.74
CA ARG C 15 -14.15 -12.21 6.47
C ARG C 15 -12.79 -12.77 6.07
N ARG C 16 -11.78 -11.93 6.18
CA ARG C 16 -10.41 -12.33 5.85
C ARG C 16 -9.60 -12.53 7.12
N PRO C 17 -9.04 -13.72 7.30
CA PRO C 17 -8.26 -14.06 8.51
C PRO C 17 -7.02 -13.19 8.65
N TYR C 19 -6.78 -10.07 7.63
CA TYR C 19 -7.29 -8.81 8.12
C TYR C 19 -7.66 -8.89 9.59
N ARG C 20 -8.22 -10.01 10.01
CA ARG C 20 -8.51 -10.20 11.43
C ARG C 20 -7.22 -9.98 12.24
N LYS C 21 -6.11 -10.48 11.70
CA LYS C 21 -4.80 -10.23 12.29
C LYS C 21 -4.34 -8.78 12.10
N ILE C 22 -4.07 -8.38 10.85
CA ILE C 22 -3.43 -7.09 10.60
C ILE C 22 -4.41 -5.91 10.69
N LEU C 23 -5.58 -6.02 10.05
CA LEU C 23 -6.50 -4.89 9.95
C LEU C 23 -6.89 -4.38 11.34
N ASN C 24 -7.28 -5.28 12.23
CA ASN C 24 -7.77 -4.89 13.55
C ASN C 24 -6.69 -4.20 14.40
N ASP C 25 -5.55 -4.86 14.54
CA ASP C 25 -4.45 -4.35 15.36
C ASP C 25 -3.87 -3.06 14.78
N LEU C 26 -3.59 -3.09 13.49
CA LEU C 26 -2.93 -2.00 12.81
C LEU C 26 -3.76 -0.71 12.87
N SER C 27 -5.08 -0.83 12.70
CA SER C 27 -5.96 0.33 12.72
C SER C 27 -6.24 0.84 14.13
N SER C 28 -5.71 0.16 15.14
CA SER C 28 -6.00 0.51 16.53
C SER C 28 -5.19 1.71 17.01
N ASP C 29 -4.62 2.47 16.07
CA ASP C 29 -3.83 3.64 16.41
C ASP C 29 -3.32 4.35 15.16
N ALA C 30 -4.20 5.12 14.53
CA ALA C 30 -3.76 6.07 13.50
C ALA C 30 -3.85 7.52 13.99
N PRO C 31 -3.05 7.93 15.00
CA PRO C 31 -3.09 9.30 15.53
C PRO C 31 -2.48 10.30 14.57
N GLY C 32 -2.89 11.56 14.66
CA GLY C 32 -2.15 12.62 13.97
C GLY C 32 -1.10 13.19 14.90
N VAL C 33 -0.57 12.32 15.73
CA VAL C 33 0.34 12.68 16.82
C VAL C 33 1.34 11.55 17.01
N PRO C 34 2.58 11.74 16.54
CA PRO C 34 3.61 10.70 16.58
C PRO C 34 4.05 10.35 17.99
N GLY A 1 -25.80 13.97 1.75
CA GLY A 1 -25.38 15.24 1.16
C GLY A 1 -24.34 15.92 2.02
N VAL A 2 -24.70 16.26 3.25
CA VAL A 2 -23.74 16.84 4.18
C VAL A 2 -23.49 15.88 5.33
N ARG A 3 -23.01 14.71 4.96
CA ARG A 3 -22.72 13.65 5.91
C ARG A 3 -21.54 12.83 5.38
N LYS A 4 -20.44 13.53 5.16
CA LYS A 4 -19.26 12.92 4.57
C LYS A 4 -18.05 13.82 4.75
N GLY A 5 -16.88 13.37 4.32
CA GLY A 5 -15.67 14.14 4.52
C GLY A 5 -14.95 13.69 5.78
N TRP A 6 -15.15 12.43 6.17
CA TRP A 6 -14.56 11.91 7.39
C TRP A 6 -13.03 11.87 7.33
N HIS A 7 -12.45 12.22 6.19
CA HIS A 7 -11.00 12.23 6.06
C HIS A 7 -10.44 13.42 6.86
N GLU A 8 -11.36 14.32 7.20
CA GLU A 8 -11.03 15.53 7.94
C GLU A 8 -10.70 15.21 9.39
N HIS A 9 -10.99 13.98 9.82
CA HIS A 9 -10.74 13.58 11.19
C HIS A 9 -9.47 12.73 11.27
N VAL A 10 -8.77 12.63 10.15
CA VAL A 10 -7.51 11.91 10.08
C VAL A 10 -6.37 12.92 9.96
N THR A 11 -5.33 12.77 10.77
CA THR A 11 -4.29 13.78 10.85
C THR A 11 -3.19 13.53 9.84
N GLN A 12 -2.27 14.47 9.72
CA GLN A 12 -1.12 14.30 8.82
C GLN A 12 -0.28 13.11 9.29
N ASP A 13 -0.18 12.97 10.61
CA ASP A 13 0.67 11.97 11.25
C ASP A 13 0.29 10.56 10.81
N LEU A 14 -1.00 10.24 10.89
CA LEU A 14 -1.48 8.91 10.55
C LEU A 14 -1.12 8.56 9.10
N ARG A 15 -1.29 9.52 8.21
CA ARG A 15 -0.98 9.33 6.80
C ARG A 15 0.53 9.13 6.61
N SER A 16 1.32 9.92 7.33
CA SER A 16 2.77 9.82 7.25
C SER A 16 3.24 8.40 7.54
N HIS A 17 2.59 7.78 8.52
CA HIS A 17 2.89 6.40 8.88
C HIS A 17 2.53 5.46 7.73
N LEU A 18 1.40 5.73 7.09
CA LEU A 18 0.92 4.88 6.00
C LEU A 18 1.85 4.92 4.79
N VAL A 19 2.24 6.13 4.38
CA VAL A 19 3.18 6.27 3.24
C VAL A 19 4.47 5.53 3.52
N HIS A 20 4.98 5.69 4.74
CA HIS A 20 6.20 5.02 5.15
C HIS A 20 6.00 3.50 5.16
N LYS A 21 4.86 3.05 5.68
CA LYS A 21 4.50 1.65 5.68
C LYS A 21 4.46 1.09 4.26
N LEU A 22 3.92 1.90 3.34
CA LEU A 22 3.86 1.51 1.93
C LEU A 22 5.26 1.16 1.42
N VAL A 23 6.21 2.06 1.67
CA VAL A 23 7.60 1.82 1.32
C VAL A 23 8.17 0.62 2.10
N GLN A 24 7.88 0.56 3.40
CA GLN A 24 8.40 -0.53 4.26
C GLN A 24 8.01 -1.89 3.73
N ALA A 25 6.78 -2.00 3.27
CA ALA A 25 6.25 -3.25 2.76
C ALA A 25 6.97 -3.67 1.48
N ILE A 26 7.23 -2.69 0.64
CA ILE A 26 7.83 -2.95 -0.67
C ILE A 26 9.33 -3.17 -0.55
N PHE A 27 9.96 -2.45 0.37
CA PHE A 27 11.39 -2.57 0.57
C PHE A 27 11.70 -2.72 2.05
N PRO A 28 11.97 -3.97 2.50
CA PRO A 28 12.18 -4.28 3.92
C PRO A 28 13.36 -3.53 4.53
N THR A 29 14.39 -3.32 3.73
CA THR A 29 15.60 -2.64 4.18
C THR A 29 16.53 -2.34 3.00
N PRO A 30 16.43 -1.14 2.43
CA PRO A 30 17.24 -0.75 1.28
C PRO A 30 18.63 -0.24 1.68
N ASP A 31 19.65 -0.83 1.06
CA ASP A 31 21.02 -0.35 1.15
C ASP A 31 21.12 1.11 0.72
N PRO A 32 22.14 1.85 1.21
CA PRO A 32 22.37 3.23 0.78
C PRO A 32 22.47 3.35 -0.73
N ALA A 33 23.10 2.35 -1.35
CA ALA A 33 23.23 2.28 -2.80
C ALA A 33 21.85 2.28 -3.46
N ALA A 34 20.88 1.66 -2.82
CA ALA A 34 19.53 1.61 -3.33
C ALA A 34 18.85 2.96 -3.17
N LEU A 35 18.93 3.51 -1.96
CA LEU A 35 18.35 4.81 -1.65
C LEU A 35 18.82 5.92 -2.57
N LYS A 36 20.05 5.83 -3.08
CA LYS A 36 20.57 6.82 -4.01
C LYS A 36 20.26 6.44 -5.46
N ASP A 37 19.53 5.36 -5.62
CA ASP A 37 19.25 4.80 -6.94
C ASP A 37 17.90 5.29 -7.45
N ARG A 38 17.86 5.57 -8.75
CA ARG A 38 16.67 6.11 -9.42
C ARG A 38 15.47 5.18 -9.25
N ARG A 39 15.74 3.88 -9.30
CA ARG A 39 14.68 2.87 -9.16
C ARG A 39 13.98 3.03 -7.82
N MET A 40 14.76 3.23 -6.76
CA MET A 40 14.21 3.47 -5.43
C MET A 40 13.46 4.79 -5.41
N GLU A 41 14.04 5.82 -6.03
CA GLU A 41 13.40 7.13 -6.13
C GLU A 41 12.01 7.02 -6.75
N ASN A 42 11.92 6.26 -7.84
CA ASN A 42 10.64 6.01 -8.51
C ASN A 42 9.69 5.29 -7.56
N LEU A 43 10.23 4.35 -6.78
CA LEU A 43 9.43 3.61 -5.82
C LEU A 43 8.88 4.53 -4.73
N VAL A 44 9.75 5.35 -4.13
CA VAL A 44 9.30 6.34 -3.13
C VAL A 44 8.26 7.26 -3.76
N ALA A 45 8.46 7.61 -5.03
CA ALA A 45 7.59 8.54 -5.72
C ALA A 45 6.19 7.98 -5.80
N TYR A 46 6.12 6.68 -6.05
CA TYR A 46 4.87 5.97 -6.19
C TYR A 46 4.03 6.07 -4.92
N ALA A 47 4.67 5.89 -3.76
CA ALA A 47 3.95 5.85 -2.49
C ALA A 47 3.29 7.22 -2.20
N LYS A 48 4.05 8.30 -2.41
CA LYS A 48 3.51 9.64 -2.18
C LYS A 48 2.38 9.96 -3.14
N LYS A 49 2.63 9.70 -4.42
CA LYS A 49 1.66 9.99 -5.47
C LYS A 49 0.35 9.22 -5.24
N VAL A 50 0.48 7.94 -4.95
CA VAL A 50 -0.68 7.09 -4.68
C VAL A 50 -1.42 7.57 -3.42
N GLU A 51 -0.67 7.97 -2.41
CA GLU A 51 -1.25 8.56 -1.20
C GLU A 51 -2.14 9.74 -1.57
N GLY A 52 -1.70 10.51 -2.57
CA GLY A 52 -2.46 11.66 -3.01
C GLY A 52 -3.82 11.27 -3.53
N ASP A 53 -3.87 10.21 -4.35
CA ASP A 53 -5.12 9.76 -4.94
C ASP A 53 -6.05 9.22 -3.85
N MET A 54 -5.47 8.50 -2.90
CA MET A 54 -6.24 7.84 -1.86
C MET A 54 -6.97 8.84 -1.00
N TYR A 55 -6.24 9.83 -0.51
CA TYR A 55 -6.82 10.84 0.36
C TYR A 55 -8.01 11.52 -0.32
N GLU A 56 -7.82 11.90 -1.58
CA GLU A 56 -8.87 12.60 -2.32
C GLU A 56 -10.05 11.69 -2.62
N SER A 57 -9.77 10.49 -3.16
CA SER A 57 -10.82 9.60 -3.63
C SER A 57 -11.55 8.90 -2.48
N ALA A 58 -10.84 8.54 -1.42
CA ALA A 58 -11.44 7.88 -0.27
C ALA A 58 -12.48 8.76 0.39
N ASN A 59 -12.05 9.94 0.83
CA ASN A 59 -12.94 10.94 1.45
C ASN A 59 -13.34 10.54 2.88
N SER A 60 -13.16 9.27 3.22
CA SER A 60 -13.59 8.75 4.52
C SER A 60 -12.47 7.93 5.15
N ARG A 61 -12.46 7.79 6.47
CA ARG A 61 -11.39 7.06 7.15
C ARG A 61 -11.41 5.58 6.80
N ASP A 62 -12.58 4.96 6.93
CA ASP A 62 -12.70 3.51 6.74
C ASP A 62 -12.30 3.11 5.33
N GLU A 63 -12.81 3.84 4.35
CA GLU A 63 -12.48 3.60 2.95
C GLU A 63 -10.99 3.86 2.71
N TYR A 64 -10.45 4.88 3.38
CA TYR A 64 -9.04 5.22 3.24
C TYR A 64 -8.16 4.04 3.67
N TYR A 65 -8.45 3.48 4.84
CA TYR A 65 -7.71 2.32 5.34
C TYR A 65 -7.97 1.12 4.43
N HIS A 66 -9.23 0.94 4.06
CA HIS A 66 -9.65 -0.19 3.23
C HIS A 66 -8.92 -0.22 1.90
N LEU A 67 -8.85 0.93 1.22
CA LEU A 67 -8.25 0.99 -0.11
C LEU A 67 -6.78 0.57 -0.08
N LEU A 68 -6.01 1.18 0.82
CA LEU A 68 -4.59 0.85 0.95
C LEU A 68 -4.37 -0.57 1.46
N ALA A 69 -5.16 -1.01 2.43
CA ALA A 69 -5.02 -2.36 2.97
C ALA A 69 -5.27 -3.39 1.88
N GLU A 70 -6.27 -3.12 1.06
CA GLU A 70 -6.61 -3.95 -0.09
C GLU A 70 -5.46 -3.93 -1.11
N LYS A 71 -4.89 -2.75 -1.29
CA LYS A 71 -3.81 -2.53 -2.26
C LYS A 71 -2.57 -3.31 -1.85
N ILE A 72 -2.17 -3.14 -0.59
CA ILE A 72 -0.91 -3.73 -0.11
C ILE A 72 -0.96 -5.26 -0.10
N TYR A 73 -2.08 -5.86 0.30
CA TYR A 73 -2.14 -7.32 0.42
C TYR A 73 -2.03 -7.97 -0.96
N LYS A 74 -2.77 -7.43 -1.93
CA LYS A 74 -2.76 -7.98 -3.28
C LYS A 74 -1.33 -8.04 -3.84
N ILE A 75 -0.62 -6.93 -3.75
CA ILE A 75 0.74 -6.84 -4.26
C ILE A 75 1.69 -7.71 -3.44
N GLN A 76 1.54 -7.63 -2.12
CA GLN A 76 2.33 -8.46 -1.21
C GLN A 76 2.20 -9.94 -1.55
N LYS A 77 0.98 -10.37 -1.83
CA LYS A 77 0.71 -11.74 -2.28
C LYS A 77 1.36 -11.98 -3.64
N GLU A 78 1.26 -10.96 -4.50
CA GLU A 78 1.86 -11.01 -5.84
C GLU A 78 3.36 -11.28 -5.75
N LEU A 79 4.02 -10.63 -4.78
CA LEU A 79 5.45 -10.85 -4.54
C LEU A 79 5.70 -12.32 -4.21
N GLU A 80 4.84 -12.89 -3.40
CA GLU A 80 4.97 -14.28 -2.99
C GLU A 80 4.78 -15.21 -4.18
N GLU A 81 3.74 -14.94 -4.97
CA GLU A 81 3.48 -15.74 -6.18
C GLU A 81 4.64 -15.62 -7.16
N LYS A 82 5.17 -14.40 -7.27
CA LYS A 82 6.32 -14.13 -8.12
C LYS A 82 7.51 -15.03 -7.76
N ARG A 83 7.78 -15.14 -6.47
CA ARG A 83 8.90 -15.93 -5.98
C ARG A 83 8.55 -17.43 -6.02
N ARG A 84 7.26 -17.71 -5.87
CA ARG A 84 6.76 -19.09 -5.85
C ARG A 84 6.84 -19.68 -7.25
N SER A 85 6.47 -18.89 -8.25
CA SER A 85 6.49 -19.32 -9.64
C SER A 85 7.89 -19.17 -10.23
N ARG A 86 8.89 -19.07 -9.35
CA ARG A 86 10.29 -18.98 -9.74
C ARG A 86 10.64 -17.57 -10.20
N LEU A 87 11.69 -17.02 -9.62
CA LEU A 87 12.16 -15.70 -9.97
C LEU A 87 13.42 -15.83 -10.81
N ASP B 1 -8.03 3.32 -14.18
CA ASP B 1 -8.01 1.93 -14.64
C ASP B 1 -6.77 1.66 -15.48
N ALA B 2 -5.62 1.77 -14.84
CA ALA B 2 -4.35 1.46 -15.48
C ALA B 2 -3.47 0.68 -14.52
N GLY B 3 -4.11 0.07 -13.53
CA GLY B 3 -3.38 -0.63 -12.50
C GLY B 3 -3.09 0.24 -11.30
N ASN B 4 -3.71 -0.07 -10.17
CA ASN B 4 -3.45 0.67 -8.94
C ASN B 4 -2.64 -0.25 -8.03
N ILE B 5 -1.84 -1.06 -8.69
CA ILE B 5 -0.98 -2.03 -8.02
C ILE B 5 0.42 -1.90 -8.62
N LEU B 6 1.42 -2.34 -7.88
CA LEU B 6 2.81 -2.13 -8.30
C LEU B 6 3.16 -3.08 -9.44
N PRO B 7 3.43 -2.52 -10.64
CA PRO B 7 3.70 -3.32 -11.85
C PRO B 7 4.97 -4.17 -11.75
N SER B 8 5.15 -5.07 -12.71
CA SER B 8 6.25 -6.02 -12.68
C SER B 8 7.60 -5.32 -12.53
N ASP B 9 7.76 -4.19 -13.21
CA ASP B 9 9.02 -3.44 -13.19
C ASP B 9 9.44 -3.08 -11.77
N ILE B 10 8.50 -2.52 -11.00
CA ILE B 10 8.78 -2.17 -9.61
C ILE B 10 9.02 -3.43 -8.78
N MET B 11 8.24 -4.47 -9.06
CA MET B 11 8.34 -5.75 -8.36
C MET B 11 9.76 -6.32 -8.49
N ASP B 12 10.36 -6.14 -9.66
CA ASP B 12 11.71 -6.65 -9.92
C ASP B 12 12.70 -6.17 -8.88
N PHE B 13 12.57 -4.92 -8.46
CA PHE B 13 13.57 -4.29 -7.59
C PHE B 13 13.71 -5.07 -6.28
N VAL B 14 12.60 -5.34 -5.60
CA VAL B 14 12.64 -6.08 -4.35
C VAL B 14 13.05 -7.54 -4.56
N LEU B 15 12.47 -8.17 -5.58
CA LEU B 15 12.72 -9.59 -5.83
C LEU B 15 14.18 -9.85 -6.21
N LYS B 16 14.77 -8.97 -7.02
CA LYS B 16 16.11 -9.21 -7.53
C LYS B 16 17.16 -8.52 -6.66
N ASN B 17 16.77 -8.15 -5.45
CA ASN B 17 17.69 -7.53 -4.51
C ASN B 17 17.76 -8.35 -3.23
N THR B 18 18.89 -8.29 -2.55
CA THR B 18 19.10 -9.03 -1.32
C THR B 18 20.00 -8.24 -0.38
N PRO B 19 19.49 -7.88 0.81
CA PRO B 19 20.27 -7.17 1.83
C PRO B 19 21.52 -7.95 2.24
N ASP C 1 -15.00 -8.16 -17.30
CA ASP C 1 -14.00 -8.69 -16.39
C ASP C 1 -13.50 -7.60 -15.43
N SER C 2 -13.32 -6.40 -15.96
CA SER C 2 -12.91 -5.25 -15.14
C SER C 2 -13.97 -4.92 -14.09
N VAL C 3 -15.23 -5.15 -14.44
CA VAL C 3 -16.35 -4.92 -13.53
C VAL C 3 -16.39 -5.99 -12.46
N THR C 4 -16.37 -7.25 -12.88
CA THR C 4 -16.43 -8.37 -11.95
C THR C 4 -15.11 -8.54 -11.20
N ASP C 5 -14.11 -7.77 -11.63
CA ASP C 5 -12.82 -7.71 -10.93
C ASP C 5 -13.04 -7.34 -9.48
N SER C 6 -13.92 -6.37 -9.25
CA SER C 6 -14.25 -5.93 -7.91
C SER C 6 -14.91 -7.06 -7.12
N GLN C 7 -15.85 -7.76 -7.77
CA GLN C 7 -16.58 -8.84 -7.12
C GLN C 7 -15.65 -10.00 -6.76
N LYS C 8 -14.83 -10.40 -7.72
CA LYS C 8 -13.91 -11.51 -7.51
C LYS C 8 -12.90 -11.16 -6.42
N ARG C 9 -12.44 -9.90 -6.44
CA ARG C 9 -11.55 -9.38 -5.42
C ARG C 9 -12.21 -9.47 -4.05
N ARG C 10 -13.46 -9.07 -4.00
CA ARG C 10 -14.22 -8.99 -2.75
C ARG C 10 -14.28 -10.36 -2.06
N GLU C 11 -14.43 -11.41 -2.87
CA GLU C 11 -14.52 -12.77 -2.36
C GLU C 11 -13.29 -13.11 -1.50
N ILE C 12 -12.10 -12.68 -1.93
CA ILE C 12 -10.88 -12.94 -1.17
C ILE C 12 -10.94 -12.20 0.16
N LEU C 13 -11.48 -10.99 0.12
CA LEU C 13 -11.54 -10.13 1.31
C LEU C 13 -12.44 -10.75 2.36
N SER C 14 -13.56 -11.27 1.89
CA SER C 14 -14.57 -11.90 2.73
C SER C 14 -14.02 -13.16 3.46
N ARG C 15 -12.89 -13.66 3.00
CA ARG C 15 -12.30 -14.86 3.58
C ARG C 15 -10.79 -14.72 3.60
N ARG C 16 -10.31 -13.58 4.07
CA ARG C 16 -8.88 -13.33 4.10
C ARG C 16 -8.37 -13.23 5.53
N PRO C 17 -7.68 -14.28 6.01
CA PRO C 17 -7.11 -14.28 7.36
C PRO C 17 -5.96 -13.30 7.51
N TYR C 19 -5.85 -10.19 6.39
CA TYR C 19 -6.44 -8.95 6.86
C TYR C 19 -6.76 -9.05 8.36
N ARG C 20 -7.25 -10.20 8.79
CA ARG C 20 -7.45 -10.43 10.22
C ARG C 20 -6.12 -10.18 10.96
N LYS C 21 -5.04 -10.62 10.34
CA LYS C 21 -3.70 -10.37 10.84
C LYS C 21 -3.31 -8.88 10.75
N ILE C 22 -3.19 -8.34 9.53
CA ILE C 22 -2.65 -6.98 9.33
C ILE C 22 -3.73 -5.90 9.46
N LEU C 23 -4.87 -6.09 8.81
CA LEU C 23 -5.95 -5.10 8.79
C LEU C 23 -6.43 -4.77 10.21
N ASN C 24 -6.57 -5.80 11.04
CA ASN C 24 -6.98 -5.57 12.42
C ASN C 24 -5.91 -4.80 13.21
N ASP C 25 -4.67 -5.28 13.16
CA ASP C 25 -3.58 -4.70 13.94
C ASP C 25 -3.21 -3.28 13.49
N LEU C 26 -3.01 -3.12 12.19
CA LEU C 26 -2.50 -1.86 11.63
C LEU C 26 -3.46 -0.70 11.87
N SER C 27 -4.76 -0.94 11.75
CA SER C 27 -5.76 0.13 11.86
C SER C 27 -5.88 0.71 13.26
N SER C 28 -5.44 -0.04 14.26
CA SER C 28 -5.59 0.38 15.66
C SER C 28 -4.89 1.71 15.90
N ASP C 29 -3.79 1.91 15.19
CA ASP C 29 -2.91 3.04 15.39
C ASP C 29 -1.65 2.77 14.59
N ALA C 30 -1.61 3.24 13.34
CA ALA C 30 -0.44 3.06 12.45
C ALA C 30 0.86 3.17 13.26
N PRO C 31 1.56 2.03 13.44
CA PRO C 31 2.66 1.90 14.40
C PRO C 31 3.72 3.00 14.32
N GLY C 32 3.99 3.59 15.47
CA GLY C 32 5.02 4.59 15.58
C GLY C 32 4.90 5.41 16.84
N VAL C 33 4.23 6.56 16.73
CA VAL C 33 4.10 7.50 17.84
C VAL C 33 5.47 8.12 18.18
N PRO C 34 5.83 9.19 17.45
CA PRO C 34 7.07 9.91 17.66
C PRO C 34 6.96 10.89 18.82
N GLY A 1 -19.90 26.32 -2.85
CA GLY A 1 -20.10 25.33 -3.88
C GLY A 1 -19.26 24.08 -3.66
N VAL A 2 -17.94 24.26 -3.50
CA VAL A 2 -17.05 23.12 -3.28
C VAL A 2 -16.73 22.97 -1.79
N ARG A 3 -17.33 21.96 -1.17
CA ARG A 3 -17.13 21.71 0.25
C ARG A 3 -17.07 20.22 0.54
N LYS A 4 -15.87 19.76 0.84
CA LYS A 4 -15.64 18.40 1.29
C LYS A 4 -14.27 18.32 1.92
N GLY A 5 -14.22 18.44 3.24
CA GLY A 5 -12.95 18.50 3.93
C GLY A 5 -13.08 18.14 5.38
N TRP A 6 -13.76 17.05 5.66
CA TRP A 6 -13.93 16.59 7.03
C TRP A 6 -12.58 16.11 7.58
N HIS A 7 -11.81 15.44 6.72
CA HIS A 7 -10.52 14.88 7.10
C HIS A 7 -9.42 15.95 7.23
N GLU A 8 -9.78 17.22 7.10
CA GLU A 8 -8.83 18.33 7.27
C GLU A 8 -8.10 18.28 8.61
N HIS A 9 -8.59 17.46 9.54
CA HIS A 9 -7.94 17.31 10.84
C HIS A 9 -6.80 16.28 10.76
N VAL A 10 -6.68 15.65 9.59
CA VAL A 10 -5.58 14.73 9.31
C VAL A 10 -4.40 15.53 8.77
N THR A 11 -3.20 15.24 9.28
CA THR A 11 -2.03 16.01 8.92
C THR A 11 -1.26 15.33 7.80
N GLN A 12 -0.31 16.05 7.21
CA GLN A 12 0.57 15.45 6.21
C GLN A 12 1.35 14.31 6.83
N ASP A 13 1.77 14.51 8.08
CA ASP A 13 2.60 13.54 8.79
C ASP A 13 1.94 12.17 8.87
N LEU A 14 0.65 12.13 9.22
CA LEU A 14 -0.08 10.86 9.27
C LEU A 14 0.02 10.13 7.95
N ARG A 15 -0.21 10.86 6.87
CA ARG A 15 -0.10 10.30 5.52
C ARG A 15 1.31 9.82 5.26
N SER A 16 2.28 10.63 5.65
CA SER A 16 3.69 10.32 5.45
C SER A 16 4.07 8.99 6.12
N HIS A 17 3.54 8.76 7.31
CA HIS A 17 3.77 7.50 8.01
C HIS A 17 3.16 6.35 7.21
N LEU A 18 1.98 6.60 6.67
CA LEU A 18 1.27 5.62 5.85
C LEU A 18 2.07 5.32 4.57
N VAL A 19 2.62 6.36 3.95
CA VAL A 19 3.47 6.20 2.76
C VAL A 19 4.71 5.38 3.11
N HIS A 20 5.31 5.69 4.25
CA HIS A 20 6.49 4.96 4.69
C HIS A 20 6.15 3.49 4.92
N LYS A 21 4.98 3.25 5.50
CA LYS A 21 4.47 1.91 5.69
C LYS A 21 4.25 1.22 4.35
N LEU A 22 3.76 1.98 3.37
CA LEU A 22 3.53 1.46 2.03
C LEU A 22 4.85 0.95 1.44
N VAL A 23 5.90 1.77 1.56
CA VAL A 23 7.22 1.38 1.12
C VAL A 23 7.73 0.19 1.93
N GLN A 24 7.59 0.26 3.24
CA GLN A 24 8.04 -0.83 4.14
C GLN A 24 7.41 -2.15 3.72
N ALA A 25 6.16 -2.08 3.30
CA ALA A 25 5.43 -3.25 2.83
C ALA A 25 6.15 -3.90 1.66
N ILE A 26 6.71 -3.07 0.78
CA ILE A 26 7.43 -3.57 -0.39
C ILE A 26 8.89 -3.85 -0.03
N PHE A 27 9.46 -2.99 0.80
CA PHE A 27 10.87 -3.06 1.16
C PHE A 27 11.03 -3.06 2.68
N PRO A 28 11.39 -4.21 3.26
CA PRO A 28 11.53 -4.35 4.72
C PRO A 28 12.62 -3.45 5.28
N THR A 29 13.74 -3.37 4.59
CA THR A 29 14.86 -2.55 5.02
C THR A 29 15.79 -2.26 3.84
N PRO A 30 15.79 -1.03 3.35
CA PRO A 30 16.70 -0.59 2.28
C PRO A 30 18.11 -0.34 2.80
N ASP A 31 19.10 -0.68 1.98
CA ASP A 31 20.50 -0.46 2.32
C ASP A 31 20.90 0.98 1.98
N PRO A 32 22.03 1.48 2.53
CA PRO A 32 22.43 2.88 2.32
C PRO A 32 22.51 3.28 0.85
N ALA A 33 23.00 2.37 0.00
CA ALA A 33 23.18 2.68 -1.41
C ALA A 33 21.83 2.66 -2.12
N ALA A 34 20.87 1.95 -1.56
CA ALA A 34 19.54 1.86 -2.14
C ALA A 34 18.80 3.16 -1.95
N LEU A 35 18.92 3.72 -0.75
CA LEU A 35 18.17 4.90 -0.36
C LEU A 35 18.56 6.13 -1.18
N LYS A 36 19.80 6.16 -1.64
CA LYS A 36 20.30 7.28 -2.41
C LYS A 36 20.10 7.05 -3.91
N ASP A 37 19.51 5.91 -4.25
CA ASP A 37 19.40 5.48 -5.64
C ASP A 37 18.04 5.87 -6.21
N ARG A 38 18.04 6.16 -7.51
CA ARG A 38 16.84 6.59 -8.22
C ARG A 38 15.74 5.53 -8.16
N ARG A 39 16.15 4.25 -8.22
CA ARG A 39 15.19 3.15 -8.17
C ARG A 39 14.33 3.24 -6.92
N MET A 40 14.98 3.49 -5.79
CA MET A 40 14.28 3.65 -4.52
C MET A 40 13.41 4.90 -4.53
N GLU A 41 13.94 5.98 -5.09
CA GLU A 41 13.21 7.24 -5.16
C GLU A 41 11.91 7.06 -5.93
N ASN A 42 11.96 6.29 -7.02
CA ASN A 42 10.76 5.99 -7.80
C ASN A 42 9.79 5.17 -6.95
N LEU A 43 10.32 4.26 -6.15
CA LEU A 43 9.49 3.44 -5.25
C LEU A 43 8.72 4.35 -4.28
N VAL A 44 9.44 5.30 -3.68
CA VAL A 44 8.79 6.28 -2.78
C VAL A 44 7.81 7.14 -3.55
N ALA A 45 8.15 7.50 -4.78
CA ALA A 45 7.30 8.35 -5.58
C ALA A 45 5.99 7.64 -5.91
N TYR A 46 6.10 6.34 -6.21
CA TYR A 46 4.94 5.51 -6.49
C TYR A 46 4.02 5.47 -5.28
N ALA A 47 4.59 5.27 -4.10
CA ALA A 47 3.82 5.22 -2.87
C ALA A 47 3.16 6.56 -2.60
N LYS A 48 3.88 7.64 -2.87
CA LYS A 48 3.40 9.01 -2.66
C LYS A 48 2.20 9.32 -3.55
N LYS A 49 2.31 8.97 -4.82
CA LYS A 49 1.22 9.22 -5.77
C LYS A 49 -0.02 8.45 -5.39
N VAL A 50 0.15 7.16 -5.08
CA VAL A 50 -0.96 6.33 -4.64
C VAL A 50 -1.58 6.88 -3.36
N GLU A 51 -0.73 7.29 -2.42
CA GLU A 51 -1.21 7.88 -1.17
C GLU A 51 -2.13 9.05 -1.44
N GLY A 52 -1.76 9.85 -2.43
CA GLY A 52 -2.56 10.99 -2.78
C GLY A 52 -3.94 10.60 -3.25
N ASP A 53 -4.01 9.58 -4.10
CA ASP A 53 -5.28 9.12 -4.66
C ASP A 53 -6.15 8.51 -3.58
N MET A 54 -5.53 7.71 -2.70
CA MET A 54 -6.27 6.98 -1.68
C MET A 54 -6.91 7.95 -0.71
N TYR A 55 -6.17 8.98 -0.35
CA TYR A 55 -6.68 10.03 0.52
C TYR A 55 -7.92 10.67 -0.12
N GLU A 56 -7.84 10.92 -1.43
CA GLU A 56 -8.94 11.54 -2.17
C GLU A 56 -10.14 10.59 -2.29
N SER A 57 -9.88 9.32 -2.52
CA SER A 57 -10.95 8.37 -2.82
C SER A 57 -11.52 7.71 -1.56
N ALA A 58 -10.75 7.73 -0.48
CA ALA A 58 -11.18 7.14 0.79
C ALA A 58 -12.52 7.66 1.26
N ASN A 59 -12.57 8.96 1.54
CA ASN A 59 -13.77 9.65 2.01
C ASN A 59 -14.08 9.34 3.47
N SER A 60 -13.70 8.16 3.94
CA SER A 60 -14.01 7.74 5.30
C SER A 60 -12.77 7.19 5.97
N ARG A 61 -12.74 7.18 7.30
CA ARG A 61 -11.56 6.71 8.03
C ARG A 61 -11.31 5.22 7.78
N ASP A 62 -12.38 4.43 7.94
CA ASP A 62 -12.30 2.99 7.75
C ASP A 62 -11.96 2.65 6.32
N GLU A 63 -12.56 3.38 5.38
CA GLU A 63 -12.30 3.19 3.96
C GLU A 63 -10.84 3.41 3.62
N TYR A 64 -10.22 4.39 4.28
CA TYR A 64 -8.82 4.72 4.03
C TYR A 64 -7.94 3.50 4.30
N TYR A 65 -8.12 2.88 5.45
CA TYR A 65 -7.37 1.67 5.79
C TYR A 65 -7.76 0.53 4.84
N HIS A 66 -9.05 0.44 4.52
CA HIS A 66 -9.57 -0.60 3.62
C HIS A 66 -8.85 -0.57 2.27
N LEU A 67 -8.69 0.62 1.73
CA LEU A 67 -7.97 0.79 0.45
C LEU A 67 -6.51 0.38 0.60
N LEU A 68 -5.93 0.73 1.74
CA LEU A 68 -4.53 0.42 2.01
C LEU A 68 -4.32 -1.10 2.04
N ALA A 69 -5.27 -1.80 2.65
CA ALA A 69 -5.18 -3.25 2.79
C ALA A 69 -5.18 -3.91 1.42
N GLU A 70 -6.12 -3.53 0.57
CA GLU A 70 -6.23 -4.11 -0.76
C GLU A 70 -5.00 -3.81 -1.59
N LYS A 71 -4.46 -2.61 -1.45
CA LYS A 71 -3.30 -2.19 -2.20
C LYS A 71 -2.10 -3.06 -1.80
N ILE A 72 -1.90 -3.22 -0.50
CA ILE A 72 -0.77 -4.00 -0.01
C ILE A 72 -0.89 -5.49 -0.39
N TYR A 73 -2.10 -6.06 -0.31
CA TYR A 73 -2.30 -7.44 -0.72
C TYR A 73 -2.06 -7.61 -2.21
N LYS A 74 -2.48 -6.62 -3.00
CA LYS A 74 -2.31 -6.66 -4.45
C LYS A 74 -0.84 -6.85 -4.83
N ILE A 75 0.05 -6.12 -4.16
CA ILE A 75 1.48 -6.25 -4.41
C ILE A 75 1.94 -7.65 -4.05
N GLN A 76 1.53 -8.07 -2.85
CA GLN A 76 1.85 -9.39 -2.34
C GLN A 76 1.42 -10.48 -3.32
N LYS A 77 0.22 -10.32 -3.89
CA LYS A 77 -0.30 -11.28 -4.86
C LYS A 77 0.58 -11.30 -6.12
N GLU A 78 1.00 -10.13 -6.57
CA GLU A 78 1.86 -10.04 -7.74
C GLU A 78 3.21 -10.68 -7.47
N LEU A 79 3.75 -10.43 -6.28
CA LEU A 79 5.01 -11.06 -5.85
C LEU A 79 4.85 -12.57 -5.85
N GLU A 80 3.70 -13.04 -5.37
CA GLU A 80 3.40 -14.46 -5.32
C GLU A 80 3.33 -15.04 -6.74
N GLU A 81 2.68 -14.31 -7.63
CA GLU A 81 2.53 -14.76 -9.02
C GLU A 81 3.89 -14.87 -9.70
N LYS A 82 4.77 -13.92 -9.41
CA LYS A 82 6.13 -13.93 -9.94
C LYS A 82 6.87 -15.18 -9.47
N ARG A 83 6.67 -15.53 -8.20
CA ARG A 83 7.27 -16.74 -7.63
C ARG A 83 6.66 -17.99 -8.26
N ARG A 84 5.39 -17.92 -8.60
CA ARG A 84 4.69 -19.06 -9.22
C ARG A 84 5.18 -19.29 -10.63
N SER A 85 5.89 -18.32 -11.18
CA SER A 85 6.38 -18.39 -12.55
C SER A 85 7.62 -19.30 -12.66
N ARG A 86 7.83 -20.10 -11.63
CA ARG A 86 8.87 -21.13 -11.65
C ARG A 86 8.56 -22.19 -12.70
N LEU A 87 9.50 -23.10 -12.90
CA LEU A 87 9.36 -24.16 -13.86
C LEU A 87 8.21 -25.09 -13.46
N ASP B 1 -7.33 3.81 -10.00
CA ASP B 1 -8.22 3.22 -9.01
C ASP B 1 -7.48 2.98 -7.70
N ALA B 2 -7.28 4.07 -6.96
CA ALA B 2 -6.58 4.06 -5.68
C ALA B 2 -5.21 3.41 -5.78
N GLY B 3 -4.65 3.42 -6.98
CA GLY B 3 -3.37 2.79 -7.23
C GLY B 3 -3.36 1.34 -6.84
N ASN B 4 -4.02 0.53 -7.63
CA ASN B 4 -4.18 -0.88 -7.29
C ASN B 4 -2.91 -1.67 -7.61
N ILE B 5 -2.68 -1.89 -8.90
CA ILE B 5 -1.59 -2.78 -9.31
C ILE B 5 -0.32 -1.97 -9.62
N LEU B 6 0.82 -2.58 -9.37
CA LEU B 6 2.10 -1.97 -9.60
C LEU B 6 2.75 -2.50 -10.87
N PRO B 7 3.80 -1.83 -11.37
CA PRO B 7 4.58 -2.32 -12.50
C PRO B 7 5.46 -3.49 -12.10
N SER B 8 5.54 -4.48 -12.99
CA SER B 8 6.36 -5.68 -12.80
C SER B 8 7.81 -5.28 -12.51
N ASP B 9 8.27 -4.24 -13.20
CA ASP B 9 9.65 -3.75 -13.10
C ASP B 9 10.04 -3.44 -11.65
N ILE B 10 9.16 -2.78 -10.90
CA ILE B 10 9.45 -2.42 -9.52
C ILE B 10 9.61 -3.70 -8.68
N MET B 11 8.73 -4.66 -8.94
CA MET B 11 8.76 -5.94 -8.25
C MET B 11 10.03 -6.70 -8.58
N ASP B 12 10.44 -6.64 -9.84
CA ASP B 12 11.68 -7.27 -10.28
C ASP B 12 12.87 -6.73 -9.50
N PHE B 13 12.85 -5.43 -9.23
CA PHE B 13 13.96 -4.78 -8.52
C PHE B 13 14.07 -5.32 -7.09
N VAL B 14 12.96 -5.38 -6.36
CA VAL B 14 12.97 -5.86 -4.98
C VAL B 14 13.33 -7.34 -4.91
N LEU B 15 12.83 -8.12 -5.88
CA LEU B 15 13.19 -9.53 -5.98
C LEU B 15 14.69 -9.68 -6.29
N LYS B 16 15.21 -8.80 -7.13
CA LYS B 16 16.60 -8.92 -7.60
C LYS B 16 17.58 -8.62 -6.47
N ASN B 17 17.26 -7.63 -5.65
CA ASN B 17 18.14 -7.22 -4.56
C ASN B 17 17.65 -7.77 -3.24
N THR B 18 18.54 -8.44 -2.51
CA THR B 18 18.17 -9.04 -1.25
C THR B 18 18.69 -8.23 -0.06
N PRO B 19 17.80 -7.75 0.80
CA PRO B 19 18.18 -6.96 1.99
C PRO B 19 18.79 -7.84 3.07
N ASP C 1 -19.80 -8.66 -15.78
CA ASP C 1 -18.63 -9.10 -15.02
C ASP C 1 -17.95 -7.91 -14.36
N SER C 2 -17.69 -6.87 -15.17
CA SER C 2 -17.07 -5.64 -14.67
C SER C 2 -17.98 -4.94 -13.65
N VAL C 3 -19.29 -5.10 -13.81
CA VAL C 3 -20.25 -4.55 -12.87
C VAL C 3 -20.15 -5.27 -11.53
N THR C 4 -20.22 -6.59 -11.57
CA THR C 4 -20.12 -7.40 -10.36
C THR C 4 -18.69 -7.46 -9.81
N ASP C 5 -17.78 -6.72 -10.45
CA ASP C 5 -16.39 -6.64 -10.00
C ASP C 5 -16.32 -6.20 -8.55
N SER C 6 -17.15 -5.22 -8.21
CA SER C 6 -17.23 -4.71 -6.84
C SER C 6 -17.56 -5.84 -5.87
N GLN C 7 -18.58 -6.62 -6.21
CA GLN C 7 -19.01 -7.74 -5.37
C GLN C 7 -17.92 -8.81 -5.32
N LYS C 8 -17.40 -9.14 -6.49
CA LYS C 8 -16.42 -10.20 -6.64
C LYS C 8 -15.15 -9.87 -5.89
N ARG C 9 -14.73 -8.61 -5.96
CA ARG C 9 -13.55 -8.16 -5.25
C ARG C 9 -13.73 -8.33 -3.75
N ARG C 10 -14.89 -7.91 -3.27
CA ARG C 10 -15.18 -7.92 -1.84
C ARG C 10 -15.13 -9.34 -1.28
N GLU C 11 -15.67 -10.28 -2.06
CA GLU C 11 -15.79 -11.67 -1.63
C GLU C 11 -14.43 -12.24 -1.21
N ILE C 12 -13.37 -11.91 -1.95
CA ILE C 12 -12.04 -12.41 -1.63
C ILE C 12 -11.61 -11.86 -0.28
N LEU C 13 -11.97 -10.61 -0.03
CA LEU C 13 -11.56 -9.92 1.20
C LEU C 13 -12.23 -10.55 2.40
N SER C 14 -13.52 -10.83 2.24
CA SER C 14 -14.36 -11.39 3.31
C SER C 14 -13.77 -12.67 3.89
N ARG C 15 -13.23 -13.52 3.03
CA ARG C 15 -12.71 -14.81 3.45
C ARG C 15 -11.24 -14.94 3.03
N ARG C 16 -10.47 -13.92 3.34
CA ARG C 16 -9.04 -13.95 3.05
C ARG C 16 -8.25 -13.98 4.35
N PRO C 17 -7.75 -15.17 4.74
CA PRO C 17 -6.97 -15.36 5.97
C PRO C 17 -5.79 -14.41 6.06
N TYR C 19 -5.47 -11.53 4.56
CA TYR C 19 -6.01 -10.18 4.70
C TYR C 19 -6.32 -9.87 6.15
N ARG C 20 -6.96 -10.83 6.82
CA ARG C 20 -7.34 -10.66 8.22
C ARG C 20 -6.12 -10.37 9.08
N LYS C 21 -5.04 -11.10 8.81
CA LYS C 21 -3.80 -10.95 9.58
C LYS C 21 -3.24 -9.54 9.45
N ILE C 22 -3.03 -9.10 8.22
CA ILE C 22 -2.45 -7.78 7.97
C ILE C 22 -3.40 -6.68 8.42
N LEU C 23 -4.70 -6.93 8.30
CA LEU C 23 -5.71 -5.96 8.66
C LEU C 23 -5.66 -5.62 10.15
N ASN C 24 -5.48 -6.63 10.98
CA ASN C 24 -5.34 -6.41 12.42
C ASN C 24 -4.06 -5.65 12.77
N ASP C 25 -2.91 -6.15 12.30
CA ASP C 25 -1.61 -5.60 12.69
C ASP C 25 -1.36 -4.18 12.19
N LEU C 26 -1.55 -3.97 10.89
CA LEU C 26 -1.22 -2.70 10.23
C LEU C 26 -2.01 -1.53 10.84
N SER C 27 -3.28 -1.76 11.14
CA SER C 27 -4.15 -0.71 11.68
C SER C 27 -3.74 -0.29 13.08
N SER C 28 -2.91 -1.09 13.70
CA SER C 28 -2.55 -0.90 15.09
C SER C 28 -1.14 -0.35 15.21
N ASP C 29 -0.82 0.63 14.39
CA ASP C 29 0.50 1.27 14.41
C ASP C 29 0.59 2.32 13.28
N ALA C 30 -0.09 3.46 13.44
CA ALA C 30 0.00 4.56 12.49
C ALA C 30 0.05 5.88 13.26
N PRO C 31 1.26 6.40 13.55
CA PRO C 31 1.39 7.64 14.33
C PRO C 31 0.86 8.86 13.59
N GLY C 32 -0.03 9.59 14.24
CA GLY C 32 -0.44 10.88 13.70
C GLY C 32 -0.64 11.93 14.79
N VAL C 33 0.40 12.10 15.61
CA VAL C 33 0.34 13.02 16.75
C VAL C 33 1.74 13.53 17.05
N PRO C 34 1.97 14.85 16.85
CA PRO C 34 3.26 15.48 17.16
C PRO C 34 3.60 15.40 18.64
N GLY A 1 -8.89 25.46 4.12
CA GLY A 1 -10.29 25.26 3.82
C GLY A 1 -10.76 23.83 4.05
N VAL A 2 -10.67 23.34 5.28
CA VAL A 2 -11.18 22.01 5.60
C VAL A 2 -12.67 22.05 5.89
N ARG A 3 -13.47 21.60 4.93
CA ARG A 3 -14.91 21.58 5.10
C ARG A 3 -15.44 20.16 4.91
N LYS A 4 -14.66 19.21 5.40
CA LYS A 4 -15.01 17.79 5.33
C LYS A 4 -14.66 17.16 6.66
N GLY A 5 -15.67 17.00 7.51
CA GLY A 5 -15.49 16.50 8.86
C GLY A 5 -14.72 15.20 8.90
N TRP A 6 -15.04 14.31 7.98
CA TRP A 6 -14.35 13.03 7.82
C TRP A 6 -12.83 13.22 7.75
N HIS A 7 -12.37 14.18 6.96
CA HIS A 7 -10.94 14.40 6.74
C HIS A 7 -10.27 15.15 7.89
N GLU A 8 -11.02 15.55 8.90
CA GLU A 8 -10.48 16.43 9.94
C GLU A 8 -9.62 15.66 10.93
N HIS A 9 -9.80 14.35 11.00
CA HIS A 9 -9.04 13.54 11.95
C HIS A 9 -7.73 13.04 11.35
N VAL A 10 -7.48 13.36 10.08
CA VAL A 10 -6.27 12.89 9.41
C VAL A 10 -5.43 14.07 8.96
N THR A 11 -4.20 14.13 9.40
CA THR A 11 -3.30 15.22 9.06
C THR A 11 -2.30 14.79 7.99
N GLN A 12 -1.61 15.76 7.40
CA GLN A 12 -0.56 15.45 6.42
C GLN A 12 0.52 14.59 7.07
N ASP A 13 0.85 14.90 8.32
CA ASP A 13 1.87 14.15 9.05
C ASP A 13 1.43 12.71 9.26
N LEU A 14 0.22 12.53 9.76
CA LEU A 14 -0.34 11.19 9.97
C LEU A 14 -0.31 10.39 8.68
N ARG A 15 -0.74 11.03 7.60
CA ARG A 15 -0.74 10.42 6.27
C ARG A 15 0.67 9.99 5.88
N SER A 16 1.63 10.89 6.08
CA SER A 16 3.01 10.66 5.70
C SER A 16 3.57 9.40 6.37
N HIS A 17 3.21 9.18 7.63
CA HIS A 17 3.66 8.01 8.36
C HIS A 17 3.17 6.73 7.68
N LEU A 18 1.92 6.76 7.27
CA LEU A 18 1.31 5.62 6.57
C LEU A 18 1.98 5.39 5.22
N VAL A 19 2.28 6.48 4.51
CA VAL A 19 2.99 6.39 3.22
C VAL A 19 4.39 5.79 3.40
N HIS A 20 5.07 6.19 4.48
CA HIS A 20 6.39 5.64 4.79
C HIS A 20 6.30 4.14 4.98
N LYS A 21 5.24 3.70 5.63
CA LYS A 21 4.95 2.28 5.81
C LYS A 21 4.75 1.59 4.46
N LEU A 22 4.11 2.31 3.51
CA LEU A 22 3.86 1.77 2.18
C LEU A 22 5.18 1.31 1.55
N VAL A 23 6.22 2.14 1.68
CA VAL A 23 7.54 1.79 1.20
C VAL A 23 8.11 0.60 1.97
N GLN A 24 7.99 0.64 3.29
CA GLN A 24 8.51 -0.42 4.15
C GLN A 24 7.93 -1.77 3.75
N ALA A 25 6.66 -1.76 3.37
CA ALA A 25 5.96 -2.95 2.92
C ALA A 25 6.61 -3.53 1.68
N ILE A 26 7.05 -2.64 0.80
CA ILE A 26 7.62 -3.05 -0.49
C ILE A 26 9.09 -3.44 -0.34
N PHE A 27 9.80 -2.73 0.53
CA PHE A 27 11.22 -2.94 0.71
C PHE A 27 11.57 -2.81 2.19
N PRO A 28 11.71 -3.94 2.89
CA PRO A 28 11.98 -3.95 4.35
C PRO A 28 13.28 -3.25 4.71
N THR A 29 14.32 -3.48 3.93
CA THR A 29 15.60 -2.85 4.19
C THR A 29 16.47 -2.80 2.93
N PRO A 30 16.60 -1.62 2.33
CA PRO A 30 17.53 -1.38 1.23
C PRO A 30 18.93 -1.08 1.75
N ASP A 31 19.95 -1.51 1.02
CA ASP A 31 21.33 -1.31 1.44
C ASP A 31 21.79 0.10 1.07
N PRO A 32 22.93 0.58 1.62
CA PRO A 32 23.42 1.94 1.36
C PRO A 32 23.42 2.34 -0.12
N ALA A 33 23.69 1.40 -1.02
CA ALA A 33 23.77 1.70 -2.43
C ALA A 33 22.38 1.69 -3.07
N ALA A 34 21.48 0.91 -2.48
CA ALA A 34 20.12 0.78 -3.00
C ALA A 34 19.33 2.05 -2.70
N LEU A 35 19.56 2.57 -1.50
CA LEU A 35 18.86 3.76 -1.03
C LEU A 35 19.09 4.97 -1.93
N LYS A 36 20.32 5.08 -2.45
CA LYS A 36 20.72 6.22 -3.24
C LYS A 36 20.56 5.97 -4.74
N ASP A 37 19.80 4.96 -5.10
CA ASP A 37 19.55 4.65 -6.50
C ASP A 37 18.24 5.29 -6.96
N ARG A 38 18.15 5.57 -8.26
CA ARG A 38 16.93 6.15 -8.83
C ARG A 38 15.72 5.28 -8.51
N ARG A 39 15.90 3.97 -8.55
CA ARG A 39 14.81 3.03 -8.33
C ARG A 39 14.18 3.27 -6.97
N MET A 40 15.03 3.53 -5.98
CA MET A 40 14.56 3.77 -4.61
C MET A 40 13.76 5.05 -4.54
N GLU A 41 14.26 6.10 -5.18
CA GLU A 41 13.58 7.38 -5.18
C GLU A 41 12.23 7.27 -5.87
N ASN A 42 12.22 6.58 -7.01
CA ASN A 42 10.99 6.31 -7.73
C ASN A 42 10.04 5.50 -6.85
N LEU A 43 10.60 4.55 -6.11
CA LEU A 43 9.81 3.71 -5.21
C LEU A 43 9.10 4.56 -4.17
N VAL A 44 9.85 5.43 -3.52
CA VAL A 44 9.25 6.32 -2.51
C VAL A 44 8.28 7.28 -3.16
N ALA A 45 8.64 7.80 -4.33
CA ALA A 45 7.83 8.78 -5.02
C ALA A 45 6.49 8.19 -5.41
N TYR A 46 6.55 6.93 -5.81
CA TYR A 46 5.37 6.18 -6.23
C TYR A 46 4.36 6.10 -5.08
N ALA A 47 4.88 5.92 -3.86
CA ALA A 47 4.02 5.77 -2.69
C ALA A 47 3.13 7.00 -2.47
N LYS A 48 3.70 8.21 -2.59
CA LYS A 48 2.91 9.45 -2.44
C LYS A 48 1.87 9.55 -3.54
N LYS A 49 2.29 9.21 -4.75
CA LYS A 49 1.40 9.28 -5.91
C LYS A 49 0.18 8.40 -5.70
N VAL A 50 0.42 7.14 -5.31
CA VAL A 50 -0.66 6.23 -4.94
C VAL A 50 -1.50 6.81 -3.80
N GLU A 51 -0.82 7.31 -2.79
CA GLU A 51 -1.48 7.92 -1.64
C GLU A 51 -2.41 9.05 -2.09
N GLY A 52 -1.97 9.82 -3.07
CA GLY A 52 -2.77 10.94 -3.53
C GLY A 52 -4.13 10.51 -4.01
N ASP A 53 -4.17 9.49 -4.86
CA ASP A 53 -5.43 8.98 -5.40
C ASP A 53 -6.24 8.35 -4.28
N MET A 54 -5.51 7.65 -3.43
CA MET A 54 -6.08 6.87 -2.36
C MET A 54 -6.77 7.75 -1.32
N TYR A 55 -6.05 8.77 -0.85
CA TYR A 55 -6.60 9.70 0.12
C TYR A 55 -7.85 10.39 -0.42
N GLU A 56 -7.82 10.72 -1.71
CA GLU A 56 -8.95 11.39 -2.35
C GLU A 56 -10.17 10.49 -2.40
N SER A 57 -9.94 9.22 -2.68
CA SER A 57 -11.02 8.26 -2.84
C SER A 57 -11.47 7.72 -1.49
N ALA A 58 -10.56 7.75 -0.52
CA ALA A 58 -10.83 7.29 0.83
C ALA A 58 -11.94 8.09 1.48
N ASN A 59 -11.69 9.40 1.59
CA ASN A 59 -12.65 10.36 2.14
C ASN A 59 -12.84 10.18 3.66
N SER A 60 -12.46 9.03 4.21
CA SER A 60 -12.70 8.75 5.62
C SER A 60 -11.60 7.86 6.18
N ARG A 61 -11.53 7.74 7.50
CA ARG A 61 -10.48 6.98 8.17
C ARG A 61 -10.54 5.49 7.82
N ASP A 62 -11.73 4.89 7.97
CA ASP A 62 -11.91 3.45 7.78
C ASP A 62 -11.54 3.03 6.35
N GLU A 63 -12.04 3.78 5.36
CA GLU A 63 -11.71 3.51 3.96
C GLU A 63 -10.23 3.71 3.68
N TYR A 64 -9.64 4.70 4.34
CA TYR A 64 -8.22 5.02 4.15
C TYR A 64 -7.37 3.79 4.50
N TYR A 65 -7.60 3.20 5.67
CA TYR A 65 -6.89 1.98 6.04
C TYR A 65 -7.28 0.83 5.11
N HIS A 66 -8.57 0.74 4.81
CA HIS A 66 -9.11 -0.31 3.96
C HIS A 66 -8.43 -0.31 2.59
N LEU A 67 -8.31 0.86 1.99
CA LEU A 67 -7.71 1.00 0.67
C LEU A 67 -6.24 0.61 0.72
N LEU A 68 -5.56 1.00 1.79
CA LEU A 68 -4.16 0.63 1.99
C LEU A 68 -4.03 -0.89 2.06
N ALA A 69 -4.90 -1.52 2.84
CA ALA A 69 -4.84 -2.95 3.07
C ALA A 69 -5.08 -3.74 1.79
N GLU A 70 -6.04 -3.28 0.99
CA GLU A 70 -6.39 -3.95 -0.26
C GLU A 70 -5.23 -3.89 -1.24
N LYS A 71 -4.68 -2.71 -1.43
CA LYS A 71 -3.63 -2.50 -2.42
C LYS A 71 -2.36 -3.24 -2.03
N ILE A 72 -1.94 -3.07 -0.78
CA ILE A 72 -0.70 -3.69 -0.33
C ILE A 72 -0.79 -5.23 -0.36
N TYR A 73 -1.94 -5.79 0.03
CA TYR A 73 -2.12 -7.24 -0.02
C TYR A 73 -2.12 -7.73 -1.46
N LYS A 74 -2.77 -6.99 -2.34
CA LYS A 74 -2.84 -7.35 -3.75
C LYS A 74 -1.45 -7.52 -4.34
N ILE A 75 -0.60 -6.52 -4.14
CA ILE A 75 0.76 -6.54 -4.65
C ILE A 75 1.59 -7.60 -3.92
N GLN A 76 1.44 -7.63 -2.61
CA GLN A 76 2.11 -8.61 -1.76
C GLN A 76 1.83 -10.03 -2.25
N LYS A 77 0.57 -10.30 -2.55
CA LYS A 77 0.15 -11.60 -3.06
C LYS A 77 0.83 -11.87 -4.41
N GLU A 78 0.89 -10.84 -5.24
CA GLU A 78 1.53 -10.94 -6.54
C GLU A 78 3.01 -11.29 -6.40
N LEU A 79 3.67 -10.63 -5.45
CA LEU A 79 5.06 -10.92 -5.15
C LEU A 79 5.21 -12.35 -4.63
N GLU A 80 4.26 -12.77 -3.80
CA GLU A 80 4.33 -14.09 -3.18
C GLU A 80 4.24 -15.17 -4.26
N GLU A 81 3.24 -15.07 -5.12
CA GLU A 81 3.07 -16.03 -6.22
C GLU A 81 4.27 -15.98 -7.16
N LYS A 82 4.77 -14.77 -7.41
CA LYS A 82 5.91 -14.57 -8.29
C LYS A 82 7.15 -15.23 -7.71
N ARG A 83 7.33 -15.11 -6.40
CA ARG A 83 8.52 -15.62 -5.74
C ARG A 83 8.43 -17.14 -5.56
N ARG A 84 7.22 -17.64 -5.39
CA ARG A 84 7.01 -19.08 -5.23
C ARG A 84 7.21 -19.84 -6.54
N SER A 85 6.90 -19.19 -7.65
CA SER A 85 7.05 -19.82 -8.95
C SER A 85 8.33 -19.31 -9.63
N ARG A 86 9.05 -18.45 -8.90
CA ARG A 86 10.31 -17.85 -9.34
C ARG A 86 11.16 -18.80 -10.17
N LEU A 87 11.21 -18.54 -11.47
CA LEU A 87 12.00 -19.32 -12.39
C LEU A 87 13.48 -19.29 -12.00
N ASP B 1 -3.15 8.23 -14.50
CA ASP B 1 -3.60 6.86 -14.27
C ASP B 1 -2.41 5.90 -14.37
N ALA B 2 -1.47 6.02 -13.44
CA ALA B 2 -0.28 5.20 -13.44
C ALA B 2 -0.52 3.87 -12.74
N GLY B 3 -1.65 3.79 -12.04
CA GLY B 3 -1.99 2.58 -11.32
C GLY B 3 -1.58 2.66 -9.87
N ASN B 4 -2.49 2.30 -8.98
CA ASN B 4 -2.19 2.35 -7.55
C ASN B 4 -1.56 1.06 -7.06
N ILE B 5 -1.20 0.18 -7.99
CA ILE B 5 -0.48 -1.03 -7.66
C ILE B 5 0.85 -1.03 -8.40
N LEU B 6 1.84 -1.70 -7.82
CA LEU B 6 3.23 -1.58 -8.29
C LEU B 6 3.45 -2.39 -9.57
N PRO B 7 4.07 -1.75 -10.57
CA PRO B 7 4.34 -2.38 -11.87
C PRO B 7 5.54 -3.32 -11.84
N SER B 8 5.71 -4.10 -12.90
CA SER B 8 6.73 -5.14 -12.93
C SER B 8 8.12 -4.60 -12.64
N ASP B 9 8.46 -3.45 -13.25
CA ASP B 9 9.82 -2.89 -13.15
C ASP B 9 10.27 -2.74 -11.71
N ILE B 10 9.43 -2.13 -10.88
CA ILE B 10 9.75 -1.94 -9.46
C ILE B 10 9.81 -3.28 -8.74
N MET B 11 8.87 -4.16 -9.07
CA MET B 11 8.76 -5.47 -8.42
C MET B 11 9.98 -6.33 -8.73
N ASP B 12 10.44 -6.29 -9.96
CA ASP B 12 11.63 -7.02 -10.37
C ASP B 12 12.83 -6.60 -9.52
N PHE B 13 12.92 -5.30 -9.22
CA PHE B 13 14.05 -4.77 -8.46
C PHE B 13 14.11 -5.37 -7.05
N VAL B 14 12.96 -5.48 -6.39
CA VAL B 14 12.93 -6.07 -5.04
C VAL B 14 13.31 -7.54 -5.10
N LEU B 15 12.85 -8.25 -6.12
CA LEU B 15 13.28 -9.64 -6.35
C LEU B 15 14.79 -9.71 -6.58
N LYS B 16 15.34 -8.72 -7.30
CA LYS B 16 16.77 -8.68 -7.59
C LYS B 16 17.59 -8.52 -6.30
N ASN B 17 17.01 -7.86 -5.31
CA ASN B 17 17.68 -7.65 -4.04
C ASN B 17 17.31 -8.75 -3.06
N THR B 18 18.23 -9.10 -2.17
CA THR B 18 17.98 -10.15 -1.21
C THR B 18 18.77 -9.92 0.08
N PRO B 19 18.18 -9.20 1.04
CA PRO B 19 18.80 -8.94 2.34
C PRO B 19 18.86 -10.20 3.19
N ASP C 1 -15.21 -13.20 -17.53
CA ASP C 1 -14.49 -13.31 -16.26
C ASP C 1 -14.07 -11.93 -15.77
N SER C 2 -13.69 -11.06 -16.69
CA SER C 2 -13.35 -9.67 -16.38
C SER C 2 -14.56 -8.93 -15.79
N VAL C 3 -15.76 -9.32 -16.19
CA VAL C 3 -16.97 -8.73 -15.67
C VAL C 3 -17.18 -9.15 -14.22
N THR C 4 -17.08 -10.45 -13.97
CA THR C 4 -17.23 -10.99 -12.64
C THR C 4 -15.96 -10.84 -11.82
N ASP C 5 -14.98 -10.17 -12.40
CA ASP C 5 -13.70 -9.93 -11.73
C ASP C 5 -13.92 -9.21 -10.41
N SER C 6 -14.82 -8.23 -10.42
CA SER C 6 -15.16 -7.50 -9.20
C SER C 6 -15.76 -8.44 -8.15
N GLN C 7 -16.67 -9.31 -8.57
CA GLN C 7 -17.25 -10.31 -7.69
C GLN C 7 -16.18 -11.26 -7.18
N LYS C 8 -15.26 -11.63 -8.08
CA LYS C 8 -14.15 -12.47 -7.74
C LYS C 8 -13.29 -11.79 -6.68
N ARG C 9 -13.03 -10.50 -6.90
CA ARG C 9 -12.28 -9.69 -5.94
C ARG C 9 -13.03 -9.62 -4.61
N ARG C 10 -14.34 -9.45 -4.67
CA ARG C 10 -15.16 -9.37 -3.47
C ARG C 10 -15.02 -10.65 -2.66
N GLU C 11 -14.98 -11.79 -3.35
CA GLU C 11 -14.92 -13.09 -2.72
C GLU C 11 -13.71 -13.19 -1.79
N ILE C 12 -12.58 -12.62 -2.20
CA ILE C 12 -11.37 -12.65 -1.39
C ILE C 12 -11.59 -11.92 -0.07
N LEU C 13 -12.33 -10.82 -0.12
CA LEU C 13 -12.52 -9.95 1.05
C LEU C 13 -13.27 -10.71 2.13
N SER C 14 -14.28 -11.45 1.70
CA SER C 14 -15.13 -12.22 2.58
C SER C 14 -14.34 -13.22 3.44
N ARG C 15 -13.15 -13.61 2.99
CA ARG C 15 -12.34 -14.56 3.76
C ARG C 15 -10.85 -14.43 3.41
N ARG C 16 -10.22 -13.37 3.89
CA ARG C 16 -8.79 -13.18 3.72
C ARG C 16 -8.05 -13.21 5.06
N PRO C 17 -7.35 -14.32 5.34
CA PRO C 17 -6.61 -14.51 6.60
C PRO C 17 -5.51 -13.47 6.82
N TYR C 19 -5.03 -10.68 5.45
CA TYR C 19 -5.67 -9.37 5.57
C TYR C 19 -6.04 -9.10 7.03
N ARG C 20 -6.67 -10.07 7.67
CA ARG C 20 -7.06 -9.94 9.06
C ARG C 20 -5.84 -9.75 9.95
N LYS C 21 -4.78 -10.51 9.65
CA LYS C 21 -3.55 -10.44 10.42
C LYS C 21 -2.96 -9.03 10.39
N ILE C 22 -2.74 -8.49 9.19
CA ILE C 22 -2.13 -7.18 9.08
C ILE C 22 -3.11 -6.09 9.51
N LEU C 23 -4.40 -6.34 9.31
CA LEU C 23 -5.44 -5.37 9.68
C LEU C 23 -5.35 -5.00 11.16
N ASN C 24 -5.19 -5.98 12.02
CA ASN C 24 -5.12 -5.71 13.46
C ASN C 24 -3.87 -4.90 13.84
N ASP C 25 -2.70 -5.39 13.42
CA ASP C 25 -1.43 -4.78 13.83
C ASP C 25 -1.21 -3.39 13.22
N LEU C 26 -1.33 -3.33 11.90
CA LEU C 26 -1.09 -2.10 11.13
C LEU C 26 -1.98 -0.94 11.58
N SER C 27 -3.24 -1.22 11.91
CA SER C 27 -4.17 -0.16 12.31
C SER C 27 -3.81 0.40 13.68
N SER C 28 -2.99 -0.35 14.40
CA SER C 28 -2.59 0.01 15.74
C SER C 28 -1.14 0.45 15.76
N ASP C 29 -0.79 1.28 14.79
CA ASP C 29 0.60 1.70 14.59
C ASP C 29 0.70 2.73 13.46
N ALA C 30 -0.08 3.81 13.57
CA ALA C 30 0.04 4.94 12.67
C ALA C 30 0.44 6.19 13.46
N PRO C 31 1.75 6.48 13.53
CA PRO C 31 2.26 7.67 14.21
C PRO C 31 1.65 8.94 13.63
N GLY C 32 1.61 10.00 14.41
CA GLY C 32 1.00 11.24 13.94
C GLY C 32 0.82 12.27 15.04
N VAL C 33 1.90 12.98 15.37
CA VAL C 33 1.88 14.01 16.42
C VAL C 33 2.85 15.14 16.10
N PRO C 34 4.17 14.87 15.99
CA PRO C 34 5.16 15.93 15.73
C PRO C 34 5.09 16.46 14.30
N GLY A 1 -13.89 27.31 11.58
CA GLY A 1 -13.43 25.95 11.32
C GLY A 1 -14.55 25.04 10.83
N VAL A 2 -15.68 25.03 11.54
CA VAL A 2 -16.86 24.27 11.11
C VAL A 2 -17.33 24.73 9.73
N ARG A 3 -16.82 24.05 8.71
CA ARG A 3 -17.03 24.38 7.30
C ARG A 3 -16.47 23.25 6.46
N LYS A 4 -15.28 22.81 6.82
CA LYS A 4 -14.58 21.74 6.13
C LYS A 4 -13.59 21.07 7.07
N GLY A 5 -14.10 20.23 7.96
CA GLY A 5 -13.28 19.65 9.01
C GLY A 5 -12.72 18.30 8.62
N TRP A 6 -13.02 17.85 7.41
CA TRP A 6 -12.53 16.57 6.90
C TRP A 6 -11.01 16.47 7.10
N HIS A 7 -10.29 17.43 6.55
CA HIS A 7 -8.83 17.44 6.62
C HIS A 7 -8.33 17.98 7.95
N GLU A 8 -9.24 18.30 8.86
CA GLU A 8 -8.85 18.85 10.15
C GLU A 8 -8.49 17.72 11.12
N HIS A 9 -9.19 16.59 11.01
CA HIS A 9 -8.93 15.46 11.89
C HIS A 9 -7.84 14.56 11.31
N VAL A 10 -7.49 14.79 10.04
CA VAL A 10 -6.44 14.02 9.41
C VAL A 10 -5.22 14.88 9.18
N THR A 11 -4.11 14.50 9.75
CA THR A 11 -2.91 15.32 9.71
C THR A 11 -1.92 14.81 8.69
N GLN A 12 -1.06 15.70 8.18
CA GLN A 12 -0.03 15.30 7.22
C GLN A 12 0.86 14.21 7.82
N ASP A 13 1.14 14.35 9.12
CA ASP A 13 2.00 13.41 9.83
C ASP A 13 1.49 11.98 9.72
N LEU A 14 0.19 11.81 9.98
CA LEU A 14 -0.44 10.49 9.86
C LEU A 14 -0.28 9.96 8.45
N ARG A 15 -0.45 10.83 7.48
CA ARG A 15 -0.36 10.46 6.08
C ARG A 15 1.06 10.00 5.74
N SER A 16 2.04 10.79 6.16
CA SER A 16 3.44 10.48 5.91
C SER A 16 3.81 9.12 6.49
N HIS A 17 3.29 8.82 7.67
CA HIS A 17 3.54 7.54 8.33
C HIS A 17 2.99 6.39 7.48
N LEU A 18 1.82 6.62 6.90
CA LEU A 18 1.17 5.62 6.05
C LEU A 18 2.01 5.37 4.79
N VAL A 19 2.47 6.45 4.16
CA VAL A 19 3.32 6.33 2.96
C VAL A 19 4.60 5.56 3.29
N HIS A 20 5.19 5.83 4.44
CA HIS A 20 6.36 5.10 4.89
C HIS A 20 6.05 3.62 5.01
N LYS A 21 4.89 3.31 5.56
CA LYS A 21 4.43 1.93 5.69
C LYS A 21 4.24 1.28 4.32
N LEU A 22 3.74 2.06 3.36
CA LEU A 22 3.58 1.57 1.99
C LEU A 22 4.91 1.04 1.47
N VAL A 23 5.97 1.83 1.66
CA VAL A 23 7.32 1.40 1.31
C VAL A 23 7.77 0.20 2.16
N GLN A 24 7.56 0.29 3.46
CA GLN A 24 8.03 -0.75 4.40
C GLN A 24 7.43 -2.11 4.05
N ALA A 25 6.16 -2.10 3.66
CA ALA A 25 5.45 -3.31 3.27
C ALA A 25 6.13 -3.97 2.07
N ILE A 26 6.58 -3.14 1.15
CA ILE A 26 7.21 -3.62 -0.08
C ILE A 26 8.68 -3.95 0.18
N PHE A 27 9.32 -3.15 1.01
CA PHE A 27 10.73 -3.29 1.30
C PHE A 27 10.94 -3.37 2.82
N PRO A 28 11.10 -4.59 3.36
CA PRO A 28 11.20 -4.81 4.81
C PRO A 28 12.31 -4.01 5.46
N THR A 29 13.43 -3.89 4.76
CA THR A 29 14.55 -3.11 5.26
C THR A 29 15.51 -2.74 4.12
N PRO A 30 15.35 -1.54 3.55
CA PRO A 30 16.27 -1.03 2.53
C PRO A 30 17.68 -0.84 3.09
N ASP A 31 18.67 -1.24 2.31
CA ASP A 31 20.06 -1.16 2.72
C ASP A 31 20.61 0.23 2.42
N PRO A 32 21.74 0.63 3.04
CA PRO A 32 22.35 1.96 2.84
C PRO A 32 22.43 2.37 1.37
N ALA A 33 22.86 1.46 0.50
CA ALA A 33 23.02 1.78 -0.91
C ALA A 33 21.69 1.83 -1.63
N ALA A 34 20.68 1.19 -1.06
CA ALA A 34 19.34 1.24 -1.65
C ALA A 34 18.71 2.61 -1.42
N LEU A 35 18.89 3.11 -0.21
CA LEU A 35 18.30 4.38 0.20
C LEU A 35 18.84 5.54 -0.63
N LYS A 36 20.06 5.40 -1.12
CA LYS A 36 20.69 6.45 -1.93
C LYS A 36 20.45 6.20 -3.42
N ASP A 37 19.69 5.17 -3.73
CA ASP A 37 19.55 4.74 -5.12
C ASP A 37 18.29 5.33 -5.75
N ARG A 38 18.46 5.78 -6.99
CA ARG A 38 17.39 6.40 -7.77
C ARG A 38 16.25 5.43 -8.05
N ARG A 39 16.59 4.18 -8.29
CA ARG A 39 15.60 3.15 -8.58
C ARG A 39 14.70 2.94 -7.36
N MET A 40 15.33 2.97 -6.19
CA MET A 40 14.60 2.89 -4.93
C MET A 40 13.72 4.12 -4.73
N GLU A 41 14.27 5.28 -5.10
CA GLU A 41 13.52 6.54 -5.05
C GLU A 41 12.21 6.43 -5.82
N ASN A 42 12.26 5.76 -6.96
CA ASN A 42 11.05 5.51 -7.77
C ASN A 42 9.99 4.81 -6.93
N LEU A 43 10.41 3.89 -6.08
CA LEU A 43 9.48 3.16 -5.21
C LEU A 43 8.78 4.13 -4.26
N VAL A 44 9.54 5.03 -3.66
CA VAL A 44 8.96 6.03 -2.77
C VAL A 44 8.04 6.97 -3.55
N ALA A 45 8.43 7.30 -4.77
CA ALA A 45 7.65 8.18 -5.61
C ALA A 45 6.32 7.52 -5.97
N TYR A 46 6.38 6.22 -6.24
CA TYR A 46 5.20 5.44 -6.54
C TYR A 46 4.29 5.37 -5.33
N ALA A 47 4.89 5.20 -4.14
CA ALA A 47 4.13 5.13 -2.90
C ALA A 47 3.37 6.44 -2.68
N LYS A 48 4.04 7.54 -2.99
CA LYS A 48 3.47 8.88 -2.88
C LYS A 48 2.26 9.04 -3.80
N LYS A 49 2.41 8.63 -5.06
CA LYS A 49 1.33 8.74 -6.04
C LYS A 49 0.12 7.92 -5.62
N VAL A 50 0.36 6.69 -5.17
CA VAL A 50 -0.70 5.83 -4.68
C VAL A 50 -1.43 6.48 -3.49
N GLU A 51 -0.64 7.05 -2.58
CA GLU A 51 -1.18 7.76 -1.43
C GLU A 51 -2.13 8.87 -1.91
N GLY A 52 -1.75 9.53 -3.00
CA GLY A 52 -2.59 10.57 -3.56
C GLY A 52 -3.98 10.07 -3.90
N ASP A 53 -4.04 8.88 -4.50
CA ASP A 53 -5.32 8.27 -4.88
C ASP A 53 -6.15 7.96 -3.63
N MET A 54 -5.47 7.49 -2.59
CA MET A 54 -6.16 7.08 -1.37
C MET A 54 -6.81 8.27 -0.70
N TYR A 55 -6.04 9.33 -0.53
CA TYR A 55 -6.51 10.52 0.16
C TYR A 55 -7.69 11.14 -0.56
N GLU A 56 -7.60 11.25 -1.89
CA GLU A 56 -8.65 11.85 -2.69
C GLU A 56 -9.93 11.02 -2.67
N SER A 57 -9.80 9.70 -2.74
CA SER A 57 -10.95 8.84 -2.92
C SER A 57 -11.59 8.47 -1.58
N ALA A 58 -10.78 8.39 -0.52
CA ALA A 58 -11.26 7.97 0.78
C ALA A 58 -12.29 8.94 1.37
N ASN A 59 -11.82 10.13 1.73
CA ASN A 59 -12.66 11.15 2.38
C ASN A 59 -13.22 10.66 3.73
N SER A 60 -12.79 9.49 4.19
CA SER A 60 -13.20 8.95 5.48
C SER A 60 -12.05 8.16 6.09
N ARG A 61 -11.99 8.09 7.41
CA ARG A 61 -10.89 7.38 8.07
C ARG A 61 -10.94 5.88 7.78
N ASP A 62 -12.13 5.30 7.93
CA ASP A 62 -12.29 3.85 7.77
C ASP A 62 -11.89 3.38 6.37
N GLU A 63 -12.39 4.06 5.36
CA GLU A 63 -12.09 3.72 3.97
C GLU A 63 -10.61 3.93 3.67
N TYR A 64 -10.04 4.98 4.26
CA TYR A 64 -8.64 5.35 4.03
C TYR A 64 -7.73 4.16 4.35
N TYR A 65 -7.90 3.59 5.53
CA TYR A 65 -7.15 2.39 5.93
C TYR A 65 -7.56 1.19 5.06
N HIS A 66 -8.87 1.07 4.82
CA HIS A 66 -9.44 -0.07 4.10
C HIS A 66 -8.86 -0.19 2.70
N LEU A 67 -8.73 0.95 2.01
CA LEU A 67 -8.24 0.96 0.64
C LEU A 67 -6.80 0.48 0.58
N LEU A 68 -5.98 0.95 1.51
CA LEU A 68 -4.57 0.58 1.54
C LEU A 68 -4.38 -0.90 1.83
N ALA A 69 -5.19 -1.43 2.76
CA ALA A 69 -5.09 -2.83 3.16
C ALA A 69 -5.32 -3.75 1.97
N GLU A 70 -6.40 -3.50 1.23
CA GLU A 70 -6.73 -4.28 0.05
C GLU A 70 -5.67 -4.12 -1.03
N LYS A 71 -5.21 -2.89 -1.19
CA LYS A 71 -4.30 -2.54 -2.27
C LYS A 71 -2.97 -3.25 -2.09
N ILE A 72 -2.43 -3.17 -0.88
CA ILE A 72 -1.18 -3.84 -0.57
C ILE A 72 -1.33 -5.37 -0.66
N TYR A 73 -2.48 -5.90 -0.23
CA TYR A 73 -2.71 -7.35 -0.24
C TYR A 73 -2.72 -7.90 -1.66
N LYS A 74 -3.41 -7.19 -2.56
CA LYS A 74 -3.54 -7.62 -3.95
C LYS A 74 -2.16 -7.84 -4.58
N ILE A 75 -1.29 -6.84 -4.44
CA ILE A 75 0.03 -6.90 -5.06
C ILE A 75 0.88 -7.96 -4.37
N GLN A 76 0.84 -7.94 -3.04
CA GLN A 76 1.58 -8.91 -2.24
C GLN A 76 1.24 -10.34 -2.65
N LYS A 77 -0.05 -10.64 -2.75
CA LYS A 77 -0.51 -11.96 -3.15
C LYS A 77 0.00 -12.28 -4.56
N GLU A 78 -0.04 -11.27 -5.42
CA GLU A 78 0.41 -11.43 -6.81
C GLU A 78 1.91 -11.70 -6.85
N LEU A 79 2.67 -11.02 -6.00
CA LEU A 79 4.11 -11.25 -5.90
C LEU A 79 4.38 -12.71 -5.52
N GLU A 80 3.64 -13.18 -4.53
CA GLU A 80 3.82 -14.55 -4.05
C GLU A 80 3.46 -15.56 -5.14
N GLU A 81 2.38 -15.29 -5.87
CA GLU A 81 1.97 -16.15 -6.99
C GLU A 81 3.04 -16.11 -8.07
N LYS A 82 3.60 -14.92 -8.32
CA LYS A 82 4.62 -14.74 -9.34
C LYS A 82 5.89 -15.51 -9.00
N ARG A 83 6.27 -15.49 -7.73
CA ARG A 83 7.44 -16.25 -7.28
C ARG A 83 7.12 -17.74 -7.25
N ARG A 84 5.84 -18.05 -7.08
CA ARG A 84 5.37 -19.43 -7.04
C ARG A 84 5.21 -19.98 -8.45
N SER A 85 5.20 -19.06 -9.42
CA SER A 85 5.00 -19.40 -10.82
C SER A 85 6.20 -20.14 -11.42
N ARG A 86 7.24 -20.33 -10.60
CA ARG A 86 8.42 -21.08 -11.00
C ARG A 86 8.06 -22.50 -11.41
N LEU A 87 8.96 -23.15 -12.12
CA LEU A 87 8.75 -24.51 -12.57
C LEU A 87 8.76 -25.48 -11.39
N ASP B 1 -4.95 7.33 -13.90
CA ASP B 1 -4.54 6.01 -13.45
C ASP B 1 -3.02 5.87 -13.47
N ALA B 2 -2.35 6.86 -12.91
CA ALA B 2 -0.90 6.89 -12.86
C ALA B 2 -0.42 6.56 -11.45
N GLY B 3 -0.22 5.28 -11.19
CA GLY B 3 0.19 4.85 -9.88
C GLY B 3 -0.91 4.13 -9.15
N ASN B 4 -1.12 2.88 -9.54
CA ASN B 4 -2.10 2.03 -8.90
C ASN B 4 -1.40 0.82 -8.30
N ILE B 5 -1.64 -0.35 -8.86
CA ILE B 5 -0.99 -1.56 -8.37
C ILE B 5 0.37 -1.72 -9.05
N LEU B 6 1.30 -2.36 -8.35
CA LEU B 6 2.69 -2.37 -8.77
C LEU B 6 2.93 -3.36 -9.89
N PRO B 7 3.38 -2.88 -11.06
CA PRO B 7 3.65 -3.71 -12.21
C PRO B 7 5.00 -4.43 -12.09
N SER B 8 5.33 -5.25 -13.08
CA SER B 8 6.51 -6.10 -13.02
C SER B 8 7.78 -5.27 -12.77
N ASP B 9 7.97 -4.21 -13.54
CA ASP B 9 9.25 -3.47 -13.54
C ASP B 9 9.66 -3.02 -12.15
N ILE B 10 8.75 -2.39 -11.42
CA ILE B 10 9.04 -1.91 -10.07
C ILE B 10 9.32 -3.09 -9.14
N MET B 11 8.48 -4.12 -9.25
CA MET B 11 8.58 -5.30 -8.42
C MET B 11 9.87 -6.06 -8.70
N ASP B 12 10.28 -6.09 -9.96
CA ASP B 12 11.51 -6.77 -10.36
C ASP B 12 12.69 -6.29 -9.54
N PHE B 13 12.72 -4.99 -9.25
CA PHE B 13 13.81 -4.41 -8.48
C PHE B 13 13.87 -5.03 -7.07
N VAL B 14 12.74 -5.08 -6.36
CA VAL B 14 12.72 -5.64 -5.01
C VAL B 14 13.01 -7.15 -5.01
N LEU B 15 12.50 -7.86 -6.02
CA LEU B 15 12.79 -9.28 -6.18
C LEU B 15 14.28 -9.50 -6.46
N LYS B 16 14.87 -8.63 -7.27
CA LYS B 16 16.28 -8.78 -7.65
C LYS B 16 17.21 -8.30 -6.54
N ASN B 17 16.98 -7.09 -6.05
CA ASN B 17 17.85 -6.50 -5.03
C ASN B 17 17.28 -6.78 -3.64
N THR B 18 18.10 -7.34 -2.79
CA THR B 18 17.70 -7.66 -1.43
C THR B 18 18.92 -7.69 -0.51
N PRO B 19 18.87 -6.95 0.61
CA PRO B 19 19.97 -6.92 1.58
C PRO B 19 20.30 -8.31 2.12
N ASP C 1 -19.03 -13.00 -16.49
CA ASP C 1 -17.70 -13.06 -15.91
C ASP C 1 -17.34 -11.71 -15.28
N SER C 2 -17.65 -10.63 -15.99
CA SER C 2 -17.40 -9.28 -15.48
C SER C 2 -18.22 -9.02 -14.21
N VAL C 3 -19.38 -9.67 -14.12
CA VAL C 3 -20.24 -9.52 -12.95
C VAL C 3 -19.68 -10.32 -11.78
N THR C 4 -19.30 -11.57 -12.05
CA THR C 4 -18.74 -12.43 -11.03
C THR C 4 -17.31 -12.04 -10.69
N ASP C 5 -16.78 -11.09 -11.44
CA ASP C 5 -15.47 -10.51 -11.13
C ASP C 5 -15.49 -9.92 -9.73
N SER C 6 -16.59 -9.25 -9.40
CA SER C 6 -16.81 -8.71 -8.07
C SER C 6 -16.72 -9.82 -7.02
N GLN C 7 -17.40 -10.94 -7.29
CA GLN C 7 -17.38 -12.09 -6.39
C GLN C 7 -15.96 -12.64 -6.27
N LYS C 8 -15.27 -12.71 -7.40
CA LYS C 8 -13.92 -13.20 -7.46
C LYS C 8 -13.01 -12.37 -6.56
N ARG C 9 -13.11 -11.06 -6.71
CA ARG C 9 -12.34 -10.10 -5.90
C ARG C 9 -12.74 -10.21 -4.44
N ARG C 10 -14.05 -10.33 -4.21
CA ARG C 10 -14.62 -10.41 -2.88
C ARG C 10 -14.08 -11.61 -2.11
N GLU C 11 -13.93 -12.73 -2.80
CA GLU C 11 -13.52 -13.99 -2.20
C GLU C 11 -12.18 -13.84 -1.46
N ILE C 12 -11.26 -13.06 -2.02
CA ILE C 12 -9.94 -12.86 -1.41
C ILE C 12 -10.12 -12.19 -0.04
N LEU C 13 -11.09 -11.29 0.05
CA LEU C 13 -11.34 -10.56 1.29
C LEU C 13 -11.87 -11.53 2.35
N SER C 14 -12.79 -12.40 1.92
CA SER C 14 -13.37 -13.41 2.81
C SER C 14 -12.33 -14.46 3.23
N ARG C 15 -11.23 -14.54 2.49
CA ARG C 15 -10.18 -15.51 2.81
C ARG C 15 -8.93 -14.74 3.20
N ARG C 16 -9.01 -14.08 4.34
CA ARG C 16 -7.94 -13.22 4.80
C ARG C 16 -7.21 -13.81 6.00
N PRO C 17 -6.08 -14.48 5.76
CA PRO C 17 -5.17 -14.88 6.80
C PRO C 17 -4.18 -13.76 7.09
N TYR C 19 -4.03 -11.04 5.47
CA TYR C 19 -4.75 -9.77 5.38
C TYR C 19 -5.28 -9.40 6.76
N ARG C 20 -5.81 -10.39 7.47
CA ARG C 20 -6.27 -10.20 8.84
C ARG C 20 -5.11 -9.81 9.76
N LYS C 21 -3.98 -10.49 9.59
CA LYS C 21 -2.79 -10.22 10.40
C LYS C 21 -2.42 -8.74 10.34
N ILE C 22 -2.17 -8.27 9.13
CA ILE C 22 -1.74 -6.88 8.93
C ILE C 22 -2.88 -5.91 9.23
N LEU C 23 -4.11 -6.27 8.88
CA LEU C 23 -5.26 -5.40 9.10
C LEU C 23 -5.43 -5.11 10.59
N ASN C 24 -5.35 -6.14 11.41
CA ASN C 24 -5.44 -5.96 12.84
C ASN C 24 -4.24 -5.15 13.39
N ASP C 25 -3.03 -5.58 13.02
CA ASP C 25 -1.81 -4.97 13.57
C ASP C 25 -1.61 -3.52 13.12
N LEU C 26 -1.68 -3.31 11.81
CA LEU C 26 -1.39 -2.00 11.20
C LEU C 26 -2.37 -0.93 11.68
N SER C 27 -3.64 -1.29 11.82
CA SER C 27 -4.68 -0.31 12.17
C SER C 27 -4.62 0.05 13.65
N SER C 28 -3.95 -0.78 14.43
CA SER C 28 -3.97 -0.67 15.88
C SER C 28 -2.84 0.25 16.38
N ASP C 29 -2.36 1.13 15.50
CA ASP C 29 -1.27 2.03 15.82
C ASP C 29 -0.84 2.78 14.56
N ALA C 30 -1.53 3.88 14.28
CA ALA C 30 -1.14 4.76 13.19
C ALA C 30 -0.80 6.13 13.78
N PRO C 31 0.48 6.36 14.12
CA PRO C 31 0.90 7.60 14.77
C PRO C 31 0.64 8.81 13.89
N GLY C 32 -0.08 9.78 14.45
CA GLY C 32 -0.34 11.01 13.77
C GLY C 32 -0.60 12.15 14.73
N VAL C 33 0.40 12.45 15.56
CA VAL C 33 0.28 13.45 16.64
C VAL C 33 1.67 13.94 17.03
N PRO C 34 2.58 13.04 17.49
CA PRO C 34 3.97 13.42 17.77
C PRO C 34 4.84 13.40 16.53
N GLY A 1 -11.61 22.27 6.02
CA GLY A 1 -12.70 21.37 6.18
C GLY A 1 -14.04 21.96 5.76
N VAL A 2 -14.01 22.90 4.82
CA VAL A 2 -15.23 23.51 4.29
C VAL A 2 -16.04 22.48 3.49
N ARG A 3 -17.10 21.95 4.12
CA ARG A 3 -17.95 20.92 3.51
C ARG A 3 -17.22 19.58 3.41
N LYS A 4 -16.00 19.54 3.92
CA LYS A 4 -15.22 18.32 3.96
C LYS A 4 -14.41 18.26 5.25
N GLY A 5 -15.11 18.01 6.36
CA GLY A 5 -14.48 18.07 7.66
C GLY A 5 -13.62 16.86 7.94
N TRP A 6 -13.73 15.86 7.07
CA TRP A 6 -12.93 14.65 7.17
C TRP A 6 -11.45 14.98 7.29
N HIS A 7 -10.98 15.91 6.46
CA HIS A 7 -9.56 16.27 6.40
C HIS A 7 -9.11 17.02 7.66
N GLU A 8 -10.05 17.35 8.52
CA GLU A 8 -9.72 18.08 9.74
C GLU A 8 -9.27 17.12 10.84
N HIS A 9 -9.72 15.88 10.75
CA HIS A 9 -9.33 14.87 11.73
C HIS A 9 -8.23 13.98 11.14
N VAL A 10 -7.75 14.32 9.96
CA VAL A 10 -6.69 13.57 9.30
C VAL A 10 -5.52 14.48 9.01
N THR A 11 -4.33 14.12 9.48
CA THR A 11 -3.17 14.97 9.35
C THR A 11 -2.27 14.52 8.21
N GLN A 12 -1.43 15.42 7.73
CA GLN A 12 -0.41 15.06 6.75
C GLN A 12 0.55 14.04 7.35
N ASP A 13 0.86 14.25 8.63
CA ASP A 13 1.76 13.37 9.39
C ASP A 13 1.27 11.93 9.38
N LEU A 14 -0.03 11.73 9.58
CA LEU A 14 -0.62 10.40 9.53
C LEU A 14 -0.31 9.74 8.18
N ARG A 15 -0.50 10.51 7.11
CA ARG A 15 -0.21 10.01 5.78
C ARG A 15 1.26 9.68 5.62
N SER A 16 2.12 10.53 6.16
CA SER A 16 3.57 10.33 6.08
C SER A 16 3.96 8.98 6.67
N HIS A 17 3.34 8.62 7.78
CA HIS A 17 3.56 7.32 8.40
C HIS A 17 3.04 6.21 7.50
N LEU A 18 1.90 6.46 6.89
CA LEU A 18 1.24 5.48 6.02
C LEU A 18 2.09 5.19 4.79
N VAL A 19 2.64 6.24 4.19
CA VAL A 19 3.53 6.08 3.02
C VAL A 19 4.74 5.22 3.39
N HIS A 20 5.29 5.47 4.58
CA HIS A 20 6.41 4.67 5.06
C HIS A 20 6.00 3.21 5.20
N LYS A 21 4.80 2.97 5.69
CA LYS A 21 4.27 1.61 5.81
C LYS A 21 4.12 0.98 4.42
N LEU A 22 3.67 1.78 3.46
CA LEU A 22 3.54 1.33 2.08
C LEU A 22 4.89 0.84 1.56
N VAL A 23 5.93 1.65 1.79
CA VAL A 23 7.28 1.27 1.41
C VAL A 23 7.72 0.00 2.13
N GLN A 24 7.49 -0.05 3.43
CA GLN A 24 7.91 -1.21 4.25
C GLN A 24 7.32 -2.50 3.71
N ALA A 25 6.07 -2.43 3.26
CA ALA A 25 5.38 -3.59 2.70
C ALA A 25 6.14 -4.15 1.51
N ILE A 26 6.69 -3.26 0.72
CA ILE A 26 7.38 -3.63 -0.52
C ILE A 26 8.87 -3.89 -0.24
N PHE A 27 9.44 -3.12 0.69
CA PHE A 27 10.86 -3.19 0.98
C PHE A 27 11.07 -3.51 2.46
N PRO A 28 11.36 -4.78 2.79
CA PRO A 28 11.50 -5.22 4.19
C PRO A 28 12.77 -4.69 4.85
N THR A 29 13.88 -4.71 4.12
CA THR A 29 15.17 -4.26 4.64
C THR A 29 15.57 -2.89 4.05
N PRO A 30 15.13 -1.76 4.65
CA PRO A 30 15.55 -0.43 4.21
C PRO A 30 17.06 -0.24 4.26
N ASP A 31 17.59 0.58 3.37
CA ASP A 31 19.01 0.81 3.28
C ASP A 31 19.30 2.30 3.07
N PRO A 32 20.16 2.88 3.93
CA PRO A 32 20.45 4.32 3.94
C PRO A 32 20.95 4.85 2.61
N ALA A 33 21.70 4.04 1.86
CA ALA A 33 22.22 4.48 0.57
C ALA A 33 21.24 4.16 -0.55
N ALA A 34 20.32 3.24 -0.29
CA ALA A 34 19.31 2.88 -1.28
C ALA A 34 18.28 3.98 -1.38
N LEU A 35 17.98 4.58 -0.23
CA LEU A 35 16.96 5.62 -0.13
C LEU A 35 17.34 6.85 -0.94
N LYS A 36 18.63 7.00 -1.24
CA LYS A 36 19.11 8.15 -1.97
C LYS A 36 19.32 7.81 -3.45
N ASP A 37 18.90 6.61 -3.84
CA ASP A 37 19.11 6.15 -5.21
C ASP A 37 17.86 6.44 -6.05
N ARG A 38 18.09 6.76 -7.31
CA ARG A 38 17.01 7.15 -8.21
C ARG A 38 15.95 6.06 -8.34
N ARG A 39 16.37 4.81 -8.42
CA ARG A 39 15.44 3.69 -8.57
C ARG A 39 14.56 3.54 -7.33
N MET A 40 15.19 3.50 -6.17
CA MET A 40 14.48 3.34 -4.91
C MET A 40 13.62 4.56 -4.65
N GLU A 41 14.16 5.74 -4.95
CA GLU A 41 13.44 7.00 -4.83
C GLU A 41 12.13 6.95 -5.63
N ASN A 42 12.21 6.36 -6.81
CA ASN A 42 11.02 6.19 -7.66
C ASN A 42 9.98 5.35 -6.93
N LEU A 43 10.44 4.34 -6.20
CA LEU A 43 9.55 3.48 -5.42
C LEU A 43 8.86 4.30 -4.33
N VAL A 44 9.61 5.15 -3.64
CA VAL A 44 9.03 6.06 -2.63
C VAL A 44 8.01 6.98 -3.29
N ALA A 45 8.32 7.41 -4.51
CA ALA A 45 7.44 8.26 -5.28
C ALA A 45 6.17 7.50 -5.61
N TYR A 46 6.33 6.22 -5.95
CA TYR A 46 5.23 5.34 -6.25
C TYR A 46 4.33 5.20 -5.04
N ALA A 47 4.94 5.07 -3.86
CA ALA A 47 4.21 4.90 -2.62
C ALA A 47 3.35 6.14 -2.34
N LYS A 48 3.95 7.32 -2.55
CA LYS A 48 3.25 8.58 -2.33
C LYS A 48 2.08 8.73 -3.31
N LYS A 49 2.30 8.37 -4.56
CA LYS A 49 1.24 8.48 -5.56
C LYS A 49 0.08 7.55 -5.23
N VAL A 50 0.40 6.33 -4.82
CA VAL A 50 -0.62 5.38 -4.38
C VAL A 50 -1.40 5.95 -3.21
N GLU A 51 -0.68 6.45 -2.22
CA GLU A 51 -1.28 7.05 -1.03
C GLU A 51 -2.19 8.20 -1.42
N GLY A 52 -1.71 9.01 -2.36
CA GLY A 52 -2.48 10.15 -2.82
C GLY A 52 -3.75 9.74 -3.54
N ASP A 53 -3.65 8.69 -4.34
CA ASP A 53 -4.78 8.21 -5.14
C ASP A 53 -5.94 7.84 -4.23
N MET A 54 -5.65 7.10 -3.16
CA MET A 54 -6.67 6.68 -2.21
C MET A 54 -7.25 7.87 -1.50
N TYR A 55 -6.40 8.82 -1.14
CA TYR A 55 -6.78 9.97 -0.35
C TYR A 55 -7.94 10.72 -1.01
N GLU A 56 -7.88 10.84 -2.33
CA GLU A 56 -8.91 11.53 -3.09
C GLU A 56 -10.25 10.80 -3.02
N SER A 57 -10.22 9.48 -3.12
CA SER A 57 -11.44 8.69 -3.23
C SER A 57 -11.96 8.28 -1.85
N ALA A 58 -11.06 8.20 -0.88
CA ALA A 58 -11.39 7.84 0.49
C ALA A 58 -12.39 8.80 1.11
N ASN A 59 -11.94 10.04 1.35
CA ASN A 59 -12.72 11.07 2.05
C ASN A 59 -13.40 10.54 3.32
N SER A 60 -12.85 9.48 3.89
CA SER A 60 -13.31 8.95 5.17
C SER A 60 -12.18 8.15 5.79
N ARG A 61 -12.17 8.03 7.11
CA ARG A 61 -11.07 7.36 7.80
C ARG A 61 -11.01 5.87 7.44
N ASP A 62 -12.14 5.19 7.57
CA ASP A 62 -12.19 3.74 7.40
C ASP A 62 -11.89 3.34 5.96
N GLU A 63 -12.43 4.11 5.02
CA GLU A 63 -12.17 3.87 3.60
C GLU A 63 -10.70 4.03 3.26
N TYR A 64 -10.06 5.03 3.89
CA TYR A 64 -8.66 5.32 3.64
C TYR A 64 -7.79 4.13 4.03
N TYR A 65 -8.00 3.63 5.25
CA TYR A 65 -7.27 2.46 5.74
C TYR A 65 -7.59 1.21 4.93
N HIS A 66 -8.86 1.05 4.58
CA HIS A 66 -9.33 -0.13 3.87
C HIS A 66 -8.72 -0.22 2.47
N LEU A 67 -8.60 0.93 1.81
CA LEU A 67 -8.06 0.97 0.45
C LEU A 67 -6.60 0.52 0.44
N LEU A 68 -5.85 0.93 1.46
CA LEU A 68 -4.45 0.54 1.58
C LEU A 68 -4.32 -0.97 1.75
N ALA A 69 -5.21 -1.54 2.54
CA ALA A 69 -5.17 -2.97 2.85
C ALA A 69 -5.33 -3.81 1.60
N GLU A 70 -6.24 -3.40 0.73
CA GLU A 70 -6.50 -4.14 -0.50
C GLU A 70 -5.27 -4.17 -1.39
N LYS A 71 -4.70 -2.99 -1.62
CA LYS A 71 -3.59 -2.85 -2.55
C LYS A 71 -2.34 -3.57 -2.07
N ILE A 72 -2.06 -3.47 -0.77
CA ILE A 72 -0.88 -4.12 -0.22
C ILE A 72 -0.95 -5.64 -0.41
N TYR A 73 -2.12 -6.25 -0.21
CA TYR A 73 -2.31 -7.66 -0.51
C TYR A 73 -2.18 -7.92 -2.01
N LYS A 74 -2.70 -7.00 -2.82
CA LYS A 74 -2.65 -7.13 -4.28
C LYS A 74 -1.20 -7.30 -4.76
N ILE A 75 -0.31 -6.42 -4.30
CA ILE A 75 1.09 -6.49 -4.70
C ILE A 75 1.72 -7.77 -4.17
N GLN A 76 1.52 -8.01 -2.88
CA GLN A 76 2.04 -9.21 -2.23
C GLN A 76 1.59 -10.48 -2.95
N LYS A 77 0.34 -10.49 -3.38
CA LYS A 77 -0.22 -11.62 -4.12
C LYS A 77 0.57 -11.85 -5.42
N GLU A 78 0.79 -10.76 -6.15
CA GLU A 78 1.55 -10.83 -7.39
C GLU A 78 3.00 -11.23 -7.12
N LEU A 79 3.58 -10.72 -6.03
CA LEU A 79 4.94 -11.08 -5.64
C LEU A 79 5.10 -12.59 -5.54
N GLU A 80 4.08 -13.23 -4.98
CA GLU A 80 4.06 -14.69 -4.89
C GLU A 80 4.02 -15.31 -6.28
N GLU A 81 3.11 -14.83 -7.11
CA GLU A 81 2.90 -15.41 -8.45
C GLU A 81 4.12 -15.22 -9.35
N LYS A 82 4.70 -14.03 -9.33
CA LYS A 82 5.87 -13.74 -10.17
C LYS A 82 7.05 -14.60 -9.74
N ARG A 83 7.21 -14.75 -8.44
CA ARG A 83 8.30 -15.56 -7.90
C ARG A 83 8.03 -17.04 -8.13
N ARG A 84 6.75 -17.37 -8.32
CA ARG A 84 6.35 -18.75 -8.55
C ARG A 84 6.69 -19.17 -9.97
N SER A 85 6.72 -18.22 -10.89
CA SER A 85 6.96 -18.52 -12.30
C SER A 85 8.41 -18.21 -12.68
N ARG A 86 9.12 -17.49 -11.81
CA ARG A 86 10.48 -17.11 -12.06
C ARG A 86 11.13 -16.55 -10.79
N LEU A 87 11.40 -17.45 -9.85
CA LEU A 87 12.02 -17.08 -8.58
C LEU A 87 13.38 -16.40 -8.78
N ASP B 1 -0.97 4.70 -15.33
CA ASP B 1 -0.53 3.90 -14.19
C ASP B 1 0.03 4.81 -13.10
N ALA B 2 -0.87 5.46 -12.38
CA ALA B 2 -0.49 6.39 -11.31
C ALA B 2 -0.02 5.63 -10.08
N GLY B 3 -0.40 4.36 -9.99
CA GLY B 3 -0.01 3.55 -8.87
C GLY B 3 -1.10 2.59 -8.45
N ASN B 4 -1.23 1.52 -9.22
CA ASN B 4 -2.18 0.46 -8.91
C ASN B 4 -1.42 -0.79 -8.50
N ILE B 5 -0.76 -1.40 -9.46
CA ILE B 5 0.08 -2.56 -9.21
C ILE B 5 1.47 -2.26 -9.75
N LEU B 6 2.51 -2.78 -9.10
CA LEU B 6 3.86 -2.42 -9.46
C LEU B 6 4.32 -3.15 -10.71
N PRO B 7 4.76 -2.37 -11.73
CA PRO B 7 5.22 -2.94 -13.01
C PRO B 7 6.50 -3.77 -12.86
N SER B 8 6.86 -4.47 -13.91
CA SER B 8 8.01 -5.38 -13.88
C SER B 8 9.28 -4.65 -13.45
N ASP B 9 9.45 -3.42 -13.95
CA ASP B 9 10.65 -2.62 -13.69
C ASP B 9 10.92 -2.47 -12.19
N ILE B 10 9.91 -2.05 -11.45
CA ILE B 10 10.04 -1.88 -10.02
C ILE B 10 10.22 -3.24 -9.32
N MET B 11 9.42 -4.21 -9.74
CA MET B 11 9.39 -5.52 -9.11
C MET B 11 10.72 -6.25 -9.25
N ASP B 12 11.26 -6.26 -10.46
CA ASP B 12 12.56 -6.89 -10.70
C ASP B 12 13.63 -6.27 -9.83
N PHE B 13 13.58 -4.94 -9.67
CA PHE B 13 14.55 -4.22 -8.87
C PHE B 13 14.45 -4.63 -7.39
N VAL B 14 13.24 -4.61 -6.85
CA VAL B 14 13.05 -4.93 -5.42
C VAL B 14 13.42 -6.39 -5.13
N LEU B 15 13.07 -7.29 -6.04
CA LEU B 15 13.44 -8.70 -5.93
C LEU B 15 14.96 -8.86 -6.00
N LYS B 16 15.62 -8.07 -6.84
CA LYS B 16 17.06 -8.21 -7.07
C LYS B 16 17.86 -7.31 -6.12
N ASN B 17 17.35 -7.13 -4.91
CA ASN B 17 18.05 -6.37 -3.89
C ASN B 17 18.90 -7.30 -3.02
N THR B 18 19.79 -6.73 -2.24
CA THR B 18 20.54 -7.49 -1.27
C THR B 18 20.07 -7.11 0.13
N PRO B 19 19.19 -7.92 0.73
CA PRO B 19 18.66 -7.65 2.08
C PRO B 19 19.76 -7.68 3.13
N ASP C 1 -17.73 -16.22 -15.63
CA ASP C 1 -17.35 -16.30 -14.24
C ASP C 1 -16.30 -15.25 -13.92
N SER C 2 -15.28 -15.19 -14.76
CA SER C 2 -14.17 -14.27 -14.59
C SER C 2 -14.62 -12.81 -14.69
N VAL C 3 -15.64 -12.56 -15.51
CA VAL C 3 -16.22 -11.23 -15.64
C VAL C 3 -16.57 -10.65 -14.27
N THR C 4 -17.29 -11.43 -13.48
CA THR C 4 -17.73 -10.99 -12.15
C THR C 4 -16.61 -11.10 -11.10
N ASP C 5 -15.36 -11.02 -11.55
CA ASP C 5 -14.20 -11.09 -10.65
C ASP C 5 -14.26 -10.03 -9.57
N SER C 6 -14.70 -8.83 -9.93
CA SER C 6 -14.72 -7.71 -8.98
C SER C 6 -15.58 -8.05 -7.75
N GLN C 7 -16.77 -8.63 -7.98
CA GLN C 7 -17.64 -9.03 -6.86
C GLN C 7 -16.97 -10.13 -6.04
N LYS C 8 -16.35 -11.08 -6.72
CA LYS C 8 -15.65 -12.16 -6.07
C LYS C 8 -14.50 -11.62 -5.23
N ARG C 9 -13.80 -10.64 -5.80
CA ARG C 9 -12.71 -9.94 -5.12
C ARG C 9 -13.23 -9.27 -3.86
N ARG C 10 -14.39 -8.64 -3.98
CA ARG C 10 -15.01 -7.93 -2.87
C ARG C 10 -15.32 -8.89 -1.73
N GLU C 11 -15.80 -10.07 -2.09
CA GLU C 11 -16.13 -11.10 -1.11
C GLU C 11 -14.90 -11.51 -0.30
N ILE C 12 -13.74 -11.64 -0.96
CA ILE C 12 -12.51 -12.02 -0.26
C ILE C 12 -12.11 -10.93 0.72
N LEU C 13 -12.28 -9.68 0.31
CA LEU C 13 -11.89 -8.56 1.15
C LEU C 13 -12.78 -8.49 2.37
N SER C 14 -14.05 -8.77 2.15
CA SER C 14 -15.04 -8.81 3.22
C SER C 14 -14.59 -9.74 4.36
N ARG C 15 -13.90 -10.83 4.01
CA ARG C 15 -13.41 -11.75 5.04
C ARG C 15 -12.34 -12.70 4.49
N ARG C 16 -11.10 -12.26 4.48
CA ARG C 16 -9.96 -13.15 4.26
C ARG C 16 -9.12 -13.24 5.52
N PRO C 17 -8.89 -14.47 6.03
CA PRO C 17 -8.03 -14.70 7.20
C PRO C 17 -6.68 -14.01 7.09
N TYR C 19 -6.01 -11.28 5.12
CA TYR C 19 -6.32 -9.86 5.19
C TYR C 19 -6.57 -9.45 6.64
N ARG C 20 -7.38 -10.23 7.34
CA ARG C 20 -7.72 -9.97 8.73
C ARG C 20 -6.46 -9.97 9.60
N LYS C 21 -5.58 -10.92 9.32
CA LYS C 21 -4.33 -11.05 10.07
C LYS C 21 -3.51 -9.77 10.01
N ILE C 22 -3.15 -9.35 8.81
CA ILE C 22 -2.32 -8.16 8.64
C ILE C 22 -3.06 -6.90 9.06
N LEU C 23 -4.34 -6.84 8.76
CA LEU C 23 -5.19 -5.70 9.11
C LEU C 23 -5.19 -5.44 10.62
N ASN C 24 -5.37 -6.49 11.40
CA ASN C 24 -5.45 -6.35 12.85
C ASN C 24 -4.21 -5.66 13.43
N ASP C 25 -3.04 -6.13 13.04
CA ASP C 25 -1.79 -5.48 13.43
C ASP C 25 -1.68 -4.07 12.83
N LEU C 26 -1.95 -4.02 11.53
CA LEU C 26 -1.73 -2.81 10.73
C LEU C 26 -2.48 -1.58 11.26
N SER C 27 -3.73 -1.76 11.68
CA SER C 27 -4.57 -0.63 12.10
C SER C 27 -4.12 0.02 13.40
N SER C 28 -3.50 -0.75 14.27
CA SER C 28 -3.15 -0.27 15.60
C SER C 28 -1.65 -0.13 15.72
N ASP C 29 -1.05 0.53 14.74
CA ASP C 29 0.40 0.65 14.63
C ASP C 29 0.74 1.28 13.28
N ALA C 30 0.70 2.61 13.20
CA ALA C 30 1.10 3.31 11.97
C ALA C 30 2.48 4.01 12.08
N PRO C 31 3.62 3.24 12.03
CA PRO C 31 5.00 3.77 12.07
C PRO C 31 5.43 4.47 10.77
N GLY C 32 6.45 5.34 10.85
CA GLY C 32 7.01 5.90 9.62
C GLY C 32 7.26 7.41 9.67
N VAL C 33 8.38 7.81 10.26
CA VAL C 33 8.60 9.24 10.58
C VAL C 33 9.60 9.92 9.61
N PRO C 34 10.83 9.37 9.43
CA PRO C 34 11.86 10.01 8.61
C PRO C 34 11.55 9.94 7.11
N GLY A 1 -1.31 26.67 8.09
CA GLY A 1 -2.29 27.71 8.00
C GLY A 1 -3.61 27.20 7.48
N VAL A 2 -3.95 25.96 7.85
CA VAL A 2 -5.20 25.34 7.41
C VAL A 2 -6.41 26.07 7.97
N ARG A 3 -7.43 26.23 7.12
CA ARG A 3 -8.69 26.77 7.55
C ARG A 3 -9.76 25.72 7.30
N LYS A 4 -9.50 24.53 7.82
CA LYS A 4 -10.33 23.35 7.57
C LYS A 4 -10.40 22.52 8.84
N GLY A 5 -11.36 22.87 9.71
CA GLY A 5 -11.52 22.20 10.98
C GLY A 5 -11.56 20.69 10.86
N TRP A 6 -12.29 20.20 9.88
CA TRP A 6 -12.38 18.77 9.62
C TRP A 6 -11.00 18.14 9.35
N HIS A 7 -10.09 18.87 8.72
CA HIS A 7 -8.77 18.33 8.43
C HIS A 7 -7.96 18.19 9.71
N GLU A 8 -8.30 18.99 10.70
CA GLU A 8 -7.59 18.99 11.98
C GLU A 8 -7.66 17.63 12.68
N HIS A 9 -8.61 16.80 12.30
CA HIS A 9 -8.70 15.46 12.87
C HIS A 9 -7.78 14.47 12.11
N VAL A 10 -7.02 15.00 11.16
CA VAL A 10 -6.07 14.19 10.41
C VAL A 10 -4.69 14.86 10.45
N THR A 11 -3.68 14.12 10.88
CA THR A 11 -2.34 14.68 11.01
C THR A 11 -1.46 14.32 9.81
N GLN A 12 -0.46 15.15 9.56
CA GLN A 12 0.56 14.86 8.54
C GLN A 12 1.34 13.62 8.95
N ASP A 13 1.56 13.50 10.24
CA ASP A 13 2.25 12.36 10.82
C ASP A 13 1.57 11.05 10.44
N LEU A 14 0.24 11.05 10.46
CA LEU A 14 -0.54 9.89 10.03
C LEU A 14 -0.19 9.50 8.59
N ARG A 15 -0.21 10.49 7.70
CA ARG A 15 0.07 10.24 6.29
C ARG A 15 1.49 9.74 6.11
N SER A 16 2.42 10.36 6.83
CA SER A 16 3.83 10.01 6.73
C SER A 16 4.05 8.53 7.05
N HIS A 17 3.34 8.06 8.08
CA HIS A 17 3.40 6.66 8.47
C HIS A 17 2.81 5.78 7.37
N LEU A 18 1.71 6.24 6.79
CA LEU A 18 1.00 5.48 5.76
C LEU A 18 1.85 5.31 4.50
N VAL A 19 2.44 6.39 4.02
CA VAL A 19 3.33 6.32 2.85
C VAL A 19 4.49 5.37 3.11
N HIS A 20 5.02 5.42 4.32
CA HIS A 20 6.10 4.53 4.72
C HIS A 20 5.63 3.08 4.69
N LYS A 21 4.40 2.83 5.15
CA LYS A 21 3.81 1.49 5.11
C LYS A 21 3.74 0.97 3.68
N LEU A 22 3.38 1.88 2.77
CA LEU A 22 3.28 1.53 1.34
C LEU A 22 4.62 1.04 0.84
N VAL A 23 5.68 1.77 1.19
CA VAL A 23 7.04 1.35 0.88
C VAL A 23 7.39 0.02 1.53
N GLN A 24 7.08 -0.11 2.82
CA GLN A 24 7.39 -1.32 3.59
C GLN A 24 6.80 -2.55 2.93
N ALA A 25 5.61 -2.39 2.36
CA ALA A 25 4.91 -3.47 1.67
C ALA A 25 5.78 -4.05 0.57
N ILE A 26 6.49 -3.18 -0.12
CA ILE A 26 7.33 -3.59 -1.25
C ILE A 26 8.74 -3.92 -0.76
N PHE A 27 9.24 -3.13 0.17
CA PHE A 27 10.57 -3.34 0.72
C PHE A 27 10.50 -3.47 2.24
N PRO A 28 10.60 -4.71 2.76
CA PRO A 28 10.46 -4.98 4.20
C PRO A 28 11.56 -4.33 5.04
N THR A 29 12.77 -4.29 4.51
CA THR A 29 13.90 -3.73 5.22
C THR A 29 14.80 -2.95 4.25
N PRO A 30 14.74 -1.61 4.33
CA PRO A 30 15.56 -0.72 3.51
C PRO A 30 17.07 -1.00 3.65
N ASP A 31 17.72 -1.08 2.50
CA ASP A 31 19.16 -1.37 2.44
C ASP A 31 19.95 -0.08 2.26
N PRO A 32 21.08 0.09 2.97
CA PRO A 32 21.84 1.34 2.98
C PRO A 32 22.10 1.89 1.58
N ALA A 33 22.54 1.05 0.65
CA ALA A 33 22.83 1.49 -0.71
C ALA A 33 21.55 1.69 -1.51
N ALA A 34 20.50 0.99 -1.13
CA ALA A 34 19.23 1.10 -1.83
C ALA A 34 18.58 2.44 -1.51
N LEU A 35 18.67 2.84 -0.25
CA LEU A 35 18.11 4.11 0.22
C LEU A 35 18.67 5.31 -0.53
N LYS A 36 19.95 5.24 -0.88
CA LYS A 36 20.62 6.34 -1.56
C LYS A 36 20.57 6.15 -3.08
N ASP A 37 19.75 5.21 -3.53
CA ASP A 37 19.70 4.86 -4.94
C ASP A 37 18.54 5.57 -5.62
N ARG A 38 18.64 5.76 -6.93
CA ARG A 38 17.54 6.31 -7.73
C ARG A 38 16.29 5.47 -7.53
N ARG A 39 16.47 4.16 -7.44
CA ARG A 39 15.38 3.23 -7.29
C ARG A 39 14.55 3.52 -6.05
N MET A 40 15.21 3.90 -4.96
CA MET A 40 14.50 4.30 -3.75
C MET A 40 13.60 5.49 -4.03
N GLU A 41 14.14 6.46 -4.78
CA GLU A 41 13.42 7.69 -5.07
C GLU A 41 12.12 7.41 -5.81
N ASN A 42 12.18 6.59 -6.87
CA ASN A 42 10.99 6.27 -7.63
C ASN A 42 10.01 5.46 -6.77
N LEU A 43 10.53 4.55 -5.95
CA LEU A 43 9.67 3.75 -5.07
C LEU A 43 8.89 4.65 -4.11
N VAL A 44 9.59 5.55 -3.44
CA VAL A 44 8.93 6.56 -2.59
C VAL A 44 7.96 7.41 -3.40
N ALA A 45 8.35 7.71 -4.63
CA ALA A 45 7.54 8.58 -5.48
C ALA A 45 6.22 7.90 -5.80
N TYR A 46 6.29 6.63 -6.18
CA TYR A 46 5.09 5.84 -6.44
C TYR A 46 4.20 5.82 -5.21
N ALA A 47 4.82 5.62 -4.04
CA ALA A 47 4.10 5.57 -2.78
C ALA A 47 3.40 6.92 -2.55
N LYS A 48 4.12 7.99 -2.86
CA LYS A 48 3.63 9.35 -2.69
C LYS A 48 2.40 9.61 -3.58
N LYS A 49 2.52 9.30 -4.87
CA LYS A 49 1.40 9.49 -5.80
C LYS A 49 0.17 8.71 -5.36
N VAL A 50 0.39 7.46 -4.97
CA VAL A 50 -0.70 6.62 -4.49
C VAL A 50 -1.39 7.25 -3.29
N GLU A 51 -0.60 7.69 -2.31
CA GLU A 51 -1.14 8.34 -1.12
C GLU A 51 -1.97 9.56 -1.52
N GLY A 52 -1.47 10.30 -2.50
CA GLY A 52 -2.14 11.50 -2.95
C GLY A 52 -3.49 11.19 -3.56
N ASP A 53 -3.54 10.19 -4.43
CA ASP A 53 -4.79 9.81 -5.10
C ASP A 53 -5.80 9.28 -4.09
N MET A 54 -5.32 8.49 -3.13
CA MET A 54 -6.19 7.94 -2.10
C MET A 54 -6.91 9.05 -1.35
N TYR A 55 -6.15 10.03 -0.89
CA TYR A 55 -6.72 11.12 -0.12
C TYR A 55 -7.76 11.89 -0.94
N GLU A 56 -7.47 12.09 -2.22
CA GLU A 56 -8.38 12.80 -3.11
C GLU A 56 -9.70 12.05 -3.31
N SER A 57 -9.62 10.73 -3.43
CA SER A 57 -10.78 9.94 -3.80
C SER A 57 -11.51 9.38 -2.58
N ALA A 58 -10.76 8.79 -1.65
CA ALA A 58 -11.32 8.17 -0.46
C ALA A 58 -12.23 9.12 0.31
N ASN A 59 -11.64 10.23 0.77
CA ASN A 59 -12.35 11.28 1.49
C ASN A 59 -12.84 10.83 2.87
N SER A 60 -12.74 9.54 3.18
CA SER A 60 -13.18 9.03 4.46
C SER A 60 -12.10 8.12 5.04
N ARG A 61 -11.95 8.08 6.35
CA ARG A 61 -10.84 7.36 6.97
C ARG A 61 -10.88 5.87 6.66
N ASP A 62 -12.04 5.27 6.86
CA ASP A 62 -12.20 3.82 6.72
C ASP A 62 -11.93 3.37 5.29
N GLU A 63 -12.49 4.08 4.31
CA GLU A 63 -12.23 3.79 2.90
C GLU A 63 -10.75 4.01 2.57
N TYR A 64 -10.17 5.05 3.17
CA TYR A 64 -8.77 5.40 2.96
C TYR A 64 -7.87 4.22 3.32
N TYR A 65 -8.08 3.67 4.52
CA TYR A 65 -7.35 2.47 4.94
C TYR A 65 -7.73 1.27 4.07
N HIS A 66 -9.02 1.11 3.82
CA HIS A 66 -9.55 -0.03 3.05
C HIS A 66 -8.89 -0.12 1.69
N LEU A 67 -8.72 1.02 1.03
CA LEU A 67 -8.11 1.05 -0.30
C LEU A 67 -6.66 0.61 -0.24
N LEU A 68 -5.95 1.07 0.79
CA LEU A 68 -4.54 0.73 0.97
C LEU A 68 -4.38 -0.75 1.28
N ALA A 69 -5.23 -1.28 2.17
CA ALA A 69 -5.15 -2.66 2.59
C ALA A 69 -5.32 -3.61 1.41
N GLU A 70 -6.35 -3.33 0.61
CA GLU A 70 -6.62 -4.14 -0.57
C GLU A 70 -5.46 -4.08 -1.55
N LYS A 71 -4.88 -2.89 -1.69
CA LYS A 71 -3.78 -2.67 -2.61
C LYS A 71 -2.54 -3.46 -2.18
N ILE A 72 -2.19 -3.35 -0.89
CA ILE A 72 -0.98 -3.97 -0.39
C ILE A 72 -1.02 -5.50 -0.50
N TYR A 73 -2.17 -6.12 -0.23
CA TYR A 73 -2.31 -7.56 -0.36
C TYR A 73 -2.14 -7.99 -1.81
N LYS A 74 -2.69 -7.20 -2.72
CA LYS A 74 -2.59 -7.49 -4.16
C LYS A 74 -1.12 -7.62 -4.57
N ILE A 75 -0.30 -6.67 -4.14
CA ILE A 75 1.12 -6.70 -4.48
C ILE A 75 1.79 -7.91 -3.84
N GLN A 76 1.56 -8.06 -2.54
CA GLN A 76 2.13 -9.14 -1.76
C GLN A 76 1.80 -10.52 -2.36
N LYS A 77 0.53 -10.73 -2.69
CA LYS A 77 0.10 -11.99 -3.29
C LYS A 77 0.74 -12.17 -4.67
N GLU A 78 0.83 -11.08 -5.41
CA GLU A 78 1.45 -11.10 -6.74
C GLU A 78 2.92 -11.49 -6.62
N LEU A 79 3.57 -10.96 -5.59
CA LEU A 79 4.96 -11.30 -5.30
C LEU A 79 5.10 -12.79 -5.05
N GLU A 80 4.21 -13.32 -4.21
CA GLU A 80 4.30 -14.70 -3.76
C GLU A 80 4.05 -15.69 -4.90
N GLU A 81 2.96 -15.48 -5.64
CA GLU A 81 2.53 -16.44 -6.67
C GLU A 81 3.64 -16.69 -7.70
N LYS A 82 4.34 -15.64 -8.08
CA LYS A 82 5.42 -15.76 -9.05
C LYS A 82 6.55 -16.60 -8.46
N ARG A 83 6.80 -16.44 -7.17
CA ARG A 83 7.90 -17.13 -6.49
C ARG A 83 7.55 -18.61 -6.29
N ARG A 84 6.26 -18.90 -6.23
CA ARG A 84 5.79 -20.28 -6.15
C ARG A 84 6.24 -21.06 -7.38
N SER A 85 6.19 -20.40 -8.53
CA SER A 85 6.62 -21.00 -9.79
C SER A 85 8.12 -20.80 -10.01
N ARG A 86 8.76 -20.18 -9.02
CA ARG A 86 10.18 -19.80 -9.08
C ARG A 86 10.44 -18.79 -10.20
N LEU A 87 11.52 -18.04 -10.06
CA LEU A 87 11.96 -17.12 -11.11
C LEU A 87 12.22 -17.89 -12.41
N ASP B 1 -6.65 5.80 -12.60
CA ASP B 1 -7.86 4.98 -12.67
C ASP B 1 -7.56 3.70 -13.43
N ALA B 2 -6.29 3.49 -13.77
CA ALA B 2 -5.91 2.35 -14.58
C ALA B 2 -4.95 1.45 -13.83
N GLY B 3 -5.50 0.45 -13.15
CA GLY B 3 -4.68 -0.52 -12.45
C GLY B 3 -4.13 0.00 -11.14
N ASN B 4 -4.50 -0.65 -10.04
CA ASN B 4 -3.93 -0.33 -8.74
C ASN B 4 -2.72 -1.22 -8.47
N ILE B 5 -2.23 -1.86 -9.53
CA ILE B 5 -1.11 -2.79 -9.41
C ILE B 5 0.15 -2.17 -10.00
N LEU B 6 1.30 -2.46 -9.40
CA LEU B 6 2.57 -1.91 -9.83
C LEU B 6 3.12 -2.64 -11.05
N PRO B 7 4.02 -2.00 -11.82
CA PRO B 7 4.63 -2.61 -12.99
C PRO B 7 5.87 -3.44 -12.65
N SER B 8 6.35 -4.21 -13.62
CA SER B 8 7.51 -5.08 -13.43
C SER B 8 8.72 -4.27 -12.98
N ASP B 9 8.88 -3.08 -13.55
CA ASP B 9 10.09 -2.27 -13.36
C ASP B 9 10.41 -2.07 -11.88
N ILE B 10 9.41 -1.69 -11.09
CA ILE B 10 9.61 -1.50 -9.65
C ILE B 10 9.93 -2.83 -8.98
N MET B 11 9.22 -3.87 -9.42
CA MET B 11 9.35 -5.22 -8.85
C MET B 11 10.74 -5.79 -9.08
N ASP B 12 11.28 -5.54 -10.27
CA ASP B 12 12.57 -6.07 -10.66
C ASP B 12 13.66 -5.70 -9.66
N PHE B 13 13.61 -4.47 -9.14
CA PHE B 13 14.62 -4.00 -8.20
C PHE B 13 14.62 -4.83 -6.92
N VAL B 14 13.45 -5.04 -6.32
CA VAL B 14 13.36 -5.77 -5.06
C VAL B 14 13.82 -7.21 -5.24
N LEU B 15 13.47 -7.80 -6.38
CA LEU B 15 13.92 -9.15 -6.72
C LEU B 15 15.44 -9.21 -6.81
N LYS B 16 16.06 -8.17 -7.36
CA LYS B 16 17.50 -8.19 -7.59
C LYS B 16 18.28 -7.81 -6.31
N ASN B 17 17.57 -7.32 -5.29
CA ASN B 17 18.23 -6.89 -4.06
C ASN B 17 18.06 -7.88 -2.94
N THR B 18 19.17 -8.22 -2.29
CA THR B 18 19.15 -9.06 -1.12
C THR B 18 19.68 -8.29 0.09
N PRO B 19 18.78 -7.67 0.86
CA PRO B 19 19.14 -6.86 2.02
C PRO B 19 19.92 -7.64 3.07
N ASP C 1 -17.07 -16.84 -13.50
CA ASP C 1 -16.12 -16.47 -12.46
C ASP C 1 -15.27 -15.28 -12.88
N SER C 2 -15.09 -15.10 -14.18
CA SER C 2 -14.28 -13.99 -14.69
C SER C 2 -15.11 -12.72 -14.74
N VAL C 3 -16.41 -12.89 -14.95
CA VAL C 3 -17.34 -11.77 -14.96
C VAL C 3 -17.58 -11.28 -13.52
N THR C 4 -17.87 -12.23 -12.63
CA THR C 4 -18.09 -11.93 -11.23
C THR C 4 -16.77 -11.94 -10.46
N ASP C 5 -15.70 -11.52 -11.12
CA ASP C 5 -14.37 -11.50 -10.50
C ASP C 5 -14.36 -10.57 -9.30
N SER C 6 -14.97 -9.41 -9.48
CA SER C 6 -15.06 -8.44 -8.40
C SER C 6 -15.77 -9.02 -7.18
N GLN C 7 -16.92 -9.66 -7.38
CA GLN C 7 -17.63 -10.33 -6.28
C GLN C 7 -16.76 -11.42 -5.67
N LYS C 8 -16.10 -12.20 -6.52
CA LYS C 8 -15.22 -13.25 -6.05
C LYS C 8 -14.11 -12.65 -5.20
N ARG C 9 -13.49 -11.59 -5.71
CA ARG C 9 -12.46 -10.87 -4.98
C ARG C 9 -12.99 -10.44 -3.62
N ARG C 10 -14.19 -9.86 -3.60
CA ARG C 10 -14.79 -9.43 -2.33
C ARG C 10 -14.92 -10.61 -1.38
N GLU C 11 -15.37 -11.73 -1.93
CA GLU C 11 -15.52 -12.96 -1.16
C GLU C 11 -14.21 -13.36 -0.47
N ILE C 12 -13.08 -13.20 -1.16
CA ILE C 12 -11.80 -13.56 -0.56
C ILE C 12 -11.53 -12.70 0.66
N LEU C 13 -11.85 -11.42 0.58
CA LEU C 13 -11.65 -10.50 1.69
C LEU C 13 -12.48 -10.94 2.90
N SER C 14 -13.73 -11.32 2.63
CA SER C 14 -14.66 -11.75 3.66
C SER C 14 -14.12 -12.91 4.50
N ARG C 15 -13.21 -13.68 3.94
CA ARG C 15 -12.60 -14.79 4.68
C ARG C 15 -11.12 -14.89 4.33
N ARG C 16 -10.40 -13.82 4.58
CA ARG C 16 -9.00 -13.73 4.21
C ARG C 16 -8.13 -13.70 5.47
N PRO C 17 -7.55 -14.84 5.85
CA PRO C 17 -6.74 -14.98 7.08
C PRO C 17 -5.64 -13.92 7.19
N TYR C 19 -5.21 -10.99 5.17
CA TYR C 19 -5.75 -9.64 5.03
C TYR C 19 -6.52 -9.23 6.28
N ARG C 20 -7.38 -10.12 6.77
CA ARG C 20 -8.16 -9.85 7.97
C ARG C 20 -7.24 -9.63 9.18
N LYS C 21 -6.21 -10.45 9.27
CA LYS C 21 -5.24 -10.33 10.35
C LYS C 21 -4.60 -8.95 10.33
N ILE C 22 -3.99 -8.59 9.20
CA ILE C 22 -3.33 -7.30 9.10
C ILE C 22 -4.33 -6.16 9.16
N LEU C 23 -5.52 -6.36 8.59
CA LEU C 23 -6.53 -5.32 8.55
C LEU C 23 -6.87 -4.83 9.95
N ASN C 24 -7.16 -5.74 10.88
CA ASN C 24 -7.55 -5.32 12.24
C ASN C 24 -6.42 -4.62 12.98
N ASP C 25 -5.26 -5.27 13.04
CA ASP C 25 -4.13 -4.74 13.81
C ASP C 25 -3.58 -3.45 13.21
N LEU C 26 -3.34 -3.48 11.91
CA LEU C 26 -2.76 -2.37 11.17
C LEU C 26 -3.70 -1.14 11.19
N SER C 27 -5.02 -1.38 11.10
CA SER C 27 -6.03 -0.30 11.05
C SER C 27 -6.17 0.44 12.38
N SER C 28 -5.39 0.04 13.38
CA SER C 28 -5.50 0.60 14.75
C SER C 28 -5.07 2.07 14.80
N ASP C 29 -5.34 2.79 13.72
CA ASP C 29 -5.08 4.23 13.61
C ASP C 29 -3.57 4.46 13.46
N ALA C 30 -3.02 3.97 12.32
CA ALA C 30 -1.57 3.92 12.04
C ALA C 30 -0.72 4.60 13.11
N PRO C 31 -0.25 3.81 14.11
CA PRO C 31 0.36 4.34 15.33
C PRO C 31 1.49 5.33 15.06
N GLY C 32 1.37 6.50 15.66
CA GLY C 32 2.42 7.49 15.59
C GLY C 32 2.33 8.50 16.72
N VAL C 33 1.56 9.58 16.48
CA VAL C 33 1.39 10.65 17.46
C VAL C 33 2.66 11.47 17.58
N PRO C 34 2.63 12.72 17.09
CA PRO C 34 3.76 13.65 17.18
C PRO C 34 4.20 13.88 18.62
N GLY A 1 -19.87 20.35 7.34
CA GLY A 1 -19.86 21.54 8.18
C GLY A 1 -18.60 22.36 8.02
N VAL A 2 -17.44 21.71 8.04
CA VAL A 2 -16.17 22.41 7.91
C VAL A 2 -15.23 21.67 6.96
N ARG A 3 -15.21 22.10 5.71
CA ARG A 3 -14.41 21.46 4.66
C ARG A 3 -14.64 19.94 4.64
N LYS A 4 -13.71 19.19 5.19
CA LYS A 4 -13.86 17.75 5.34
C LYS A 4 -13.55 17.38 6.79
N GLY A 5 -14.59 17.29 7.61
CA GLY A 5 -14.44 17.03 9.03
C GLY A 5 -13.59 15.80 9.30
N TRP A 6 -13.77 14.79 8.47
CA TRP A 6 -12.95 13.58 8.52
C TRP A 6 -11.46 13.92 8.51
N HIS A 7 -11.05 14.78 7.57
CA HIS A 7 -9.65 15.20 7.44
C HIS A 7 -9.15 15.94 8.66
N GLU A 8 -10.06 16.49 9.44
CA GLU A 8 -9.68 17.40 10.51
C GLU A 8 -9.11 16.64 11.71
N HIS A 9 -9.30 15.32 11.71
CA HIS A 9 -8.70 14.47 12.75
C HIS A 9 -7.52 13.67 12.17
N VAL A 10 -7.22 13.91 10.90
CA VAL A 10 -6.12 13.19 10.24
C VAL A 10 -5.06 14.18 9.78
N THR A 11 -3.81 13.94 10.19
CA THR A 11 -2.73 14.85 9.88
C THR A 11 -1.82 14.30 8.78
N GLN A 12 -0.97 15.17 8.25
CA GLN A 12 -0.03 14.77 7.20
C GLN A 12 0.97 13.76 7.75
N ASP A 13 1.40 13.95 9.00
CA ASP A 13 2.39 13.08 9.61
C ASP A 13 1.87 11.64 9.73
N LEU A 14 0.59 11.51 10.06
CA LEU A 14 -0.03 10.18 10.09
C LEU A 14 0.09 9.51 8.73
N ARG A 15 -0.16 10.28 7.68
CA ARG A 15 -0.04 9.78 6.32
C ARG A 15 1.39 9.34 6.04
N SER A 16 2.34 10.16 6.49
CA SER A 16 3.76 9.92 6.23
C SER A 16 4.17 8.53 6.72
N HIS A 17 3.64 8.15 7.88
CA HIS A 17 3.89 6.81 8.42
C HIS A 17 3.30 5.75 7.51
N LEU A 18 2.10 6.03 7.00
CA LEU A 18 1.40 5.11 6.10
C LEU A 18 2.15 4.98 4.78
N VAL A 19 2.60 6.11 4.23
CA VAL A 19 3.39 6.09 2.98
C VAL A 19 4.68 5.32 3.20
N HIS A 20 5.29 5.53 4.35
CA HIS A 20 6.50 4.81 4.73
C HIS A 20 6.21 3.31 4.76
N LYS A 21 5.09 2.95 5.38
CA LYS A 21 4.63 1.57 5.43
C LYS A 21 4.38 1.01 4.04
N LEU A 22 3.85 1.85 3.14
CA LEU A 22 3.59 1.43 1.76
C LEU A 22 4.89 0.92 1.13
N VAL A 23 5.97 1.70 1.27
CA VAL A 23 7.29 1.27 0.80
C VAL A 23 7.79 0.04 1.57
N GLN A 24 7.60 0.07 2.89
CA GLN A 24 8.02 -1.04 3.77
C GLN A 24 7.40 -2.35 3.32
N ALA A 25 6.15 -2.28 2.89
CA ALA A 25 5.42 -3.43 2.39
C ALA A 25 6.16 -4.06 1.21
N ILE A 26 6.77 -3.22 0.41
CA ILE A 26 7.40 -3.66 -0.83
C ILE A 26 8.84 -4.15 -0.55
N PHE A 27 9.48 -3.55 0.45
CA PHE A 27 10.76 -4.07 0.97
C PHE A 27 10.92 -3.72 2.45
N PRO A 28 10.95 -4.75 3.32
CA PRO A 28 10.99 -4.57 4.78
C PRO A 28 12.23 -3.82 5.29
N THR A 29 13.33 -3.96 4.59
CA THR A 29 14.59 -3.36 5.03
C THR A 29 15.32 -2.67 3.88
N PRO A 30 15.24 -1.33 3.84
CA PRO A 30 15.93 -0.52 2.84
C PRO A 30 17.46 -0.55 3.01
N ASP A 31 18.15 -0.82 1.91
CA ASP A 31 19.61 -0.81 1.90
C ASP A 31 20.13 0.62 1.89
N PRO A 32 21.34 0.86 2.42
CA PRO A 32 21.96 2.18 2.43
C PRO A 32 22.10 2.78 1.03
N ALA A 33 22.32 1.91 0.04
CA ALA A 33 22.44 2.36 -1.34
C ALA A 33 21.07 2.53 -1.98
N ALA A 34 20.07 1.89 -1.40
CA ALA A 34 18.71 1.96 -1.91
C ALA A 34 18.10 3.32 -1.64
N LEU A 35 18.38 3.86 -0.45
CA LEU A 35 17.85 5.15 -0.04
C LEU A 35 18.24 6.26 -1.01
N LYS A 36 19.42 6.14 -1.61
CA LYS A 36 19.93 7.15 -2.54
C LYS A 36 19.71 6.69 -3.98
N ASP A 37 19.01 5.59 -4.16
CA ASP A 37 18.86 4.97 -5.47
C ASP A 37 17.68 5.60 -6.20
N ARG A 38 17.92 6.03 -7.43
CA ARG A 38 16.91 6.67 -8.26
C ARG A 38 15.71 5.76 -8.51
N ARG A 39 15.98 4.48 -8.71
CA ARG A 39 14.90 3.52 -8.95
C ARG A 39 14.03 3.41 -7.70
N MET A 40 14.68 3.41 -6.54
CA MET A 40 13.99 3.41 -5.26
C MET A 40 13.21 4.71 -5.09
N GLU A 41 13.83 5.81 -5.51
CA GLU A 41 13.19 7.12 -5.51
C GLU A 41 11.89 7.08 -6.30
N ASN A 42 11.94 6.40 -7.45
CA ASN A 42 10.75 6.20 -8.28
C ASN A 42 9.66 5.47 -7.49
N LEU A 43 10.08 4.50 -6.68
CA LEU A 43 9.14 3.74 -5.85
C LEU A 43 8.49 4.65 -4.81
N VAL A 44 9.31 5.51 -4.19
CA VAL A 44 8.78 6.48 -3.22
C VAL A 44 7.76 7.39 -3.90
N ALA A 45 8.04 7.73 -5.15
CA ALA A 45 7.16 8.61 -5.91
C ALA A 45 5.81 7.96 -6.10
N TYR A 46 5.83 6.65 -6.36
CA TYR A 46 4.60 5.89 -6.53
C TYR A 46 3.82 5.86 -5.22
N ALA A 47 4.52 5.65 -4.12
CA ALA A 47 3.88 5.57 -2.80
C ALA A 47 3.25 6.92 -2.45
N LYS A 48 3.96 8.00 -2.76
CA LYS A 48 3.49 9.35 -2.49
C LYS A 48 2.26 9.68 -3.34
N LYS A 49 2.30 9.33 -4.62
CA LYS A 49 1.16 9.54 -5.52
C LYS A 49 -0.06 8.80 -5.02
N VAL A 50 0.12 7.51 -4.71
CA VAL A 50 -0.97 6.69 -4.22
C VAL A 50 -1.61 7.31 -2.99
N GLU A 51 -0.79 7.73 -2.04
CA GLU A 51 -1.29 8.36 -0.82
C GLU A 51 -2.16 9.57 -1.17
N GLY A 52 -1.66 10.41 -2.07
CA GLY A 52 -2.36 11.63 -2.40
C GLY A 52 -3.67 11.36 -3.10
N ASP A 53 -3.61 10.53 -4.13
CA ASP A 53 -4.78 10.19 -4.93
C ASP A 53 -5.81 9.41 -4.12
N MET A 54 -5.32 8.51 -3.27
CA MET A 54 -6.18 7.63 -2.49
C MET A 54 -7.09 8.44 -1.59
N TYR A 55 -6.51 9.39 -0.85
CA TYR A 55 -7.27 10.20 0.09
C TYR A 55 -8.40 10.93 -0.62
N GLU A 56 -8.12 11.37 -1.84
CA GLU A 56 -9.09 12.10 -2.64
C GLU A 56 -10.35 11.27 -2.86
N SER A 57 -10.18 9.97 -3.06
CA SER A 57 -11.30 9.08 -3.27
C SER A 57 -11.79 8.50 -1.93
N ALA A 58 -10.85 8.32 -0.99
CA ALA A 58 -11.16 7.78 0.32
C ALA A 58 -12.16 8.63 1.08
N ASN A 59 -11.80 9.88 1.34
CA ASN A 59 -12.67 10.86 2.00
C ASN A 59 -12.85 10.58 3.49
N SER A 60 -12.76 9.32 3.91
CA SER A 60 -13.09 8.96 5.28
C SER A 60 -11.94 8.15 5.90
N ARG A 61 -11.88 8.08 7.22
CA ARG A 61 -10.76 7.42 7.90
C ARG A 61 -10.75 5.91 7.62
N ASP A 62 -11.90 5.27 7.84
CA ASP A 62 -12.00 3.82 7.69
C ASP A 62 -11.71 3.41 6.26
N GLU A 63 -12.25 4.18 5.32
CA GLU A 63 -12.03 3.93 3.91
C GLU A 63 -10.55 4.11 3.55
N TYR A 64 -9.92 5.10 4.17
CA TYR A 64 -8.50 5.39 3.93
C TYR A 64 -7.64 4.18 4.30
N TYR A 65 -7.86 3.65 5.50
CA TYR A 65 -7.12 2.48 5.96
C TYR A 65 -7.46 1.25 5.10
N HIS A 66 -8.75 1.06 4.83
CA HIS A 66 -9.22 -0.14 4.12
C HIS A 66 -8.68 -0.19 2.70
N LEU A 67 -8.66 0.95 2.04
CA LEU A 67 -8.20 1.02 0.65
C LEU A 67 -6.71 0.67 0.58
N LEU A 68 -5.95 1.17 1.54
CA LEU A 68 -4.52 0.91 1.61
C LEU A 68 -4.23 -0.56 1.92
N ALA A 69 -4.99 -1.13 2.85
CA ALA A 69 -4.78 -2.52 3.26
C ALA A 69 -4.97 -3.46 2.07
N GLU A 70 -6.02 -3.21 1.30
CA GLU A 70 -6.29 -3.99 0.09
C GLU A 70 -5.17 -3.78 -0.93
N LYS A 71 -4.69 -2.54 -1.03
CA LYS A 71 -3.70 -2.17 -2.02
C LYS A 71 -2.40 -2.91 -1.74
N ILE A 72 -1.95 -2.81 -0.50
CA ILE A 72 -0.71 -3.48 -0.08
C ILE A 72 -0.84 -5.01 -0.13
N TYR A 73 -2.02 -5.54 0.25
CA TYR A 73 -2.20 -6.98 0.36
C TYR A 73 -2.10 -7.65 -1.00
N LYS A 74 -2.83 -7.12 -1.98
CA LYS A 74 -2.89 -7.72 -3.31
C LYS A 74 -1.50 -7.84 -3.93
N ILE A 75 -0.71 -6.80 -3.81
CA ILE A 75 0.65 -6.83 -4.36
C ILE A 75 1.53 -7.80 -3.57
N GLN A 76 1.48 -7.66 -2.25
CA GLN A 76 2.26 -8.52 -1.35
C GLN A 76 1.97 -10.00 -1.60
N LYS A 77 0.69 -10.32 -1.76
CA LYS A 77 0.27 -11.67 -2.09
C LYS A 77 0.94 -12.14 -3.38
N GLU A 78 0.98 -11.25 -4.36
CA GLU A 78 1.62 -11.53 -5.63
C GLU A 78 3.13 -11.72 -5.45
N LEU A 79 3.75 -10.80 -4.71
CA LEU A 79 5.18 -10.84 -4.44
C LEU A 79 5.60 -12.16 -3.79
N GLU A 80 4.76 -12.63 -2.88
CA GLU A 80 5.03 -13.87 -2.18
C GLU A 80 5.13 -15.01 -3.19
N GLU A 81 4.16 -15.09 -4.10
CA GLU A 81 4.18 -16.10 -5.15
C GLU A 81 5.36 -15.88 -6.08
N LYS A 82 5.65 -14.61 -6.41
CA LYS A 82 6.77 -14.27 -7.28
C LYS A 82 8.08 -14.84 -6.76
N ARG A 83 8.33 -14.64 -5.47
CA ARG A 83 9.58 -15.10 -4.86
C ARG A 83 9.52 -16.60 -4.61
N ARG A 84 8.31 -17.13 -4.54
CA ARG A 84 8.10 -18.57 -4.38
C ARG A 84 8.41 -19.30 -5.68
N SER A 85 8.33 -18.58 -6.79
CA SER A 85 8.58 -19.17 -8.10
C SER A 85 9.94 -18.76 -8.65
N ARG A 86 10.63 -17.89 -7.92
CA ARG A 86 11.91 -17.38 -8.37
C ARG A 86 12.69 -16.82 -7.19
N LEU A 87 12.99 -17.70 -6.25
CA LEU A 87 13.76 -17.36 -5.08
C LEU A 87 15.24 -17.18 -5.43
N ASP B 1 -8.34 5.81 -10.16
CA ASP B 1 -7.90 4.98 -9.02
C ASP B 1 -6.39 4.74 -9.07
N ALA B 2 -5.68 5.20 -8.02
CA ALA B 2 -4.23 5.04 -7.90
C ALA B 2 -3.74 3.62 -8.22
N GLY B 3 -4.64 2.65 -8.19
CA GLY B 3 -4.30 1.32 -8.61
C GLY B 3 -4.00 0.38 -7.45
N ASN B 4 -4.55 -0.82 -7.52
CA ASN B 4 -4.30 -1.83 -6.51
C ASN B 4 -2.87 -2.33 -6.60
N ILE B 5 -2.44 -2.68 -7.81
CA ILE B 5 -1.18 -3.40 -8.00
C ILE B 5 -0.07 -2.46 -8.52
N LEU B 6 1.17 -2.77 -8.19
CA LEU B 6 2.33 -2.05 -8.69
C LEU B 6 2.68 -2.52 -10.10
N PRO B 7 3.20 -1.62 -10.96
CA PRO B 7 3.64 -1.96 -12.32
C PRO B 7 4.82 -2.94 -12.32
N SER B 8 4.88 -3.74 -13.39
CA SER B 8 5.83 -4.83 -13.53
C SER B 8 7.29 -4.38 -13.37
N ASP B 9 7.60 -3.20 -13.91
CA ASP B 9 8.97 -2.66 -13.83
C ASP B 9 9.41 -2.47 -12.39
N ILE B 10 8.51 -1.97 -11.55
CA ILE B 10 8.84 -1.70 -10.16
C ILE B 10 9.16 -3.02 -9.44
N MET B 11 8.37 -4.04 -9.74
CA MET B 11 8.61 -5.39 -9.22
C MET B 11 9.98 -5.88 -9.64
N ASP B 12 10.35 -5.59 -10.89
CA ASP B 12 11.66 -5.98 -11.40
C ASP B 12 12.77 -5.46 -10.51
N PHE B 13 12.66 -4.21 -10.06
CA PHE B 13 13.70 -3.62 -9.23
C PHE B 13 13.80 -4.32 -7.88
N VAL B 14 12.67 -4.45 -7.17
CA VAL B 14 12.69 -5.05 -5.84
C VAL B 14 13.04 -6.54 -5.89
N LEU B 15 12.42 -7.27 -6.83
CA LEU B 15 12.66 -8.71 -6.97
C LEU B 15 14.09 -9.02 -7.41
N LYS B 16 14.58 -8.31 -8.43
CA LYS B 16 15.82 -8.72 -9.10
C LYS B 16 17.04 -8.44 -8.23
N ASN B 17 17.27 -7.18 -7.89
CA ASN B 17 18.51 -6.81 -7.22
C ASN B 17 18.49 -5.36 -6.75
N THR B 18 19.06 -5.13 -5.58
CA THR B 18 19.28 -3.79 -5.09
C THR B 18 20.79 -3.57 -4.93
N PRO B 19 21.41 -2.83 -5.86
CA PRO B 19 22.86 -2.63 -5.88
C PRO B 19 23.38 -1.98 -4.60
N ASP C 1 -15.79 -2.43 -15.01
CA ASP C 1 -14.99 -2.84 -13.86
C ASP C 1 -15.29 -1.98 -12.64
N SER C 2 -15.43 -0.68 -12.86
CA SER C 2 -15.76 0.24 -11.77
C SER C 2 -17.25 0.11 -11.38
N VAL C 3 -18.10 -0.17 -12.37
CA VAL C 3 -19.53 -0.35 -12.14
C VAL C 3 -19.80 -1.47 -11.14
N THR C 4 -19.41 -2.69 -11.49
CA THR C 4 -19.64 -3.84 -10.62
C THR C 4 -18.43 -4.08 -9.73
N ASP C 5 -17.65 -3.04 -9.54
CA ASP C 5 -16.45 -3.11 -8.72
C ASP C 5 -16.77 -3.57 -7.31
N SER C 6 -17.81 -3.01 -6.73
CA SER C 6 -18.19 -3.35 -5.37
C SER C 6 -18.46 -4.85 -5.26
N GLN C 7 -19.26 -5.40 -6.18
CA GLN C 7 -19.55 -6.82 -6.18
C GLN C 7 -18.30 -7.66 -6.46
N LYS C 8 -17.59 -7.29 -7.52
CA LYS C 8 -16.45 -8.09 -7.98
C LYS C 8 -15.32 -8.11 -6.98
N ARG C 9 -14.89 -6.93 -6.53
CA ARG C 9 -13.76 -6.80 -5.62
C ARG C 9 -14.08 -7.43 -4.27
N ARG C 10 -15.30 -7.20 -3.77
CA ARG C 10 -15.73 -7.71 -2.47
C ARG C 10 -15.60 -9.23 -2.39
N GLU C 11 -15.91 -9.90 -3.50
CA GLU C 11 -15.94 -11.35 -3.54
C GLU C 11 -14.60 -11.95 -3.08
N ILE C 12 -13.49 -11.34 -3.51
CA ILE C 12 -12.18 -11.86 -3.12
C ILE C 12 -11.96 -11.68 -1.62
N LEU C 13 -12.38 -10.52 -1.11
CA LEU C 13 -12.09 -10.13 0.27
C LEU C 13 -12.79 -11.03 1.27
N SER C 14 -14.01 -11.43 0.92
CA SER C 14 -14.86 -12.21 1.82
C SER C 14 -14.17 -13.50 2.30
N ARG C 15 -13.11 -13.91 1.62
CA ARG C 15 -12.39 -15.11 2.01
C ARG C 15 -10.88 -14.87 1.96
N ARG C 16 -10.44 -13.74 2.50
CA ARG C 16 -9.01 -13.41 2.54
C ARG C 16 -8.51 -13.41 3.98
N PRO C 17 -7.79 -14.46 4.37
CA PRO C 17 -7.25 -14.60 5.73
C PRO C 17 -6.19 -13.55 6.05
N TYR C 19 -5.43 -10.81 4.56
CA TYR C 19 -5.98 -9.46 4.51
C TYR C 19 -6.60 -9.09 5.85
N ARG C 20 -7.43 -9.99 6.38
CA ARG C 20 -8.03 -9.80 7.70
C ARG C 20 -6.92 -9.76 8.76
N LYS C 21 -5.96 -10.66 8.61
CA LYS C 21 -4.81 -10.77 9.51
C LYS C 21 -4.09 -9.43 9.66
N ILE C 22 -3.62 -8.87 8.55
CA ILE C 22 -2.89 -7.62 8.60
C ILE C 22 -3.81 -6.47 8.97
N LEU C 23 -5.07 -6.55 8.56
CA LEU C 23 -6.03 -5.48 8.83
C LEU C 23 -6.14 -5.20 10.32
N ASN C 24 -6.24 -6.25 11.12
CA ASN C 24 -6.26 -6.11 12.58
C ASN C 24 -4.91 -5.58 13.12
N ASP C 25 -3.82 -6.25 12.75
CA ASP C 25 -2.49 -5.93 13.28
C ASP C 25 -1.98 -4.57 12.84
N LEU C 26 -2.10 -4.29 11.56
CA LEU C 26 -1.47 -3.13 10.93
C LEU C 26 -2.00 -1.82 11.53
N SER C 27 -3.29 -1.80 11.85
CA SER C 27 -3.93 -0.59 12.37
C SER C 27 -3.59 -0.34 13.84
N SER C 28 -2.80 -1.24 14.43
CA SER C 28 -2.51 -1.23 15.86
C SER C 28 -2.20 0.17 16.40
N ASP C 29 -1.27 0.88 15.77
CA ASP C 29 -0.85 2.17 16.30
C ASP C 29 -0.10 3.04 15.30
N ALA C 30 -0.71 3.29 14.13
CA ALA C 30 -0.27 4.41 13.28
C ALA C 30 -0.16 5.70 14.10
N PRO C 31 1.07 6.14 14.40
CA PRO C 31 1.32 7.34 15.22
C PRO C 31 0.88 8.62 14.51
N GLY C 32 0.07 9.42 15.18
CA GLY C 32 -0.32 10.71 14.64
C GLY C 32 -0.70 11.68 15.74
N VAL C 33 -1.77 12.43 15.53
CA VAL C 33 -2.29 13.39 16.50
C VAL C 33 -1.39 14.62 16.61
N PRO C 34 -1.91 15.79 16.21
CA PRO C 34 -1.17 17.05 16.27
C PRO C 34 -1.08 17.59 17.69
N GLY A 1 -19.33 27.12 12.72
CA GLY A 1 -18.21 26.42 13.30
C GLY A 1 -17.48 25.55 12.29
N VAL A 2 -18.04 24.37 11.96
CA VAL A 2 -17.40 23.50 10.98
C VAL A 2 -17.63 24.00 9.56
N ARG A 3 -16.61 24.63 8.99
CA ARG A 3 -16.71 25.13 7.63
C ARG A 3 -15.99 24.15 6.70
N LYS A 4 -14.68 24.05 6.84
CA LYS A 4 -13.91 23.04 6.13
C LYS A 4 -12.53 22.92 6.77
N GLY A 5 -12.52 22.61 8.05
CA GLY A 5 -11.28 22.47 8.77
C GLY A 5 -11.00 21.04 9.19
N TRP A 6 -11.83 20.11 8.72
CA TRP A 6 -11.70 18.70 9.06
C TRP A 6 -10.31 18.15 8.70
N HIS A 7 -9.61 18.82 7.80
CA HIS A 7 -8.27 18.40 7.40
C HIS A 7 -7.30 18.48 8.56
N GLU A 8 -7.59 19.38 9.50
CA GLU A 8 -6.76 19.55 10.69
C GLU A 8 -6.63 18.26 11.51
N HIS A 9 -7.62 17.37 11.39
CA HIS A 9 -7.58 16.10 12.11
C HIS A 9 -6.75 15.07 11.32
N VAL A 10 -6.32 15.43 10.13
CA VAL A 10 -5.47 14.57 9.31
C VAL A 10 -4.15 15.29 9.03
N THR A 11 -3.10 14.88 9.69
CA THR A 11 -1.87 15.64 9.67
C THR A 11 -0.87 15.05 8.67
N GLN A 12 0.16 15.82 8.36
CA GLN A 12 1.26 15.35 7.52
C GLN A 12 1.89 14.10 8.15
N ASP A 13 1.98 14.12 9.47
CA ASP A 13 2.57 13.01 10.22
C ASP A 13 1.87 11.70 9.88
N LEU A 14 0.54 11.72 9.91
CA LEU A 14 -0.25 10.56 9.52
C LEU A 14 0.06 10.14 8.08
N ARG A 15 0.10 11.13 7.19
CA ARG A 15 0.33 10.87 5.78
C ARG A 15 1.70 10.25 5.54
N SER A 16 2.73 10.87 6.13
CA SER A 16 4.10 10.41 5.98
C SER A 16 4.23 8.96 6.47
N HIS A 17 3.55 8.65 7.58
CA HIS A 17 3.54 7.31 8.13
C HIS A 17 2.87 6.33 7.16
N LEU A 18 1.80 6.79 6.54
CA LEU A 18 1.02 5.96 5.63
C LEU A 18 1.86 5.61 4.40
N VAL A 19 2.53 6.61 3.84
CA VAL A 19 3.42 6.35 2.71
C VAL A 19 4.59 5.46 3.12
N HIS A 20 5.14 5.73 4.30
CA HIS A 20 6.26 4.96 4.83
C HIS A 20 5.89 3.48 4.96
N LYS A 21 4.75 3.20 5.59
CA LYS A 21 4.29 1.82 5.76
C LYS A 21 4.05 1.18 4.39
N LEU A 22 3.54 1.97 3.43
CA LEU A 22 3.33 1.48 2.07
C LEU A 22 4.65 1.00 1.48
N VAL A 23 5.70 1.80 1.65
CA VAL A 23 7.04 1.42 1.20
C VAL A 23 7.53 0.20 1.95
N GLN A 24 7.33 0.19 3.27
CA GLN A 24 7.77 -0.94 4.11
C GLN A 24 7.16 -2.23 3.63
N ALA A 25 5.92 -2.15 3.19
CA ALA A 25 5.21 -3.31 2.66
C ALA A 25 5.95 -3.89 1.45
N ILE A 26 6.48 -3.01 0.62
CA ILE A 26 7.13 -3.43 -0.61
C ILE A 26 8.59 -3.81 -0.33
N PHE A 27 9.22 -3.06 0.56
CA PHE A 27 10.63 -3.27 0.88
C PHE A 27 10.81 -3.20 2.41
N PRO A 28 10.99 -4.36 3.05
CA PRO A 28 11.06 -4.44 4.53
C PRO A 28 12.24 -3.70 5.14
N THR A 29 13.40 -3.81 4.51
CA THR A 29 14.60 -3.17 5.04
C THR A 29 15.63 -2.90 3.93
N PRO A 30 15.55 -1.72 3.30
CA PRO A 30 16.55 -1.28 2.33
C PRO A 30 17.83 -0.81 3.04
N ASP A 31 18.97 -1.02 2.40
CA ASP A 31 20.25 -0.63 3.00
C ASP A 31 20.52 0.85 2.74
N PRO A 32 21.35 1.51 3.57
CA PRO A 32 21.57 2.95 3.50
C PRO A 32 21.93 3.45 2.10
N ALA A 33 22.73 2.67 1.36
CA ALA A 33 23.23 3.11 0.08
C ALA A 33 22.16 2.97 -0.99
N ALA A 34 21.20 2.09 -0.74
CA ALA A 34 20.08 1.90 -1.65
C ALA A 34 19.13 3.08 -1.56
N LEU A 35 18.90 3.52 -0.33
CA LEU A 35 17.88 4.52 -0.03
C LEU A 35 18.23 5.87 -0.64
N LYS A 36 19.51 6.10 -0.87
CA LYS A 36 19.97 7.37 -1.41
C LYS A 36 19.94 7.35 -2.94
N ASP A 37 19.64 6.20 -3.53
CA ASP A 37 19.73 6.04 -4.98
C ASP A 37 18.38 6.28 -5.64
N ARG A 38 18.45 6.66 -6.91
CA ARG A 38 17.30 7.01 -7.73
C ARG A 38 16.30 5.85 -7.81
N ARG A 39 16.83 4.62 -7.88
CA ARG A 39 16.01 3.43 -8.00
C ARG A 39 15.03 3.30 -6.83
N MET A 40 15.48 3.59 -5.62
CA MET A 40 14.59 3.59 -4.46
C MET A 40 13.56 4.70 -4.54
N GLU A 41 14.00 5.85 -5.00
CA GLU A 41 13.15 7.03 -5.08
C GLU A 41 11.87 6.76 -5.87
N ASN A 42 11.97 6.00 -6.96
CA ASN A 42 10.79 5.67 -7.75
C ASN A 42 9.80 4.86 -6.93
N LEU A 43 10.32 3.98 -6.09
CA LEU A 43 9.48 3.18 -5.18
C LEU A 43 8.71 4.09 -4.24
N VAL A 44 9.39 5.09 -3.69
CA VAL A 44 8.73 6.08 -2.82
C VAL A 44 7.69 6.87 -3.60
N ALA A 45 8.02 7.19 -4.85
CA ALA A 45 7.13 7.95 -5.70
C ALA A 45 5.86 7.15 -5.98
N TYR A 46 6.05 5.85 -6.21
CA TYR A 46 4.95 4.93 -6.45
C TYR A 46 4.02 4.90 -5.23
N ALA A 47 4.62 4.86 -4.05
CA ALA A 47 3.86 4.82 -2.81
C ALA A 47 3.06 6.12 -2.65
N LYS A 48 3.70 7.23 -3.00
CA LYS A 48 3.10 8.56 -2.91
C LYS A 48 1.88 8.69 -3.81
N LYS A 49 2.03 8.25 -5.06
CA LYS A 49 0.94 8.36 -6.03
C LYS A 49 -0.24 7.49 -5.61
N VAL A 50 0.05 6.26 -5.22
CA VAL A 50 -0.97 5.34 -4.72
C VAL A 50 -1.69 5.92 -3.50
N GLU A 51 -0.91 6.42 -2.55
CA GLU A 51 -1.46 6.98 -1.33
C GLU A 51 -2.36 8.17 -1.65
N GLY A 52 -1.94 8.97 -2.62
CA GLY A 52 -2.69 10.15 -3.01
C GLY A 52 -4.06 9.80 -3.57
N ASP A 53 -4.10 8.72 -4.36
CA ASP A 53 -5.34 8.29 -5.02
C ASP A 53 -6.44 7.98 -4.02
N MET A 54 -6.05 7.35 -2.92
CA MET A 54 -7.01 6.86 -1.92
C MET A 54 -7.84 8.01 -1.36
N TYR A 55 -7.16 9.10 -1.06
CA TYR A 55 -7.76 10.23 -0.34
C TYR A 55 -9.00 10.76 -1.07
N GLU A 56 -8.90 10.81 -2.39
CA GLU A 56 -9.96 11.38 -3.21
C GLU A 56 -11.26 10.57 -3.13
N SER A 57 -11.13 9.25 -3.12
CA SER A 57 -12.30 8.39 -3.14
C SER A 57 -12.71 7.98 -1.73
N ALA A 58 -11.72 7.92 -0.85
CA ALA A 58 -11.95 7.61 0.56
C ALA A 58 -12.70 8.73 1.25
N ASN A 59 -12.05 9.88 1.38
CA ASN A 59 -12.60 11.02 2.12
C ASN A 59 -13.13 10.61 3.50
N SER A 60 -12.61 9.51 4.06
CA SER A 60 -12.95 9.08 5.41
C SER A 60 -11.78 8.29 5.96
N ARG A 61 -11.56 8.36 7.25
CA ARG A 61 -10.40 7.73 7.87
C ARG A 61 -10.45 6.20 7.76
N ASP A 62 -11.59 5.62 8.07
CA ASP A 62 -11.73 4.17 8.06
C ASP A 62 -11.60 3.62 6.64
N GLU A 63 -12.28 4.26 5.69
CA GLU A 63 -12.25 3.84 4.29
C GLU A 63 -10.83 3.99 3.74
N TYR A 64 -10.16 5.06 4.16
CA TYR A 64 -8.79 5.36 3.73
C TYR A 64 -7.88 4.17 4.05
N TYR A 65 -7.97 3.69 5.28
CA TYR A 65 -7.19 2.53 5.72
C TYR A 65 -7.62 1.27 4.97
N HIS A 66 -8.93 1.11 4.77
CA HIS A 66 -9.47 -0.08 4.12
C HIS A 66 -8.94 -0.22 2.69
N LEU A 67 -8.86 0.90 1.98
CA LEU A 67 -8.32 0.90 0.62
C LEU A 67 -6.83 0.53 0.65
N LEU A 68 -6.11 1.05 1.64
CA LEU A 68 -4.69 0.75 1.80
C LEU A 68 -4.47 -0.73 2.11
N ALA A 69 -5.33 -1.31 2.95
CA ALA A 69 -5.25 -2.73 3.27
C ALA A 69 -5.37 -3.56 1.98
N GLU A 70 -6.27 -3.12 1.11
CA GLU A 70 -6.47 -3.75 -0.19
C GLU A 70 -5.18 -3.66 -1.02
N LYS A 71 -4.55 -2.50 -0.97
CA LYS A 71 -3.34 -2.24 -1.73
C LYS A 71 -2.19 -3.11 -1.25
N ILE A 72 -1.98 -3.12 0.05
CA ILE A 72 -0.82 -3.82 0.64
C ILE A 72 -0.87 -5.34 0.37
N TYR A 73 -2.05 -5.96 0.48
CA TYR A 73 -2.19 -7.37 0.13
C TYR A 73 -1.95 -7.58 -1.37
N LYS A 74 -2.43 -6.64 -2.18
CA LYS A 74 -2.26 -6.70 -3.63
C LYS A 74 -0.77 -6.76 -3.99
N ILE A 75 0.03 -5.91 -3.34
CA ILE A 75 1.47 -5.89 -3.59
C ILE A 75 2.10 -7.21 -3.17
N GLN A 76 1.80 -7.61 -1.94
CA GLN A 76 2.33 -8.85 -1.37
C GLN A 76 1.99 -10.05 -2.27
N LYS A 77 0.77 -10.06 -2.79
CA LYS A 77 0.32 -11.10 -3.69
C LYS A 77 1.24 -11.21 -4.90
N GLU A 78 1.51 -10.08 -5.53
CA GLU A 78 2.36 -10.03 -6.72
C GLU A 78 3.78 -10.46 -6.41
N LEU A 79 4.30 -10.04 -5.26
CA LEU A 79 5.63 -10.45 -4.83
C LEU A 79 5.73 -11.97 -4.83
N GLU A 80 4.74 -12.61 -4.22
CA GLU A 80 4.71 -14.06 -4.13
C GLU A 80 4.53 -14.69 -5.50
N GLU A 81 3.58 -14.17 -6.27
CA GLU A 81 3.27 -14.75 -7.58
C GLU A 81 4.50 -14.73 -8.49
N LYS A 82 5.24 -13.64 -8.45
CA LYS A 82 6.45 -13.48 -9.26
C LYS A 82 7.50 -14.52 -8.89
N ARG A 83 7.67 -14.75 -7.59
CA ARG A 83 8.67 -15.68 -7.09
C ARG A 83 8.19 -17.13 -7.25
N ARG A 84 6.89 -17.34 -7.12
CA ARG A 84 6.30 -18.67 -7.23
C ARG A 84 6.36 -19.19 -8.66
N SER A 85 6.07 -18.33 -9.61
CA SER A 85 5.97 -18.75 -11.01
C SER A 85 7.30 -18.59 -11.72
N ARG A 86 8.16 -17.74 -11.14
CA ARG A 86 9.45 -17.37 -11.75
C ARG A 86 9.23 -16.49 -12.97
N LEU A 87 9.98 -15.40 -13.07
CA LEU A 87 9.87 -14.50 -14.21
C LEU A 87 10.29 -15.21 -15.49
N ASP B 1 -2.58 4.82 -13.96
CA ASP B 1 -2.31 3.78 -12.95
C ASP B 1 -3.61 3.08 -12.56
N ALA B 2 -4.20 2.39 -13.53
CA ALA B 2 -5.43 1.65 -13.31
C ALA B 2 -5.14 0.35 -12.59
N GLY B 3 -5.73 0.18 -11.42
CA GLY B 3 -5.47 -0.99 -10.63
C GLY B 3 -4.43 -0.73 -9.55
N ASN B 4 -4.47 -1.52 -8.50
CA ASN B 4 -3.54 -1.35 -7.39
C ASN B 4 -2.37 -2.32 -7.50
N ILE B 5 -1.93 -2.57 -8.72
CA ILE B 5 -0.88 -3.55 -8.97
C ILE B 5 0.38 -2.86 -9.46
N LEU B 6 1.55 -3.45 -9.21
CA LEU B 6 2.82 -2.77 -9.46
C LEU B 6 3.38 -3.13 -10.84
N PRO B 7 4.03 -2.15 -11.50
CA PRO B 7 4.72 -2.37 -12.78
C PRO B 7 5.90 -3.32 -12.62
N SER B 8 6.27 -4.00 -13.70
CA SER B 8 7.27 -5.07 -13.62
C SER B 8 8.57 -4.59 -12.99
N ASP B 9 9.09 -3.46 -13.49
CA ASP B 9 10.43 -2.99 -13.09
C ASP B 9 10.54 -2.82 -11.57
N ILE B 10 9.53 -2.24 -10.95
CA ILE B 10 9.55 -2.00 -9.51
C ILE B 10 9.58 -3.34 -8.76
N MET B 11 8.75 -4.28 -9.23
CA MET B 11 8.72 -5.62 -8.66
C MET B 11 10.04 -6.35 -8.91
N ASP B 12 10.58 -6.17 -10.11
CA ASP B 12 11.85 -6.77 -10.47
C ASP B 12 12.95 -6.30 -9.53
N PHE B 13 12.92 -5.02 -9.17
CA PHE B 13 13.95 -4.44 -8.31
C PHE B 13 14.00 -5.15 -6.95
N VAL B 14 12.85 -5.29 -6.30
CA VAL B 14 12.81 -5.93 -4.99
C VAL B 14 13.16 -7.41 -5.06
N LEU B 15 12.63 -8.13 -6.05
CA LEU B 15 12.90 -9.56 -6.23
C LEU B 15 14.37 -9.80 -6.56
N LYS B 16 14.96 -8.92 -7.37
CA LYS B 16 16.35 -9.09 -7.82
C LYS B 16 17.32 -8.86 -6.64
N ASN B 17 16.80 -8.35 -5.55
CA ASN B 17 17.60 -8.13 -4.35
C ASN B 17 17.23 -9.16 -3.29
N THR B 18 18.17 -9.49 -2.44
CA THR B 18 17.92 -10.42 -1.35
C THR B 18 17.79 -9.66 -0.04
N PRO B 19 16.54 -9.38 0.41
CA PRO B 19 16.29 -8.67 1.64
C PRO B 19 16.46 -9.57 2.85
N ASP C 1 -17.45 -2.37 -15.20
CA ASP C 1 -16.65 -3.49 -14.71
C ASP C 1 -15.51 -2.98 -13.83
N SER C 2 -14.97 -1.83 -14.21
CA SER C 2 -13.91 -1.18 -13.42
C SER C 2 -14.46 -0.69 -12.08
N VAL C 3 -15.76 -0.40 -12.04
CA VAL C 3 -16.41 0.06 -10.82
C VAL C 3 -16.65 -1.11 -9.87
N THR C 4 -17.25 -2.17 -10.40
CA THR C 4 -17.53 -3.36 -9.61
C THR C 4 -16.26 -4.15 -9.31
N ASP C 5 -15.15 -3.67 -9.86
CA ASP C 5 -13.83 -4.22 -9.56
C ASP C 5 -13.60 -4.21 -8.06
N SER C 6 -14.00 -3.12 -7.42
CA SER C 6 -13.90 -3.01 -5.97
C SER C 6 -14.73 -4.08 -5.27
N GLN C 7 -15.98 -4.27 -5.70
CA GLN C 7 -16.88 -5.24 -5.07
C GLN C 7 -16.34 -6.66 -5.23
N LYS C 8 -15.96 -6.99 -6.45
CA LYS C 8 -15.48 -8.32 -6.76
C LYS C 8 -14.21 -8.62 -5.97
N ARG C 9 -13.34 -7.62 -5.87
CA ARG C 9 -12.12 -7.73 -5.09
C ARG C 9 -12.45 -7.93 -3.62
N ARG C 10 -13.40 -7.12 -3.14
CA ARG C 10 -13.76 -7.07 -1.72
C ARG C 10 -14.16 -8.45 -1.21
N GLU C 11 -14.87 -9.18 -2.06
CA GLU C 11 -15.33 -10.53 -1.71
C GLU C 11 -14.14 -11.42 -1.32
N ILE C 12 -13.02 -11.28 -2.03
CA ILE C 12 -11.83 -12.09 -1.72
C ILE C 12 -11.32 -11.73 -0.33
N LEU C 13 -11.38 -10.45 0.01
CA LEU C 13 -10.85 -9.94 1.28
C LEU C 13 -11.63 -10.56 2.43
N SER C 14 -12.94 -10.66 2.24
CA SER C 14 -13.83 -11.32 3.18
C SER C 14 -13.42 -12.78 3.40
N ARG C 15 -12.59 -13.30 2.50
CA ARG C 15 -12.09 -14.67 2.62
C ARG C 15 -10.55 -14.65 2.71
N ARG C 16 -10.00 -13.58 3.27
CA ARG C 16 -8.56 -13.47 3.48
C ARG C 16 -8.26 -13.47 4.97
N PRO C 17 -7.82 -14.61 5.51
CA PRO C 17 -7.48 -14.74 6.94
C PRO C 17 -6.40 -13.76 7.36
N TYR C 19 -5.59 -10.89 5.89
CA TYR C 19 -6.14 -9.54 5.81
C TYR C 19 -6.97 -9.21 7.05
N ARG C 20 -7.79 -10.16 7.46
CA ARG C 20 -8.65 -9.98 8.63
C ARG C 20 -7.80 -9.70 9.86
N LYS C 21 -6.69 -10.43 9.99
CA LYS C 21 -5.77 -10.24 11.09
C LYS C 21 -5.11 -8.87 11.02
N ILE C 22 -4.48 -8.57 9.88
CA ILE C 22 -3.71 -7.34 9.74
C ILE C 22 -4.61 -6.11 9.75
N LEU C 23 -5.86 -6.23 9.34
CA LEU C 23 -6.74 -5.07 9.32
C LEU C 23 -6.86 -4.47 10.73
N ASN C 24 -7.15 -5.30 11.72
CA ASN C 24 -7.17 -4.85 13.11
C ASN C 24 -5.77 -4.52 13.61
N ASP C 25 -4.85 -5.46 13.44
CA ASP C 25 -3.49 -5.36 14.00
C ASP C 25 -2.66 -4.24 13.41
N LEU C 26 -2.64 -4.15 12.10
CA LEU C 26 -1.73 -3.27 11.38
C LEU C 26 -2.00 -1.80 11.66
N SER C 27 -3.27 -1.41 11.73
CA SER C 27 -3.62 0.00 11.82
C SER C 27 -3.17 0.59 13.15
N SER C 28 -3.22 -0.20 14.21
CA SER C 28 -2.78 0.19 15.56
C SER C 28 -2.99 1.68 15.87
N ASP C 29 -4.10 2.21 15.40
CA ASP C 29 -4.46 3.62 15.58
C ASP C 29 -3.45 4.49 14.83
N ALA C 30 -3.60 4.49 13.49
CA ALA C 30 -2.68 5.21 12.58
C ALA C 30 -2.20 6.53 13.18
N PRO C 31 -0.89 6.61 13.50
CA PRO C 31 -0.31 7.78 14.16
C PRO C 31 -0.33 9.02 13.30
N GLY C 32 -0.88 10.09 13.85
CA GLY C 32 -0.92 11.36 13.14
C GLY C 32 -2.32 11.95 13.14
N VAL C 33 -2.62 12.78 14.14
CA VAL C 33 -3.95 13.35 14.29
C VAL C 33 -3.87 14.76 14.91
N PRO C 34 -3.16 14.93 16.06
CA PRO C 34 -2.96 16.25 16.66
C PRO C 34 -1.82 17.00 15.99
N GLY A 1 -15.00 22.69 -2.65
CA GLY A 1 -14.85 23.64 -1.58
C GLY A 1 -15.52 23.16 -0.31
N VAL A 2 -16.81 22.88 -0.38
CA VAL A 2 -17.53 22.33 0.77
C VAL A 2 -17.42 20.81 0.77
N ARG A 3 -16.26 20.33 1.21
CA ARG A 3 -15.90 18.92 1.14
C ARG A 3 -14.67 18.68 2.02
N LYS A 4 -14.82 18.94 3.32
CA LYS A 4 -13.66 19.03 4.21
C LYS A 4 -13.98 18.50 5.59
N GLY A 5 -12.95 18.11 6.32
CA GLY A 5 -13.08 17.58 7.66
C GLY A 5 -12.27 16.31 7.87
N TRP A 6 -12.13 15.53 6.80
CA TRP A 6 -11.50 14.20 6.83
C TRP A 6 -10.10 14.22 7.46
N HIS A 7 -9.19 14.97 6.86
CA HIS A 7 -7.80 15.05 7.32
C HIS A 7 -7.68 15.67 8.71
N GLU A 8 -8.80 16.03 9.31
CA GLU A 8 -8.78 16.55 10.66
C GLU A 8 -8.90 15.41 11.68
N HIS A 9 -9.64 14.36 11.33
CA HIS A 9 -9.76 13.20 12.19
C HIS A 9 -8.72 12.14 11.81
N VAL A 10 -8.08 12.34 10.65
CA VAL A 10 -6.98 11.50 10.21
C VAL A 10 -5.70 12.31 10.28
N THR A 11 -4.70 11.80 10.99
CA THR A 11 -3.51 12.58 11.26
C THR A 11 -2.51 12.47 10.11
N GLN A 12 -1.68 13.49 9.96
CA GLN A 12 -0.58 13.44 9.01
C GLN A 12 0.36 12.30 9.39
N ASP A 13 0.55 12.15 10.70
CA ASP A 13 1.40 11.09 11.23
C ASP A 13 0.91 9.72 10.75
N LEU A 14 -0.39 9.46 10.90
CA LEU A 14 -0.98 8.19 10.47
C LEU A 14 -0.74 7.97 8.98
N ARG A 15 -0.96 9.02 8.19
CA ARG A 15 -0.79 8.94 6.75
C ARG A 15 0.67 8.65 6.41
N SER A 16 1.57 9.42 7.03
CA SER A 16 3.00 9.26 6.82
C SER A 16 3.45 7.85 7.14
N HIS A 17 2.89 7.29 8.21
CA HIS A 17 3.20 5.91 8.59
C HIS A 17 2.73 4.95 7.51
N LEU A 18 1.54 5.23 6.98
CA LEU A 18 0.95 4.39 5.94
C LEU A 18 1.78 4.43 4.65
N VAL A 19 2.20 5.62 4.24
CA VAL A 19 3.08 5.76 3.07
C VAL A 19 4.36 4.95 3.29
N HIS A 20 4.93 5.05 4.48
CA HIS A 20 6.12 4.29 4.83
C HIS A 20 5.84 2.79 4.79
N LYS A 21 4.68 2.40 5.32
CA LYS A 21 4.26 1.00 5.29
C LYS A 21 4.13 0.49 3.86
N LEU A 22 3.64 1.35 2.97
CA LEU A 22 3.55 1.02 1.55
C LEU A 22 4.92 0.62 1.03
N VAL A 23 5.93 1.44 1.36
CA VAL A 23 7.31 1.14 1.00
C VAL A 23 7.81 -0.12 1.72
N GLN A 24 7.50 -0.22 3.02
CA GLN A 24 7.97 -1.35 3.85
C GLN A 24 7.50 -2.69 3.29
N ALA A 25 6.29 -2.71 2.77
CA ALA A 25 5.70 -3.92 2.20
C ALA A 25 6.50 -4.36 0.98
N ILE A 26 6.94 -3.37 0.21
CA ILE A 26 7.68 -3.62 -1.02
C ILE A 26 9.16 -3.84 -0.73
N PHE A 27 9.64 -3.21 0.34
CA PHE A 27 11.03 -3.31 0.74
C PHE A 27 11.11 -3.57 2.25
N PRO A 28 11.08 -4.85 2.66
CA PRO A 28 11.11 -5.22 4.08
C PRO A 28 12.38 -4.74 4.78
N THR A 29 13.47 -4.77 4.04
CA THR A 29 14.76 -4.35 4.57
C THR A 29 15.39 -3.25 3.70
N PRO A 30 14.92 -1.98 3.82
CA PRO A 30 15.50 -0.87 3.05
C PRO A 30 16.87 -0.48 3.59
N ASP A 31 17.72 0.05 2.72
CA ASP A 31 19.04 0.51 3.11
C ASP A 31 19.09 2.03 3.00
N PRO A 32 19.64 2.70 4.03
CA PRO A 32 19.69 4.17 4.11
C PRO A 32 20.35 4.83 2.89
N ALA A 33 21.28 4.13 2.24
CA ALA A 33 21.98 4.69 1.09
C ALA A 33 21.24 4.40 -0.21
N ALA A 34 20.27 3.50 -0.15
CA ALA A 34 19.51 3.10 -1.33
C ALA A 34 18.56 4.22 -1.76
N LEU A 35 17.98 4.87 -0.76
CA LEU A 35 16.98 5.92 -0.98
C LEU A 35 17.46 7.04 -1.90
N LYS A 36 18.76 7.21 -2.05
CA LYS A 36 19.28 8.25 -2.92
C LYS A 36 19.26 7.81 -4.39
N ASP A 37 19.25 6.50 -4.60
CA ASP A 37 19.22 5.95 -5.95
C ASP A 37 17.88 6.22 -6.62
N ARG A 38 17.90 6.38 -7.93
CA ARG A 38 16.70 6.78 -8.66
C ARG A 38 15.62 5.71 -8.59
N ARG A 39 16.03 4.45 -8.70
CA ARG A 39 15.06 3.35 -8.71
C ARG A 39 14.33 3.27 -7.38
N MET A 40 15.07 3.31 -6.29
CA MET A 40 14.48 3.32 -4.95
C MET A 40 13.65 4.59 -4.75
N GLU A 41 14.18 5.70 -5.24
CA GLU A 41 13.48 6.98 -5.23
C GLU A 41 12.12 6.84 -5.95
N ASN A 42 12.10 6.13 -7.06
CA ASN A 42 10.86 5.86 -7.78
C ASN A 42 9.89 5.09 -6.90
N LEU A 43 10.41 4.16 -6.12
CA LEU A 43 9.59 3.39 -5.18
C LEU A 43 8.92 4.33 -4.16
N VAL A 44 9.73 5.19 -3.54
CA VAL A 44 9.18 6.18 -2.61
C VAL A 44 8.18 7.10 -3.33
N ALA A 45 8.49 7.43 -4.57
CA ALA A 45 7.64 8.32 -5.34
C ALA A 45 6.28 7.69 -5.59
N TYR A 46 6.30 6.40 -5.91
CA TYR A 46 5.08 5.64 -6.12
C TYR A 46 4.20 5.69 -4.87
N ALA A 47 4.83 5.51 -3.71
CA ALA A 47 4.10 5.51 -2.45
C ALA A 47 3.50 6.89 -2.20
N LYS A 48 4.28 7.91 -2.52
CA LYS A 48 3.88 9.31 -2.36
C LYS A 48 2.68 9.63 -3.26
N LYS A 49 2.77 9.22 -4.52
CA LYS A 49 1.71 9.48 -5.49
C LYS A 49 0.43 8.76 -5.12
N VAL A 50 0.54 7.50 -4.72
CA VAL A 50 -0.61 6.73 -4.30
C VAL A 50 -1.31 7.40 -3.12
N GLU A 51 -0.53 7.90 -2.19
CA GLU A 51 -1.05 8.65 -1.05
C GLU A 51 -1.90 9.82 -1.55
N GLY A 52 -1.42 10.50 -2.58
CA GLY A 52 -2.13 11.64 -3.13
C GLY A 52 -3.45 11.27 -3.77
N ASP A 53 -3.40 10.28 -4.68
CA ASP A 53 -4.59 9.86 -5.42
C ASP A 53 -5.61 9.24 -4.47
N MET A 54 -5.11 8.48 -3.51
CA MET A 54 -5.97 7.73 -2.59
C MET A 54 -6.83 8.68 -1.77
N TYR A 55 -6.22 9.70 -1.18
CA TYR A 55 -6.96 10.68 -0.40
C TYR A 55 -8.08 11.32 -1.23
N GLU A 56 -7.79 11.58 -2.50
CA GLU A 56 -8.75 12.24 -3.39
C GLU A 56 -9.96 11.34 -3.64
N SER A 57 -9.70 10.05 -3.81
CA SER A 57 -10.75 9.09 -4.13
C SER A 57 -11.45 8.58 -2.87
N ALA A 58 -10.66 8.15 -1.89
CA ALA A 58 -11.16 7.65 -0.61
C ALA A 58 -12.15 8.62 0.01
N ASN A 59 -11.65 9.78 0.44
CA ASN A 59 -12.47 10.82 1.05
C ASN A 59 -13.13 10.33 2.35
N SER A 60 -12.67 9.20 2.87
CA SER A 60 -13.13 8.69 4.15
C SER A 60 -12.03 7.83 4.76
N ARG A 61 -11.98 7.77 6.09
CA ARG A 61 -10.92 7.04 6.77
C ARG A 61 -11.01 5.54 6.50
N ASP A 62 -12.21 4.99 6.61
CA ASP A 62 -12.42 3.55 6.44
C ASP A 62 -12.09 3.11 5.02
N GLU A 63 -12.56 3.87 4.04
CA GLU A 63 -12.23 3.61 2.64
C GLU A 63 -10.73 3.79 2.40
N TYR A 64 -10.16 4.79 3.05
CA TYR A 64 -8.72 5.07 2.94
C TYR A 64 -7.91 3.86 3.37
N TYR A 65 -8.24 3.31 4.54
CA TYR A 65 -7.56 2.12 5.05
C TYR A 65 -7.86 0.91 4.17
N HIS A 66 -9.13 0.74 3.82
CA HIS A 66 -9.60 -0.42 3.07
C HIS A 66 -8.92 -0.51 1.71
N LEU A 67 -8.86 0.63 1.02
CA LEU A 67 -8.25 0.67 -0.31
C LEU A 67 -6.76 0.35 -0.24
N LEU A 68 -6.09 0.87 0.79
CA LEU A 68 -4.67 0.59 0.98
C LEU A 68 -4.43 -0.88 1.31
N ALA A 69 -5.28 -1.42 2.20
CA ALA A 69 -5.13 -2.81 2.64
C ALA A 69 -5.31 -3.77 1.48
N GLU A 70 -6.30 -3.50 0.64
CA GLU A 70 -6.53 -4.32 -0.54
C GLU A 70 -5.36 -4.20 -1.51
N LYS A 71 -4.85 -2.97 -1.67
CA LYS A 71 -3.81 -2.70 -2.63
C LYS A 71 -2.55 -3.45 -2.27
N ILE A 72 -2.15 -3.32 -1.02
CA ILE A 72 -0.95 -4.01 -0.53
C ILE A 72 -1.14 -5.52 -0.54
N TYR A 73 -2.33 -6.02 -0.14
CA TYR A 73 -2.58 -7.46 -0.09
C TYR A 73 -2.56 -8.06 -1.49
N LYS A 74 -3.22 -7.39 -2.43
CA LYS A 74 -3.29 -7.85 -3.81
C LYS A 74 -1.90 -8.09 -4.39
N ILE A 75 -1.03 -7.10 -4.25
CA ILE A 75 0.33 -7.21 -4.78
C ILE A 75 1.14 -8.21 -3.97
N GLN A 76 1.05 -8.10 -2.66
CA GLN A 76 1.75 -9.00 -1.74
C GLN A 76 1.39 -10.46 -2.03
N LYS A 77 0.12 -10.70 -2.32
CA LYS A 77 -0.36 -12.02 -2.69
C LYS A 77 0.34 -12.50 -3.95
N GLU A 78 0.46 -11.60 -4.92
CA GLU A 78 1.13 -11.91 -6.18
C GLU A 78 2.61 -12.20 -5.93
N LEU A 79 3.23 -11.41 -5.05
CA LEU A 79 4.61 -11.62 -4.68
C LEU A 79 4.80 -13.01 -4.08
N GLU A 80 3.84 -13.42 -3.27
CA GLU A 80 3.86 -14.74 -2.67
C GLU A 80 3.72 -15.82 -3.76
N GLU A 81 2.70 -15.68 -4.60
CA GLU A 81 2.42 -16.68 -5.64
C GLU A 81 3.57 -16.77 -6.65
N LYS A 82 4.12 -15.62 -7.03
CA LYS A 82 5.25 -15.58 -7.95
C LYS A 82 6.46 -16.29 -7.36
N ARG A 83 6.61 -16.18 -6.04
CA ARG A 83 7.74 -16.78 -5.33
C ARG A 83 7.70 -18.31 -5.39
N ARG A 84 6.54 -18.86 -5.76
CA ARG A 84 6.41 -20.30 -5.94
C ARG A 84 7.07 -20.74 -7.23
N SER A 85 7.30 -19.78 -8.11
CA SER A 85 8.06 -20.02 -9.32
C SER A 85 9.49 -19.55 -9.10
N ARG A 86 9.78 -19.29 -7.81
CA ARG A 86 11.09 -18.86 -7.32
C ARG A 86 11.13 -17.34 -7.26
N LEU A 87 11.81 -16.80 -6.25
CA LEU A 87 11.84 -15.36 -6.01
C LEU A 87 12.25 -14.59 -7.27
N ASP B 1 -8.36 4.70 -11.77
CA ASP B 1 -7.31 3.70 -11.72
C ASP B 1 -5.93 4.32 -11.88
N ALA B 2 -5.25 4.55 -10.77
CA ALA B 2 -3.88 5.05 -10.80
C ALA B 2 -2.90 3.90 -10.76
N GLY B 3 -3.41 2.68 -10.97
CA GLY B 3 -2.57 1.51 -10.93
C GLY B 3 -2.58 0.86 -9.55
N ASN B 4 -3.54 -0.02 -9.32
CA ASN B 4 -3.66 -0.69 -8.02
C ASN B 4 -2.48 -1.60 -7.77
N ILE B 5 -1.93 -2.15 -8.83
CA ILE B 5 -0.88 -3.16 -8.72
C ILE B 5 0.48 -2.56 -9.12
N LEU B 6 1.55 -3.04 -8.51
CA LEU B 6 2.90 -2.59 -8.84
C LEU B 6 3.39 -3.23 -10.14
N PRO B 7 3.85 -2.39 -11.08
CA PRO B 7 4.30 -2.85 -12.40
C PRO B 7 5.66 -3.54 -12.36
N SER B 8 6.08 -4.08 -13.49
CA SER B 8 7.28 -4.91 -13.58
C SER B 8 8.53 -4.20 -13.03
N ASP B 9 8.71 -2.93 -13.41
CA ASP B 9 9.93 -2.19 -13.07
C ASP B 9 10.23 -2.22 -11.57
N ILE B 10 9.23 -1.90 -10.76
CA ILE B 10 9.41 -1.87 -9.32
C ILE B 10 9.72 -3.27 -8.78
N MET B 11 9.04 -4.26 -9.33
CA MET B 11 9.20 -5.65 -8.92
C MET B 11 10.61 -6.15 -9.23
N ASP B 12 11.10 -5.76 -10.41
CA ASP B 12 12.45 -6.14 -10.83
C ASP B 12 13.51 -5.58 -9.89
N PHE B 13 13.36 -4.32 -9.51
CA PHE B 13 14.37 -3.64 -8.72
C PHE B 13 14.58 -4.28 -7.35
N VAL B 14 13.48 -4.61 -6.67
CA VAL B 14 13.59 -5.18 -5.33
C VAL B 14 14.30 -6.53 -5.36
N LEU B 15 13.97 -7.36 -6.34
CA LEU B 15 14.63 -8.65 -6.51
C LEU B 15 16.10 -8.45 -6.89
N LYS B 16 16.38 -7.45 -7.73
CA LYS B 16 17.74 -7.24 -8.23
C LYS B 16 18.54 -6.36 -7.28
N ASN B 17 18.16 -6.38 -6.01
CA ASN B 17 18.86 -5.64 -4.98
C ASN B 17 19.15 -6.54 -3.80
N THR B 18 20.40 -6.57 -3.37
CA THR B 18 20.79 -7.35 -2.20
C THR B 18 20.88 -6.44 -0.98
N PRO B 19 19.84 -6.48 -0.11
CA PRO B 19 19.79 -5.67 1.10
C PRO B 19 20.42 -6.38 2.30
N ASP C 1 -20.07 -15.20 -12.53
CA ASP C 1 -19.00 -15.03 -11.56
C ASP C 1 -18.22 -13.75 -11.84
N SER C 2 -17.94 -13.52 -13.12
CA SER C 2 -17.29 -12.29 -13.56
C SER C 2 -18.17 -11.07 -13.27
N VAL C 3 -19.47 -11.26 -13.37
CA VAL C 3 -20.43 -10.19 -13.07
C VAL C 3 -20.41 -9.88 -11.58
N THR C 4 -20.50 -10.91 -10.76
CA THR C 4 -20.45 -10.76 -9.31
C THR C 4 -19.01 -10.54 -8.80
N ASP C 5 -18.21 -9.86 -9.60
CA ASP C 5 -16.83 -9.58 -9.24
C ASP C 5 -16.77 -8.71 -7.99
N SER C 6 -17.59 -7.68 -7.97
CA SER C 6 -17.65 -6.79 -6.81
C SER C 6 -18.05 -7.57 -5.55
N GLN C 7 -19.12 -8.35 -5.65
CA GLN C 7 -19.54 -9.20 -4.54
C GLN C 7 -18.44 -10.16 -4.07
N LYS C 8 -17.80 -10.85 -5.01
CA LYS C 8 -16.72 -11.76 -4.66
C LYS C 8 -15.59 -11.00 -3.96
N ARG C 9 -15.28 -9.82 -4.48
CA ARG C 9 -14.25 -8.94 -3.90
C ARG C 9 -14.53 -8.69 -2.44
N ARG C 10 -15.76 -8.32 -2.12
CA ARG C 10 -16.12 -8.06 -0.74
C ARG C 10 -16.02 -9.34 0.09
N GLU C 11 -16.51 -10.44 -0.47
CA GLU C 11 -16.48 -11.74 0.18
C GLU C 11 -15.08 -12.15 0.63
N ILE C 12 -14.06 -11.93 -0.20
CA ILE C 12 -12.71 -12.36 0.16
C ILE C 12 -12.21 -11.60 1.38
N LEU C 13 -12.46 -10.29 1.41
CA LEU C 13 -11.94 -9.44 2.47
C LEU C 13 -12.52 -9.82 3.83
N SER C 14 -13.83 -10.00 3.86
CA SER C 14 -14.56 -10.29 5.09
C SER C 14 -14.03 -11.54 5.81
N ARG C 15 -13.36 -12.42 5.07
CA ARG C 15 -12.93 -13.70 5.62
C ARG C 15 -11.60 -14.16 5.00
N ARG C 16 -10.63 -13.25 4.94
CA ARG C 16 -9.32 -13.60 4.41
C ARG C 16 -8.26 -13.54 5.50
N PRO C 17 -7.66 -14.70 5.83
CA PRO C 17 -6.74 -14.86 6.96
C PRO C 17 -5.68 -13.76 7.09
N TYR C 19 -5.18 -11.06 5.42
CA TYR C 19 -5.77 -9.73 5.39
C TYR C 19 -6.20 -9.34 6.80
N ARG C 20 -6.90 -10.25 7.47
CA ARG C 20 -7.30 -10.03 8.86
C ARG C 20 -6.08 -9.86 9.75
N LYS C 21 -5.06 -10.67 9.49
CA LYS C 21 -3.79 -10.58 10.19
C LYS C 21 -3.26 -9.14 10.15
N ILE C 22 -3.07 -8.60 8.96
CA ILE C 22 -2.54 -7.26 8.82
C ILE C 22 -3.59 -6.22 9.24
N LEU C 23 -4.85 -6.47 8.92
CA LEU C 23 -5.94 -5.55 9.24
C LEU C 23 -5.95 -5.19 10.72
N ASN C 24 -5.86 -6.17 11.60
CA ASN C 24 -5.93 -5.90 13.04
C ASN C 24 -4.74 -5.05 13.51
N ASP C 25 -3.53 -5.50 13.21
CA ASP C 25 -2.31 -4.80 13.64
C ASP C 25 -2.15 -3.45 12.96
N LEU C 26 -2.31 -3.46 11.66
CA LEU C 26 -2.10 -2.29 10.81
C LEU C 26 -3.05 -1.16 11.22
N SER C 27 -4.31 -1.50 11.53
CA SER C 27 -5.32 -0.50 11.86
C SER C 27 -5.19 -0.02 13.31
N SER C 28 -4.24 -0.58 14.04
CA SER C 28 -4.04 -0.22 15.45
C SER C 28 -3.33 1.13 15.58
N ASP C 29 -3.67 2.05 14.70
CA ASP C 29 -3.22 3.44 14.74
C ASP C 29 -1.82 3.53 14.11
N ALA C 30 -1.59 2.67 13.10
CA ALA C 30 -0.26 2.40 12.54
C ALA C 30 0.84 2.40 13.60
N PRO C 31 1.21 1.22 14.15
CA PRO C 31 2.19 1.15 15.24
C PRO C 31 3.56 1.65 14.82
N GLY C 32 4.07 2.61 15.57
CA GLY C 32 5.40 3.13 15.31
C GLY C 32 5.80 4.20 16.31
N VAL C 33 5.35 5.44 16.08
CA VAL C 33 5.73 6.58 16.92
C VAL C 33 7.19 6.97 16.66
N PRO C 34 7.41 8.21 16.17
CA PRO C 34 8.76 8.71 15.84
C PRO C 34 9.74 8.56 16.99
N GLY A 1 -4.19 20.24 27.81
CA GLY A 1 -5.15 19.96 26.77
C GLY A 1 -5.42 18.47 26.60
N VAL A 2 -5.84 17.80 27.68
CA VAL A 2 -6.19 16.38 27.59
C VAL A 2 -7.63 16.26 27.11
N ARG A 3 -7.80 16.61 25.86
CA ARG A 3 -9.10 16.68 25.20
C ARG A 3 -8.89 17.32 23.84
N LYS A 4 -8.68 16.51 22.83
CA LYS A 4 -8.37 17.01 21.50
C LYS A 4 -8.77 15.95 20.49
N GLY A 5 -9.64 16.30 19.57
CA GLY A 5 -10.09 15.34 18.58
C GLY A 5 -10.29 15.95 17.20
N TRP A 6 -9.57 17.02 16.91
CA TRP A 6 -9.74 17.73 15.66
C TRP A 6 -8.97 17.07 14.53
N HIS A 7 -7.66 17.03 14.68
CA HIS A 7 -6.81 16.48 13.64
C HIS A 7 -6.68 14.98 13.80
N GLU A 8 -7.18 14.48 14.93
CA GLU A 8 -7.10 13.05 15.26
C GLU A 8 -7.78 12.17 14.22
N HIS A 9 -8.58 12.78 13.35
CA HIS A 9 -9.30 12.02 12.35
C HIS A 9 -8.50 12.04 11.02
N VAL A 10 -7.59 13.02 10.89
CA VAL A 10 -6.80 13.18 9.69
C VAL A 10 -5.46 13.85 10.01
N THR A 11 -4.47 13.09 10.46
CA THR A 11 -3.15 13.66 10.61
C THR A 11 -2.23 13.30 9.45
N GLN A 12 -1.24 14.16 9.20
CA GLN A 12 -0.18 13.87 8.24
C GLN A 12 0.64 12.70 8.74
N ASP A 13 0.84 12.65 10.04
CA ASP A 13 1.57 11.57 10.69
C ASP A 13 0.96 10.22 10.34
N LEU A 14 -0.36 10.15 10.42
CA LEU A 14 -1.10 8.94 10.04
C LEU A 14 -0.79 8.56 8.60
N ARG A 15 -0.88 9.53 7.71
CA ARG A 15 -0.64 9.31 6.29
C ARG A 15 0.81 8.93 6.04
N SER A 16 1.73 9.67 6.65
CA SER A 16 3.15 9.44 6.51
C SER A 16 3.50 8.01 6.90
N HIS A 17 2.87 7.53 7.95
CA HIS A 17 3.05 6.16 8.39
C HIS A 17 2.53 5.19 7.35
N LEU A 18 1.39 5.53 6.75
CA LEU A 18 0.78 4.69 5.72
C LEU A 18 1.67 4.64 4.47
N VAL A 19 2.20 5.79 4.08
CA VAL A 19 3.17 5.83 2.96
C VAL A 19 4.41 5.02 3.31
N HIS A 20 4.84 5.14 4.55
CA HIS A 20 5.98 4.36 5.06
C HIS A 20 5.66 2.87 4.93
N LYS A 21 4.43 2.51 5.24
CA LYS A 21 3.94 1.14 5.09
C LYS A 21 3.93 0.72 3.62
N LEU A 22 3.59 1.66 2.73
CA LEU A 22 3.57 1.37 1.30
C LEU A 22 4.97 0.97 0.83
N VAL A 23 5.98 1.68 1.33
CA VAL A 23 7.37 1.32 1.09
C VAL A 23 7.68 -0.07 1.65
N GLN A 24 7.24 -0.31 2.89
CA GLN A 24 7.45 -1.61 3.55
C GLN A 24 6.87 -2.74 2.72
N ALA A 25 5.74 -2.47 2.10
CA ALA A 25 5.02 -3.44 1.28
C ALA A 25 5.90 -3.90 0.12
N ILE A 26 6.66 -2.97 -0.42
CA ILE A 26 7.52 -3.27 -1.57
C ILE A 26 8.82 -3.89 -1.09
N PHE A 27 9.33 -3.41 0.04
CA PHE A 27 10.64 -3.78 0.51
C PHE A 27 10.76 -3.69 2.04
N PRO A 28 11.02 -4.82 2.71
CA PRO A 28 11.00 -4.92 4.18
C PRO A 28 12.10 -4.13 4.91
N THR A 29 13.35 -4.18 4.44
CA THR A 29 14.45 -3.52 5.16
C THR A 29 15.76 -3.50 4.35
N PRO A 30 16.24 -2.28 4.02
CA PRO A 30 17.49 -2.06 3.26
C PRO A 30 18.75 -1.96 4.13
N ASP A 31 19.91 -2.22 3.52
CA ASP A 31 21.19 -1.91 4.13
C ASP A 31 21.62 -0.49 3.75
N PRO A 32 22.62 0.10 4.43
CA PRO A 32 23.03 1.49 4.20
C PRO A 32 23.30 1.83 2.73
N ALA A 33 23.85 0.89 1.96
CA ALA A 33 24.30 1.18 0.61
C ALA A 33 23.14 1.17 -0.39
N ALA A 34 22.01 0.64 0.02
CA ALA A 34 20.83 0.58 -0.84
C ALA A 34 20.23 1.96 -0.99
N LEU A 35 20.40 2.75 0.05
CA LEU A 35 19.76 4.05 0.18
C LEU A 35 20.47 5.13 -0.63
N LYS A 36 21.69 4.87 -1.05
CA LYS A 36 22.50 5.89 -1.72
C LYS A 36 22.29 5.87 -3.23
N ASP A 37 21.59 4.85 -3.71
CA ASP A 37 21.40 4.65 -5.14
C ASP A 37 20.36 5.62 -5.70
N ARG A 38 20.68 6.20 -6.87
CA ARG A 38 19.81 7.17 -7.52
C ARG A 38 18.45 6.58 -7.89
N ARG A 39 18.45 5.33 -8.31
CA ARG A 39 17.24 4.63 -8.72
C ARG A 39 16.20 4.64 -7.60
N MET A 40 16.70 4.60 -6.37
CA MET A 40 15.90 4.45 -5.14
C MET A 40 14.72 5.41 -5.09
N GLU A 41 14.93 6.62 -5.59
CA GLU A 41 13.91 7.66 -5.59
C GLU A 41 12.59 7.17 -6.18
N ASN A 42 12.64 6.36 -7.22
CA ASN A 42 11.42 5.92 -7.92
C ASN A 42 10.41 5.28 -6.97
N LEU A 43 10.90 4.47 -6.04
CA LEU A 43 10.04 3.78 -5.09
C LEU A 43 9.35 4.78 -4.17
N VAL A 44 10.11 5.70 -3.61
CA VAL A 44 9.53 6.72 -2.70
C VAL A 44 8.59 7.62 -3.48
N ALA A 45 8.98 7.96 -4.69
CA ALA A 45 8.19 8.85 -5.53
C ALA A 45 6.86 8.19 -5.84
N TYR A 46 6.92 6.89 -6.08
CA TYR A 46 5.75 6.06 -6.34
C TYR A 46 4.84 6.03 -5.11
N ALA A 47 5.44 5.88 -3.93
CA ALA A 47 4.66 5.72 -2.71
C ALA A 47 3.85 6.98 -2.41
N LYS A 48 4.45 8.15 -2.55
CA LYS A 48 3.75 9.41 -2.31
C LYS A 48 2.63 9.59 -3.31
N LYS A 49 2.97 9.41 -4.58
CA LYS A 49 2.01 9.59 -5.67
C LYS A 49 0.78 8.71 -5.46
N VAL A 50 1.02 7.44 -5.14
CA VAL A 50 -0.07 6.53 -4.80
C VAL A 50 -0.90 7.06 -3.64
N GLU A 51 -0.22 7.49 -2.58
CA GLU A 51 -0.87 8.06 -1.41
C GLU A 51 -1.76 9.24 -1.81
N GLY A 52 -1.26 10.05 -2.73
CA GLY A 52 -2.01 11.22 -3.16
C GLY A 52 -3.34 10.85 -3.75
N ASP A 53 -3.35 9.79 -4.57
CA ASP A 53 -4.57 9.32 -5.20
C ASP A 53 -5.56 8.81 -4.17
N MET A 54 -5.03 8.14 -3.14
CA MET A 54 -5.86 7.50 -2.13
C MET A 54 -6.64 8.55 -1.37
N TYR A 55 -5.95 9.58 -0.93
CA TYR A 55 -6.59 10.64 -0.15
C TYR A 55 -7.71 11.28 -0.94
N GLU A 56 -7.48 11.46 -2.24
CA GLU A 56 -8.46 12.11 -3.11
C GLU A 56 -9.74 11.29 -3.26
N SER A 57 -9.60 9.98 -3.39
CA SER A 57 -10.74 9.12 -3.70
C SER A 57 -11.34 8.47 -2.44
N ALA A 58 -10.55 8.38 -1.39
CA ALA A 58 -10.98 7.73 -0.15
C ALA A 58 -12.26 8.33 0.41
N ASN A 59 -12.21 9.64 0.68
CA ASN A 59 -13.35 10.40 1.21
C ASN A 59 -13.61 10.09 2.68
N SER A 60 -13.16 8.93 3.17
CA SER A 60 -13.43 8.50 4.54
C SER A 60 -12.25 7.69 5.05
N ARG A 61 -12.05 7.68 6.37
CA ARG A 61 -10.91 6.99 6.97
C ARG A 61 -11.01 5.48 6.76
N ASP A 62 -12.20 4.93 6.93
CA ASP A 62 -12.41 3.49 6.75
C ASP A 62 -12.09 3.08 5.31
N GLU A 63 -12.59 3.84 4.36
CA GLU A 63 -12.33 3.58 2.93
C GLU A 63 -10.84 3.75 2.64
N TYR A 64 -10.24 4.75 3.30
CA TYR A 64 -8.82 5.06 3.16
C TYR A 64 -7.99 3.81 3.48
N TYR A 65 -8.31 3.16 4.59
CA TYR A 65 -7.65 1.92 4.98
C TYR A 65 -7.95 0.81 3.97
N HIS A 66 -9.19 0.73 3.49
CA HIS A 66 -9.61 -0.32 2.57
C HIS A 66 -8.76 -0.32 1.31
N LEU A 67 -8.60 0.86 0.72
CA LEU A 67 -7.99 0.98 -0.60
C LEU A 67 -6.53 0.51 -0.57
N LEU A 68 -5.78 0.99 0.42
CA LEU A 68 -4.39 0.59 0.57
C LEU A 68 -4.26 -0.89 0.94
N ALA A 69 -5.13 -1.36 1.83
CA ALA A 69 -5.08 -2.74 2.29
C ALA A 69 -5.29 -3.70 1.14
N GLU A 70 -6.30 -3.44 0.31
CA GLU A 70 -6.59 -4.28 -0.83
C GLU A 70 -5.44 -4.23 -1.84
N LYS A 71 -4.89 -3.05 -2.02
CA LYS A 71 -3.83 -2.83 -3.00
C LYS A 71 -2.59 -3.63 -2.62
N ILE A 72 -2.17 -3.47 -1.37
CA ILE A 72 -0.98 -4.16 -0.87
C ILE A 72 -1.17 -5.68 -0.86
N TYR A 73 -2.38 -6.14 -0.52
CA TYR A 73 -2.65 -7.58 -0.40
C TYR A 73 -2.52 -8.26 -1.76
N LYS A 74 -3.17 -7.67 -2.76
CA LYS A 74 -3.20 -8.24 -4.11
C LYS A 74 -1.79 -8.47 -4.65
N ILE A 75 -0.95 -7.45 -4.56
CA ILE A 75 0.37 -7.54 -5.17
C ILE A 75 1.21 -8.56 -4.42
N GLN A 76 1.22 -8.43 -3.09
CA GLN A 76 2.01 -9.32 -2.24
C GLN A 76 1.68 -10.77 -2.49
N LYS A 77 0.39 -11.09 -2.55
CA LYS A 77 -0.06 -12.46 -2.80
C LYS A 77 0.38 -12.94 -4.19
N GLU A 78 0.27 -12.05 -5.18
CA GLU A 78 0.73 -12.37 -6.53
C GLU A 78 2.24 -12.57 -6.55
N LEU A 79 2.97 -11.72 -5.83
CA LEU A 79 4.41 -11.85 -5.69
C LEU A 79 4.76 -13.16 -5.01
N GLU A 80 3.96 -13.52 -4.02
CA GLU A 80 4.15 -14.78 -3.30
C GLU A 80 4.03 -15.97 -4.26
N GLU A 81 2.97 -15.97 -5.07
CA GLU A 81 2.77 -17.05 -6.06
C GLU A 81 3.93 -17.02 -7.06
N LYS A 82 4.35 -15.82 -7.43
CA LYS A 82 5.48 -15.62 -8.30
C LYS A 82 6.75 -16.23 -7.71
N ARG A 83 6.92 -16.07 -6.40
CA ARG A 83 8.09 -16.61 -5.71
C ARG A 83 7.95 -18.12 -5.55
N ARG A 84 6.71 -18.58 -5.41
CA ARG A 84 6.43 -20.01 -5.29
C ARG A 84 6.76 -20.75 -6.58
N SER A 85 6.86 -20.00 -7.67
CA SER A 85 7.19 -20.58 -8.96
C SER A 85 8.71 -20.71 -9.12
N ARG A 86 9.44 -20.47 -8.05
CA ARG A 86 10.87 -20.61 -8.05
C ARG A 86 11.37 -21.16 -6.72
N LEU A 87 12.20 -22.18 -6.78
CA LEU A 87 12.75 -22.79 -5.57
C LEU A 87 13.89 -21.94 -5.02
N ASP B 1 0.47 -1.95 -13.69
CA ASP B 1 1.68 -1.18 -13.39
C ASP B 1 1.58 -0.54 -12.01
N ALA B 2 1.66 -1.36 -10.97
CA ALA B 2 1.49 -0.88 -9.61
C ALA B 2 2.51 -1.48 -8.65
N GLY B 3 3.60 -0.76 -8.43
CA GLY B 3 4.51 -1.06 -7.35
C GLY B 3 5.35 -2.28 -7.59
N ASN B 4 4.79 -3.43 -7.31
CA ASN B 4 5.45 -4.69 -7.66
C ASN B 4 4.62 -5.55 -8.62
N ILE B 5 3.55 -5.01 -9.21
CA ILE B 5 2.94 -5.68 -10.34
C ILE B 5 3.11 -4.76 -11.57
N LEU B 6 4.13 -5.04 -12.37
CA LEU B 6 4.46 -4.23 -13.54
C LEU B 6 5.23 -5.08 -14.54
N PRO B 7 5.76 -4.47 -15.60
CA PRO B 7 6.89 -5.04 -16.34
C PRO B 7 8.18 -5.03 -15.49
N SER B 8 9.32 -5.04 -16.14
CA SER B 8 10.60 -5.26 -15.47
C SER B 8 11.04 -4.14 -14.50
N ASP B 9 10.88 -2.87 -14.90
CA ASP B 9 11.70 -1.78 -14.32
C ASP B 9 11.65 -1.67 -12.79
N ILE B 10 10.46 -1.55 -12.20
CA ILE B 10 10.38 -1.42 -10.74
C ILE B 10 10.81 -2.71 -10.07
N MET B 11 10.42 -3.84 -10.67
CA MET B 11 10.77 -5.17 -10.19
C MET B 11 12.28 -5.31 -10.01
N ASP B 12 13.02 -4.84 -11.01
CA ASP B 12 14.48 -4.92 -10.98
C ASP B 12 15.06 -4.27 -9.74
N PHE B 13 14.48 -3.14 -9.34
CA PHE B 13 15.01 -2.40 -8.20
C PHE B 13 14.86 -3.19 -6.90
N VAL B 14 13.65 -3.66 -6.60
CA VAL B 14 13.44 -4.38 -5.35
C VAL B 14 14.18 -5.72 -5.34
N LEU B 15 14.19 -6.41 -6.48
CA LEU B 15 14.90 -7.68 -6.61
C LEU B 15 16.40 -7.49 -6.41
N LYS B 16 16.93 -6.37 -6.89
CA LYS B 16 18.38 -6.12 -6.80
C LYS B 16 18.84 -6.07 -5.35
N ASN B 17 17.96 -5.62 -4.47
CA ASN B 17 18.28 -5.54 -3.05
C ASN B 17 17.85 -6.81 -2.33
N THR B 18 18.76 -7.39 -1.57
CA THR B 18 18.47 -8.62 -0.86
C THR B 18 18.42 -8.37 0.65
N PRO B 19 17.23 -8.44 1.25
CA PRO B 19 17.06 -8.31 2.70
C PRO B 19 17.71 -9.45 3.44
N ASP C 1 -21.14 -17.43 -9.93
CA ASP C 1 -20.09 -16.99 -9.01
C ASP C 1 -18.94 -16.36 -9.79
N SER C 2 -18.55 -17.00 -10.88
CA SER C 2 -17.49 -16.50 -11.75
C SER C 2 -17.91 -15.20 -12.44
N VAL C 3 -19.20 -15.08 -12.74
CA VAL C 3 -19.74 -13.86 -13.32
C VAL C 3 -19.63 -12.72 -12.31
N THR C 4 -20.04 -13.00 -11.09
CA THR C 4 -19.94 -12.06 -9.99
C THR C 4 -18.52 -12.02 -9.42
N ASP C 5 -17.56 -12.01 -10.31
CA ASP C 5 -16.15 -12.03 -9.94
C ASP C 5 -15.78 -10.84 -9.05
N SER C 6 -16.25 -9.66 -9.44
CA SER C 6 -16.04 -8.45 -8.66
C SER C 6 -16.59 -8.61 -7.24
N GLN C 7 -17.84 -9.06 -7.15
CA GLN C 7 -18.45 -9.35 -5.86
C GLN C 7 -17.68 -10.45 -5.13
N LYS C 8 -17.26 -11.45 -5.88
CA LYS C 8 -16.51 -12.56 -5.36
C LYS C 8 -15.27 -12.10 -4.63
N ARG C 9 -14.51 -11.19 -5.25
CA ARG C 9 -13.35 -10.60 -4.60
C ARG C 9 -13.74 -9.98 -3.27
N ARG C 10 -14.82 -9.21 -3.27
CA ARG C 10 -15.24 -8.52 -2.07
C ARG C 10 -15.50 -9.52 -0.95
N GLU C 11 -16.20 -10.60 -1.31
CA GLU C 11 -16.52 -11.68 -0.38
C GLU C 11 -15.27 -12.28 0.26
N ILE C 12 -14.18 -12.45 -0.50
CA ILE C 12 -12.99 -13.14 0.01
C ILE C 12 -12.43 -12.40 1.22
N LEU C 13 -12.42 -11.06 1.16
CA LEU C 13 -11.84 -10.24 2.23
C LEU C 13 -12.53 -10.55 3.56
N SER C 14 -13.85 -10.69 3.50
CA SER C 14 -14.68 -10.88 4.68
C SER C 14 -14.24 -12.10 5.50
N ARG C 15 -13.64 -13.08 4.85
CA ARG C 15 -13.11 -14.25 5.57
C ARG C 15 -11.72 -14.59 5.03
N ARG C 16 -10.90 -13.58 4.85
CA ARG C 16 -9.57 -13.76 4.32
C ARG C 16 -8.53 -13.62 5.43
N PRO C 17 -8.02 -14.76 5.92
CA PRO C 17 -7.10 -14.80 7.08
C PRO C 17 -5.87 -13.91 6.94
N TYR C 19 -5.54 -11.17 4.88
CA TYR C 19 -6.04 -9.82 4.93
C TYR C 19 -6.41 -9.46 6.37
N ARG C 20 -7.05 -10.40 7.07
CA ARG C 20 -7.35 -10.23 8.49
C ARG C 20 -6.07 -10.04 9.29
N LYS C 21 -5.06 -10.83 8.95
CA LYS C 21 -3.76 -10.73 9.59
C LYS C 21 -3.21 -9.32 9.51
N ILE C 22 -3.27 -8.72 8.33
CA ILE C 22 -2.81 -7.35 8.18
C ILE C 22 -3.82 -6.36 8.71
N LEU C 23 -5.12 -6.70 8.66
CA LEU C 23 -6.13 -5.83 9.29
C LEU C 23 -5.80 -5.59 10.74
N ASN C 24 -5.54 -6.67 11.43
CA ASN C 24 -5.24 -6.61 12.86
C ASN C 24 -3.95 -5.83 13.13
N ASP C 25 -2.87 -6.20 12.44
CA ASP C 25 -1.57 -5.55 12.62
C ASP C 25 -1.55 -4.11 12.12
N LEU C 26 -2.02 -3.92 10.90
CA LEU C 26 -1.84 -2.66 10.17
C LEU C 26 -2.60 -1.50 10.82
N SER C 27 -3.86 -1.73 11.19
CA SER C 27 -4.70 -0.65 11.70
C SER C 27 -4.35 -0.30 13.13
N SER C 28 -3.79 -1.27 13.85
CA SER C 28 -3.40 -1.06 15.24
C SER C 28 -2.05 -0.36 15.31
N ASP C 29 -1.41 -0.21 14.17
CA ASP C 29 -0.14 0.50 14.08
C ASP C 29 -0.32 1.77 13.26
N ALA C 30 -1.47 2.42 13.45
CA ALA C 30 -1.72 3.71 12.82
C ALA C 30 -1.67 4.82 13.86
N PRO C 31 -0.51 5.48 14.00
CA PRO C 31 -0.33 6.63 14.89
C PRO C 31 -1.16 7.84 14.47
N GLY C 32 -1.39 8.73 15.42
CA GLY C 32 -2.23 9.89 15.16
C GLY C 32 -2.40 10.79 16.37
N VAL C 33 -1.38 11.59 16.66
CA VAL C 33 -1.41 12.52 17.79
C VAL C 33 -0.55 13.76 17.53
N PRO C 34 0.73 13.60 17.10
CA PRO C 34 1.62 14.74 16.86
C PRO C 34 1.26 15.50 15.57
#